data_7TRA
#
_entry.id   7TRA
#
_cell.length_a   1.00
_cell.length_b   1.00
_cell.length_c   1.00
_cell.angle_alpha   90.00
_cell.angle_beta   90.00
_cell.angle_gamma   90.00
#
_symmetry.space_group_name_H-M   'P 1'
#
loop_
_entity.id
_entity.type
_entity.pdbx_description
1 polymer 'CRISPR-associated helicase Cas3'
2 polymer Cas8a
3 polymer Cas11a
4 polymer Cas7a
5 polymer Cas5a
6 polymer 'CRISPR-associated endonuclease Cas3-HD'
7 polymer 'crRNA (44-MER)'
8 polymer 'Target strand DNA (44-MER)'
9 polymer 'Non-Target strand DNA (25-MER)'
10 non-polymer 'NICKEL (II) ION'
#
loop_
_entity_poly.entity_id
_entity_poly.type
_entity_poly.pdbx_seq_one_letter_code
_entity_poly.pdbx_strand_id
1 'polypeptide(L)'
;ELTGFEPYDYQLRAWEKIREIMNNGGKVIIEVPTAGGKTETAVMPFFAGIYNNNWPVARLVYVLPTRSLVEKQAERLRNL
VYKLLQLKGKSKEEAEKLARELVVVEYGLEKTHAFLGWVVVTTWDAFLYGLAAHRTVGNRFTFPAGAIAQSLVIFDEVQM
YQDESMYMPRLLSLVVGILEEANVPLVIMSATIPSKLREMIAGDTEVITVDKNDKNKPSKGNVKVRLVEGDITDVLNDIK
KILKNGKKVLVVRNTVRKAVETYQVLKKKLNDTLANPSDALLIHSRFTIGDRREKERALDSARLIVATQVVEAGLDLPNV
GLVVTDIAPLDALIQRIGRCARRPGEEGEGIILIPAAAAAAAAAAAAAAAAAAAAAAAAAAAAVVTSTNEYDRVVEIHYG
EGKKNFVYVGDIDTARRVLEKKRSKKLPKDLYIIPYSVSPYPDPLVLLTTYDELSKIGEYLADTTKARKALDRVYKFHYE
NNIVPKEFASYIYFKELKLFSAPPEYEKAAAAAAAAAAAAAAAAAAAAAAAAAAAAAAAAAAAIDAKYYNSELAAAAAAA
AAAAAAAAAAAA
;
A
2 'polypeptide(L)'
;FNEFKTPQIDPIFDLYVAYGYVVSLIRGGAKEATLIPHGASYLIQTDVSNEEFRHGLVDALSSMLSLHIALARHSPREGG
KLVSDADFSAGANINNVYWDSVPRNLEKLMKDLEKKRSVKGTATIPITLMPSAGKYMLKHFGVQGGNPIKVDLLNYALAW
VGFHYYTPYIKYAKGDTTWIHIYQIAPVEEVDMISILSLKDLKMHLPHYYESNLDFLINRRLALLYHLLHSEALELFTEK
EFVIHSYTLERSGNNQAIRSFEEEEIGKLMDFLWKLKRRDFYHAIKFIDDLLKKATEGALALIDAIMNERLEGFYTALKL
GKKAGVVSSREIVAALEDIIC
;
B
3 'polypeptide(L)'
;GGWIRNIGRYLSYLVDDTFEEYAYDVVDGIAKARTQEELLEGVYKALRLAPKLKKKAESKGCPPPRIPSPEDIEALEEKV
EQLSNPKDLRKLAVSLALWAFASWNNCP
;
C,D,E,F,G
4 'polypeptide(L)'
;MYVRISGRIRLNAHSLNAQGGGGTNYIEITKTKVTVRTENGWTVVEVPAITGNMLKHWHFVGFVDYFKTTPYGVNLTERA
LRYNGTRFGQGETTATKANGATVQLNDEATIIKELADADVHGFLAPKTGRRRVSLVKASFILPTEDFIKEVEGERLITAI
KHNRVDVDEKGAIGSSKEGTAQMLFSREYATGLYGFSIVLDLGLVGIPQGLPVKFEENQPRPNIVIDPNERKARIESALK
ALIPMLSGYIGANLARSFPVFKVEELVAIASEGPIPALVHGFYEDYIEANRSIIKNARALGFNIEVFTYNVDLGEDIEAT
KVSSVEELVANLVKMV
;
H,I,J,K,L,M,N
5 'polypeptide(L)'
;MDILLVCLRFPFFSVAKRSYQVRTSFLLPPPSALKGALAKGLILLKPEKYASSSLDEAALKAIKEIESKLVDIKAVSVAP
LSPLIRNAFLLKRLRNLESGSNAEKSDAMRREYTFTRELLVAYIFKNLTQEEKNLYLKAAMLIDVIGDTESLATPVWASF
VKPEDKKAPLAFSAPYTEIYSLLSSKIQAKGKIRMYIEKMRVSPEYSKTKGPQEEIFYLPIEERRYKRIVYYARIYPPEV
EKALTVDGEVLGIWIP
;
O
6 'polypeptide(L)'
;SCKAFQGQTLREHIEAMLAAWEIVKNKYIPSIIRVMKTVGVKFTEEDADKFMKTLIILHDVGKCSEVYQKHLSNNEPLRG
FRHELVSAYYAYNILKDMFKDETIAFIGALVVMMHHEPILMGQIRSLDKEELTPEVVLDKLRTFNGVMEGTESFIKSMIK
EKLGVIPKVPSPTQEDVLREVIRLSVLARHRPDSGKLRMVVGALLIPLVCDYKGAAAAA
;
Q
7 'polyribonucleotide' AUUGAAAGAGUGCUUCCCCAAACCCUUAACUGGUUGUAACAGUU R
8 'polydeoxyribonucleotide'
;(DT)(DA)(DA)(DA)(DC)(DT)(DG)(DT)(DT)(DA)(DC)(DA)(DA)(DC)(DC)(DA)(DG)(DT)(DT)(DA)
(DA)(DG)(DG)(DG)(DT)(DT)(DG)(DG)(DG)(DG)(DG)(DA)(DA)(DG)(DC)(DA)(DC)(DT)(DG)(DG)
(DG)(DT)(DC)(DT)
;
S
9 'polydeoxyribonucleotide'
;(DA)(DG)(DA)(DC)(DC)(DC)(DA)(DG)(DT)(DT)(DA)(DA)(DA)(DA)(DA)(DA)(DA)(DA)(DA)(DA)
(DA)(DA)(DA)(DA)(DA)
;
T
#
loop_
_chem_comp.id
_chem_comp.type
_chem_comp.name
_chem_comp.formula
A RNA linking ADENOSINE-5'-MONOPHOSPHATE 'C10 H14 N5 O7 P'
C RNA linking CYTIDINE-5'-MONOPHOSPHATE 'C9 H14 N3 O8 P'
DA DNA linking 2'-DEOXYADENOSINE-5'-MONOPHOSPHATE 'C10 H14 N5 O6 P'
DC DNA linking 2'-DEOXYCYTIDINE-5'-MONOPHOSPHATE 'C9 H14 N3 O7 P'
DG DNA linking 2'-DEOXYGUANOSINE-5'-MONOPHOSPHATE 'C10 H14 N5 O7 P'
DT DNA linking THYMIDINE-5'-MONOPHOSPHATE 'C10 H15 N2 O8 P'
G RNA linking GUANOSINE-5'-MONOPHOSPHATE 'C10 H14 N5 O8 P'
NI non-polymer 'NICKEL (II) ION' 'Ni 2'
U RNA linking URIDINE-5'-MONOPHOSPHATE 'C9 H13 N2 O9 P'
#
# COMPACT_ATOMS: atom_id res chain seq x y z
N GLU A 1 -23.97 82.15 35.60
CA GLU A 1 -25.01 82.17 34.58
C GLU A 1 -25.92 80.95 34.72
N LEU A 2 -25.68 80.15 35.75
CA LEU A 2 -26.50 78.97 35.98
C LEU A 2 -27.94 79.36 36.32
N THR A 3 -28.11 80.39 37.15
CA THR A 3 -29.44 80.85 37.55
C THR A 3 -29.74 82.17 36.85
N GLY A 4 -30.94 82.27 36.29
CA GLY A 4 -31.35 83.48 35.59
C GLY A 4 -30.69 83.61 34.23
N PHE A 5 -30.99 82.68 33.33
CA PHE A 5 -30.44 82.68 31.98
C PHE A 5 -31.31 83.43 30.99
N GLU A 6 -32.36 84.11 31.49
CA GLU A 6 -33.35 84.86 30.71
C GLU A 6 -33.79 84.11 29.46
N PRO A 7 -34.58 83.04 29.62
CA PRO A 7 -35.09 82.32 28.44
C PRO A 7 -35.93 83.23 27.55
N TYR A 8 -35.83 83.00 26.24
CA TYR A 8 -36.49 83.88 25.28
C TYR A 8 -38.00 83.69 25.27
N ASP A 9 -38.48 82.50 25.63
CA ASP A 9 -39.92 82.24 25.58
C ASP A 9 -40.63 82.83 26.79
N TYR A 10 -40.28 82.37 27.99
CA TYR A 10 -40.90 82.85 29.23
C TYR A 10 -40.09 82.30 30.40
N GLN A 11 -40.56 82.60 31.61
CA GLN A 11 -39.94 82.12 32.83
C GLN A 11 -40.82 81.06 33.48
N LEU A 12 -40.18 80.13 34.19
CA LEU A 12 -40.90 79.04 34.83
C LEU A 12 -40.21 78.67 36.14
N ARG A 13 -40.97 78.04 37.02
CA ARG A 13 -40.44 77.59 38.30
C ARG A 13 -39.66 76.29 38.21
N ALA A 14 -39.74 75.58 37.08
CA ALA A 14 -39.04 74.31 36.95
C ALA A 14 -37.54 74.46 37.17
N TRP A 15 -37.01 75.67 36.99
CA TRP A 15 -35.60 75.92 37.26
C TRP A 15 -35.23 75.53 38.69
N GLU A 16 -36.02 75.97 39.67
CA GLU A 16 -35.67 75.61 41.05
C GLU A 16 -35.97 74.14 41.35
N LYS A 17 -36.65 73.44 40.45
CA LYS A 17 -36.75 71.99 40.57
C LYS A 17 -35.44 71.31 40.16
N ILE A 18 -34.69 71.93 39.25
CA ILE A 18 -33.44 71.34 38.80
C ILE A 18 -32.44 71.22 39.93
N ARG A 19 -32.64 71.98 41.02
CA ARG A 19 -31.76 71.86 42.17
C ARG A 19 -31.82 70.47 42.79
N GLU A 20 -32.93 69.75 42.61
CA GLU A 20 -33.02 68.36 43.03
C GLU A 20 -33.02 67.41 41.83
N ILE A 21 -32.43 67.83 40.72
CA ILE A 21 -32.29 67.00 39.51
C ILE A 21 -30.82 66.78 39.16
N MET A 22 -30.03 67.85 39.13
CA MET A 22 -28.62 67.73 38.79
C MET A 22 -27.81 67.09 39.91
N ASN A 23 -28.36 67.03 41.13
CA ASN A 23 -27.60 66.47 42.25
C ASN A 23 -27.31 64.99 42.04
N ASN A 24 -28.29 64.23 41.54
CA ASN A 24 -28.10 62.81 41.31
C ASN A 24 -29.09 62.36 40.24
N GLY A 25 -28.80 61.19 39.67
CA GLY A 25 -29.65 60.64 38.62
C GLY A 25 -30.91 60.01 39.15
N GLY A 26 -31.78 60.80 39.76
CA GLY A 26 -33.02 60.30 40.32
C GLY A 26 -34.11 60.14 39.27
N LYS A 27 -35.23 59.58 39.71
CA LYS A 27 -36.39 59.36 38.85
C LYS A 27 -37.34 60.54 39.02
N VAL A 28 -36.98 61.65 38.40
CA VAL A 28 -37.76 62.89 38.52
C VAL A 28 -39.02 62.77 37.68
N ILE A 29 -40.17 63.07 38.29
CA ILE A 29 -41.45 63.05 37.61
C ILE A 29 -42.11 64.41 37.80
N ILE A 30 -42.52 65.03 36.69
CA ILE A 30 -43.18 66.32 36.71
C ILE A 30 -44.42 66.26 35.83
N GLU A 31 -45.26 67.28 35.96
CA GLU A 31 -46.48 67.39 35.17
C GLU A 31 -46.50 68.73 34.45
N VAL A 32 -46.98 68.73 33.21
CA VAL A 32 -47.05 69.94 32.40
C VAL A 32 -48.46 70.06 31.82
N PRO A 33 -48.95 71.28 31.56
CA PRO A 33 -50.31 71.43 31.00
C PRO A 33 -50.41 70.90 29.58
N THR A 34 -49.49 71.31 28.71
CA THR A 34 -49.51 70.93 27.31
C THR A 34 -48.13 70.40 26.91
N ALA A 35 -47.99 70.08 25.63
CA ALA A 35 -46.74 69.56 25.08
C ALA A 35 -46.12 70.54 24.09
N GLY A 36 -46.27 71.84 24.36
CA GLY A 36 -45.71 72.86 23.50
C GLY A 36 -44.37 73.37 24.02
N GLY A 37 -44.36 74.58 24.57
CA GLY A 37 -43.15 75.14 25.13
C GLY A 37 -42.72 74.55 26.45
N LYS A 38 -43.58 73.76 27.09
CA LYS A 38 -43.22 73.13 28.36
C LYS A 38 -42.08 72.13 28.17
N THR A 39 -42.11 71.37 27.08
CA THR A 39 -41.02 70.44 26.80
C THR A 39 -39.70 71.18 26.57
N GLU A 40 -39.75 72.29 25.84
CA GLU A 40 -38.55 73.09 25.63
C GLU A 40 -38.02 73.64 26.95
N THR A 41 -38.93 74.11 27.81
CA THR A 41 -38.51 74.63 29.12
C THR A 41 -37.91 73.52 29.99
N ALA A 42 -38.44 72.31 29.87
CA ALA A 42 -37.91 71.19 30.65
C ALA A 42 -36.54 70.75 30.14
N VAL A 43 -36.31 70.82 28.84
CA VAL A 43 -34.99 70.49 28.29
C VAL A 43 -33.99 71.63 28.49
N MET A 44 -34.48 72.86 28.67
CA MET A 44 -33.60 74.02 28.80
C MET A 44 -32.54 73.91 29.90
N PRO A 45 -32.83 73.42 31.10
CA PRO A 45 -31.79 73.42 32.15
C PRO A 45 -30.54 72.65 31.77
N PHE A 46 -30.64 71.65 30.89
CA PHE A 46 -29.45 70.96 30.42
C PHE A 46 -28.50 71.92 29.72
N PHE A 47 -29.03 72.72 28.78
CA PHE A 47 -28.19 73.70 28.10
C PHE A 47 -27.79 74.84 29.03
N ALA A 48 -28.63 75.18 30.00
CA ALA A 48 -28.26 76.20 30.97
C ALA A 48 -27.05 75.76 31.79
N GLY A 49 -27.04 74.50 32.23
CA GLY A 49 -25.87 73.96 32.91
C GLY A 49 -24.67 73.83 31.99
N ILE A 50 -24.91 73.51 30.72
CA ILE A 50 -23.83 73.44 29.75
C ILE A 50 -23.12 74.79 29.66
N TYR A 51 -23.90 75.87 29.47
CA TYR A 51 -23.40 77.24 29.41
C TYR A 51 -22.20 77.35 28.47
N ASN A 52 -21.08 77.83 28.99
CA ASN A 52 -19.83 77.90 28.24
C ASN A 52 -18.82 76.85 28.66
N ASN A 53 -18.77 76.50 29.95
CA ASN A 53 -17.87 75.48 30.48
C ASN A 53 -18.62 74.63 31.49
N ASN A 54 -17.89 73.69 32.11
CA ASN A 54 -18.44 72.79 33.12
C ASN A 54 -19.62 71.99 32.56
N TRP A 55 -19.31 71.17 31.55
CA TRP A 55 -20.27 70.29 30.89
C TRP A 55 -20.88 69.32 31.91
N PRO A 56 -22.17 69.45 32.23
CA PRO A 56 -22.77 68.57 33.24
C PRO A 56 -22.90 67.13 32.75
N VAL A 57 -23.53 66.94 31.60
CA VAL A 57 -23.71 65.63 30.99
C VAL A 57 -23.36 65.74 29.51
N ALA A 58 -22.63 64.75 29.00
CA ALA A 58 -22.17 64.77 27.63
C ALA A 58 -23.20 64.23 26.63
N ARG A 59 -24.33 63.70 27.10
CA ARG A 59 -25.31 63.11 26.23
C ARG A 59 -26.72 63.47 26.71
N LEU A 60 -27.68 63.35 25.79
CA LEU A 60 -29.09 63.59 26.10
C LEU A 60 -29.92 62.84 25.06
N VAL A 61 -30.88 62.05 25.53
CA VAL A 61 -31.71 61.19 24.68
C VAL A 61 -33.17 61.52 24.92
N TYR A 62 -33.93 61.67 23.83
CA TYR A 62 -35.30 62.17 23.89
C TYR A 62 -36.13 61.36 22.89
N VAL A 63 -37.07 60.56 23.41
CA VAL A 63 -37.59 59.40 22.69
C VAL A 63 -38.54 59.73 21.53
N LEU A 64 -39.76 60.21 21.82
CA LEU A 64 -40.75 60.56 20.80
C LEU A 64 -40.93 59.51 19.71
N PRO A 65 -41.67 58.43 19.96
CA PRO A 65 -41.89 57.43 18.90
C PRO A 65 -42.43 58.00 17.61
N THR A 66 -43.19 59.10 17.66
CA THR A 66 -43.59 59.80 16.43
C THR A 66 -42.36 60.42 15.79
N ARG A 67 -42.19 60.22 14.48
CA ARG A 67 -40.95 60.62 13.81
C ARG A 67 -41.00 62.06 13.30
N SER A 68 -42.13 62.48 12.72
CA SER A 68 -42.25 63.87 12.30
C SER A 68 -42.19 64.80 13.51
N LEU A 69 -42.71 64.34 14.64
CA LEU A 69 -42.57 65.08 15.90
C LEU A 69 -41.09 65.19 16.28
N VAL A 70 -40.32 64.11 16.09
CA VAL A 70 -38.88 64.17 16.31
C VAL A 70 -38.25 65.22 15.42
N GLU A 71 -38.66 65.25 14.15
CA GLU A 71 -38.07 66.22 13.22
C GLU A 71 -38.37 67.65 13.63
N LYS A 72 -39.61 67.92 14.05
CA LYS A 72 -39.96 69.30 14.40
C LYS A 72 -39.27 69.75 15.68
N GLN A 73 -39.22 68.89 16.70
CA GLN A 73 -38.44 69.27 17.88
C GLN A 73 -36.94 69.38 17.59
N ALA A 74 -36.41 68.53 16.70
CA ALA A 74 -35.01 68.68 16.33
C ALA A 74 -34.75 70.03 15.68
N GLU A 75 -35.64 70.44 14.77
CA GLU A 75 -35.47 71.73 14.11
C GLU A 75 -35.57 72.88 15.11
N ARG A 76 -36.55 72.83 16.02
CA ARG A 76 -36.71 73.95 16.95
C ARG A 76 -35.57 73.99 17.97
N LEU A 77 -35.07 72.81 18.39
CA LEU A 77 -33.92 72.79 19.29
C LEU A 77 -32.67 73.29 18.60
N ARG A 78 -32.48 72.94 17.32
CA ARG A 78 -31.35 73.48 16.58
C ARG A 78 -31.44 75.00 16.46
N ASN A 79 -32.64 75.52 16.18
CA ASN A 79 -32.81 76.97 16.13
C ASN A 79 -32.52 77.62 17.48
N LEU A 80 -32.98 77.00 18.57
CA LEU A 80 -32.72 77.54 19.89
C LEU A 80 -31.23 77.55 20.21
N VAL A 81 -30.53 76.46 19.86
CA VAL A 81 -29.10 76.40 20.10
C VAL A 81 -28.37 77.46 19.28
N TYR A 82 -28.78 77.64 18.02
CA TYR A 82 -28.17 78.67 17.19
C TYR A 82 -28.39 80.06 17.76
N LYS A 83 -29.60 80.34 18.25
CA LYS A 83 -29.87 81.64 18.86
C LYS A 83 -29.07 81.84 20.14
N LEU A 84 -28.97 80.80 20.96
CA LEU A 84 -28.31 80.94 22.26
C LEU A 84 -26.79 80.98 22.15
N LEU A 85 -26.21 80.37 21.13
CA LEU A 85 -24.76 80.33 20.97
C LEU A 85 -24.34 81.46 20.04
N GLN A 86 -23.99 82.61 20.64
CA GLN A 86 -23.50 83.75 19.90
C GLN A 86 -22.03 84.05 20.15
N LEU A 87 -21.44 83.53 21.23
CA LEU A 87 -20.03 83.75 21.53
C LEU A 87 -19.15 82.67 20.91
N LYS A 88 -19.54 81.41 21.04
CA LYS A 88 -18.80 80.29 20.49
C LYS A 88 -19.60 79.63 19.38
N GLY A 89 -18.96 79.45 18.22
CA GLY A 89 -19.63 78.86 17.07
C GLY A 89 -19.44 79.66 15.81
N LYS A 90 -18.81 80.84 15.93
CA LYS A 90 -18.55 81.72 14.80
C LYS A 90 -19.84 82.08 14.05
N SER A 91 -20.91 82.28 14.82
CA SER A 91 -22.22 82.66 14.29
C SER A 91 -22.72 81.69 13.23
N LYS A 92 -22.56 82.05 11.95
CA LYS A 92 -23.10 81.23 10.88
C LYS A 92 -22.39 79.89 10.71
N GLU A 93 -21.18 79.75 11.25
CA GLU A 93 -20.42 78.52 11.06
C GLU A 93 -21.11 77.34 11.74
N GLU A 94 -21.45 77.50 13.03
CA GLU A 94 -22.04 76.39 13.77
C GLU A 94 -23.29 75.85 13.11
N ALA A 95 -24.00 76.71 12.37
CA ALA A 95 -25.19 76.26 11.65
C ALA A 95 -24.87 75.09 10.73
N GLU A 96 -23.82 75.23 9.89
CA GLU A 96 -23.53 74.12 8.98
C GLU A 96 -22.97 72.91 9.71
N LYS A 97 -22.65 73.02 10.99
CA LYS A 97 -22.34 71.85 11.81
C LYS A 97 -23.47 71.48 12.75
N LEU A 98 -24.46 72.37 12.94
CA LEU A 98 -25.56 72.06 13.85
C LEU A 98 -26.37 70.88 13.34
N ALA A 99 -26.58 70.79 12.03
CA ALA A 99 -27.26 69.63 11.46
C ALA A 99 -26.48 68.35 11.72
N ARG A 100 -25.17 68.45 11.90
CA ARG A 100 -24.38 67.27 12.25
C ARG A 100 -24.59 66.88 13.72
N GLU A 101 -24.94 67.85 14.57
CA GLU A 101 -25.17 67.54 15.97
C GLU A 101 -26.35 66.60 16.16
N LEU A 102 -27.43 66.82 15.42
CA LEU A 102 -28.62 65.98 15.50
C LEU A 102 -28.44 64.77 14.59
N VAL A 103 -28.75 63.59 15.13
CA VAL A 103 -28.58 62.35 14.36
C VAL A 103 -29.76 62.17 13.42
N VAL A 104 -29.53 61.41 12.35
CA VAL A 104 -30.58 61.04 11.40
C VAL A 104 -31.50 60.05 12.10
N VAL A 105 -32.66 59.78 11.49
CA VAL A 105 -33.67 58.93 12.12
C VAL A 105 -33.10 57.54 12.41
N GLU A 106 -32.40 56.96 11.43
CA GLU A 106 -31.85 55.62 11.59
C GLU A 106 -30.60 55.70 12.47
N TYR A 107 -30.69 55.17 13.69
CA TYR A 107 -29.60 55.26 14.64
C TYR A 107 -29.30 53.91 15.29
N GLY A 108 -30.29 53.03 15.35
CA GLY A 108 -30.14 51.78 16.06
C GLY A 108 -29.22 50.81 15.33
N LEU A 109 -28.58 49.95 16.13
CA LEU A 109 -27.72 48.86 15.65
C LEU A 109 -26.59 49.48 14.84
N GLU A 110 -26.31 49.00 13.62
CA GLU A 110 -25.20 49.50 12.82
C GLU A 110 -25.47 50.88 12.23
N LYS A 111 -26.70 51.40 12.35
CA LYS A 111 -27.06 52.66 11.73
C LYS A 111 -26.61 53.88 12.54
N THR A 112 -25.89 53.67 13.64
CA THR A 112 -25.38 54.78 14.42
C THR A 112 -24.18 55.42 13.75
N HIS A 113 -23.88 56.64 14.16
CA HIS A 113 -22.74 57.40 13.63
C HIS A 113 -21.57 57.36 14.61
N ALA A 114 -20.38 57.58 14.07
CA ALA A 114 -19.18 57.61 14.90
C ALA A 114 -19.21 58.78 15.88
N PHE A 115 -19.67 59.94 15.42
CA PHE A 115 -19.74 61.15 16.24
C PHE A 115 -21.20 61.37 16.63
N LEU A 116 -21.54 61.03 17.88
CA LEU A 116 -22.89 61.23 18.37
C LEU A 116 -23.24 62.71 18.45
N GLY A 117 -22.29 63.53 18.90
CA GLY A 117 -22.53 64.96 19.04
C GLY A 117 -22.87 65.37 20.45
N TRP A 118 -23.62 66.47 20.59
CA TRP A 118 -24.03 66.96 21.91
C TRP A 118 -25.40 66.46 22.30
N VAL A 119 -26.35 66.45 21.38
CA VAL A 119 -27.71 65.99 21.62
C VAL A 119 -28.06 64.93 20.58
N VAL A 120 -28.66 63.84 21.03
CA VAL A 120 -29.07 62.74 20.15
C VAL A 120 -30.55 62.45 20.40
N VAL A 121 -31.30 62.28 19.32
CA VAL A 121 -32.74 62.03 19.39
C VAL A 121 -33.05 60.74 18.65
N THR A 122 -33.83 59.87 19.28
CA THR A 122 -34.26 58.61 18.70
C THR A 122 -35.73 58.71 18.27
N THR A 123 -36.27 57.58 17.83
CA THR A 123 -37.68 57.50 17.43
C THR A 123 -38.39 56.32 18.10
N TRP A 124 -37.89 55.85 19.24
CA TRP A 124 -38.37 54.70 20.01
C TRP A 124 -38.14 53.38 19.27
N ASP A 125 -37.65 53.42 18.03
CA ASP A 125 -37.23 52.23 17.32
C ASP A 125 -35.72 52.13 17.17
N ALA A 126 -35.00 53.21 17.42
CA ALA A 126 -33.54 53.18 17.49
C ALA A 126 -33.03 53.23 18.93
N PHE A 127 -33.91 53.45 19.90
CA PHE A 127 -33.49 53.52 21.30
C PHE A 127 -33.18 52.14 21.88
N LEU A 128 -33.94 51.12 21.48
CA LEU A 128 -33.71 49.77 21.97
C LEU A 128 -32.67 49.01 21.16
N TYR A 129 -32.29 49.53 19.98
CA TYR A 129 -31.26 48.97 19.10
C TYR A 129 -31.30 47.45 18.99
N GLY A 130 -32.50 46.86 18.98
CA GLY A 130 -32.64 45.44 18.75
C GLY A 130 -33.75 45.11 17.77
N LEU A 131 -34.60 46.09 17.49
CA LEU A 131 -35.74 45.95 16.62
C LEU A 131 -35.46 46.58 15.26
N ALA A 132 -36.52 46.69 14.44
CA ALA A 132 -36.51 47.36 13.13
C ALA A 132 -35.72 46.57 12.10
N ALA A 133 -35.38 47.22 10.99
CA ALA A 133 -34.79 46.55 9.84
C ALA A 133 -33.84 47.52 9.16
N HIS A 134 -33.51 47.25 7.90
CA HIS A 134 -32.59 48.06 7.09
C HIS A 134 -31.18 48.05 7.65
N ARG A 135 -30.76 46.91 8.20
CA ARG A 135 -29.41 46.78 8.71
C ARG A 135 -28.41 46.66 7.56
N THR A 136 -27.25 47.32 7.72
CA THR A 136 -26.22 47.25 6.70
C THR A 136 -25.54 45.89 6.74
N VAL A 137 -25.56 45.18 5.60
CA VAL A 137 -24.98 43.85 5.51
C VAL A 137 -24.10 43.79 4.27
N GLY A 138 -24.16 44.82 3.43
CA GLY A 138 -23.46 44.81 2.16
C GLY A 138 -21.95 44.97 2.27
N ASN A 139 -21.44 45.34 3.44
CA ASN A 139 -20.00 45.52 3.63
C ASN A 139 -19.44 44.29 4.33
N ARG A 140 -18.78 43.42 3.57
CA ARG A 140 -18.26 42.17 4.12
C ARG A 140 -16.83 41.84 3.70
N PHE A 141 -16.28 42.50 2.69
CA PHE A 141 -14.95 42.16 2.18
C PHE A 141 -13.88 42.77 3.08
N THR A 142 -13.70 42.12 4.24
CA THR A 142 -12.69 42.45 5.24
C THR A 142 -12.89 43.84 5.85
N PHE A 143 -14.07 44.44 5.65
CA PHE A 143 -14.38 45.70 6.33
C PHE A 143 -15.74 45.64 7.01
N PRO A 144 -15.95 44.76 8.00
CA PRO A 144 -17.21 44.81 8.76
C PRO A 144 -17.30 46.10 9.56
N ALA A 145 -18.50 46.68 9.57
CA ALA A 145 -18.75 47.93 10.28
C ALA A 145 -20.10 47.86 10.99
N GLY A 146 -20.22 48.65 12.05
CA GLY A 146 -21.44 48.71 12.81
C GLY A 146 -21.52 47.67 13.91
N ALA A 147 -21.25 46.41 13.56
CA ALA A 147 -21.27 45.29 14.49
C ALA A 147 -22.55 45.26 15.32
N ILE A 148 -22.45 44.85 16.59
CA ILE A 148 -23.60 44.69 17.46
C ILE A 148 -23.29 45.31 18.82
N ALA A 149 -24.29 45.99 19.40
CA ALA A 149 -24.20 46.57 20.74
C ALA A 149 -23.08 47.60 20.82
N GLN A 150 -23.23 48.68 20.05
CA GLN A 150 -22.29 49.79 20.08
C GLN A 150 -22.92 51.13 20.42
N SER A 151 -24.24 51.26 20.34
CA SER A 151 -24.92 52.51 20.66
C SER A 151 -25.16 52.59 22.16
N LEU A 152 -24.73 53.70 22.76
CA LEU A 152 -24.86 53.92 24.19
C LEU A 152 -25.69 55.18 24.42
N VAL A 153 -26.55 55.14 25.43
CA VAL A 153 -27.45 56.24 25.76
C VAL A 153 -27.18 56.69 27.19
N ILE A 154 -27.05 58.00 27.37
CA ILE A 154 -26.81 58.61 28.67
C ILE A 154 -27.77 59.78 28.83
N PHE A 155 -28.34 59.91 30.03
CA PHE A 155 -29.30 60.96 30.36
C PHE A 155 -30.52 60.89 29.44
N ASP A 156 -31.26 59.79 29.57
CA ASP A 156 -32.46 59.57 28.79
C ASP A 156 -33.62 60.36 29.38
N GLU A 157 -34.83 60.16 28.87
CA GLU A 157 -36.00 60.83 29.39
C GLU A 157 -37.24 59.99 29.08
N VAL A 158 -38.33 60.31 29.77
CA VAL A 158 -39.60 59.62 29.60
C VAL A 158 -40.67 60.66 29.32
N GLN A 159 -41.47 60.43 28.29
CA GLN A 159 -42.55 61.33 27.91
C GLN A 159 -43.84 60.52 27.73
N MET A 160 -44.93 61.22 27.43
CA MET A 160 -46.24 60.60 27.37
C MET A 160 -46.33 59.62 26.20
N TYR A 161 -46.92 58.46 26.46
CA TYR A 161 -47.10 57.42 25.46
C TYR A 161 -48.59 57.18 25.21
N GLN A 162 -48.88 56.49 24.10
CA GLN A 162 -50.26 56.17 23.78
C GLN A 162 -50.86 55.23 24.82
N ASP A 163 -50.08 54.26 25.29
CA ASP A 163 -50.49 53.29 26.32
C ASP A 163 -51.69 52.50 25.77
N GLU A 164 -52.68 52.20 26.61
CA GLU A 164 -53.88 51.43 26.28
C GLU A 164 -53.57 50.23 25.38
N SER A 165 -52.45 49.56 25.64
CA SER A 165 -52.07 48.39 24.87
C SER A 165 -51.51 47.26 25.72
N MET A 166 -51.39 47.44 27.03
CA MET A 166 -50.82 46.47 27.96
C MET A 166 -49.37 46.12 27.66
N TYR A 167 -48.71 46.89 26.81
CA TYR A 167 -47.30 46.68 26.48
C TYR A 167 -46.47 47.94 26.68
N MET A 168 -47.00 49.11 26.35
CA MET A 168 -46.25 50.35 26.54
C MET A 168 -45.89 50.60 28.00
N PRO A 169 -46.83 50.55 28.97
CA PRO A 169 -46.42 50.80 30.36
C PRO A 169 -45.42 49.79 30.89
N ARG A 170 -45.57 48.51 30.53
CA ARG A 170 -44.65 47.49 31.02
C ARG A 170 -43.26 47.67 30.42
N LEU A 171 -43.18 47.92 29.11
CA LEU A 171 -41.87 48.15 28.49
C LEU A 171 -41.22 49.41 29.04
N LEU A 172 -42.02 50.46 29.28
CA LEU A 172 -41.47 51.68 29.85
C LEU A 172 -40.96 51.44 31.26
N SER A 173 -41.70 50.67 32.07
CA SER A 173 -41.21 50.33 33.41
C SER A 173 -39.90 49.57 33.33
N LEU A 174 -39.81 48.61 32.41
CA LEU A 174 -38.60 47.82 32.27
C LEU A 174 -37.41 48.70 31.89
N VAL A 175 -37.59 49.59 30.92
CA VAL A 175 -36.47 50.42 30.48
C VAL A 175 -36.09 51.43 31.55
N VAL A 176 -37.07 51.98 32.27
CA VAL A 176 -36.76 52.90 33.35
C VAL A 176 -35.99 52.20 34.46
N GLY A 177 -36.39 50.97 34.81
CA GLY A 177 -35.63 50.22 35.80
C GLY A 177 -34.21 49.91 35.33
N ILE A 178 -34.07 49.54 34.05
CA ILE A 178 -32.75 49.22 33.52
C ILE A 178 -31.83 50.44 33.58
N LEU A 179 -32.36 51.61 33.20
CA LEU A 179 -31.53 52.81 33.24
C LEU A 179 -31.32 53.31 34.66
N GLU A 180 -32.25 53.04 35.58
CA GLU A 180 -32.13 53.50 36.94
C GLU A 180 -31.13 52.67 37.74
N GLU A 181 -31.04 51.36 37.47
CA GLU A 181 -30.03 50.55 38.15
C GLU A 181 -28.61 51.01 37.82
N ALA A 182 -28.43 51.74 36.72
CA ALA A 182 -27.17 52.36 36.38
C ALA A 182 -27.10 53.82 36.81
N ASN A 183 -28.12 54.31 37.52
CA ASN A 183 -28.17 55.70 38.00
C ASN A 183 -28.07 56.69 36.85
N VAL A 184 -28.86 56.47 35.81
CA VAL A 184 -28.97 57.37 34.67
C VAL A 184 -30.12 58.33 34.94
N PRO A 185 -29.88 59.65 34.92
CA PRO A 185 -30.96 60.60 35.22
C PRO A 185 -32.11 60.47 34.23
N LEU A 186 -33.33 60.59 34.76
CA LEU A 186 -34.55 60.46 33.96
C LEU A 186 -35.55 61.53 34.40
N VAL A 187 -36.24 62.11 33.43
CA VAL A 187 -37.29 63.10 33.67
C VAL A 187 -38.57 62.64 32.99
N ILE A 188 -39.68 62.74 33.70
CA ILE A 188 -40.99 62.30 33.21
C ILE A 188 -41.95 63.47 33.26
N MET A 189 -42.58 63.77 32.12
CA MET A 189 -43.58 64.82 32.04
C MET A 189 -44.84 64.28 31.38
N SER A 190 -45.99 64.83 31.78
CA SER A 190 -47.27 64.38 31.25
C SER A 190 -48.30 65.48 31.50
N ALA A 191 -49.45 65.33 30.83
CA ALA A 191 -50.55 66.27 30.93
C ALA A 191 -51.70 65.73 31.77
N THR A 192 -52.25 64.58 31.40
CA THR A 192 -53.35 64.00 32.17
C THR A 192 -52.86 63.50 33.53
N ILE A 193 -51.69 62.86 33.55
CA ILE A 193 -51.04 62.38 34.77
C ILE A 193 -51.93 61.41 35.54
N PRO A 194 -52.25 60.23 35.00
CA PRO A 194 -52.87 59.20 35.85
C PRO A 194 -51.86 58.64 36.83
N SER A 195 -52.29 58.48 38.08
CA SER A 195 -51.37 58.08 39.15
C SER A 195 -50.86 56.67 38.93
N LYS A 196 -51.77 55.73 38.64
CA LYS A 196 -51.41 54.30 38.67
C LYS A 196 -50.17 54.02 37.84
N LEU A 197 -50.09 54.61 36.65
CA LEU A 197 -48.87 54.50 35.85
C LEU A 197 -47.67 55.07 36.59
N ARG A 198 -47.88 56.08 37.42
CA ARG A 198 -46.78 56.75 38.11
C ARG A 198 -46.47 56.19 39.48
N GLU A 199 -47.15 55.12 39.90
CA GLU A 199 -46.56 54.25 40.93
C GLU A 199 -46.20 52.87 40.41
N MET A 200 -46.56 52.50 39.18
CA MET A 200 -46.02 51.25 38.67
C MET A 200 -44.78 51.42 37.80
N ILE A 201 -44.57 52.61 37.22
CA ILE A 201 -43.34 52.89 36.50
C ILE A 201 -42.16 52.94 37.48
N ALA A 202 -42.32 53.67 38.58
CA ALA A 202 -41.26 53.84 39.56
C ALA A 202 -41.86 53.78 40.96
N GLY A 203 -41.00 53.46 41.94
CA GLY A 203 -41.45 53.38 43.31
C GLY A 203 -41.91 54.73 43.85
N ASP A 204 -41.19 55.79 43.52
CA ASP A 204 -41.52 57.13 43.97
C ASP A 204 -42.34 57.87 42.92
N THR A 205 -43.04 58.92 43.38
CA THR A 205 -43.85 59.76 42.51
C THR A 205 -43.32 61.18 42.45
N GLU A 206 -43.18 61.85 43.60
CA GLU A 206 -42.67 63.21 43.75
C GLU A 206 -43.17 64.16 42.65
N VAL A 207 -44.46 64.06 42.32
CA VAL A 207 -45.03 64.92 41.29
C VAL A 207 -45.15 66.34 41.82
N ILE A 208 -44.80 67.31 40.97
CA ILE A 208 -44.87 68.71 41.37
C ILE A 208 -46.33 69.12 41.57
N THR A 209 -46.54 70.09 42.44
CA THR A 209 -47.86 70.58 42.81
C THR A 209 -48.05 72.00 42.32
N VAL A 210 -49.25 72.31 41.83
CA VAL A 210 -49.55 73.64 41.30
C VAL A 210 -49.53 74.64 42.45
N ASP A 211 -48.58 75.55 42.43
CA ASP A 211 -48.42 76.54 43.49
C ASP A 211 -49.34 77.72 43.18
N LYS A 212 -49.48 78.66 44.12
CA LYS A 212 -50.46 79.73 44.02
C LYS A 212 -49.89 81.06 43.54
N ASN A 213 -48.59 81.29 43.67
CA ASN A 213 -47.97 82.53 43.22
C ASN A 213 -46.99 82.25 42.08
N ASP A 214 -46.92 83.20 41.15
CA ASP A 214 -46.09 83.08 39.94
C ASP A 214 -46.41 81.79 39.18
N LYS A 215 -47.69 81.46 39.11
CA LYS A 215 -48.16 80.23 38.47
C LYS A 215 -48.85 80.59 37.17
N ASN A 216 -48.20 80.25 36.05
CA ASN A 216 -48.74 80.49 34.72
C ASN A 216 -49.12 79.19 34.00
N LYS A 217 -49.04 78.05 34.69
CA LYS A 217 -49.40 76.78 34.07
C LYS A 217 -50.86 76.73 33.62
N PRO A 218 -51.85 77.10 34.44
CA PRO A 218 -53.25 76.99 33.98
C PRO A 218 -53.60 78.05 32.94
N SER A 219 -53.20 77.82 31.69
CA SER A 219 -53.51 78.71 30.58
C SER A 219 -54.61 78.15 29.69
N LYS A 220 -55.58 77.46 30.27
CA LYS A 220 -56.66 76.86 29.51
C LYS A 220 -57.90 76.78 30.39
N GLY A 221 -59.06 76.67 29.74
CA GLY A 221 -60.32 76.56 30.45
C GLY A 221 -60.98 77.90 30.73
N ASN A 222 -60.97 78.79 29.74
CA ASN A 222 -61.59 80.10 29.91
C ASN A 222 -63.11 80.01 29.91
N VAL A 223 -63.68 78.94 29.35
CA VAL A 223 -65.12 78.74 29.28
C VAL A 223 -65.43 77.31 29.67
N LYS A 224 -66.71 76.94 29.59
CA LYS A 224 -67.17 75.60 29.92
C LYS A 224 -67.46 74.82 28.64
N VAL A 225 -66.96 73.61 28.57
CA VAL A 225 -67.14 72.76 27.40
C VAL A 225 -68.57 72.24 27.35
N ARG A 226 -68.98 71.73 26.19
CA ARG A 226 -70.33 71.23 26.00
C ARG A 226 -70.28 69.94 25.20
N LEU A 227 -71.29 69.09 25.41
CA LEU A 227 -71.39 67.82 24.71
C LEU A 227 -72.76 67.73 24.02
N VAL A 228 -72.78 67.07 22.87
CA VAL A 228 -73.99 66.91 22.08
C VAL A 228 -74.11 65.44 21.66
N GLU A 229 -75.32 64.90 21.73
CA GLU A 229 -75.57 63.50 21.36
C GLU A 229 -75.61 63.41 19.85
N GLY A 230 -74.51 62.97 19.25
CA GLY A 230 -74.43 62.81 17.82
C GLY A 230 -74.05 61.39 17.42
N ASP A 231 -74.97 60.67 16.77
CA ASP A 231 -74.71 59.30 16.37
C ASP A 231 -73.92 59.24 15.06
N ILE A 232 -74.49 59.78 13.98
CA ILE A 232 -73.87 59.78 12.67
C ILE A 232 -73.75 61.19 12.11
N THR A 233 -74.86 61.92 12.07
CA THR A 233 -74.86 63.26 11.52
C THR A 233 -74.13 64.22 12.46
N ASP A 234 -73.65 65.33 11.87
CA ASP A 234 -72.92 66.35 12.61
C ASP A 234 -73.80 67.58 12.79
N VAL A 235 -73.37 68.46 13.70
CA VAL A 235 -74.10 69.68 13.98
C VAL A 235 -73.94 70.64 12.81
N LEU A 236 -75.06 71.25 12.38
CA LEU A 236 -75.07 72.09 11.20
C LEU A 236 -74.66 73.53 11.50
N ASN A 237 -75.33 74.18 12.46
CA ASN A 237 -75.05 75.59 12.71
C ASN A 237 -73.68 75.79 13.34
N ASP A 238 -73.24 74.84 14.18
CA ASP A 238 -71.96 75.00 14.86
C ASP A 238 -70.80 75.02 13.88
N ILE A 239 -70.81 74.12 12.90
CA ILE A 239 -69.70 74.09 11.93
C ILE A 239 -69.72 75.34 11.05
N LYS A 240 -70.92 75.81 10.69
CA LYS A 240 -71.01 77.05 9.93
C LYS A 240 -70.44 78.22 10.69
N LYS A 241 -70.79 78.35 11.98
CA LYS A 241 -70.28 79.46 12.77
C LYS A 241 -68.78 79.33 13.01
N ILE A 242 -68.28 78.11 13.14
CA ILE A 242 -66.83 77.91 13.31
C ILE A 242 -66.09 78.32 12.05
N LEU A 243 -66.58 77.90 10.87
CA LEU A 243 -65.93 78.29 9.62
C LEU A 243 -66.01 79.80 9.40
N LYS A 244 -67.15 80.41 9.74
CA LYS A 244 -67.30 81.85 9.51
C LYS A 244 -66.61 82.70 10.57
N ASN A 245 -66.26 82.13 11.72
CA ASN A 245 -65.58 82.88 12.78
C ASN A 245 -64.18 82.38 13.03
N GLY A 246 -64.00 81.09 13.33
CA GLY A 246 -62.70 80.52 13.60
C GLY A 246 -62.06 79.77 12.46
N LYS A 247 -62.75 79.64 11.33
CA LYS A 247 -62.23 78.96 10.15
C LYS A 247 -61.85 77.52 10.43
N LYS A 248 -60.59 77.28 10.81
CA LYS A 248 -60.13 75.92 11.08
C LYS A 248 -60.88 75.32 12.25
N VAL A 249 -61.31 74.06 12.09
CA VAL A 249 -62.07 73.36 13.12
C VAL A 249 -61.33 72.12 13.63
N LEU A 250 -60.65 71.40 12.74
CA LEU A 250 -59.89 70.20 13.09
C LEU A 250 -60.78 69.17 13.77
N VAL A 251 -61.77 68.67 13.01
CA VAL A 251 -62.67 67.65 13.52
C VAL A 251 -61.88 66.38 13.79
N VAL A 252 -62.17 65.73 14.92
CA VAL A 252 -61.44 64.55 15.37
C VAL A 252 -62.43 63.40 15.50
N ARG A 253 -62.20 62.33 14.75
CA ARG A 253 -62.97 61.10 14.84
C ARG A 253 -62.21 60.10 15.70
N ASN A 254 -62.67 58.84 15.73
CA ASN A 254 -62.04 57.80 16.52
C ASN A 254 -61.34 56.77 15.65
N THR A 255 -62.04 56.14 14.71
CA THR A 255 -61.46 55.13 13.85
C THR A 255 -61.14 55.72 12.48
N VAL A 256 -60.71 54.86 11.57
CA VAL A 256 -60.39 55.29 10.21
C VAL A 256 -61.61 55.23 9.30
N ARG A 257 -62.43 54.18 9.42
CA ARG A 257 -63.65 54.11 8.63
C ARG A 257 -64.63 55.22 9.00
N LYS A 258 -64.78 55.49 10.29
CA LYS A 258 -65.64 56.58 10.72
C LYS A 258 -65.10 57.91 10.22
N ALA A 259 -63.77 58.10 10.28
CA ALA A 259 -63.17 59.33 9.79
C ALA A 259 -63.42 59.52 8.30
N VAL A 260 -63.26 58.45 7.51
CA VAL A 260 -63.43 58.59 6.06
C VAL A 260 -64.90 58.81 5.70
N GLU A 261 -65.82 58.12 6.39
CA GLU A 261 -67.23 58.36 6.09
C GLU A 261 -67.65 59.77 6.50
N THR A 262 -67.09 60.28 7.59
CA THR A 262 -67.30 61.68 7.95
C THR A 262 -66.73 62.60 6.88
N TYR A 263 -65.59 62.23 6.30
CA TYR A 263 -65.00 63.06 5.26
C TYR A 263 -65.91 63.14 4.04
N GLN A 264 -66.43 62.00 3.58
CA GLN A 264 -67.36 62.04 2.44
C GLN A 264 -68.64 62.79 2.79
N VAL A 265 -69.21 62.59 3.98
CA VAL A 265 -70.46 63.29 4.27
C VAL A 265 -70.25 64.79 4.39
N LEU A 266 -69.10 65.23 4.93
CA LEU A 266 -68.85 66.65 4.99
C LEU A 266 -68.52 67.24 3.62
N LYS A 267 -67.86 66.46 2.76
CA LYS A 267 -67.63 66.92 1.39
C LYS A 267 -68.94 67.08 0.64
N LYS A 268 -69.87 66.14 0.82
CA LYS A 268 -71.14 66.21 0.11
C LYS A 268 -72.06 67.28 0.69
N LYS A 269 -72.04 67.49 2.00
CA LYS A 269 -73.00 68.39 2.63
C LYS A 269 -72.56 69.85 2.52
N LEU A 270 -71.42 70.19 3.10
CA LEU A 270 -70.98 71.58 3.18
C LEU A 270 -69.69 71.87 2.44
N ASN A 271 -68.79 70.90 2.30
CA ASN A 271 -67.50 71.13 1.64
C ASN A 271 -67.61 70.88 0.14
N ASP A 272 -68.49 71.66 -0.49
CA ASP A 272 -68.68 71.59 -1.93
C ASP A 272 -68.78 72.95 -2.60
N THR A 273 -68.72 74.05 -1.85
CA THR A 273 -68.83 75.39 -2.40
C THR A 273 -67.64 76.27 -2.05
N LEU A 274 -67.14 76.20 -0.82
CA LEU A 274 -66.04 77.06 -0.41
C LEU A 274 -64.76 76.70 -1.15
N ALA A 275 -64.43 75.42 -1.21
CA ALA A 275 -63.22 74.95 -1.88
C ALA A 275 -63.43 73.53 -2.38
N ASN A 276 -62.54 73.10 -3.27
CA ASN A 276 -62.62 71.76 -3.85
C ASN A 276 -61.22 71.16 -4.08
N PRO A 277 -60.27 71.87 -4.70
CA PRO A 277 -58.93 71.28 -4.86
C PRO A 277 -58.23 70.99 -3.55
N SER A 278 -58.58 71.70 -2.48
CA SER A 278 -57.92 71.48 -1.19
C SER A 278 -58.31 70.15 -0.56
N ASP A 279 -59.41 69.53 -1.03
CA ASP A 279 -59.94 68.27 -0.52
C ASP A 279 -59.87 68.16 0.99
N ALA A 280 -60.18 69.25 1.68
CA ALA A 280 -60.21 69.33 3.15
C ALA A 280 -58.87 68.97 3.79
N LEU A 281 -57.78 69.02 3.02
CA LEU A 281 -56.43 68.75 3.52
C LEU A 281 -56.36 67.37 4.19
N LEU A 282 -56.58 66.35 3.37
CA LEU A 282 -56.52 64.97 3.86
C LEU A 282 -55.14 64.64 4.40
N ILE A 283 -55.10 64.03 5.59
CA ILE A 283 -53.84 63.70 6.24
C ILE A 283 -53.76 62.20 6.48
N HIS A 284 -54.71 61.67 7.26
CA HIS A 284 -54.73 60.26 7.62
C HIS A 284 -55.99 59.62 7.01
N SER A 285 -55.84 59.11 5.80
CA SER A 285 -56.91 58.37 5.12
C SER A 285 -56.37 56.98 4.80
N ARG A 286 -56.85 55.98 5.53
CA ARG A 286 -56.35 54.61 5.43
C ARG A 286 -54.85 54.53 5.69
N PHE A 287 -54.39 55.35 6.65
CA PHE A 287 -53.00 55.33 7.12
C PHE A 287 -52.01 55.59 5.99
N THR A 288 -52.10 56.78 5.43
CA THR A 288 -51.16 57.24 4.41
C THR A 288 -50.17 58.23 5.02
N ILE A 289 -48.88 57.95 4.85
CA ILE A 289 -47.82 58.79 5.39
C ILE A 289 -47.12 59.60 4.30
N GLY A 290 -46.93 59.00 3.12
CA GLY A 290 -46.28 59.72 2.04
C GLY A 290 -47.04 60.95 1.59
N ASP A 291 -48.38 60.85 1.59
CA ASP A 291 -49.19 62.01 1.21
C ASP A 291 -49.05 63.14 2.23
N ARG A 292 -49.17 62.82 3.52
CA ARG A 292 -49.04 63.84 4.55
C ARG A 292 -47.61 64.32 4.74
N ARG A 293 -46.62 63.64 4.16
CA ARG A 293 -45.24 64.09 4.25
C ARG A 293 -45.05 65.44 3.57
N GLU A 294 -45.83 65.72 2.52
CA GLU A 294 -45.75 67.00 1.81
C GLU A 294 -47.11 67.62 1.57
N LYS A 295 -48.18 67.11 2.18
CA LYS A 295 -49.52 67.61 1.98
C LYS A 295 -50.00 68.51 3.11
N GLU A 296 -49.57 68.25 4.35
CA GLU A 296 -50.03 69.02 5.50
C GLU A 296 -48.92 69.65 6.32
N ARG A 297 -47.68 69.15 6.23
CA ARG A 297 -46.60 69.69 7.04
C ARG A 297 -46.29 71.14 6.66
N ALA A 298 -46.28 71.45 5.35
CA ALA A 298 -45.90 72.78 4.88
C ALA A 298 -47.07 73.59 4.33
N LEU A 299 -48.24 72.97 4.12
CA LEU A 299 -49.37 73.71 3.57
C LEU A 299 -50.14 74.47 4.65
N ASP A 300 -50.61 73.74 5.67
CA ASP A 300 -51.39 74.32 6.77
C ASP A 300 -52.60 75.08 6.24
N SER A 301 -53.50 74.33 5.61
CA SER A 301 -54.67 74.91 4.98
C SER A 301 -55.70 75.33 6.04
N ALA A 302 -56.85 75.79 5.57
CA ALA A 302 -57.93 76.31 6.41
C ALA A 302 -59.22 75.58 6.12
N ARG A 303 -59.16 74.25 6.09
CA ARG A 303 -60.29 73.41 5.72
C ARG A 303 -60.59 72.39 6.80
N LEU A 304 -61.41 71.38 6.48
CA LEU A 304 -61.77 70.35 7.44
C LEU A 304 -60.65 69.34 7.63
N ILE A 305 -59.70 69.63 8.53
CA ILE A 305 -58.65 68.67 8.82
C ILE A 305 -59.25 67.44 9.47
N VAL A 306 -58.84 66.26 8.98
CA VAL A 306 -59.27 64.98 9.53
C VAL A 306 -58.07 64.35 10.22
N ALA A 307 -58.21 64.11 11.52
CA ALA A 307 -57.14 63.49 12.30
C ALA A 307 -57.75 62.84 13.53
N THR A 308 -57.49 61.55 13.73
CA THR A 308 -58.08 60.79 14.83
C THR A 308 -57.05 60.35 15.84
N GLN A 309 -56.02 59.62 15.42
CA GLN A 309 -55.02 59.08 16.34
C GLN A 309 -53.82 60.01 16.54
N VAL A 310 -53.72 61.09 15.77
CA VAL A 310 -52.61 62.02 15.86
C VAL A 310 -53.04 63.35 16.48
N VAL A 311 -54.23 63.41 17.07
CA VAL A 311 -54.71 64.66 17.65
C VAL A 311 -53.90 65.04 18.88
N GLU A 312 -53.49 64.05 19.69
CA GLU A 312 -52.76 64.31 20.91
C GLU A 312 -51.43 65.00 20.62
N ALA A 313 -50.52 64.29 19.93
CA ALA A 313 -49.31 64.93 19.40
C ALA A 313 -48.91 64.15 18.15
N GLY A 314 -49.42 64.58 17.00
CA GLY A 314 -49.06 63.98 15.74
C GLY A 314 -48.92 64.97 14.60
N LEU A 315 -49.21 66.23 14.87
CA LEU A 315 -49.28 67.26 13.83
C LEU A 315 -48.57 68.51 14.30
N ASP A 316 -48.15 69.32 13.33
CA ASP A 316 -47.48 70.60 13.57
C ASP A 316 -48.40 71.70 13.05
N LEU A 317 -49.15 72.33 13.96
CA LEU A 317 -50.06 73.39 13.59
C LEU A 317 -50.10 74.45 14.69
N PRO A 318 -49.52 75.63 14.45
CA PRO A 318 -49.51 76.68 15.49
C PRO A 318 -50.89 77.20 15.83
N ASN A 319 -51.66 77.56 14.80
CA ASN A 319 -53.00 78.12 14.98
C ASN A 319 -54.04 77.02 14.87
N VAL A 320 -54.90 76.92 15.88
CA VAL A 320 -55.95 75.91 15.92
C VAL A 320 -57.25 76.58 16.31
N GLY A 321 -58.36 75.98 15.90
CA GLY A 321 -59.68 76.46 16.24
C GLY A 321 -60.35 75.58 17.27
N LEU A 322 -61.68 75.70 17.36
CA LEU A 322 -62.47 74.89 18.27
C LEU A 322 -62.57 73.47 17.71
N VAL A 323 -62.03 72.50 18.43
CA VAL A 323 -61.96 71.13 17.93
C VAL A 323 -63.27 70.40 18.23
N VAL A 324 -63.59 69.44 17.35
CA VAL A 324 -64.75 68.58 17.52
C VAL A 324 -64.24 67.16 17.68
N THR A 325 -64.58 66.53 18.80
CA THR A 325 -64.04 65.22 19.16
C THR A 325 -65.16 64.26 19.48
N ASP A 326 -64.85 62.97 19.39
CA ASP A 326 -65.77 61.91 19.74
C ASP A 326 -65.66 61.63 21.24
N ILE A 327 -66.23 60.50 21.69
CA ILE A 327 -66.17 60.14 23.11
C ILE A 327 -64.72 59.98 23.54
N ALA A 328 -64.01 59.01 22.94
CA ALA A 328 -62.58 58.76 23.14
C ALA A 328 -62.28 58.36 24.58
N PRO A 329 -61.07 57.85 24.85
CA PRO A 329 -60.68 57.64 26.25
C PRO A 329 -60.60 58.97 27.01
N LEU A 330 -60.80 58.88 28.33
CA LEU A 330 -60.86 60.09 29.14
C LEU A 330 -59.57 60.90 29.07
N ASP A 331 -58.43 60.22 29.18
CA ASP A 331 -57.16 60.93 29.03
C ASP A 331 -57.01 61.50 27.63
N ALA A 332 -57.45 60.75 26.61
CA ALA A 332 -57.37 61.24 25.24
C ALA A 332 -58.21 62.49 25.04
N LEU A 333 -59.45 62.49 25.55
CA LEU A 333 -60.29 63.66 25.39
C LEU A 333 -59.78 64.84 26.22
N ILE A 334 -59.21 64.57 27.40
CA ILE A 334 -58.61 65.65 28.19
C ILE A 334 -57.46 66.29 27.43
N GLN A 335 -56.60 65.47 26.82
CA GLN A 335 -55.51 66.01 26.02
C GLN A 335 -56.04 66.78 24.82
N ARG A 336 -57.10 66.28 24.18
CA ARG A 336 -57.66 66.97 23.03
C ARG A 336 -58.20 68.35 23.41
N ILE A 337 -58.92 68.43 24.54
CA ILE A 337 -59.53 69.70 24.94
C ILE A 337 -58.58 70.62 25.69
N GLY A 338 -57.43 70.12 26.13
CA GLY A 338 -56.49 70.95 26.86
C GLY A 338 -55.81 72.00 26.01
N ARG A 339 -54.96 71.56 25.09
CA ARG A 339 -54.21 72.45 24.20
C ARG A 339 -53.47 73.53 24.99
N CYS A 340 -53.42 74.74 24.43
CA CYS A 340 -52.78 75.86 25.09
C CYS A 340 -53.42 77.15 24.61
N ALA A 341 -53.47 78.15 25.50
CA ALA A 341 -54.06 79.45 25.16
C ALA A 341 -53.36 80.50 26.00
N ARG A 342 -52.40 81.20 25.38
CA ARG A 342 -51.71 82.29 26.06
C ARG A 342 -52.59 83.52 26.25
N ARG A 343 -53.71 83.60 25.55
CA ARG A 343 -54.65 84.71 25.67
C ARG A 343 -56.05 84.19 25.89
N PRO A 344 -56.88 84.93 26.62
CA PRO A 344 -58.27 84.51 26.82
C PRO A 344 -59.07 84.55 25.52
N GLY A 345 -60.06 83.68 25.44
CA GLY A 345 -60.94 83.64 24.28
C GLY A 345 -61.17 82.26 23.71
N GLU A 346 -60.19 81.37 23.86
CA GLU A 346 -60.25 80.03 23.31
C GLU A 346 -59.89 79.01 24.38
N GLU A 347 -59.84 77.74 23.97
CA GLU A 347 -59.49 76.62 24.85
C GLU A 347 -60.46 76.52 26.03
N GLY A 348 -61.70 76.95 25.84
CA GLY A 348 -62.71 76.84 26.88
C GLY A 348 -63.98 76.16 26.38
N GLU A 349 -64.17 76.13 25.07
CA GLU A 349 -65.36 75.56 24.45
C GLU A 349 -64.96 74.38 23.57
N GLY A 350 -65.68 73.28 23.71
CA GLY A 350 -65.42 72.11 22.90
C GLY A 350 -66.73 71.43 22.51
N ILE A 351 -66.62 70.57 21.49
CA ILE A 351 -67.77 69.81 20.99
C ILE A 351 -67.45 68.33 21.12
N ILE A 352 -68.31 67.60 21.82
CA ILE A 352 -68.13 66.17 22.06
C ILE A 352 -69.38 65.46 21.55
N LEU A 353 -69.16 64.44 20.70
CA LEU A 353 -70.23 63.63 20.16
C LEU A 353 -70.24 62.26 20.83
N ILE A 354 -71.39 61.59 20.74
CA ILE A 354 -71.57 60.26 21.33
C ILE A 354 -72.07 59.31 20.24
N PRO A 355 -71.21 58.82 19.36
CA PRO A 355 -71.65 57.90 18.28
C PRO A 355 -71.83 56.48 18.79
N ALA A 356 -72.81 56.30 19.68
CA ALA A 356 -73.13 55.01 20.29
C ALA A 356 -71.90 54.40 20.95
N ALA A 357 -71.40 55.12 21.97
CA ALA A 357 -70.19 54.74 22.70
C ALA A 357 -69.01 54.57 21.77
N ALA A 358 -68.90 55.48 20.79
CA ALA A 358 -67.81 55.47 19.80
C ALA A 358 -67.75 54.14 19.06
N ALA A 359 -68.91 53.55 18.81
CA ALA A 359 -69.05 52.28 18.09
C ALA A 359 -68.25 51.16 18.75
N ALA A 360 -68.05 51.28 20.07
CA ALA A 360 -67.30 50.28 20.85
C ALA A 360 -65.92 50.04 20.26
N ALA A 361 -65.28 51.12 19.80
CA ALA A 361 -63.96 50.99 19.19
C ALA A 361 -62.91 50.67 20.23
N ALA A 362 -62.91 51.38 21.35
CA ALA A 362 -61.95 51.17 22.42
C ALA A 362 -62.43 50.04 23.33
N ALA A 363 -61.76 49.89 24.48
CA ALA A 363 -62.16 48.85 25.43
C ALA A 363 -63.54 49.15 25.99
N ALA A 364 -64.31 48.10 26.23
CA ALA A 364 -65.67 48.27 26.76
C ALA A 364 -65.65 48.92 28.13
N ALA A 365 -64.73 48.49 29.00
CA ALA A 365 -64.61 49.12 30.32
C ALA A 365 -64.21 50.59 30.20
N ALA A 366 -63.25 50.89 29.31
CA ALA A 366 -62.84 52.27 29.11
C ALA A 366 -63.98 53.11 28.54
N ALA A 367 -64.72 52.56 27.58
CA ALA A 367 -65.86 53.28 27.02
C ALA A 367 -66.92 53.55 28.07
N ALA A 368 -67.21 52.56 28.93
CA ALA A 368 -68.18 52.76 29.99
C ALA A 368 -67.71 53.82 30.98
N ALA A 369 -66.42 53.79 31.33
CA ALA A 369 -65.88 54.80 32.23
C ALA A 369 -65.98 56.20 31.62
N ALA A 370 -65.67 56.33 30.33
CA ALA A 370 -65.78 57.62 29.66
C ALA A 370 -67.22 58.09 29.63
N ALA A 371 -68.17 57.19 29.33
CA ALA A 371 -69.58 57.57 29.32
C ALA A 371 -70.05 58.01 30.69
N ALA A 372 -69.58 57.33 31.75
CA ALA A 372 -70.01 57.68 33.10
C ALA A 372 -69.40 59.00 33.55
N ALA A 373 -68.15 59.28 33.17
CA ALA A 373 -67.44 60.45 33.64
C ALA A 373 -67.51 61.62 32.66
N ALA A 374 -68.25 61.50 31.56
CA ALA A 374 -68.41 62.61 30.64
C ALA A 374 -69.07 63.81 31.32
N ALA A 375 -70.09 63.56 32.15
CA ALA A 375 -70.74 64.65 32.86
C ALA A 375 -69.78 65.34 33.81
N ALA A 376 -68.97 64.57 34.55
CA ALA A 376 -68.00 65.16 35.45
C ALA A 376 -66.96 65.97 34.69
N ALA A 377 -66.49 65.44 33.56
CA ALA A 377 -65.52 66.17 32.75
C ALA A 377 -66.10 67.47 32.22
N ALA A 378 -67.35 67.44 31.77
CA ALA A 378 -68.00 68.66 31.28
C ALA A 378 -68.18 69.67 32.40
N ALA A 379 -68.55 69.21 33.60
CA ALA A 379 -68.70 70.11 34.73
C ALA A 379 -67.36 70.73 35.13
N ALA A 380 -66.29 69.94 35.12
CA ALA A 380 -64.97 70.44 35.45
C ALA A 380 -64.27 71.14 34.29
N ALA A 381 -64.80 70.99 33.07
CA ALA A 381 -64.20 71.59 31.87
C ALA A 381 -62.75 71.19 31.72
N ALA A 382 -61.84 72.10 32.05
CA ALA A 382 -60.41 71.83 32.01
C ALA A 382 -59.97 71.19 33.31
N ALA A 383 -59.25 70.07 33.20
CA ALA A 383 -58.80 69.31 34.37
C ALA A 383 -57.61 70.05 34.99
N VAL A 384 -57.93 71.15 35.68
CA VAL A 384 -56.89 71.92 36.38
C VAL A 384 -56.29 71.09 37.51
N VAL A 385 -57.13 70.41 38.27
CA VAL A 385 -56.68 69.54 39.36
C VAL A 385 -56.48 68.13 38.82
N THR A 386 -55.36 67.51 39.20
CA THR A 386 -55.05 66.18 38.70
C THR A 386 -55.96 65.11 39.30
N SER A 387 -56.39 65.32 40.56
CA SER A 387 -57.08 64.26 41.30
C SER A 387 -58.31 63.74 40.59
N THR A 388 -58.96 64.59 39.78
CA THR A 388 -60.16 64.15 39.06
C THR A 388 -59.87 62.95 38.18
N ASN A 389 -58.71 62.94 37.51
CA ASN A 389 -58.34 61.81 36.66
C ASN A 389 -58.30 60.52 37.48
N GLU A 390 -57.89 60.61 38.74
CA GLU A 390 -57.87 59.42 39.60
C GLU A 390 -59.27 58.83 39.73
N TYR A 391 -60.29 59.68 39.82
CA TYR A 391 -61.66 59.19 39.91
C TYR A 391 -62.05 58.39 38.67
N ASP A 392 -61.40 58.64 37.54
CA ASP A 392 -61.63 57.82 36.35
C ASP A 392 -60.93 56.47 36.44
N ARG A 393 -59.75 56.43 37.09
CA ARG A 393 -58.95 55.22 37.09
C ARG A 393 -59.71 54.06 37.71
N VAL A 394 -60.28 54.26 38.91
CA VAL A 394 -61.02 53.21 39.59
C VAL A 394 -62.20 52.71 38.75
N VAL A 395 -62.61 53.47 37.74
CA VAL A 395 -63.71 53.06 36.88
C VAL A 395 -63.17 52.36 35.64
N GLU A 396 -62.02 52.82 35.13
CA GLU A 396 -61.53 52.27 33.87
C GLU A 396 -60.95 50.88 34.05
N ILE A 397 -60.19 50.66 35.13
CA ILE A 397 -59.75 49.33 35.57
C ILE A 397 -58.93 48.60 34.51
N HIS A 398 -57.61 48.66 34.65
CA HIS A 398 -56.69 47.84 33.85
C HIS A 398 -55.90 46.96 34.80
N TYR A 399 -56.43 45.77 35.10
CA TYR A 399 -55.80 44.81 35.99
C TYR A 399 -55.29 43.60 35.22
N GLY A 400 -54.73 43.82 34.04
CA GLY A 400 -54.28 42.73 33.21
C GLY A 400 -53.04 42.06 33.76
N GLU A 401 -52.79 40.84 33.27
CA GLU A 401 -51.66 40.04 33.69
C GLU A 401 -50.41 40.30 32.87
N GLY A 402 -50.47 41.19 31.88
CA GLY A 402 -49.33 41.49 31.03
C GLY A 402 -49.66 41.26 29.56
N LYS A 403 -48.65 40.85 28.79
CA LYS A 403 -48.81 40.60 27.37
C LYS A 403 -48.09 39.31 27.01
N LYS A 404 -48.66 38.57 26.06
CA LYS A 404 -48.05 37.33 25.60
C LYS A 404 -46.73 37.62 24.90
N ASN A 405 -45.74 36.74 25.14
CA ASN A 405 -44.41 36.85 24.54
C ASN A 405 -43.74 38.18 24.88
N PHE A 406 -43.66 38.44 26.18
CA PHE A 406 -42.99 39.65 26.65
C PHE A 406 -41.48 39.51 26.51
N VAL A 407 -40.81 40.65 26.46
CA VAL A 407 -39.37 40.69 26.19
C VAL A 407 -38.61 41.07 27.46
N TYR A 408 -39.19 40.81 28.63
CA TYR A 408 -38.47 41.06 29.88
C TYR A 408 -37.22 40.20 29.96
N VAL A 409 -37.34 38.91 29.62
CA VAL A 409 -36.18 38.03 29.61
C VAL A 409 -35.21 38.44 28.52
N GLY A 410 -35.72 38.89 27.38
CA GLY A 410 -34.85 39.34 26.32
C GLY A 410 -34.06 40.58 26.70
N ASP A 411 -34.72 41.54 27.33
CA ASP A 411 -34.02 42.76 27.74
C ASP A 411 -33.07 42.50 28.89
N ILE A 412 -33.47 41.68 29.86
CA ILE A 412 -32.57 41.37 30.98
C ILE A 412 -31.39 40.55 30.49
N ASP A 413 -31.55 39.78 29.42
CA ASP A 413 -30.44 39.07 28.80
C ASP A 413 -29.77 39.89 27.70
N THR A 414 -30.34 41.03 27.33
CA THR A 414 -29.75 41.89 26.33
C THR A 414 -28.51 42.58 26.90
N ALA A 415 -27.46 42.66 26.09
CA ALA A 415 -26.23 43.37 26.45
C ALA A 415 -25.57 42.77 27.69
N ARG A 416 -25.64 41.44 27.82
CA ARG A 416 -24.82 40.72 28.78
C ARG A 416 -23.59 40.10 28.14
N ARG A 417 -23.05 40.76 27.11
CA ARG A 417 -21.98 40.21 26.28
C ARG A 417 -22.37 38.85 25.71
N VAL A 418 -23.64 38.71 25.35
CA VAL A 418 -24.15 37.51 24.67
C VAL A 418 -25.03 37.98 23.51
N LEU A 419 -24.41 38.10 22.33
CA LEU A 419 -25.06 38.60 21.11
C LEU A 419 -25.86 39.86 21.38
N GLU A 420 -27.01 40.01 20.71
CA GLU A 420 -27.86 41.17 20.90
C GLU A 420 -29.29 40.77 20.52
N LYS A 421 -30.13 40.52 21.53
CA LYS A 421 -31.55 40.23 21.35
C LYS A 421 -31.75 39.02 20.43
N LYS A 422 -31.28 37.86 20.89
CA LYS A 422 -31.40 36.62 20.15
C LYS A 422 -32.53 35.74 20.67
N ARG A 423 -33.41 36.29 21.50
CA ARG A 423 -34.48 35.51 22.12
C ARG A 423 -35.82 35.74 21.45
N SER A 424 -36.29 36.98 21.36
CA SER A 424 -37.57 37.29 20.73
C SER A 424 -37.42 38.21 19.54
N LYS A 425 -36.69 39.32 19.68
CA LYS A 425 -36.52 40.31 18.61
C LYS A 425 -37.87 40.76 18.07
N LYS A 426 -38.81 41.01 18.98
CA LYS A 426 -40.17 41.41 18.64
C LYS A 426 -40.35 42.90 18.92
N LEU A 427 -40.97 43.60 17.97
CA LEU A 427 -41.24 45.02 18.14
C LEU A 427 -42.29 45.23 19.22
N PRO A 428 -42.29 46.40 19.86
CA PRO A 428 -43.30 46.68 20.89
C PRO A 428 -44.70 46.75 20.30
N LYS A 429 -45.68 46.58 21.18
CA LYS A 429 -47.12 46.57 20.89
C LYS A 429 -47.45 45.81 19.60
N ASP A 430 -48.42 46.30 18.84
CA ASP A 430 -48.86 45.60 17.63
C ASP A 430 -47.79 45.66 16.55
N LEU A 431 -47.79 44.65 15.70
CA LEU A 431 -46.81 44.55 14.63
C LEU A 431 -47.12 45.58 13.54
N TYR A 432 -46.08 45.96 12.80
CA TYR A 432 -46.19 47.00 11.77
C TYR A 432 -45.97 46.40 10.39
N ILE A 433 -46.71 46.94 9.41
CA ILE A 433 -46.57 46.57 8.01
C ILE A 433 -46.50 47.86 7.19
N ILE A 434 -45.50 47.96 6.33
CA ILE A 434 -45.27 49.15 5.52
C ILE A 434 -45.67 48.84 4.08
N PRO A 435 -46.77 49.38 3.58
CA PRO A 435 -47.14 49.16 2.18
C PRO A 435 -46.47 50.16 1.25
N TYR A 436 -46.64 49.98 -0.06
CA TYR A 436 -46.14 50.91 -1.06
C TYR A 436 -47.25 51.24 -2.03
N SER A 437 -47.35 52.51 -2.41
CA SER A 437 -48.40 52.99 -3.29
C SER A 437 -47.89 52.97 -4.73
N VAL A 438 -48.48 52.10 -5.55
CA VAL A 438 -48.14 52.00 -6.97
C VAL A 438 -49.41 52.18 -7.78
N SER A 439 -49.35 53.04 -8.79
CA SER A 439 -50.51 53.32 -9.63
C SER A 439 -50.74 52.26 -10.70
N PRO A 440 -49.72 51.88 -11.49
CA PRO A 440 -49.96 50.84 -12.50
C PRO A 440 -50.26 49.49 -11.87
N TYR A 441 -51.24 48.80 -12.43
CA TYR A 441 -51.65 47.48 -11.97
C TYR A 441 -50.73 46.37 -12.49
N PRO A 442 -50.41 46.31 -13.79
CA PRO A 442 -49.56 45.21 -14.27
C PRO A 442 -48.07 45.41 -14.02
N ASP A 443 -47.68 46.47 -13.30
CA ASP A 443 -46.26 46.69 -13.04
C ASP A 443 -45.63 45.56 -12.25
N PRO A 444 -46.21 45.05 -11.15
CA PRO A 444 -45.57 43.89 -10.48
C PRO A 444 -45.81 42.58 -11.22
N LEU A 445 -45.13 42.43 -12.36
CA LEU A 445 -45.27 41.23 -13.18
C LEU A 445 -43.99 41.02 -13.96
N VAL A 446 -43.39 39.84 -13.79
CA VAL A 446 -42.19 39.41 -14.51
C VAL A 446 -41.03 40.35 -14.19
N LEU A 447 -40.20 39.95 -13.23
CA LEU A 447 -38.98 40.69 -12.84
C LEU A 447 -39.28 42.11 -12.39
N LEU A 448 -40.53 42.40 -12.03
CA LEU A 448 -40.95 43.75 -11.61
C LEU A 448 -40.62 44.79 -12.69
N THR A 449 -40.68 44.37 -13.96
CA THR A 449 -40.27 45.20 -15.08
C THR A 449 -38.82 45.67 -14.89
N THR A 450 -38.65 46.80 -14.22
CA THR A 450 -37.34 47.35 -13.91
C THR A 450 -36.98 47.05 -12.45
N TYR A 451 -35.88 47.65 -11.98
CA TYR A 451 -35.42 47.52 -10.60
C TYR A 451 -35.12 46.05 -10.26
N ASP A 452 -34.13 45.52 -10.96
CA ASP A 452 -33.68 44.15 -10.72
C ASP A 452 -33.06 44.04 -9.33
N GLU A 453 -32.99 42.81 -8.82
CA GLU A 453 -32.56 42.59 -7.44
C GLU A 453 -31.13 43.06 -7.21
N LEU A 454 -30.20 42.60 -8.04
CA LEU A 454 -28.77 42.90 -7.88
C LEU A 454 -28.29 42.54 -6.47
N SER A 455 -28.61 41.31 -6.04
CA SER A 455 -28.23 40.87 -4.70
C SER A 455 -26.71 40.84 -4.54
N LYS A 456 -25.99 40.34 -5.54
CA LYS A 456 -24.53 40.27 -5.49
C LYS A 456 -23.88 41.08 -6.60
N ILE A 457 -24.65 41.83 -7.38
CA ILE A 457 -24.13 42.64 -8.47
C ILE A 457 -24.20 44.10 -8.05
N GLY A 458 -23.08 44.81 -8.19
CA GLY A 458 -23.02 46.20 -7.79
C GLY A 458 -23.11 46.37 -6.29
N GLU A 459 -24.23 46.90 -5.80
CA GLU A 459 -24.44 47.06 -4.38
C GLU A 459 -24.94 45.76 -3.77
N TYR A 460 -24.24 45.27 -2.75
CA TYR A 460 -24.61 44.02 -2.09
C TYR A 460 -25.86 44.15 -1.24
N LEU A 461 -26.36 45.37 -1.02
CA LEU A 461 -27.60 45.56 -0.26
C LEU A 461 -28.83 45.14 -1.03
N ALA A 462 -28.68 44.77 -2.31
CA ALA A 462 -29.78 44.26 -3.15
C ALA A 462 -30.85 45.32 -3.39
N ASP A 463 -30.44 46.57 -3.54
CA ASP A 463 -31.33 47.65 -3.92
C ASP A 463 -30.51 48.83 -4.43
N THR A 464 -30.95 49.42 -5.53
CA THR A 464 -30.28 50.58 -6.12
C THR A 464 -31.16 51.82 -6.04
N THR A 465 -32.38 51.76 -6.58
CA THR A 465 -33.31 52.87 -6.51
C THR A 465 -34.73 52.45 -6.13
N LYS A 466 -35.03 51.15 -6.13
CA LYS A 466 -36.36 50.71 -5.72
C LYS A 466 -36.63 50.99 -4.25
N ALA A 467 -35.59 50.93 -3.41
CA ALA A 467 -35.76 51.26 -2.00
C ALA A 467 -36.20 52.71 -1.83
N ARG A 468 -35.55 53.63 -2.53
CA ARG A 468 -35.95 55.03 -2.47
C ARG A 468 -37.32 55.23 -3.09
N LYS A 469 -37.63 54.50 -4.17
CA LYS A 469 -38.94 54.60 -4.79
C LYS A 469 -40.04 54.20 -3.81
N ALA A 470 -39.84 53.13 -3.06
CA ALA A 470 -40.81 52.72 -2.05
C ALA A 470 -40.85 53.71 -0.89
N LEU A 471 -39.69 54.22 -0.48
CA LEU A 471 -39.61 55.12 0.67
C LEU A 471 -40.19 56.50 0.37
N ASP A 472 -40.33 56.86 -0.90
CA ASP A 472 -40.87 58.17 -1.24
C ASP A 472 -42.27 58.37 -0.68
N ARG A 473 -43.11 57.35 -0.78
CA ARG A 473 -44.49 57.40 -0.28
C ARG A 473 -44.80 56.17 0.57
N VAL A 474 -43.81 55.72 1.35
CA VAL A 474 -44.01 54.56 2.20
C VAL A 474 -45.09 54.86 3.25
N TYR A 475 -46.01 53.92 3.41
CA TYR A 475 -47.12 54.03 4.35
C TYR A 475 -46.87 53.15 5.56
N LYS A 476 -47.87 53.09 6.45
CA LYS A 476 -47.83 52.23 7.62
C LYS A 476 -49.16 51.49 7.73
N PHE A 477 -49.11 50.30 8.34
CA PHE A 477 -50.29 49.48 8.48
C PHE A 477 -50.07 48.45 9.58
N HIS A 478 -51.14 48.10 10.28
CA HIS A 478 -51.08 47.13 11.36
C HIS A 478 -51.27 45.72 10.82
N TYR A 479 -50.45 44.79 11.31
CA TYR A 479 -50.50 43.41 10.87
C TYR A 479 -51.67 42.63 11.45
N GLU A 480 -52.39 43.20 12.43
CA GLU A 480 -53.50 42.50 13.05
C GLU A 480 -54.69 42.32 12.12
N ASN A 481 -54.73 43.03 11.00
CA ASN A 481 -55.84 42.95 10.06
C ASN A 481 -55.30 42.84 8.64
N ASN A 482 -56.10 42.25 7.76
CA ASN A 482 -55.75 42.10 6.35
C ASN A 482 -56.70 42.83 5.42
N ILE A 483 -57.69 43.54 5.96
CA ILE A 483 -58.69 44.28 5.18
C ILE A 483 -59.38 43.32 4.21
N VAL A 484 -58.94 43.35 2.95
CA VAL A 484 -59.52 42.50 1.91
C VAL A 484 -58.40 41.80 1.16
N PRO A 485 -58.65 40.63 0.57
CA PRO A 485 -57.61 39.94 -0.20
C PRO A 485 -57.36 40.52 -1.58
N LYS A 486 -57.89 41.71 -1.89
CA LYS A 486 -57.67 42.31 -3.20
C LYS A 486 -56.19 42.60 -3.44
N GLU A 487 -55.51 43.16 -2.43
CA GLU A 487 -54.09 43.45 -2.55
C GLU A 487 -53.27 42.18 -2.43
N PHE A 488 -52.14 42.15 -3.11
CA PHE A 488 -51.26 41.00 -3.12
C PHE A 488 -50.24 41.13 -2.00
N ALA A 489 -49.28 40.19 -1.95
CA ALA A 489 -48.20 40.21 -0.98
C ALA A 489 -46.87 40.26 -1.71
N SER A 490 -45.93 41.01 -1.17
CA SER A 490 -44.62 41.20 -1.77
C SER A 490 -43.54 40.68 -0.84
N TYR A 491 -42.54 40.02 -1.43
CA TYR A 491 -41.39 39.55 -0.70
C TYR A 491 -40.43 40.71 -0.43
N ILE A 492 -39.52 40.50 0.52
CA ILE A 492 -38.56 41.54 0.87
C ILE A 492 -37.72 41.91 -0.36
N TYR A 493 -37.61 43.21 -0.61
CA TYR A 493 -36.95 43.72 -1.81
C TYR A 493 -37.57 43.15 -3.08
N PHE A 494 -38.91 43.16 -3.15
CA PHE A 494 -39.66 42.66 -4.28
C PHE A 494 -39.35 41.19 -4.54
N LYS A 495 -38.41 40.92 -5.45
CA LYS A 495 -37.95 39.57 -5.75
C LYS A 495 -39.10 38.70 -6.26
N GLU A 496 -39.61 39.09 -7.44
CA GLU A 496 -40.67 38.38 -8.14
C GLU A 496 -41.94 38.27 -7.30
N LEU A 497 -42.19 39.27 -6.44
CA LEU A 497 -43.42 39.35 -5.67
C LEU A 497 -43.61 38.09 -4.81
N LYS A 498 -44.36 37.12 -5.35
CA LYS A 498 -44.70 35.85 -4.71
C LYS A 498 -45.00 36.01 -3.22
N LEU A 499 -44.51 35.08 -2.40
CA LEU A 499 -44.73 35.11 -0.95
C LEU A 499 -46.23 35.06 -0.64
N PHE A 500 -46.86 33.95 -1.03
CA PHE A 500 -48.28 33.75 -0.83
C PHE A 500 -48.61 32.73 0.25
N SER A 501 -47.73 31.76 0.49
CA SER A 501 -47.97 30.71 1.48
C SER A 501 -47.45 31.19 2.82
N ALA A 502 -48.36 31.70 3.65
CA ALA A 502 -48.05 32.22 4.98
C ALA A 502 -46.91 33.23 4.93
N PRO A 503 -47.14 34.42 4.38
CA PRO A 503 -46.07 35.42 4.29
C PRO A 503 -45.59 35.84 5.65
N PRO A 504 -44.29 36.09 5.81
CA PRO A 504 -43.78 36.60 7.09
C PRO A 504 -44.07 38.08 7.26
N GLU A 505 -43.56 38.67 8.34
CA GLU A 505 -43.82 40.07 8.64
C GLU A 505 -42.89 40.96 7.82
N TYR A 506 -42.96 42.27 8.09
CA TYR A 506 -42.14 43.31 7.45
C TYR A 506 -42.51 43.49 5.98
N GLU A 507 -42.40 44.72 5.49
CA GLU A 507 -42.77 45.07 4.13
C GLU A 507 -44.22 44.68 3.84
N LYS A 508 -44.40 43.63 3.03
CA LYS A 508 -45.72 43.07 2.73
C LYS A 508 -46.66 44.11 2.14
N ALA A 509 -47.96 43.76 2.07
CA ALA A 509 -49.01 44.67 1.61
C ALA A 509 -48.71 45.22 0.21
N ALA A 510 -48.66 44.30 -0.75
CA ALA A 510 -48.41 44.67 -2.15
C ALA A 510 -49.71 45.15 -2.76
N ALA A 511 -49.95 46.45 -2.67
CA ALA A 511 -51.15 47.04 -3.23
C ALA A 511 -51.11 47.00 -4.77
N ALA A 512 -52.29 46.83 -5.36
CA ALA A 512 -52.42 46.74 -6.81
C ALA A 512 -53.18 47.92 -7.39
N ALA A 513 -54.39 48.19 -6.91
CA ALA A 513 -55.17 49.31 -7.42
C ALA A 513 -55.90 50.08 -6.31
N ALA A 514 -55.71 49.71 -5.06
CA ALA A 514 -56.38 50.40 -3.95
C ALA A 514 -55.61 51.64 -3.48
N ALA A 515 -54.30 51.66 -3.68
CA ALA A 515 -53.50 52.81 -3.24
C ALA A 515 -53.75 54.01 -4.14
N ALA A 516 -53.88 55.18 -3.51
CA ALA A 516 -54.10 56.42 -4.25
C ALA A 516 -53.60 57.58 -3.40
N ALA A 517 -53.44 58.74 -4.06
CA ALA A 517 -52.97 59.93 -3.36
C ALA A 517 -53.97 60.44 -2.34
N ALA A 518 -55.25 60.11 -2.50
CA ALA A 518 -56.28 60.54 -1.55
C ALA A 518 -56.44 59.54 -0.40
N ALA A 519 -56.68 58.27 -0.73
CA ALA A 519 -56.84 57.24 0.27
C ALA A 519 -56.37 55.91 -0.31
N ALA A 520 -56.03 54.99 0.59
CA ALA A 520 -55.57 53.66 0.22
C ALA A 520 -56.68 52.62 0.19
N ALA A 521 -57.92 53.04 0.42
CA ALA A 521 -59.03 52.09 0.42
C ALA A 521 -59.33 51.62 -1.01
N ALA A 522 -59.92 50.42 -1.09
CA ALA A 522 -60.26 49.83 -2.38
C ALA A 522 -61.48 50.50 -2.98
N ALA A 523 -73.18 52.40 34.82
CA ALA A 523 -74.37 52.31 33.98
C ALA A 523 -75.61 52.00 34.82
N ALA A 524 -76.25 53.06 35.32
CA ALA A 524 -77.45 52.95 36.15
C ALA A 524 -77.22 52.04 37.35
N ALA A 525 -77.71 50.80 37.28
CA ALA A 525 -77.56 49.86 38.38
C ALA A 525 -76.19 49.20 38.41
N ALA A 526 -75.41 49.30 37.32
CA ALA A 526 -74.09 48.69 37.31
C ALA A 526 -73.16 49.33 38.34
N ALA A 527 -73.22 50.65 38.47
CA ALA A 527 -72.39 51.38 39.41
C ALA A 527 -72.98 51.44 40.81
N ALA A 528 -74.17 50.87 41.02
CA ALA A 528 -74.83 50.88 42.32
C ALA A 528 -74.92 49.52 42.97
N ALA A 529 -74.94 48.43 42.18
CA ALA A 529 -75.04 47.09 42.75
C ALA A 529 -73.69 46.64 43.32
N ALA A 530 -72.66 46.63 42.49
CA ALA A 530 -71.34 46.19 42.92
C ALA A 530 -70.30 46.94 42.09
N ALA A 531 -69.04 46.49 42.18
CA ALA A 531 -67.94 47.12 41.48
C ALA A 531 -66.92 46.04 41.15
N ALA A 532 -65.69 46.46 40.80
CA ALA A 532 -64.59 45.56 40.48
C ALA A 532 -64.95 44.65 39.30
N ALA A 533 -65.19 45.27 38.15
CA ALA A 533 -65.51 44.54 36.94
C ALA A 533 -64.25 43.88 36.37
N ALA A 534 -64.43 43.12 35.31
CA ALA A 534 -63.34 42.42 34.64
C ALA A 534 -63.06 43.06 33.28
N ALA A 535 -62.11 42.49 32.55
CA ALA A 535 -61.68 42.99 31.26
C ALA A 535 -61.95 41.94 30.19
N ALA A 536 -62.57 42.36 29.09
CA ALA A 536 -62.89 41.50 27.96
C ALA A 536 -63.72 40.30 28.38
N ALA A 537 -63.72 39.25 27.57
CA ALA A 537 -64.48 38.03 27.86
C ALA A 537 -63.80 36.87 27.14
N ALA A 538 -64.49 35.72 27.10
CA ALA A 538 -63.96 34.54 26.43
C ALA A 538 -64.69 34.19 25.13
N ALA A 539 -65.90 34.71 24.93
CA ALA A 539 -66.65 34.44 23.71
C ALA A 539 -66.81 35.65 22.80
N ALA A 540 -66.57 36.86 23.31
CA ALA A 540 -66.69 38.07 22.50
C ALA A 540 -65.60 39.05 22.94
N ALA A 541 -65.62 40.24 22.33
CA ALA A 541 -64.65 41.29 22.62
C ALA A 541 -65.26 42.39 23.49
N ALA A 542 -66.15 42.02 24.41
CA ALA A 542 -66.80 42.98 25.30
C ALA A 542 -66.50 42.61 26.74
N ALA A 543 -66.25 43.63 27.56
CA ALA A 543 -65.92 43.40 28.96
C ALA A 543 -67.15 42.91 29.72
N ILE A 544 -66.88 42.27 30.86
CA ILE A 544 -67.92 41.72 31.72
C ILE A 544 -67.83 42.37 33.09
N ASP A 545 -68.99 42.78 33.62
CA ASP A 545 -69.08 43.36 34.96
C ASP A 545 -69.66 42.28 35.87
N ALA A 546 -68.79 41.42 36.39
CA ALA A 546 -69.20 40.34 37.27
C ALA A 546 -69.53 40.90 38.65
N LYS A 547 -70.75 41.43 38.77
CA LYS A 547 -71.19 42.00 40.04
C LYS A 547 -71.48 40.91 41.06
N TYR A 548 -72.44 40.04 40.76
CA TYR A 548 -72.74 38.91 41.64
C TYR A 548 -72.76 37.60 40.84
N TYR A 549 -73.17 37.67 39.58
CA TYR A 549 -73.22 36.48 38.72
C TYR A 549 -73.31 36.92 37.28
N ASN A 550 -72.28 36.59 36.49
CA ASN A 550 -72.23 36.89 35.06
C ASN A 550 -72.47 38.37 34.79
N SER A 551 -73.67 38.70 34.32
CA SER A 551 -74.07 40.09 34.04
C SER A 551 -73.12 40.75 33.03
N GLU A 552 -73.12 40.19 31.82
CA GLU A 552 -72.31 40.74 30.74
C GLU A 552 -72.81 42.12 30.34
N LEU A 553 -71.89 42.96 29.88
CA LEU A 553 -72.20 44.32 29.45
C LEU A 553 -72.29 44.38 27.94
N ALA A 554 -73.49 44.70 27.42
CA ALA A 554 -73.82 44.41 25.99
C ALA A 554 -74.95 45.36 25.57
N ALA A 555 -74.60 46.42 24.85
CA ALA A 555 -75.59 47.38 24.39
C ALA A 555 -75.01 48.17 23.22
N ALA A 556 -75.91 48.75 22.43
CA ALA A 556 -75.57 49.63 21.31
C ALA A 556 -74.70 48.87 20.33
N ALA A 557 -73.48 49.32 20.02
CA ALA A 557 -72.65 48.64 19.03
C ALA A 557 -72.26 47.25 19.49
N ALA A 558 -71.98 47.08 20.79
CA ALA A 558 -71.63 45.76 21.29
C ALA A 558 -72.76 44.76 21.10
N ALA A 559 -73.99 45.17 21.42
CA ALA A 559 -75.14 44.29 21.21
C ALA A 559 -75.38 44.04 19.74
N ALA A 560 -75.20 45.06 18.89
CA ALA A 560 -75.40 44.87 17.46
C ALA A 560 -74.40 43.88 16.88
N ALA A 561 -73.15 43.96 17.31
CA ALA A 561 -72.12 43.06 16.80
C ALA A 561 -72.23 41.66 17.39
N ALA A 562 -72.66 41.55 18.65
CA ALA A 562 -72.74 40.25 19.31
C ALA A 562 -74.04 39.52 18.99
N ALA A 563 -75.18 40.21 19.13
CA ALA A 563 -76.49 39.60 18.88
C ALA A 563 -76.84 39.73 17.39
N ALA A 564 -76.06 39.03 16.58
CA ALA A 564 -76.28 39.01 15.14
C ALA A 564 -77.23 37.91 14.71
N ALA A 565 -77.10 36.71 15.29
CA ALA A 565 -77.98 35.60 14.96
C ALA A 565 -79.34 35.72 15.61
N ALA A 566 -79.47 36.54 16.65
CA ALA A 566 -80.73 36.74 17.36
C ALA A 566 -80.99 38.22 17.48
N ALA A 567 -82.12 38.67 16.92
CA ALA A 567 -82.47 40.09 16.98
C ALA A 567 -82.76 40.52 18.42
N ALA A 568 -83.45 39.68 19.19
CA ALA A 568 -83.79 39.99 20.57
C ALA A 568 -82.83 39.38 21.58
N ALA A 569 -82.62 38.07 21.51
CA ALA A 569 -81.74 37.35 22.42
C ALA A 569 -82.13 37.58 23.87
N ALA A 570 -83.45 37.56 24.14
CA ALA A 570 -84.00 37.77 25.48
C ALA A 570 -83.53 39.10 26.07
N ALA A 571 -83.48 40.14 25.23
CA ALA A 571 -83.06 41.48 25.64
C ALA A 571 -81.67 41.46 26.29
N ALA A 572 -80.77 40.69 25.71
CA ALA A 572 -79.40 40.54 26.20
C ALA A 572 -79.37 40.11 27.66
N PHE B 1 -21.95 34.92 59.78
CA PHE B 1 -22.26 33.88 58.81
C PHE B 1 -23.59 33.20 59.16
N ASN B 2 -24.08 32.37 58.25
CA ASN B 2 -25.35 31.67 58.44
C ASN B 2 -25.23 30.16 58.29
N GLU B 3 -24.38 29.69 57.39
CA GLU B 3 -24.17 28.25 57.15
C GLU B 3 -25.49 27.58 56.77
N PHE B 4 -26.00 27.98 55.60
CA PHE B 4 -27.27 27.48 55.10
C PHE B 4 -27.30 25.96 55.06
N LYS B 5 -28.17 25.37 55.87
CA LYS B 5 -28.29 23.92 55.91
C LYS B 5 -29.01 23.41 54.67
N THR B 6 -28.55 22.28 54.16
CA THR B 6 -29.15 21.65 52.97
C THR B 6 -29.43 20.19 53.28
N PRO B 7 -30.67 19.74 53.12
CA PRO B 7 -30.96 18.32 53.38
C PRO B 7 -30.32 17.41 52.35
N GLN B 8 -30.08 16.16 52.76
CA GLN B 8 -29.44 15.17 51.90
C GLN B 8 -30.52 14.25 51.34
N ILE B 9 -30.59 14.17 50.01
CA ILE B 9 -31.54 13.27 49.34
C ILE B 9 -30.78 12.36 48.40
N ASP B 10 -30.09 12.94 47.43
CA ASP B 10 -29.34 12.20 46.42
C ASP B 10 -28.38 13.18 45.73
N PRO B 11 -27.14 12.77 45.41
CA PRO B 11 -26.20 13.73 44.84
C PRO B 11 -26.45 14.03 43.37
N ILE B 12 -27.72 14.22 43.02
CA ILE B 12 -28.12 14.77 41.73
C ILE B 12 -29.09 15.92 42.01
N PHE B 13 -30.16 15.61 42.74
CA PHE B 13 -31.10 16.64 43.16
C PHE B 13 -30.50 17.55 44.22
N ASP B 14 -29.67 16.99 45.11
CA ASP B 14 -29.02 17.82 46.13
C ASP B 14 -28.05 18.82 45.50
N LEU B 15 -27.30 18.40 44.49
CA LEU B 15 -26.45 19.34 43.77
C LEU B 15 -27.30 20.37 43.02
N TYR B 16 -28.49 19.98 42.57
CA TYR B 16 -29.38 20.94 41.92
C TYR B 16 -29.86 22.01 42.89
N VAL B 17 -30.27 21.62 44.09
CA VAL B 17 -30.72 22.62 45.06
C VAL B 17 -29.52 23.43 45.56
N ALA B 18 -28.32 22.83 45.60
CA ALA B 18 -27.13 23.61 45.91
C ALA B 18 -26.86 24.66 44.83
N TYR B 19 -27.04 24.29 43.56
CA TYR B 19 -26.91 25.26 42.48
C TYR B 19 -27.94 26.37 42.61
N GLY B 20 -29.17 26.02 42.99
CA GLY B 20 -30.17 27.04 43.23
C GLY B 20 -29.77 27.98 44.36
N TYR B 21 -29.26 27.42 45.46
CA TYR B 21 -28.79 28.24 46.58
C TYR B 21 -27.68 29.19 46.13
N VAL B 22 -26.69 28.67 45.43
CA VAL B 22 -25.53 29.49 45.08
C VAL B 22 -25.92 30.55 44.06
N VAL B 23 -26.81 30.22 43.12
CA VAL B 23 -27.22 31.22 42.13
C VAL B 23 -28.06 32.30 42.81
N SER B 24 -28.92 31.92 43.76
CA SER B 24 -29.70 32.93 44.48
C SER B 24 -28.81 33.83 45.31
N LEU B 25 -27.74 33.28 45.88
CA LEU B 25 -26.83 34.11 46.67
C LEU B 25 -25.99 35.02 45.79
N ILE B 26 -25.43 34.50 44.68
CA ILE B 26 -24.63 35.35 43.81
C ILE B 26 -25.50 36.42 43.17
N ARG B 27 -26.80 36.15 43.00
CA ARG B 27 -27.73 37.18 42.53
C ARG B 27 -28.05 38.09 43.69
N GLY B 28 -27.62 39.35 43.60
CA GLY B 28 -27.83 40.32 44.64
C GLY B 28 -26.61 40.61 45.50
N GLY B 29 -25.46 40.03 45.19
CA GLY B 29 -24.25 40.31 45.94
C GLY B 29 -23.60 39.09 46.56
N ALA B 30 -23.59 39.04 47.89
CA ALA B 30 -23.00 37.94 48.66
C ALA B 30 -21.51 37.75 48.32
N LYS B 31 -20.74 38.80 48.63
CA LYS B 31 -19.30 38.74 48.46
C LYS B 31 -18.66 37.93 49.58
N GLU B 32 -17.41 37.51 49.34
CA GLU B 32 -16.64 36.73 50.31
C GLU B 32 -17.38 35.45 50.72
N ALA B 33 -17.95 34.76 49.74
CA ALA B 33 -18.68 33.51 49.96
C ALA B 33 -17.97 32.37 49.26
N THR B 34 -18.24 31.15 49.71
CA THR B 34 -17.63 29.97 49.11
C THR B 34 -18.60 28.80 49.17
N LEU B 35 -18.33 27.79 48.34
CA LEU B 35 -19.09 26.55 48.30
C LEU B 35 -18.19 25.44 48.80
N ILE B 36 -18.63 24.76 49.85
CA ILE B 36 -17.87 23.65 50.43
C ILE B 36 -18.58 22.34 50.05
N PRO B 37 -18.00 21.52 49.18
CA PRO B 37 -18.63 20.23 48.84
C PRO B 37 -18.30 19.19 49.90
N HIS B 38 -19.34 18.52 50.40
CA HIS B 38 -19.22 17.47 51.40
C HIS B 38 -19.75 16.15 50.87
N GLY B 39 -19.39 15.80 49.64
CA GLY B 39 -19.87 14.60 49.02
C GLY B 39 -21.30 14.74 48.52
N ALA B 40 -22.23 15.02 49.44
CA ALA B 40 -23.62 15.25 49.09
C ALA B 40 -24.23 16.49 49.74
N SER B 41 -23.67 16.97 50.85
CA SER B 41 -24.25 18.12 51.53
C SER B 41 -24.18 19.37 50.67
N TYR B 42 -22.99 19.68 50.14
CA TYR B 42 -22.78 20.83 49.25
C TYR B 42 -23.22 22.13 49.93
N LEU B 43 -22.55 22.44 51.03
CA LEU B 43 -22.95 23.58 51.85
C LEU B 43 -22.36 24.89 51.30
N ILE B 44 -22.88 26.00 51.82
CA ILE B 44 -22.48 27.34 51.38
C ILE B 44 -22.04 28.12 52.61
N GLN B 45 -20.95 28.88 52.46
CA GLN B 45 -20.48 29.80 53.50
C GLN B 45 -20.63 31.23 52.98
N THR B 46 -21.54 31.98 53.60
CA THR B 46 -21.83 33.36 53.21
C THR B 46 -22.20 34.15 54.46
N ASP B 47 -21.81 35.42 54.50
CA ASP B 47 -22.05 36.29 55.64
C ASP B 47 -23.29 37.15 55.37
N VAL B 48 -24.46 36.51 55.49
CA VAL B 48 -25.74 37.18 55.34
C VAL B 48 -26.82 36.23 55.88
N SER B 49 -27.87 36.77 56.49
CA SER B 49 -28.91 35.91 57.08
C SER B 49 -30.04 35.68 56.09
N ASN B 50 -30.81 36.74 55.77
CA ASN B 50 -31.72 36.67 54.63
C ASN B 50 -32.15 38.10 54.24
N GLU B 51 -31.42 38.71 53.32
CA GLU B 51 -31.96 39.81 52.53
C GLU B 51 -31.74 39.59 51.05
N GLU B 52 -30.47 39.42 50.69
CA GLU B 52 -30.10 39.32 49.30
C GLU B 52 -30.43 37.95 48.73
N PHE B 53 -30.61 36.95 49.58
CA PHE B 53 -31.06 35.65 49.09
C PHE B 53 -32.48 35.75 48.56
N ARG B 54 -33.36 36.42 49.32
CA ARG B 54 -34.69 36.77 48.81
C ARG B 54 -34.62 37.64 47.56
N HIS B 55 -33.76 38.66 47.55
CA HIS B 55 -33.70 39.54 46.38
C HIS B 55 -33.29 38.76 45.12
N GLY B 56 -32.23 37.96 45.23
CA GLY B 56 -31.80 37.17 44.10
C GLY B 56 -32.80 36.12 43.68
N LEU B 57 -33.46 35.49 44.65
CA LEU B 57 -34.45 34.47 44.32
C LEU B 57 -35.64 35.08 43.58
N VAL B 58 -36.13 36.23 44.04
CA VAL B 58 -37.27 36.84 43.36
C VAL B 58 -36.86 37.35 41.99
N ASP B 59 -35.64 37.88 41.84
CA ASP B 59 -35.18 38.29 40.52
C ASP B 59 -35.09 37.10 39.57
N ALA B 60 -34.52 35.99 40.04
CA ALA B 60 -34.39 34.81 39.20
C ALA B 60 -35.75 34.22 38.84
N LEU B 61 -36.70 34.25 39.78
CA LEU B 61 -38.03 33.75 39.51
C LEU B 61 -38.78 34.63 38.52
N SER B 62 -38.60 35.95 38.62
CA SER B 62 -39.19 36.85 37.64
C SER B 62 -38.61 36.60 36.26
N SER B 63 -37.30 36.38 36.18
CA SER B 63 -36.69 36.02 34.90
C SER B 63 -37.23 34.69 34.39
N MET B 64 -37.48 33.75 35.31
CA MET B 64 -38.04 32.45 34.93
C MET B 64 -39.41 32.62 34.29
N LEU B 65 -40.30 33.36 34.94
CA LEU B 65 -41.62 33.58 34.40
C LEU B 65 -41.57 34.35 33.08
N SER B 66 -40.66 35.33 32.98
CA SER B 66 -40.54 36.08 31.73
C SER B 66 -40.09 35.18 30.59
N LEU B 67 -39.12 34.30 30.84
CA LEU B 67 -38.67 33.36 29.80
C LEU B 67 -39.78 32.38 29.44
N HIS B 68 -40.54 31.92 30.44
CA HIS B 68 -41.64 31.01 30.17
C HIS B 68 -42.70 31.68 29.29
N ILE B 69 -43.03 32.93 29.58
CA ILE B 69 -44.01 33.65 28.76
C ILE B 69 -43.47 33.89 27.36
N ALA B 70 -42.20 34.28 27.25
CA ALA B 70 -41.63 34.55 25.93
C ALA B 70 -41.58 33.29 25.08
N LEU B 71 -41.21 32.16 25.67
CA LEU B 71 -41.16 30.91 24.93
C LEU B 71 -42.56 30.45 24.55
N ALA B 72 -42.65 29.77 23.41
CA ALA B 72 -43.91 29.25 22.92
C ALA B 72 -43.71 28.02 22.05
N LYS B 81 -52.50 23.90 27.25
CA LYS B 81 -52.79 24.88 28.29
C LYS B 81 -51.82 26.05 28.22
N LEU B 82 -50.66 25.90 28.84
CA LEU B 82 -49.63 26.94 28.86
C LEU B 82 -48.28 26.34 28.49
N VAL B 83 -48.26 25.47 27.48
CA VAL B 83 -47.02 24.86 27.03
C VAL B 83 -46.15 25.91 26.33
N SER B 84 -44.84 25.82 26.52
CA SER B 84 -43.90 26.76 25.92
C SER B 84 -42.66 25.99 25.49
N ASP B 85 -41.65 26.72 25.02
CA ASP B 85 -40.39 26.15 24.60
C ASP B 85 -39.31 26.27 25.67
N ALA B 86 -39.67 26.67 26.89
CA ALA B 86 -38.70 26.87 27.95
C ALA B 86 -38.03 25.56 28.33
N ASP B 87 -36.75 25.66 28.72
CA ASP B 87 -36.00 24.49 29.14
C ASP B 87 -36.61 23.85 30.37
N PHE B 88 -37.01 24.68 31.35
CA PHE B 88 -37.59 24.18 32.59
C PHE B 88 -39.03 23.71 32.44
N SER B 89 -39.65 23.93 31.28
CA SER B 89 -41.02 23.51 31.04
C SER B 89 -41.10 22.38 30.02
N ALA B 90 -40.53 22.57 28.83
CA ALA B 90 -40.56 21.53 27.80
C ALA B 90 -39.24 21.31 27.09
N GLY B 91 -38.22 22.14 27.33
CA GLY B 91 -36.96 21.97 26.62
C GLY B 91 -36.19 20.73 27.05
N ALA B 92 -36.39 20.28 28.29
CA ALA B 92 -35.72 19.09 28.77
C ALA B 92 -36.73 18.11 29.35
N ASN B 93 -37.86 18.62 29.84
CA ASN B 93 -38.90 17.75 30.38
C ASN B 93 -39.46 16.88 29.27
N ILE B 94 -39.64 15.59 29.58
CA ILE B 94 -40.10 14.62 28.59
C ILE B 94 -41.59 14.32 28.72
N ASN B 95 -42.22 14.73 29.81
CA ASN B 95 -43.63 14.44 30.05
C ASN B 95 -44.49 15.60 29.57
N ASN B 96 -45.55 15.29 28.82
CA ASN B 96 -46.49 16.31 28.41
C ASN B 96 -47.23 16.92 29.60
N VAL B 97 -47.42 16.12 30.66
CA VAL B 97 -48.09 16.64 31.86
C VAL B 97 -47.24 17.70 32.54
N TYR B 98 -45.91 17.55 32.49
CA TYR B 98 -45.03 18.57 33.05
C TYR B 98 -45.20 19.91 32.36
N TRP B 99 -45.50 19.89 31.05
CA TRP B 99 -45.68 21.13 30.30
C TRP B 99 -46.81 21.99 30.86
N ASP B 100 -47.76 21.39 31.57
CA ASP B 100 -48.81 22.12 32.25
C ASP B 100 -48.62 22.21 33.75
N SER B 101 -47.87 21.27 34.35
CA SER B 101 -47.63 21.32 35.79
C SER B 101 -46.63 22.42 36.15
N VAL B 102 -45.63 22.64 35.29
CA VAL B 102 -44.65 23.70 35.56
C VAL B 102 -45.30 25.08 35.59
N PRO B 103 -46.15 25.48 34.62
CA PRO B 103 -46.76 26.81 34.72
C PRO B 103 -47.56 27.02 35.99
N ARG B 104 -48.33 26.03 36.42
CA ARG B 104 -49.13 26.21 37.63
C ARG B 104 -48.26 26.23 38.88
N ASN B 105 -47.18 25.45 38.89
CA ASN B 105 -46.25 25.50 40.02
C ASN B 105 -45.58 26.85 40.12
N LEU B 106 -45.14 27.40 38.99
CA LEU B 106 -44.53 28.73 39.00
C LEU B 106 -45.54 29.81 39.39
N GLU B 107 -46.79 29.68 38.94
CA GLU B 107 -47.83 30.63 39.34
C GLU B 107 -48.08 30.56 40.84
N LYS B 108 -48.13 29.35 41.40
CA LYS B 108 -48.31 29.21 42.84
C LYS B 108 -47.12 29.80 43.60
N LEU B 109 -45.91 29.58 43.09
CA LEU B 109 -44.73 30.18 43.73
C LEU B 109 -44.79 31.69 43.68
N MET B 110 -45.27 32.26 42.56
CA MET B 110 -45.43 33.70 42.46
C MET B 110 -46.46 34.21 43.46
N LYS B 111 -47.59 33.51 43.59
CA LYS B 111 -48.61 33.94 44.52
C LYS B 111 -48.19 33.76 45.98
N ASP B 112 -47.24 32.86 46.23
CA ASP B 112 -46.82 32.58 47.60
C ASP B 112 -45.64 33.45 48.05
N LEU B 113 -44.52 33.35 47.34
CA LEU B 113 -43.28 34.00 47.76
C LEU B 113 -43.10 35.35 47.07
N GLU B 114 -44.03 36.26 47.35
CA GLU B 114 -43.89 37.66 46.92
C GLU B 114 -44.25 38.67 48.00
N LYS B 115 -45.03 38.31 49.01
CA LYS B 115 -45.40 39.22 50.09
C LYS B 115 -44.63 38.92 51.38
N LYS B 116 -43.42 38.39 51.26
CA LYS B 116 -42.55 38.07 52.40
C LYS B 116 -43.23 37.09 53.35
N ARG B 117 -43.55 35.91 52.83
CA ARG B 117 -44.12 34.83 53.61
C ARG B 117 -43.62 33.50 53.09
N SER B 118 -43.57 32.51 53.97
CA SER B 118 -43.00 31.22 53.64
C SER B 118 -44.00 30.38 52.84
N VAL B 119 -43.57 29.18 52.46
CA VAL B 119 -44.40 28.27 51.69
C VAL B 119 -45.30 27.49 52.64
N LYS B 120 -46.36 26.91 52.09
CA LYS B 120 -47.34 26.19 52.87
C LYS B 120 -47.52 24.74 52.46
N GLY B 121 -47.03 24.33 51.28
CA GLY B 121 -47.21 22.97 50.83
C GLY B 121 -45.96 22.35 50.23
N THR B 122 -46.14 21.24 49.51
CA THR B 122 -45.03 20.55 48.87
C THR B 122 -45.37 20.24 47.41
N ALA B 123 -44.51 19.50 46.72
CA ALA B 123 -44.72 19.17 45.33
C ALA B 123 -44.04 17.85 45.01
N THR B 124 -44.37 17.31 43.83
CA THR B 124 -43.73 16.10 43.36
C THR B 124 -42.35 16.41 42.79
N ILE B 125 -41.60 15.36 42.49
CA ILE B 125 -40.23 15.46 41.99
C ILE B 125 -40.17 14.78 40.63
N PRO B 126 -39.61 15.41 39.61
CA PRO B 126 -39.63 14.83 38.26
C PRO B 126 -38.37 14.01 37.98
N ILE B 127 -38.41 13.33 36.82
CA ILE B 127 -37.29 12.48 36.42
C ILE B 127 -36.09 13.34 36.04
N THR B 128 -36.32 14.48 35.38
CA THR B 128 -35.22 15.32 34.94
C THR B 128 -34.40 15.84 36.10
N LEU B 129 -35.06 16.31 37.16
CA LEU B 129 -34.33 16.76 38.34
C LEU B 129 -33.66 15.61 39.06
N MET B 130 -34.35 14.48 39.15
CA MET B 130 -33.83 13.28 39.82
C MET B 130 -34.27 12.05 39.04
N PRO B 131 -33.34 11.33 38.43
CA PRO B 131 -33.74 10.12 37.67
C PRO B 131 -34.36 9.04 38.54
N SER B 132 -34.17 9.11 39.86
CA SER B 132 -34.71 8.12 40.78
C SER B 132 -36.09 8.50 41.31
N ALA B 133 -36.87 9.24 40.51
CA ALA B 133 -38.19 9.69 40.92
C ALA B 133 -39.26 8.92 40.14
N GLY B 134 -40.28 8.47 40.87
CA GLY B 134 -41.38 7.76 40.25
C GLY B 134 -42.54 7.63 41.21
N LYS B 135 -43.74 7.55 40.63
CA LYS B 135 -44.95 7.46 41.46
C LYS B 135 -45.10 6.07 42.07
N TYR B 136 -44.55 5.05 41.40
CA TYR B 136 -44.54 3.70 41.97
C TYR B 136 -43.23 3.47 42.70
N MET B 137 -43.30 3.30 44.01
CA MET B 137 -42.14 2.90 44.81
C MET B 137 -42.54 1.80 45.77
N LEU B 138 -41.75 0.73 45.79
CA LEU B 138 -42.03 -0.41 46.67
C LEU B 138 -41.44 -0.18 48.05
N LYS B 139 -42.12 -0.71 49.08
CA LYS B 139 -41.64 -0.63 50.45
C LYS B 139 -41.25 -2.00 50.99
N HIS B 140 -42.16 -2.97 50.97
CA HIS B 140 -41.81 -4.34 51.32
C HIS B 140 -42.25 -5.35 50.27
N PHE B 141 -43.45 -5.21 49.72
CA PHE B 141 -43.93 -6.08 48.67
C PHE B 141 -44.34 -5.33 47.41
N GLY B 142 -45.12 -4.26 47.55
CA GLY B 142 -45.60 -3.52 46.40
C GLY B 142 -45.52 -2.02 46.58
N VAL B 143 -46.19 -1.28 45.71
CA VAL B 143 -46.12 0.17 45.69
C VAL B 143 -47.37 0.76 46.33
N GLN B 144 -47.31 2.06 46.63
CA GLN B 144 -48.42 2.76 47.28
C GLN B 144 -49.38 3.31 46.24
N GLY B 145 -50.45 3.95 46.73
CA GLY B 145 -51.40 4.62 45.86
C GLY B 145 -51.00 6.02 45.45
N GLY B 146 -49.97 6.58 46.07
CA GLY B 146 -49.45 7.89 45.73
C GLY B 146 -47.94 7.85 45.61
N ASN B 147 -47.30 8.93 46.04
CA ASN B 147 -45.85 9.04 46.00
C ASN B 147 -45.36 9.50 47.36
N PRO B 148 -44.60 8.67 48.09
CA PRO B 148 -44.13 9.11 49.41
C PRO B 148 -43.10 10.23 49.35
N ILE B 149 -42.29 10.29 48.30
CA ILE B 149 -41.25 11.30 48.20
C ILE B 149 -41.85 12.62 47.74
N LYS B 150 -41.58 13.68 48.50
CA LYS B 150 -42.07 15.01 48.19
C LYS B 150 -40.93 16.01 48.37
N VAL B 151 -41.05 17.14 47.67
CA VAL B 151 -40.03 18.19 47.70
C VAL B 151 -40.68 19.49 48.11
N ASP B 152 -40.00 20.23 49.00
CA ASP B 152 -40.52 21.53 49.42
C ASP B 152 -40.54 22.49 48.25
N LEU B 153 -41.49 23.44 48.30
CA LEU B 153 -41.68 24.36 47.19
C LEU B 153 -40.43 25.20 46.94
N LEU B 154 -39.82 25.71 48.01
CA LEU B 154 -38.58 26.47 47.85
C LEU B 154 -37.47 25.60 47.27
N ASN B 155 -37.32 24.38 47.81
CA ASN B 155 -36.32 23.46 47.27
C ASN B 155 -36.63 23.10 45.82
N TYR B 156 -37.91 22.91 45.50
CA TYR B 156 -38.29 22.58 44.13
C TYR B 156 -37.93 23.71 43.18
N ALA B 157 -38.23 24.95 43.58
CA ALA B 157 -37.90 26.10 42.72
C ALA B 157 -36.39 26.26 42.57
N LEU B 158 -35.64 26.07 43.64
CA LEU B 158 -34.18 26.18 43.54
C LEU B 158 -33.61 25.08 42.66
N ALA B 159 -34.14 23.87 42.76
CA ALA B 159 -33.71 22.80 41.88
C ALA B 159 -34.04 23.12 40.42
N TRP B 160 -35.22 23.69 40.18
CA TRP B 160 -35.59 24.08 38.82
C TRP B 160 -34.64 25.13 38.25
N VAL B 161 -34.32 26.16 39.05
CA VAL B 161 -33.47 27.23 38.54
C VAL B 161 -32.05 26.72 38.32
N GLY B 162 -31.57 25.83 39.21
CA GLY B 162 -30.27 25.23 39.00
C GLY B 162 -30.22 24.35 37.76
N PHE B 163 -31.29 23.59 37.53
CA PHE B 163 -31.34 22.73 36.35
C PHE B 163 -31.38 23.55 35.06
N HIS B 164 -32.19 24.59 35.03
CA HIS B 164 -32.30 25.38 33.80
C HIS B 164 -31.06 26.23 33.55
N TYR B 165 -30.45 26.77 34.60
CA TYR B 165 -29.36 27.72 34.43
C TYR B 165 -27.98 27.09 34.41
N TYR B 166 -27.80 25.91 34.99
CA TYR B 166 -26.45 25.41 35.23
C TYR B 166 -26.14 24.13 34.46
N THR B 167 -26.95 23.09 34.62
CA THR B 167 -26.65 21.83 33.94
C THR B 167 -27.06 21.92 32.46
N PRO B 168 -26.23 21.45 31.54
CA PRO B 168 -26.57 21.47 30.13
C PRO B 168 -27.26 20.19 29.66
N TYR B 169 -28.04 20.36 28.58
CA TYR B 169 -28.86 19.32 28.01
C TYR B 169 -28.76 19.38 26.49
N ILE B 170 -28.95 18.22 25.86
CA ILE B 170 -28.94 18.08 24.41
C ILE B 170 -30.23 17.37 24.01
N LYS B 171 -31.00 18.00 23.13
CA LYS B 171 -32.31 17.48 22.72
C LYS B 171 -32.26 17.11 21.24
N TYR B 172 -32.76 15.93 20.90
CA TYR B 172 -32.87 15.49 19.52
C TYR B 172 -34.03 14.52 19.40
N ALA B 173 -35.03 14.87 18.60
CA ALA B 173 -36.19 14.04 18.37
C ALA B 173 -36.34 13.73 16.89
N LYS B 174 -36.60 12.46 16.58
CA LYS B 174 -36.81 12.01 15.20
C LYS B 174 -38.26 11.56 15.06
N GLY B 175 -39.10 12.44 14.51
CA GLY B 175 -40.51 12.13 14.28
C GLY B 175 -41.21 11.74 15.57
N ASP B 176 -41.31 10.44 15.82
CA ASP B 176 -41.98 9.95 17.02
C ASP B 176 -41.05 9.85 18.22
N THR B 177 -39.83 9.35 18.03
CA THR B 177 -38.91 9.20 19.15
C THR B 177 -38.33 10.56 19.54
N THR B 178 -38.13 10.75 20.85
CA THR B 178 -37.56 11.97 21.39
C THR B 178 -36.48 11.61 22.39
N TRP B 179 -35.31 12.24 22.27
CA TRP B 179 -34.17 11.96 23.11
C TRP B 179 -33.71 13.24 23.80
N ILE B 180 -33.47 13.16 25.11
CA ILE B 180 -32.90 14.27 25.86
C ILE B 180 -31.77 13.74 26.74
N HIS B 181 -30.60 14.35 26.64
CA HIS B 181 -29.40 13.91 27.36
C HIS B 181 -28.91 15.07 28.21
N ILE B 182 -29.04 14.97 29.52
CA ILE B 182 -28.64 16.02 30.44
C ILE B 182 -27.37 15.57 31.14
N TYR B 183 -26.30 16.36 31.02
CA TYR B 183 -25.02 15.99 31.62
C TYR B 183 -24.64 17.04 32.66
N GLN B 184 -24.85 16.69 33.93
CA GLN B 184 -24.61 17.58 35.05
C GLN B 184 -23.15 17.56 35.46
N ILE B 185 -22.67 18.69 35.97
CA ILE B 185 -21.27 18.86 36.37
C ILE B 185 -21.22 18.95 37.89
N ALA B 186 -20.30 18.19 38.49
CA ALA B 186 -20.12 18.14 39.93
C ALA B 186 -18.67 18.41 40.29
N PRO B 187 -18.42 18.97 41.47
CA PRO B 187 -17.05 19.15 41.95
C PRO B 187 -16.53 17.85 42.56
N VAL B 188 -15.27 17.90 42.99
CA VAL B 188 -14.62 16.78 43.67
C VAL B 188 -14.09 17.18 45.04
N GLU B 189 -13.40 18.32 45.12
CA GLU B 189 -12.84 18.78 46.38
C GLU B 189 -13.38 20.13 46.81
N GLU B 190 -13.30 21.14 45.95
CA GLU B 190 -13.70 22.50 46.32
C GLU B 190 -13.96 23.30 45.06
N VAL B 191 -14.81 24.33 45.20
CA VAL B 191 -15.14 25.24 44.11
C VAL B 191 -15.24 26.66 44.67
N ASP B 192 -15.55 27.60 43.79
CA ASP B 192 -15.68 29.01 44.15
C ASP B 192 -16.69 29.65 43.22
N MET B 193 -16.99 30.93 43.48
CA MET B 193 -17.92 31.66 42.63
C MET B 193 -17.41 31.78 41.19
N ILE B 194 -16.10 31.82 40.99
CA ILE B 194 -15.59 31.82 39.62
C ILE B 194 -15.99 30.52 38.91
N SER B 195 -15.85 29.39 39.60
CA SER B 195 -16.27 28.11 39.04
C SER B 195 -17.78 28.07 38.83
N ILE B 196 -18.53 28.61 39.78
CA ILE B 196 -19.99 28.58 39.69
C ILE B 196 -20.46 29.37 38.48
N LEU B 197 -19.91 30.56 38.29
CA LEU B 197 -20.29 31.39 37.14
C LEU B 197 -19.78 30.80 35.84
N SER B 198 -18.62 30.12 35.86
CA SER B 198 -18.16 29.43 34.67
C SER B 198 -19.12 28.31 34.27
N LEU B 199 -19.61 27.56 35.26
CA LEU B 199 -20.59 26.52 34.98
C LEU B 199 -21.89 27.11 34.47
N LYS B 200 -22.29 28.27 35.01
CA LYS B 200 -23.45 28.96 34.45
C LYS B 200 -23.23 29.34 32.99
N ASP B 201 -22.03 29.82 32.67
CA ASP B 201 -21.70 30.16 31.29
C ASP B 201 -21.68 28.92 30.40
N LEU B 202 -21.38 27.75 30.98
CA LEU B 202 -21.39 26.51 30.20
C LEU B 202 -22.77 26.21 29.65
N LYS B 203 -23.82 26.71 30.30
CA LYS B 203 -25.19 26.46 29.85
C LYS B 203 -25.45 27.22 28.56
N MET B 204 -25.64 26.47 27.46
CA MET B 204 -25.85 27.06 26.14
C MET B 204 -26.75 26.11 25.36
N HIS B 205 -26.76 26.26 24.03
CA HIS B 205 -27.55 25.42 23.12
C HIS B 205 -29.04 25.53 23.45
N LEU B 206 -29.58 26.72 23.18
CA LEU B 206 -30.99 27.04 23.34
C LEU B 206 -31.88 25.94 22.76
N PRO B 207 -33.10 25.74 23.32
CA PRO B 207 -33.90 24.56 22.97
C PRO B 207 -34.07 24.31 21.49
N HIS B 208 -34.61 25.27 20.75
CA HIS B 208 -34.96 25.08 19.34
C HIS B 208 -33.87 25.68 18.46
N TYR B 209 -33.02 24.81 17.90
CA TYR B 209 -32.02 25.19 16.91
C TYR B 209 -32.21 24.43 15.61
N TYR B 210 -33.40 23.89 15.38
CA TYR B 210 -33.67 23.02 14.23
C TYR B 210 -34.36 23.82 13.14
N GLU B 211 -33.64 24.08 12.05
CA GLU B 211 -34.23 24.62 10.83
C GLU B 211 -34.08 23.66 9.65
N SER B 212 -32.87 23.22 9.36
CA SER B 212 -32.63 22.18 8.36
C SER B 212 -31.60 21.14 8.78
N ASN B 213 -30.85 21.38 9.87
CA ASN B 213 -29.70 20.54 10.20
C ASN B 213 -30.09 19.07 10.37
N LEU B 214 -31.34 18.81 10.75
CA LEU B 214 -31.78 17.43 10.95
C LEU B 214 -31.54 16.58 9.71
N ASP B 215 -31.57 17.21 8.52
CA ASP B 215 -31.39 16.46 7.28
C ASP B 215 -30.07 15.69 7.26
N PHE B 216 -29.07 16.17 8.01
CA PHE B 216 -27.82 15.43 8.15
C PHE B 216 -27.59 14.91 9.56
N LEU B 217 -28.46 15.24 10.51
CA LEU B 217 -28.24 14.80 11.88
C LEU B 217 -28.47 13.30 12.03
N ILE B 218 -29.54 12.79 11.40
CA ILE B 218 -29.93 11.38 11.40
C ILE B 218 -29.65 10.68 12.73
N ASN B 219 -28.45 10.12 12.91
CA ASN B 219 -28.15 9.36 14.11
C ASN B 219 -28.15 10.26 15.34
N ARG B 220 -28.60 9.69 16.47
CA ARG B 220 -28.63 10.44 17.73
C ARG B 220 -27.23 10.85 18.16
N ARG B 221 -26.26 9.95 18.00
CA ARG B 221 -24.89 10.26 18.41
C ARG B 221 -24.31 11.40 17.59
N LEU B 222 -24.61 11.43 16.28
CA LEU B 222 -24.11 12.53 15.45
C LEU B 222 -24.69 13.86 15.88
N ALA B 223 -26.00 13.89 16.18
CA ALA B 223 -26.61 15.13 16.66
C ALA B 223 -26.02 15.54 18.01
N LEU B 224 -25.77 14.56 18.88
CA LEU B 224 -25.14 14.87 20.17
C LEU B 224 -23.76 15.48 19.98
N LEU B 225 -22.96 14.93 19.06
CA LEU B 225 -21.64 15.49 18.78
C LEU B 225 -21.76 16.89 18.19
N TYR B 226 -22.69 17.10 17.27
CA TYR B 226 -22.85 18.42 16.66
C TYR B 226 -23.26 19.46 17.69
N HIS B 227 -24.14 19.09 18.62
CA HIS B 227 -24.56 20.02 19.65
C HIS B 227 -23.48 20.24 20.70
N LEU B 228 -22.67 19.23 20.99
CA LEU B 228 -21.53 19.39 21.89
C LEU B 228 -20.44 20.23 21.24
N LEU B 229 -20.42 20.32 19.91
CA LEU B 229 -19.45 21.19 19.24
C LEU B 229 -19.64 22.64 19.66
N HIS B 230 -20.89 23.10 19.73
CA HIS B 230 -21.17 24.48 20.12
C HIS B 230 -21.07 24.71 21.61
N SER B 231 -20.91 23.65 22.41
CA SER B 231 -20.78 23.79 23.86
C SER B 231 -19.34 24.18 24.19
N GLU B 232 -19.02 24.19 25.48
CA GLU B 232 -17.69 24.56 25.96
C GLU B 232 -17.04 23.37 26.64
N ALA B 233 -15.70 23.40 26.67
CA ALA B 233 -14.94 22.25 27.15
C ALA B 233 -13.77 22.63 28.04
N LEU B 234 -13.78 23.82 28.62
CA LEU B 234 -12.67 24.32 29.42
C LEU B 234 -13.07 24.30 30.89
N GLU B 235 -12.27 23.59 31.71
CA GLU B 235 -12.52 23.52 33.14
C GLU B 235 -11.28 23.75 33.98
N LEU B 236 -10.11 23.94 33.35
CA LEU B 236 -8.89 24.22 34.10
C LEU B 236 -8.85 25.63 34.67
N PHE B 237 -9.78 26.49 34.26
CA PHE B 237 -9.86 27.85 34.80
C PHE B 237 -10.07 27.85 36.31
N THR B 238 -11.02 27.06 36.79
CA THR B 238 -11.52 27.18 38.15
C THR B 238 -10.48 26.84 39.22
N GLU B 239 -9.27 26.48 38.84
CA GLU B 239 -8.20 25.99 39.71
C GLU B 239 -8.54 24.63 40.32
N LYS B 240 -9.74 24.12 40.08
CA LYS B 240 -10.16 22.80 40.52
C LYS B 240 -10.93 22.15 39.38
N GLU B 241 -10.58 20.90 39.10
CA GLU B 241 -11.18 20.15 38.01
C GLU B 241 -12.51 19.53 38.44
N PHE B 242 -13.37 19.29 37.45
CA PHE B 242 -14.75 18.86 37.66
C PHE B 242 -14.95 17.44 37.15
N VAL B 243 -16.18 16.93 37.35
CA VAL B 243 -16.59 15.64 36.83
C VAL B 243 -17.99 15.81 36.23
N ILE B 244 -18.35 14.91 35.32
CA ILE B 244 -19.62 14.99 34.61
C ILE B 244 -20.37 13.67 34.76
N HIS B 245 -21.66 13.77 35.10
CA HIS B 245 -22.56 12.62 35.17
C HIS B 245 -23.72 12.88 34.22
N SER B 246 -23.91 11.99 33.24
CA SER B 246 -24.89 12.20 32.17
C SER B 246 -25.99 11.16 32.27
N TYR B 247 -27.25 11.62 32.16
CA TYR B 247 -28.40 10.74 32.14
C TYR B 247 -29.28 11.08 30.94
N THR B 248 -29.88 10.04 30.35
CA THR B 248 -30.65 10.17 29.12
C THR B 248 -32.09 9.73 29.34
N LEU B 249 -32.99 10.35 28.58
CA LEU B 249 -34.40 10.01 28.58
C LEU B 249 -34.86 9.87 27.13
N GLU B 250 -35.71 8.87 26.89
CA GLU B 250 -36.23 8.59 25.55
C GLU B 250 -37.74 8.54 25.60
N ARG B 251 -38.36 8.84 24.45
CA ARG B 251 -39.82 8.78 24.34
C ARG B 251 -40.15 8.29 22.92
N SER B 252 -40.35 6.98 22.80
CA SER B 252 -40.77 6.36 21.55
C SER B 252 -42.21 5.90 21.70
N GLY B 253 -43.10 6.45 20.89
CA GLY B 253 -44.52 6.15 21.03
C GLY B 253 -45.10 6.61 22.35
N ASN B 254 -44.71 7.80 22.82
CA ASN B 254 -45.18 8.38 24.08
C ASN B 254 -44.83 7.52 25.29
N ASN B 255 -43.76 6.74 25.21
CA ASN B 255 -43.31 5.91 26.33
C ASN B 255 -41.98 6.43 26.83
N GLN B 256 -41.94 6.91 28.07
CA GLN B 256 -40.77 7.52 28.66
C GLN B 256 -40.16 6.60 29.72
N ALA B 257 -38.84 6.47 29.70
CA ALA B 257 -38.09 5.65 30.64
C ALA B 257 -36.65 6.11 30.62
N ILE B 258 -35.76 5.37 31.29
CA ILE B 258 -34.34 5.66 31.35
C ILE B 258 -33.58 4.49 30.75
N ARG B 259 -32.67 4.80 29.82
CA ARG B 259 -31.81 3.78 29.22
C ARG B 259 -30.34 4.07 29.44
N SER B 260 -29.98 5.15 30.13
CA SER B 260 -28.58 5.46 30.41
C SER B 260 -28.54 6.41 31.60
N PHE B 261 -27.90 5.97 32.69
CA PHE B 261 -27.74 6.77 33.89
C PHE B 261 -26.30 7.15 34.18
N GLU B 262 -25.35 6.26 33.91
CA GLU B 262 -23.91 6.53 34.07
C GLU B 262 -23.20 5.89 32.89
N GLU B 263 -23.00 6.66 31.82
CA GLU B 263 -22.36 6.19 30.61
C GLU B 263 -21.21 7.13 30.26
N GLU B 264 -20.13 6.55 29.72
CA GLU B 264 -18.91 7.31 29.47
C GLU B 264 -18.87 7.99 28.11
N GLU B 265 -19.82 7.69 27.21
CA GLU B 265 -19.65 8.15 25.83
C GLU B 265 -19.74 9.67 25.73
N ILE B 266 -20.60 10.29 26.56
CA ILE B 266 -20.60 11.75 26.63
C ILE B 266 -19.25 12.26 27.13
N GLY B 267 -18.72 11.62 28.17
CA GLY B 267 -17.46 12.08 28.74
C GLY B 267 -16.29 11.96 27.78
N LYS B 268 -16.17 10.81 27.12
CA LYS B 268 -15.06 10.63 26.19
C LYS B 268 -15.24 11.48 24.93
N LEU B 269 -16.48 11.66 24.47
CA LEU B 269 -16.71 12.57 23.36
C LEU B 269 -16.33 14.00 23.73
N MET B 270 -16.66 14.42 24.96
CA MET B 270 -16.31 15.76 25.41
C MET B 270 -14.80 15.92 25.50
N ASP B 271 -14.11 14.91 26.04
CA ASP B 271 -12.65 14.98 26.11
C ASP B 271 -12.03 15.04 24.73
N PHE B 272 -12.54 14.23 23.79
CA PHE B 272 -12.03 14.25 22.43
C PHE B 272 -12.25 15.60 21.77
N LEU B 273 -13.43 16.19 21.96
CA LEU B 273 -13.68 17.53 21.44
C LEU B 273 -12.73 18.56 22.05
N TRP B 274 -12.54 18.50 23.37
CA TRP B 274 -11.66 19.46 24.03
C TRP B 274 -10.23 19.35 23.53
N LYS B 275 -9.74 18.12 23.36
CA LYS B 275 -8.38 17.92 22.87
C LYS B 275 -8.24 18.15 21.38
N LEU B 276 -9.33 18.19 20.63
CA LEU B 276 -9.25 18.47 19.20
C LEU B 276 -9.25 19.98 18.91
N LYS B 277 -10.14 20.72 19.54
CA LYS B 277 -10.28 22.15 19.25
C LYS B 277 -9.38 23.02 20.11
N ARG B 278 -8.50 22.42 20.91
CA ARG B 278 -7.54 23.21 21.68
C ARG B 278 -6.50 23.88 20.77
N ARG B 279 -6.13 23.22 19.67
CA ARG B 279 -5.12 23.76 18.76
C ARG B 279 -5.71 24.76 17.75
N ASP B 280 -7.03 24.82 17.64
CA ASP B 280 -7.74 25.86 16.89
C ASP B 280 -9.23 25.68 17.06
N PHE B 281 -9.99 26.76 16.96
CA PHE B 281 -11.45 26.67 16.97
C PHE B 281 -12.07 27.00 15.64
N TYR B 282 -11.49 27.93 14.87
CA TYR B 282 -12.05 28.27 13.58
C TYR B 282 -11.94 27.12 12.61
N HIS B 283 -10.74 26.55 12.47
CA HIS B 283 -10.54 25.44 11.55
C HIS B 283 -11.28 24.19 12.02
N ALA B 284 -11.31 23.96 13.34
CA ALA B 284 -12.05 22.81 13.87
C ALA B 284 -13.55 22.96 13.59
N ILE B 285 -14.09 24.16 13.81
CA ILE B 285 -15.51 24.39 13.56
C ILE B 285 -15.81 24.18 12.08
N LYS B 286 -14.97 24.73 11.20
CA LYS B 286 -15.18 24.57 9.77
C LYS B 286 -15.13 23.11 9.37
N PHE B 287 -14.15 22.36 9.89
CA PHE B 287 -13.98 20.96 9.55
C PHE B 287 -15.19 20.14 9.99
N ILE B 288 -15.59 20.29 11.26
CA ILE B 288 -16.71 19.51 11.77
C ILE B 288 -18.00 19.88 11.06
N ASP B 289 -18.23 21.18 10.83
CA ASP B 289 -19.44 21.61 10.14
C ASP B 289 -19.50 21.07 8.72
N ASP B 290 -18.37 21.13 7.99
CA ASP B 290 -18.36 20.64 6.62
C ASP B 290 -18.60 19.13 6.57
N LEU B 291 -17.94 18.37 7.46
CA LEU B 291 -18.14 16.93 7.45
C LEU B 291 -19.57 16.58 7.85
N LEU B 292 -20.17 17.31 8.78
CA LEU B 292 -21.55 17.05 9.13
C LEU B 292 -22.50 17.41 7.99
N LYS B 293 -22.20 18.49 7.26
CA LYS B 293 -23.07 18.93 6.18
C LYS B 293 -23.03 17.96 5.01
N LYS B 294 -21.86 17.78 4.41
CA LYS B 294 -21.75 17.00 3.18
C LYS B 294 -21.08 15.65 3.34
N ALA B 295 -20.03 15.56 4.15
CA ALA B 295 -19.31 14.30 4.32
C ALA B 295 -19.95 13.46 5.44
N THR B 296 -21.23 13.14 5.26
CA THR B 296 -21.97 12.39 6.26
C THR B 296 -21.32 11.03 6.53
N GLU B 297 -20.75 10.40 5.49
CA GLU B 297 -19.98 9.18 5.70
C GLU B 297 -18.80 9.45 6.61
N GLY B 298 -18.11 10.59 6.43
CA GLY B 298 -17.03 10.96 7.32
C GLY B 298 -17.50 11.21 8.73
N ALA B 299 -18.70 11.78 8.88
CA ALA B 299 -19.25 12.01 10.22
C ALA B 299 -19.53 10.70 10.93
N LEU B 300 -20.16 9.75 10.23
CA LEU B 300 -20.37 8.43 10.82
C LEU B 300 -19.04 7.73 11.11
N ALA B 301 -18.05 7.94 10.24
CA ALA B 301 -16.73 7.36 10.48
C ALA B 301 -16.10 7.92 11.74
N LEU B 302 -16.22 9.23 11.96
CA LEU B 302 -15.67 9.83 13.17
C LEU B 302 -16.40 9.34 14.41
N ILE B 303 -17.73 9.22 14.33
CA ILE B 303 -18.47 8.75 15.49
C ILE B 303 -18.14 7.28 15.78
N ASP B 304 -17.84 6.49 14.74
CA ASP B 304 -17.39 5.12 14.94
C ASP B 304 -15.95 5.07 15.41
N ALA B 305 -15.18 6.12 15.17
CA ALA B 305 -13.85 6.23 15.76
C ALA B 305 -13.92 6.67 17.22
N ILE B 306 -15.02 7.28 17.65
CA ILE B 306 -15.16 7.68 19.04
C ILE B 306 -15.93 6.59 19.80
N MET B 307 -17.19 6.36 19.41
CA MET B 307 -17.90 5.17 19.87
C MET B 307 -17.15 3.93 19.40
N ASN B 308 -16.79 3.05 20.34
CA ASN B 308 -15.93 1.90 20.06
C ASN B 308 -14.62 2.37 19.43
N GLU B 309 -13.86 3.08 20.25
CA GLU B 309 -12.67 3.81 19.81
C GLU B 309 -11.75 2.96 18.93
N ARG B 310 -11.64 3.35 17.67
CA ARG B 310 -10.68 2.75 16.74
C ARG B 310 -10.06 3.88 15.92
N LEU B 311 -8.73 3.97 15.94
CA LEU B 311 -8.07 5.15 15.41
C LEU B 311 -8.22 5.25 13.90
N GLU B 312 -8.17 4.12 13.19
CA GLU B 312 -8.21 4.16 11.72
C GLU B 312 -9.45 4.86 11.20
N GLY B 313 -10.57 4.77 11.94
CA GLY B 313 -11.77 5.45 11.50
C GLY B 313 -11.56 6.94 11.31
N PHE B 314 -10.81 7.57 12.22
CA PHE B 314 -10.47 8.98 12.06
C PHE B 314 -9.92 9.24 10.67
N TYR B 315 -8.95 8.41 10.24
CA TYR B 315 -8.36 8.58 8.93
C TYR B 315 -9.44 8.61 7.85
N THR B 316 -10.37 7.65 7.89
CA THR B 316 -11.40 7.61 6.87
C THR B 316 -12.22 8.88 6.89
N ALA B 317 -12.52 9.40 8.08
CA ALA B 317 -13.18 10.69 8.17
C ALA B 317 -12.36 11.77 7.47
N LEU B 318 -11.07 11.84 7.77
CA LEU B 318 -10.19 12.77 7.07
C LEU B 318 -10.22 12.51 5.57
N LYS B 319 -10.32 11.24 5.17
CA LYS B 319 -10.46 10.93 3.76
C LYS B 319 -11.69 11.61 3.19
N LEU B 320 -12.84 11.44 3.85
CA LEU B 320 -14.05 12.12 3.39
C LEU B 320 -13.90 13.63 3.47
N GLY B 321 -12.98 14.12 4.32
CA GLY B 321 -12.69 15.55 4.31
C GLY B 321 -12.23 16.03 2.96
N LYS B 322 -11.37 15.25 2.30
CA LYS B 322 -10.96 15.63 0.94
C LYS B 322 -12.13 15.51 -0.02
N LYS B 323 -13.09 14.63 0.26
CA LYS B 323 -14.31 14.58 -0.54
C LYS B 323 -15.23 15.75 -0.22
N ALA B 324 -15.04 16.40 0.92
CA ALA B 324 -15.86 17.52 1.34
C ALA B 324 -15.21 18.88 1.06
N GLY B 325 -14.01 18.89 0.49
CA GLY B 325 -13.33 20.15 0.26
C GLY B 325 -12.84 20.84 1.50
N VAL B 326 -12.62 20.08 2.59
CA VAL B 326 -12.17 20.67 3.84
C VAL B 326 -10.73 21.16 3.70
N VAL B 327 -10.44 22.30 4.33
CA VAL B 327 -9.09 22.86 4.28
C VAL B 327 -8.10 21.93 4.96
N SER B 328 -8.50 21.29 6.07
CA SER B 328 -7.66 20.35 6.82
C SER B 328 -6.35 21.03 7.25
N SER B 329 -6.51 22.00 8.15
CA SER B 329 -5.41 22.82 8.58
C SER B 329 -4.34 21.99 9.31
N ARG B 330 -3.18 22.62 9.51
CA ARG B 330 -2.04 21.91 10.10
C ARG B 330 -2.31 21.50 11.54
N GLU B 331 -2.95 22.37 12.31
CA GLU B 331 -3.14 22.12 13.74
C GLU B 331 -4.20 21.06 14.03
N ILE B 332 -5.13 20.82 13.11
CA ILE B 332 -6.17 19.83 13.35
C ILE B 332 -5.57 18.43 13.48
N VAL B 333 -4.69 18.06 12.54
CA VAL B 333 -4.08 16.74 12.59
C VAL B 333 -3.11 16.66 13.76
N ALA B 334 -2.47 17.77 14.14
CA ALA B 334 -1.62 17.77 15.32
C ALA B 334 -2.44 17.49 16.58
N ALA B 335 -3.61 18.12 16.70
CA ALA B 335 -4.49 17.86 17.83
C ALA B 335 -4.97 16.41 17.82
N LEU B 336 -5.29 15.88 16.64
CA LEU B 336 -5.71 14.49 16.55
C LEU B 336 -4.59 13.55 16.99
N GLU B 337 -3.36 13.83 16.59
CA GLU B 337 -2.22 13.02 17.02
C GLU B 337 -2.03 13.13 18.53
N ASP B 338 -2.22 14.32 19.10
CA ASP B 338 -2.14 14.48 20.54
C ASP B 338 -3.22 13.66 21.24
N ILE B 339 -4.40 13.57 20.64
CA ILE B 339 -5.45 12.69 21.14
C ILE B 339 -4.99 11.24 21.07
N ILE B 340 -4.28 10.89 19.99
CA ILE B 340 -3.81 9.52 19.80
C ILE B 340 -2.85 9.11 20.91
N CYS B 341 -1.94 10.01 21.28
CA CYS B 341 -0.91 9.73 22.29
C CYS B 341 -0.04 8.55 21.88
N GLY C 2 7.32 13.87 17.98
CA GLY C 2 8.33 14.46 17.11
C GLY C 2 8.48 13.72 15.80
N TRP C 3 9.30 14.29 14.91
CA TRP C 3 9.59 13.74 13.57
C TRP C 3 8.32 13.28 12.85
N ILE C 4 7.20 13.95 13.11
CA ILE C 4 5.95 13.60 12.46
C ILE C 4 5.60 14.67 11.43
N ARG C 5 6.04 15.90 11.69
CA ARG C 5 5.70 17.01 10.80
C ARG C 5 6.22 16.77 9.39
N ASN C 6 7.51 16.44 9.25
CA ASN C 6 8.11 16.31 7.93
C ASN C 6 7.59 15.08 7.20
N ILE C 7 7.45 13.95 7.89
CA ILE C 7 6.95 12.76 7.22
C ILE C 7 5.50 12.96 6.77
N GLY C 8 4.69 13.61 7.61
CA GLY C 8 3.33 13.92 7.19
C GLY C 8 3.29 14.87 6.00
N ARG C 9 4.16 15.88 6.00
CA ARG C 9 4.19 16.83 4.89
C ARG C 9 4.59 16.15 3.59
N TYR C 10 5.60 15.26 3.64
CA TYR C 10 6.07 14.59 2.44
C TYR C 10 5.21 13.40 2.05
N LEU C 11 4.33 12.93 2.93
CA LEU C 11 3.38 11.88 2.60
C LEU C 11 2.06 12.44 2.08
N SER C 12 1.72 13.68 2.47
CA SER C 12 0.49 14.31 1.99
C SER C 12 0.55 14.70 0.53
N TYR C 13 1.73 14.68 -0.09
CA TYR C 13 1.84 15.07 -1.49
C TYR C 13 1.13 14.10 -2.41
N LEU C 14 1.04 12.83 -2.03
CA LEU C 14 0.38 11.84 -2.88
C LEU C 14 -1.09 12.16 -3.06
N VAL C 15 -1.77 12.55 -1.98
CA VAL C 15 -3.21 12.79 -2.01
C VAL C 15 -3.53 14.26 -2.25
N ASP C 16 -2.52 15.12 -2.37
CA ASP C 16 -2.74 16.54 -2.55
C ASP C 16 -3.41 16.80 -3.90
N ASP C 17 -4.22 17.88 -3.94
CA ASP C 17 -4.99 18.19 -5.14
C ASP C 17 -4.10 18.60 -6.31
N THR C 18 -3.03 19.35 -6.04
CA THR C 18 -2.19 19.87 -7.12
C THR C 18 -1.46 18.77 -7.88
N PHE C 19 -1.35 17.58 -7.31
CA PHE C 19 -0.76 16.43 -8.00
C PHE C 19 -1.89 15.52 -8.47
N GLU C 20 -2.02 15.39 -9.79
CA GLU C 20 -3.15 14.67 -10.39
C GLU C 20 -2.82 13.19 -10.56
N GLU C 21 -2.43 12.56 -9.45
CA GLU C 21 -2.23 11.12 -9.44
C GLU C 21 -3.05 10.50 -8.31
N TYR C 22 -3.14 11.20 -7.18
CA TYR C 22 -4.04 10.86 -6.08
C TYR C 22 -3.83 9.42 -5.60
N ALA C 23 -2.64 9.19 -5.05
CA ALA C 23 -2.31 7.86 -4.56
C ALA C 23 -3.07 7.57 -3.26
N TYR C 24 -4.39 7.38 -3.38
CA TYR C 24 -5.22 7.08 -2.22
C TYR C 24 -4.91 5.69 -1.67
N ASP C 25 -4.50 4.77 -2.53
CA ASP C 25 -4.25 3.38 -2.12
C ASP C 25 -3.09 3.29 -1.14
N VAL C 26 -2.02 4.03 -1.38
CA VAL C 26 -0.85 3.99 -0.50
C VAL C 26 -1.22 4.48 0.89
N VAL C 27 -1.94 5.59 0.96
CA VAL C 27 -2.34 6.14 2.25
C VAL C 27 -3.34 5.21 2.93
N ASP C 28 -4.21 4.56 2.15
CA ASP C 28 -5.12 3.57 2.71
C ASP C 28 -4.37 2.42 3.34
N GLY C 29 -3.33 1.92 2.66
CA GLY C 29 -2.54 0.83 3.21
C GLY C 29 -1.77 1.25 4.45
N ILE C 30 -1.25 2.48 4.46
CA ILE C 30 -0.52 2.97 5.63
C ILE C 30 -1.47 3.13 6.82
N ALA C 31 -2.70 3.59 6.57
CA ALA C 31 -3.63 3.96 7.63
C ALA C 31 -3.96 2.81 8.56
N LYS C 32 -4.64 1.79 8.04
CA LYS C 32 -5.07 0.64 8.85
C LYS C 32 -4.12 -0.51 8.54
N ALA C 33 -3.00 -0.54 9.25
CA ALA C 33 -1.97 -1.57 9.08
C ALA C 33 -1.80 -2.29 10.41
N ARG C 34 -2.23 -3.55 10.47
CA ARG C 34 -2.16 -4.32 11.72
C ARG C 34 -0.74 -4.74 12.05
N THR C 35 0.16 -4.78 11.08
CA THR C 35 1.54 -5.17 11.31
C THR C 35 2.48 -4.12 10.73
N GLN C 36 3.70 -4.09 11.26
CA GLN C 36 4.67 -3.08 10.88
C GLN C 36 5.11 -3.21 9.43
N GLU C 37 5.19 -4.44 8.92
CA GLU C 37 5.75 -4.64 7.58
C GLU C 37 4.91 -3.98 6.50
N GLU C 38 3.58 -4.01 6.64
CA GLU C 38 2.73 -3.45 5.60
C GLU C 38 2.69 -1.92 5.64
N LEU C 39 2.74 -1.31 6.83
CA LEU C 39 2.85 0.15 6.87
C LEU C 39 4.22 0.59 6.36
N LEU C 40 5.25 -0.20 6.63
CA LEU C 40 6.57 0.08 6.06
C LEU C 40 6.53 -0.01 4.54
N GLU C 41 5.82 -1.01 4.01
CA GLU C 41 5.63 -1.12 2.56
C GLU C 41 4.89 0.09 2.01
N GLY C 42 3.88 0.56 2.74
CA GLY C 42 3.14 1.73 2.29
C GLY C 42 4.00 2.98 2.22
N VAL C 43 4.78 3.23 3.27
CA VAL C 43 5.65 4.41 3.23
C VAL C 43 6.77 4.22 2.22
N TYR C 44 7.18 2.98 1.96
CA TYR C 44 8.13 2.73 0.87
C TYR C 44 7.52 3.07 -0.47
N LYS C 45 6.26 2.71 -0.69
CA LYS C 45 5.58 3.08 -1.92
C LYS C 45 5.45 4.59 -2.04
N ALA C 46 5.22 5.27 -0.92
CA ALA C 46 5.20 6.72 -0.92
C ALA C 46 6.54 7.28 -1.36
N LEU C 47 7.64 6.76 -0.79
CA LEU C 47 8.97 7.25 -1.17
C LEU C 47 9.31 6.88 -2.62
N ARG C 48 8.77 5.77 -3.11
CA ARG C 48 8.97 5.35 -4.50
C ARG C 48 8.22 6.25 -5.47
N LEU C 49 7.03 6.71 -5.09
CA LEU C 49 6.29 7.66 -5.92
C LEU C 49 6.80 9.08 -5.76
N ALA C 50 7.57 9.36 -4.71
CA ALA C 50 8.10 10.70 -4.50
C ALA C 50 8.89 11.26 -5.68
N PRO C 51 9.79 10.50 -6.34
CA PRO C 51 10.45 11.08 -7.53
C PRO C 51 9.47 11.48 -8.63
N LYS C 52 8.38 10.75 -8.81
CA LYS C 52 7.37 11.15 -9.78
C LYS C 52 6.74 12.48 -9.40
N LEU C 53 6.44 12.66 -8.11
CA LEU C 53 5.89 13.94 -7.65
C LEU C 53 6.90 15.07 -7.85
N LYS C 54 8.18 14.81 -7.58
CA LYS C 54 9.19 15.83 -7.79
C LYS C 54 9.29 16.20 -9.27
N LYS C 55 9.26 15.20 -10.15
CA LYS C 55 9.34 15.46 -11.58
C LYS C 55 8.15 16.28 -12.07
N LYS C 56 6.94 15.90 -11.64
CA LYS C 56 5.77 16.65 -12.08
C LYS C 56 5.74 18.05 -11.48
N ALA C 57 6.26 18.23 -10.27
CA ALA C 57 6.34 19.55 -9.66
C ALA C 57 7.30 20.45 -10.42
N GLU C 58 8.48 19.94 -10.76
CA GLU C 58 9.44 20.75 -11.50
C GLU C 58 9.01 20.97 -12.94
N SER C 59 8.18 20.08 -13.50
CA SER C 59 7.63 20.31 -14.83
C SER C 59 6.55 21.38 -14.79
N LYS C 60 5.70 21.36 -13.77
CA LYS C 60 4.63 22.35 -13.68
C LYS C 60 5.17 23.73 -13.33
N GLY C 61 6.08 23.80 -12.37
CA GLY C 61 6.64 25.07 -11.94
C GLY C 61 6.62 25.25 -10.44
N CYS C 62 5.81 24.45 -9.75
CA CYS C 62 5.78 24.52 -8.29
C CYS C 62 7.08 23.98 -7.72
N PRO C 63 7.47 24.43 -6.53
CA PRO C 63 8.71 23.95 -5.91
C PRO C 63 8.68 22.45 -5.73
N PRO C 64 9.78 21.76 -6.07
CA PRO C 64 9.78 20.30 -6.00
C PRO C 64 9.76 19.83 -4.55
N PRO C 65 9.11 18.72 -4.26
CA PRO C 65 9.19 18.14 -2.92
C PRO C 65 10.59 17.64 -2.62
N ARG C 66 10.91 17.59 -1.33
CA ARG C 66 12.21 17.14 -0.86
C ARG C 66 12.07 15.82 -0.12
N ILE C 67 13.08 14.97 -0.27
CA ILE C 67 13.09 13.67 0.39
C ILE C 67 13.11 13.86 1.90
N PRO C 68 12.39 13.07 2.69
CA PRO C 68 12.41 13.24 4.14
C PRO C 68 13.82 13.10 4.71
N SER C 69 14.08 13.85 5.77
CA SER C 69 15.40 13.90 6.36
C SER C 69 15.80 12.52 6.88
N PRO C 70 17.08 12.16 6.82
CA PRO C 70 17.50 10.84 7.30
C PRO C 70 17.20 10.60 8.77
N GLU C 71 17.28 11.64 9.61
CA GLU C 71 17.00 11.47 11.03
C GLU C 71 15.56 11.03 11.26
N ASP C 72 14.64 11.47 10.40
CA ASP C 72 13.26 11.01 10.47
C ASP C 72 13.19 9.50 10.26
N ILE C 73 13.92 9.00 9.26
CA ILE C 73 13.95 7.56 9.01
C ILE C 73 14.59 6.82 10.18
N GLU C 74 15.65 7.39 10.77
CA GLU C 74 16.28 6.77 11.92
C GLU C 74 15.31 6.66 13.08
N ALA C 75 14.56 7.73 13.35
CA ALA C 75 13.58 7.71 14.43
C ALA C 75 12.48 6.70 14.16
N LEU C 76 11.98 6.65 12.92
CA LEU C 76 10.95 5.69 12.57
C LEU C 76 11.45 4.26 12.76
N GLU C 77 12.67 3.98 12.32
CA GLU C 77 13.22 2.63 12.45
C GLU C 77 13.45 2.26 13.92
N GLU C 78 13.98 3.18 14.72
CA GLU C 78 14.23 2.84 16.12
C GLU C 78 12.96 2.81 16.95
N LYS C 79 11.86 3.39 16.46
CA LYS C 79 10.59 3.27 17.18
C LYS C 79 9.77 2.07 16.72
N VAL C 80 9.92 1.64 15.47
CA VAL C 80 9.08 0.56 14.96
C VAL C 80 9.50 -0.80 15.52
N GLU C 81 10.75 -0.94 15.95
CA GLU C 81 11.23 -2.24 16.42
C GLU C 81 10.48 -2.68 17.67
N GLN C 82 10.34 -1.80 18.65
CA GLN C 82 9.69 -2.16 19.92
C GLN C 82 8.19 -1.90 19.88
N LEU C 83 7.53 -2.36 18.82
CA LEU C 83 6.07 -2.34 18.73
C LEU C 83 5.50 -3.71 19.10
N SER C 84 5.83 -4.14 20.31
CA SER C 84 5.37 -5.45 20.77
C SER C 84 3.84 -5.51 20.85
N ASN C 85 3.22 -4.47 21.40
CA ASN C 85 1.77 -4.42 21.41
C ASN C 85 1.27 -3.85 20.08
N PRO C 86 0.23 -4.45 19.49
CA PRO C 86 -0.31 -3.90 18.24
C PRO C 86 -0.91 -2.51 18.39
N LYS C 87 -1.29 -2.10 19.61
CA LYS C 87 -1.98 -0.84 19.80
C LYS C 87 -1.09 0.34 19.43
N ASP C 88 0.17 0.33 19.88
CA ASP C 88 1.08 1.42 19.55
C ASP C 88 1.39 1.46 18.06
N LEU C 89 1.51 0.29 17.44
CA LEU C 89 1.72 0.23 15.99
C LEU C 89 0.55 0.85 15.23
N ARG C 90 -0.68 0.51 15.65
CA ARG C 90 -1.86 1.11 15.04
C ARG C 90 -1.88 2.62 15.27
N LYS C 91 -1.50 3.06 16.47
CA LYS C 91 -1.46 4.48 16.76
C LYS C 91 -0.51 5.22 15.82
N LEU C 92 0.69 4.66 15.64
CA LEU C 92 1.67 5.27 14.75
C LEU C 92 1.17 5.31 13.31
N ALA C 93 0.60 4.19 12.83
CA ALA C 93 0.11 4.14 11.46
C ALA C 93 -1.01 5.16 11.23
N VAL C 94 -1.95 5.25 12.18
CA VAL C 94 -3.06 6.18 12.04
C VAL C 94 -2.57 7.62 12.14
N SER C 95 -1.58 7.89 12.98
CA SER C 95 -1.02 9.23 13.05
C SER C 95 -0.37 9.62 11.73
N LEU C 96 0.38 8.71 11.13
CA LEU C 96 0.96 8.98 9.81
C LEU C 96 -0.12 9.23 8.77
N ALA C 97 -1.19 8.42 8.79
CA ALA C 97 -2.28 8.62 7.85
C ALA C 97 -2.96 9.97 8.06
N LEU C 98 -3.18 10.36 9.30
CA LEU C 98 -3.79 11.65 9.59
C LEU C 98 -2.93 12.79 9.08
N TRP C 99 -1.62 12.74 9.35
CA TRP C 99 -0.75 13.79 8.85
C TRP C 99 -0.53 13.70 7.35
N ALA C 100 -0.96 12.61 6.72
CA ALA C 100 -1.01 12.56 5.25
C ALA C 100 -2.18 13.34 4.68
N PHE C 101 -3.11 13.80 5.51
CA PHE C 101 -4.26 14.58 5.08
C PHE C 101 -4.21 15.93 5.78
N ALA C 102 -3.53 16.90 5.17
CA ALA C 102 -3.40 18.23 5.74
C ALA C 102 -3.13 19.23 4.64
N SER C 103 -3.34 20.50 4.96
CA SER C 103 -3.09 21.57 4.00
C SER C 103 -1.62 21.99 4.05
N TRP C 104 -1.02 22.15 2.87
CA TRP C 104 0.37 22.56 2.77
C TRP C 104 0.51 23.55 1.63
N ASN C 105 1.49 24.45 1.77
CA ASN C 105 1.75 25.48 0.76
C ASN C 105 2.62 24.88 -0.33
N ASN C 106 1.98 24.27 -1.33
CA ASN C 106 2.70 23.62 -2.42
C ASN C 106 2.94 24.57 -3.59
N CYS C 107 1.87 25.11 -4.16
CA CYS C 107 1.96 26.01 -5.31
C CYS C 107 1.48 27.39 -4.92
N PRO C 108 2.38 28.36 -4.68
CA PRO C 108 2.02 29.73 -4.31
C PRO C 108 1.22 30.44 -5.40
N GLY D 1 22.47 -2.40 14.35
CA GLY D 1 23.56 -1.69 15.01
C GLY D 1 24.72 -1.37 14.09
N GLY D 2 24.63 -0.22 13.41
CA GLY D 2 25.69 0.21 12.52
C GLY D 2 25.34 0.05 11.06
N TRP D 3 24.65 -1.04 10.72
CA TRP D 3 24.28 -1.28 9.33
C TRP D 3 23.26 -0.27 8.83
N ILE D 4 22.46 0.30 9.73
CA ILE D 4 21.38 1.20 9.33
C ILE D 4 21.94 2.41 8.57
N ARG D 5 22.81 3.17 9.22
CA ARG D 5 23.29 4.42 8.64
C ARG D 5 24.10 4.16 7.37
N ASN D 6 24.97 3.15 7.39
CA ASN D 6 25.83 2.92 6.23
C ASN D 6 25.02 2.41 5.03
N ILE D 7 24.06 1.51 5.28
CA ILE D 7 23.20 1.03 4.21
C ILE D 7 22.39 2.19 3.65
N GLY D 8 21.87 3.06 4.52
CA GLY D 8 21.16 4.23 4.04
C GLY D 8 22.03 5.13 3.19
N ARG D 9 23.27 5.38 3.63
CA ARG D 9 24.19 6.21 2.84
C ARG D 9 24.41 5.61 1.45
N TYR D 10 24.75 4.33 1.39
CA TYR D 10 25.07 3.71 0.11
C TYR D 10 23.86 3.66 -0.81
N LEU D 11 22.69 3.27 -0.28
CA LEU D 11 21.50 3.19 -1.11
C LEU D 11 21.07 4.57 -1.59
N SER D 12 21.17 5.58 -0.73
CA SER D 12 20.88 6.95 -1.16
C SER D 12 21.83 7.37 -2.29
N TYR D 13 23.13 7.13 -2.11
CA TYR D 13 24.08 7.44 -3.18
C TYR D 13 23.72 6.74 -4.47
N LEU D 14 23.18 5.52 -4.37
CA LEU D 14 22.72 4.82 -5.56
C LEU D 14 21.47 5.47 -6.16
N VAL D 15 20.62 6.07 -5.32
CA VAL D 15 19.33 6.55 -5.78
C VAL D 15 19.26 8.09 -5.87
N ASP D 16 20.06 8.81 -5.08
CA ASP D 16 19.90 10.26 -4.97
C ASP D 16 20.18 10.99 -6.29
N ASP D 17 19.96 12.30 -6.28
CA ASP D 17 20.12 13.13 -7.47
C ASP D 17 21.60 13.42 -7.71
N THR D 18 21.88 14.35 -8.63
CA THR D 18 23.23 14.74 -9.01
C THR D 18 24.05 13.56 -9.52
N PHE D 19 23.38 12.53 -10.05
CA PHE D 19 24.04 11.37 -10.62
C PHE D 19 23.52 10.97 -11.98
N GLU D 20 22.27 11.30 -12.31
CA GLU D 20 21.63 10.94 -13.58
C GLU D 20 21.59 9.43 -13.81
N GLU D 21 21.76 8.64 -12.76
CA GLU D 21 21.69 7.18 -12.82
C GLU D 21 20.72 6.75 -11.73
N TYR D 22 19.44 6.68 -12.07
CA TYR D 22 18.36 6.45 -11.12
C TYR D 22 17.91 4.99 -11.28
N ALA D 23 18.55 4.09 -10.53
CA ALA D 23 18.26 2.67 -10.63
C ALA D 23 17.24 2.30 -9.57
N TYR D 24 15.96 2.20 -9.98
CA TYR D 24 14.90 1.77 -9.08
C TYR D 24 14.59 0.29 -9.18
N ASP D 25 15.04 -0.39 -10.24
CA ASP D 25 14.79 -1.81 -10.37
C ASP D 25 15.45 -2.60 -9.23
N VAL D 26 16.65 -2.20 -8.85
CA VAL D 26 17.32 -2.84 -7.71
C VAL D 26 16.56 -2.57 -6.42
N VAL D 27 16.06 -1.34 -6.25
CA VAL D 27 15.29 -1.01 -5.05
C VAL D 27 14.01 -1.83 -5.00
N ASP D 28 13.32 -1.97 -6.14
CA ASP D 28 12.10 -2.76 -6.18
C ASP D 28 12.40 -4.23 -5.90
N GLY D 29 13.51 -4.75 -6.43
CA GLY D 29 13.89 -6.12 -6.15
C GLY D 29 14.18 -6.34 -4.68
N ILE D 30 14.87 -5.40 -4.05
CA ILE D 30 15.13 -5.50 -2.61
C ILE D 30 13.82 -5.47 -1.83
N ALA D 31 12.92 -4.55 -2.19
CA ALA D 31 11.66 -4.41 -1.45
C ALA D 31 10.79 -5.65 -1.59
N LYS D 32 10.37 -5.96 -2.82
CA LYS D 32 9.43 -7.04 -3.06
C LYS D 32 10.20 -8.35 -3.21
N ALA D 33 10.52 -8.94 -2.06
CA ALA D 33 11.24 -10.22 -2.01
C ALA D 33 10.73 -10.99 -0.79
N ARG D 34 9.77 -11.89 -1.01
CA ARG D 34 9.25 -12.71 0.08
C ARG D 34 10.34 -13.63 0.63
N THR D 35 11.16 -14.20 -0.24
CA THR D 35 12.25 -15.06 0.16
C THR D 35 13.56 -14.28 0.22
N GLN D 36 14.52 -14.84 0.94
CA GLN D 36 15.78 -14.14 1.19
C GLN D 36 16.70 -14.10 -0.03
N GLU D 37 16.56 -15.06 -0.96
CA GLU D 37 17.48 -15.12 -2.08
C GLU D 37 17.40 -13.86 -2.94
N GLU D 38 16.18 -13.37 -3.22
CA GLU D 38 16.05 -12.22 -4.09
C GLU D 38 16.45 -10.93 -3.39
N LEU D 39 16.22 -10.86 -2.06
CA LEU D 39 16.76 -9.73 -1.30
C LEU D 39 18.29 -9.71 -1.38
N LEU D 40 18.92 -10.87 -1.26
CA LEU D 40 20.37 -10.94 -1.38
C LEU D 40 20.83 -10.54 -2.78
N GLU D 41 20.13 -10.99 -3.82
CA GLU D 41 20.50 -10.57 -5.18
C GLU D 41 20.36 -9.06 -5.34
N GLY D 42 19.29 -8.48 -4.80
CA GLY D 42 19.11 -7.04 -4.92
C GLY D 42 20.20 -6.25 -4.23
N VAL D 43 20.54 -6.64 -2.99
CA VAL D 43 21.60 -5.92 -2.28
C VAL D 43 22.94 -6.16 -2.95
N TYR D 44 23.16 -7.35 -3.51
CA TYR D 44 24.40 -7.61 -4.23
C TYR D 44 24.51 -6.73 -5.47
N LYS D 45 23.42 -6.56 -6.21
CA LYS D 45 23.44 -5.69 -7.38
C LYS D 45 23.68 -4.24 -6.98
N ALA D 46 23.05 -3.81 -5.88
CA ALA D 46 23.29 -2.45 -5.39
C ALA D 46 24.75 -2.24 -5.05
N LEU D 47 25.36 -3.21 -4.37
CA LEU D 47 26.79 -3.13 -4.06
C LEU D 47 27.65 -3.18 -5.32
N ARG D 48 27.21 -3.96 -6.31
CA ARG D 48 27.96 -4.06 -7.57
C ARG D 48 27.98 -2.74 -8.33
N LEU D 49 26.89 -1.95 -8.26
CA LEU D 49 26.88 -0.66 -8.95
C LEU D 49 27.63 0.37 -8.09
N ALA D 50 28.78 -0.04 -7.57
CA ALA D 50 29.70 0.85 -6.88
C ALA D 50 30.68 1.57 -7.83
N PRO D 51 31.35 0.87 -8.76
CA PRO D 51 32.32 1.57 -9.62
C PRO D 51 31.72 2.70 -10.44
N LYS D 52 30.48 2.56 -10.91
CA LYS D 52 29.84 3.64 -11.63
C LYS D 52 29.73 4.88 -10.75
N LEU D 53 29.27 4.70 -9.51
CA LEU D 53 29.12 5.83 -8.60
C LEU D 53 30.48 6.47 -8.31
N LYS D 54 31.51 5.65 -8.07
CA LYS D 54 32.83 6.21 -7.80
C LYS D 54 33.36 7.00 -9.00
N LYS D 55 33.24 6.44 -10.20
CA LYS D 55 33.75 7.12 -11.39
C LYS D 55 33.00 8.42 -11.64
N LYS D 56 31.67 8.40 -11.49
CA LYS D 56 30.89 9.61 -11.69
C LYS D 56 31.23 10.68 -10.65
N ALA D 57 31.40 10.27 -9.39
CA ALA D 57 31.77 11.22 -8.35
C ALA D 57 33.14 11.84 -8.63
N GLU D 58 34.10 11.03 -9.08
CA GLU D 58 35.40 11.56 -9.42
C GLU D 58 35.32 12.50 -10.62
N SER D 59 34.48 12.17 -11.60
CA SER D 59 34.39 13.00 -12.80
C SER D 59 33.73 14.35 -12.52
N LYS D 60 32.64 14.35 -11.76
CA LYS D 60 31.89 15.57 -11.51
C LYS D 60 32.30 16.28 -10.23
N GLY D 61 33.30 15.78 -9.51
CA GLY D 61 33.79 16.42 -8.32
C GLY D 61 33.00 16.14 -7.06
N CYS D 62 32.00 15.27 -7.12
CA CYS D 62 31.25 14.91 -5.93
C CYS D 62 32.11 14.10 -4.96
N PRO D 63 31.79 14.13 -3.68
CA PRO D 63 32.53 13.31 -2.73
C PRO D 63 32.40 11.85 -3.06
N PRO D 64 33.45 11.06 -2.80
CA PRO D 64 33.40 9.64 -3.15
C PRO D 64 32.28 8.92 -2.42
N PRO D 65 31.63 7.96 -3.07
CA PRO D 65 30.53 7.24 -2.43
C PRO D 65 31.07 6.17 -1.48
N ARG D 66 30.79 6.34 -0.19
CA ARG D 66 31.30 5.42 0.80
C ARG D 66 30.65 4.05 0.65
N ILE D 67 31.45 3.00 0.89
CA ILE D 67 31.00 1.62 0.75
C ILE D 67 30.71 1.08 2.14
N PRO D 68 29.63 0.32 2.34
CA PRO D 68 29.29 -0.17 3.68
C PRO D 68 30.41 -1.03 4.26
N SER D 69 30.56 -0.92 5.58
CA SER D 69 31.64 -1.58 6.29
C SER D 69 31.47 -3.10 6.25
N PRO D 70 32.56 -3.85 6.31
CA PRO D 70 32.43 -5.33 6.36
C PRO D 70 31.63 -5.83 7.53
N GLU D 71 31.68 -5.17 8.69
CA GLU D 71 30.86 -5.57 9.81
C GLU D 71 29.37 -5.43 9.50
N ASP D 72 29.02 -4.45 8.66
CA ASP D 72 27.64 -4.30 8.24
C ASP D 72 27.19 -5.51 7.42
N ILE D 73 28.06 -5.98 6.52
CA ILE D 73 27.78 -7.19 5.75
C ILE D 73 27.68 -8.39 6.69
N GLU D 74 28.55 -8.44 7.71
CA GLU D 74 28.45 -9.51 8.71
C GLU D 74 27.07 -9.53 9.35
N ALA D 75 26.63 -8.38 9.86
CA ALA D 75 25.33 -8.31 10.52
C ALA D 75 24.21 -8.66 9.57
N LEU D 76 24.31 -8.21 8.32
CA LEU D 76 23.30 -8.57 7.32
C LEU D 76 23.21 -10.08 7.15
N GLU D 77 24.36 -10.74 7.00
CA GLU D 77 24.36 -12.18 6.82
C GLU D 77 23.80 -12.90 8.04
N GLU D 78 24.17 -12.46 9.25
CA GLU D 78 23.66 -13.11 10.45
C GLU D 78 22.15 -12.96 10.56
N LYS D 79 21.62 -11.75 10.36
CA LYS D 79 20.17 -11.61 10.57
C LYS D 79 19.37 -12.22 9.42
N VAL D 80 19.93 -12.29 8.22
CA VAL D 80 19.23 -12.99 7.15
C VAL D 80 19.22 -14.50 7.40
N GLU D 81 20.37 -15.06 7.79
CA GLU D 81 20.44 -16.50 7.99
C GLU D 81 19.70 -16.95 9.24
N GLN D 82 19.76 -16.18 10.32
CA GLN D 82 19.15 -16.59 11.59
C GLN D 82 17.65 -16.36 11.64
N LEU D 83 17.08 -15.62 10.69
CA LEU D 83 15.65 -15.33 10.65
C LEU D 83 15.05 -16.03 9.44
N SER D 84 14.62 -17.28 9.64
CA SER D 84 13.93 -18.02 8.59
C SER D 84 12.47 -17.62 8.44
N ASN D 85 11.94 -16.86 9.38
CA ASN D 85 10.55 -16.40 9.30
C ASN D 85 10.43 -15.37 8.18
N PRO D 86 9.53 -15.56 7.21
CA PRO D 86 9.37 -14.56 6.15
C PRO D 86 8.93 -13.20 6.66
N LYS D 87 8.31 -13.12 7.84
CA LYS D 87 7.85 -11.84 8.36
C LYS D 87 9.02 -10.89 8.63
N ASP D 88 9.97 -11.31 9.46
CA ASP D 88 11.12 -10.47 9.77
C ASP D 88 11.97 -10.22 8.54
N LEU D 89 12.05 -11.21 7.65
CA LEU D 89 12.79 -11.03 6.40
C LEU D 89 12.18 -9.92 5.55
N ARG D 90 10.84 -9.92 5.40
CA ARG D 90 10.16 -8.86 4.68
C ARG D 90 10.35 -7.52 5.39
N LYS D 91 10.30 -7.51 6.71
CA LYS D 91 10.51 -6.28 7.46
C LYS D 91 11.89 -5.69 7.18
N LEU D 92 12.92 -6.54 7.21
CA LEU D 92 14.28 -6.08 6.92
C LEU D 92 14.41 -5.59 5.49
N ALA D 93 13.84 -6.32 4.53
CA ALA D 93 13.93 -5.91 3.13
C ALA D 93 13.24 -4.57 2.92
N VAL D 94 12.06 -4.38 3.51
CA VAL D 94 11.35 -3.11 3.34
C VAL D 94 12.06 -1.99 4.08
N SER D 95 12.73 -2.28 5.20
CA SER D 95 13.54 -1.27 5.86
C SER D 95 14.69 -0.82 4.97
N LEU D 96 15.35 -1.78 4.31
CA LEU D 96 16.39 -1.42 3.35
C LEU D 96 15.82 -0.58 2.21
N ALA D 97 14.64 -0.95 1.71
CA ALA D 97 14.01 -0.18 0.65
C ALA D 97 13.68 1.24 1.10
N LEU D 98 13.22 1.40 2.35
CA LEU D 98 13.01 2.72 2.90
C LEU D 98 14.30 3.51 2.96
N TRP D 99 15.38 2.89 3.41
CA TRP D 99 16.66 3.57 3.46
C TRP D 99 17.24 3.83 2.07
N ALA D 100 16.68 3.22 1.03
CA ALA D 100 17.09 3.54 -0.33
C ALA D 100 16.75 4.98 -0.72
N PHE D 101 15.77 5.59 -0.05
CA PHE D 101 15.35 6.96 -0.33
C PHE D 101 15.61 7.79 0.92
N ALA D 102 16.69 8.59 0.89
CA ALA D 102 17.03 9.45 2.02
C ALA D 102 17.81 10.65 1.49
N SER D 103 17.53 11.82 2.07
CA SER D 103 18.18 13.06 1.66
C SER D 103 19.35 13.33 2.59
N TRP D 104 20.45 12.61 2.36
CA TRP D 104 21.66 12.77 3.15
C TRP D 104 22.43 13.99 2.67
N ASN D 105 23.66 14.15 3.16
CA ASN D 105 24.52 15.25 2.72
C ASN D 105 25.01 14.99 1.30
N ASN D 106 24.31 15.55 0.32
CA ASN D 106 24.62 15.32 -1.09
C ASN D 106 25.79 16.21 -1.51
N CYS D 107 26.04 16.29 -2.81
CA CYS D 107 27.12 17.12 -3.32
C CYS D 107 26.82 18.59 -3.03
N PRO D 108 27.81 19.37 -2.59
CA PRO D 108 27.64 20.80 -2.30
C PRO D 108 27.26 21.61 -3.53
N MET E 1 -25.29 -31.40 46.51
CA MET E 1 -26.38 -30.53 46.95
C MET E 1 -25.95 -29.06 46.92
N TYR E 2 -25.32 -28.61 47.99
CA TYR E 2 -24.85 -27.24 48.10
C TYR E 2 -23.55 -27.11 47.32
N VAL E 3 -23.56 -26.34 46.24
CA VAL E 3 -22.45 -26.29 45.29
C VAL E 3 -22.02 -24.84 45.10
N ARG E 4 -20.72 -24.61 44.96
CA ARG E 4 -20.18 -23.30 44.63
C ARG E 4 -19.10 -23.49 43.57
N ILE E 5 -19.35 -22.96 42.37
CA ILE E 5 -18.41 -23.10 41.27
C ILE E 5 -17.86 -21.72 40.92
N SER E 6 -16.64 -21.71 40.38
CA SER E 6 -16.03 -20.47 39.92
C SER E 6 -14.88 -20.82 38.98
N GLY E 7 -14.35 -19.80 38.33
CA GLY E 7 -13.17 -20.00 37.51
C GLY E 7 -13.08 -18.98 36.39
N ARG E 8 -12.28 -19.33 35.39
CA ARG E 8 -11.93 -18.46 34.28
C ARG E 8 -12.37 -19.09 32.96
N ILE E 9 -13.01 -18.28 32.11
CA ILE E 9 -13.51 -18.70 30.81
C ILE E 9 -13.17 -17.60 29.80
N ARG E 10 -12.58 -17.98 28.67
CA ARG E 10 -12.23 -17.01 27.64
C ARG E 10 -13.33 -16.99 26.58
N LEU E 11 -13.88 -15.81 26.32
CA LEU E 11 -15.00 -15.63 25.41
C LEU E 11 -14.61 -14.64 24.32
N ASN E 12 -15.02 -14.93 23.09
CA ASN E 12 -14.68 -14.10 21.95
C ASN E 12 -15.91 -13.86 21.08
N ALA E 13 -16.06 -12.63 20.60
CA ALA E 13 -17.08 -12.27 19.60
C ALA E 13 -18.49 -12.62 20.09
N HIS E 14 -18.90 -11.97 21.16
CA HIS E 14 -20.22 -12.20 21.74
C HIS E 14 -20.87 -10.88 22.09
N SER E 15 -22.12 -10.70 21.65
CA SER E 15 -22.91 -9.53 22.02
C SER E 15 -23.88 -9.87 23.16
N LEU E 16 -23.30 -10.21 24.31
CA LEU E 16 -24.07 -10.55 25.48
C LEU E 16 -24.33 -9.29 26.31
N ASN E 17 -25.57 -9.16 26.79
CA ASN E 17 -25.99 -8.02 27.61
C ASN E 17 -25.81 -6.70 26.85
N ALA E 18 -26.50 -6.61 25.71
CA ALA E 18 -26.46 -5.38 24.92
C ALA E 18 -27.43 -4.36 25.50
N GLN E 19 -27.42 -3.16 24.92
CA GLN E 19 -28.36 -2.12 25.27
C GLN E 19 -29.12 -1.55 24.09
N GLY E 20 -28.56 -1.59 22.88
CA GLY E 20 -29.26 -1.09 21.71
C GLY E 20 -29.35 0.41 21.63
N GLY E 21 -28.65 1.14 22.51
CA GLY E 21 -28.74 2.58 22.53
C GLY E 21 -30.07 3.14 22.95
N GLY E 22 -30.92 2.33 23.57
CA GLY E 22 -32.25 2.78 23.96
C GLY E 22 -33.24 2.89 22.84
N GLY E 23 -32.93 2.35 21.66
CA GLY E 23 -33.79 2.49 20.50
C GLY E 23 -33.11 3.11 19.31
N THR E 24 -31.78 3.01 19.26
CA THR E 24 -30.98 3.51 18.16
C THR E 24 -30.43 2.33 17.35
N ASN E 25 -29.98 2.63 16.14
CA ASN E 25 -29.42 1.59 15.28
C ASN E 25 -28.15 1.01 15.88
N TYR E 26 -27.31 1.86 16.49
CA TYR E 26 -26.11 1.39 17.13
C TYR E 26 -26.47 0.62 18.39
N ILE E 27 -26.10 -0.66 18.44
CA ILE E 27 -26.36 -1.51 19.59
C ILE E 27 -25.12 -1.47 20.48
N GLU E 28 -25.31 -1.04 21.72
CA GLU E 28 -24.22 -0.85 22.67
C GLU E 28 -24.20 -2.01 23.65
N ILE E 29 -23.13 -2.81 23.61
CA ILE E 29 -22.96 -3.86 24.59
C ILE E 29 -22.64 -3.25 25.95
N THR E 30 -22.87 -4.03 27.01
CA THR E 30 -22.54 -3.56 28.35
C THR E 30 -21.06 -3.24 28.44
N LYS E 31 -20.74 -2.08 29.00
CA LYS E 31 -19.36 -1.65 29.19
C LYS E 31 -19.25 -1.03 30.58
N THR E 32 -18.34 -1.58 31.39
CA THR E 32 -18.19 -1.17 32.77
C THR E 32 -16.78 -0.65 33.00
N LYS E 33 -16.55 -0.17 34.22
CA LYS E 33 -15.27 0.40 34.62
C LYS E 33 -14.64 -0.49 35.68
N VAL E 34 -13.39 -0.88 35.46
CA VAL E 34 -12.66 -1.74 36.37
C VAL E 34 -11.39 -1.04 36.80
N THR E 35 -11.15 -0.96 38.11
CA THR E 35 -9.97 -0.32 38.67
C THR E 35 -8.90 -1.37 38.93
N VAL E 36 -7.73 -1.17 38.33
CA VAL E 36 -6.62 -2.11 38.43
C VAL E 36 -5.32 -1.36 38.72
N ARG E 37 -4.29 -2.14 39.07
CA ARG E 37 -3.02 -1.63 39.55
C ARG E 37 -2.04 -1.48 38.39
N THR E 38 -1.49 -0.27 38.21
CA THR E 38 -0.47 -0.04 37.20
C THR E 38 0.67 0.83 37.72
N GLU E 39 0.91 0.83 39.04
CA GLU E 39 2.02 1.50 39.71
C GLU E 39 2.19 2.97 39.33
N ASN E 40 1.17 3.56 38.71
CA ASN E 40 1.12 4.99 38.42
C ASN E 40 -0.27 5.54 38.71
N GLY E 41 -0.83 5.11 39.84
CA GLY E 41 -2.21 5.40 40.17
C GLY E 41 -3.12 4.26 39.77
N TRP E 42 -4.19 4.07 40.54
CA TRP E 42 -5.14 2.99 40.29
C TRP E 42 -5.90 3.32 39.02
N THR E 43 -5.47 2.72 37.91
CA THR E 43 -6.06 3.07 36.62
C THR E 43 -7.44 2.45 36.47
N VAL E 44 -8.25 3.05 35.61
CA VAL E 44 -9.61 2.58 35.34
C VAL E 44 -9.70 2.22 33.86
N VAL E 45 -10.17 1.01 33.58
CA VAL E 45 -10.29 0.51 32.22
C VAL E 45 -11.76 0.27 31.91
N GLU E 46 -12.18 0.69 30.71
CA GLU E 46 -13.53 0.45 30.22
C GLU E 46 -13.54 -0.92 29.54
N VAL E 47 -14.14 -1.90 30.20
CA VAL E 47 -14.16 -3.27 29.71
C VAL E 47 -15.56 -3.83 29.93
N PRO E 48 -16.09 -4.64 29.00
CA PRO E 48 -17.41 -5.23 29.22
C PRO E 48 -17.43 -6.18 30.41
N ALA E 49 -18.59 -6.26 31.05
CA ALA E 49 -18.80 -7.16 32.18
C ALA E 49 -20.19 -7.77 32.05
N ILE E 50 -20.25 -9.09 31.94
CA ILE E 50 -21.51 -9.78 31.71
C ILE E 50 -22.22 -9.98 33.03
N THR E 51 -23.48 -9.55 33.10
CA THR E 51 -24.23 -9.63 34.36
C THR E 51 -24.65 -11.06 34.67
N GLY E 52 -24.95 -11.30 35.93
CA GLY E 52 -25.44 -12.60 36.36
C GLY E 52 -26.89 -12.87 36.05
N ASN E 53 -27.63 -11.84 35.60
CA ASN E 53 -29.02 -12.03 35.22
C ASN E 53 -29.14 -12.96 34.02
N MET E 54 -28.21 -12.83 33.05
CA MET E 54 -28.21 -13.76 31.93
C MET E 54 -27.96 -15.19 32.40
N LEU E 55 -27.04 -15.37 33.35
CA LEU E 55 -26.79 -16.70 33.87
C LEU E 55 -28.02 -17.27 34.57
N LYS E 56 -28.71 -16.44 35.35
CA LYS E 56 -29.92 -16.89 36.02
C LYS E 56 -31.00 -17.26 35.01
N HIS E 57 -31.17 -16.44 33.96
CA HIS E 57 -32.17 -16.74 32.94
C HIS E 57 -31.83 -18.00 32.16
N TRP E 58 -30.54 -18.24 31.90
CA TRP E 58 -30.17 -19.45 31.18
C TRP E 58 -30.31 -20.69 32.06
N HIS E 59 -30.05 -20.56 33.37
CA HIS E 59 -30.37 -21.64 34.29
C HIS E 59 -31.86 -21.93 34.29
N PHE E 60 -32.68 -20.88 34.26
CA PHE E 60 -34.13 -21.03 34.15
C PHE E 60 -34.50 -21.78 32.87
N VAL E 61 -33.88 -21.40 31.75
CA VAL E 61 -34.20 -22.02 30.46
C VAL E 61 -33.82 -23.51 30.48
N GLY E 62 -32.60 -23.81 30.92
CA GLY E 62 -32.19 -25.20 31.01
C GLY E 62 -33.07 -26.01 31.94
N PHE E 63 -33.46 -25.41 33.07
CA PHE E 63 -34.29 -26.11 34.04
C PHE E 63 -35.66 -26.44 33.47
N VAL E 64 -36.29 -25.48 32.80
CA VAL E 64 -37.61 -25.73 32.24
C VAL E 64 -37.53 -26.72 31.09
N ASP E 65 -36.46 -26.65 30.28
CA ASP E 65 -36.29 -27.64 29.22
C ASP E 65 -36.08 -29.04 29.79
N TYR E 66 -35.34 -29.15 30.88
CA TYR E 66 -35.10 -30.48 31.47
C TYR E 66 -36.37 -31.05 32.09
N PHE E 67 -37.20 -30.21 32.71
CA PHE E 67 -38.53 -30.68 33.09
C PHE E 67 -39.39 -31.06 31.88
N LYS E 68 -39.28 -30.33 30.78
CA LYS E 68 -40.03 -30.70 29.58
C LYS E 68 -39.60 -32.07 29.07
N THR E 69 -38.30 -32.37 29.15
CA THR E 69 -37.76 -33.65 28.71
C THR E 69 -37.73 -34.70 29.84
N THR E 70 -38.45 -34.47 30.93
CA THR E 70 -38.51 -35.41 32.04
C THR E 70 -39.96 -35.78 32.32
N PRO E 71 -40.30 -37.07 32.36
CA PRO E 71 -41.69 -37.44 32.68
C PRO E 71 -42.14 -37.05 34.07
N TYR E 72 -41.21 -36.86 35.01
CA TYR E 72 -41.56 -36.49 36.36
C TYR E 72 -41.82 -34.99 36.52
N GLY E 73 -41.46 -34.17 35.53
CA GLY E 73 -41.71 -32.76 35.61
C GLY E 73 -43.02 -32.35 34.96
N VAL E 74 -44.06 -32.19 35.78
CA VAL E 74 -45.38 -31.82 35.30
C VAL E 74 -45.86 -30.50 35.89
N ASN E 75 -45.60 -30.27 37.18
CA ASN E 75 -46.07 -29.07 37.87
C ASN E 75 -45.24 -27.86 37.43
N LEU E 76 -45.55 -27.37 36.24
CA LEU E 76 -44.89 -26.20 35.68
C LEU E 76 -45.94 -25.18 35.25
N THR E 77 -45.55 -23.91 35.29
CA THR E 77 -46.43 -22.83 34.88
C THR E 77 -46.37 -22.68 33.36
N GLU E 78 -47.54 -22.66 32.71
CA GLU E 78 -47.57 -22.61 31.25
C GLU E 78 -47.05 -21.28 30.72
N ARG E 79 -47.23 -20.19 31.46
CA ARG E 79 -46.72 -18.90 31.05
C ARG E 79 -45.29 -18.66 31.50
N ALA E 80 -44.69 -19.62 32.22
CA ALA E 80 -43.28 -19.58 32.56
C ALA E 80 -42.45 -20.58 31.77
N LEU E 81 -43.09 -21.50 31.04
CA LEU E 81 -42.37 -22.43 30.18
C LEU E 81 -41.82 -21.77 28.92
N ARG E 82 -42.23 -20.54 28.62
CA ARG E 82 -41.73 -19.79 27.47
C ARG E 82 -40.52 -18.93 27.81
N TYR E 83 -39.73 -19.34 28.81
CA TYR E 83 -38.55 -18.59 29.25
C TYR E 83 -38.93 -17.19 29.73
N ASN E 84 -40.13 -17.05 30.28
CA ASN E 84 -40.60 -15.74 30.72
C ASN E 84 -39.84 -15.27 31.94
N GLY E 85 -39.71 -16.12 32.95
CA GLY E 85 -39.03 -15.75 34.17
C GLY E 85 -39.98 -15.22 35.22
N THR E 86 -40.96 -14.43 34.79
CA THR E 86 -41.96 -13.90 35.70
C THR E 86 -42.86 -15.00 36.21
N ARG E 87 -43.07 -15.06 37.52
CA ARG E 87 -43.87 -16.12 38.14
C ARG E 87 -45.13 -15.58 38.79
N PHE E 88 -45.03 -14.56 39.64
CA PHE E 88 -46.18 -14.05 40.36
C PHE E 88 -46.08 -12.53 40.47
N GLY E 89 -47.23 -11.90 40.72
CA GLY E 89 -47.30 -10.47 40.89
C GLY E 89 -48.51 -10.10 41.71
N GLN E 90 -48.59 -8.81 42.05
CA GLN E 90 -49.71 -8.32 42.87
C GLN E 90 -51.04 -8.39 42.14
N GLY E 91 -51.03 -8.46 40.81
CA GLY E 91 -52.27 -8.46 40.05
C GLY E 91 -53.04 -9.76 40.13
N GLU E 92 -52.38 -10.86 40.49
CA GLU E 92 -53.02 -12.16 40.57
C GLU E 92 -52.68 -12.83 41.90
N THR E 93 -53.58 -13.67 42.37
CA THR E 93 -53.40 -14.40 43.62
C THR E 93 -53.54 -15.91 43.44
N THR E 94 -53.60 -16.39 42.20
CA THR E 94 -53.75 -17.82 41.92
C THR E 94 -52.64 -18.24 40.96
N ALA E 95 -51.97 -19.34 41.29
CA ALA E 95 -50.93 -19.89 40.42
C ALA E 95 -51.57 -20.73 39.32
N THR E 96 -51.13 -20.53 38.08
CA THR E 96 -51.63 -21.28 36.94
C THR E 96 -50.62 -22.33 36.53
N LYS E 97 -51.12 -23.51 36.18
CA LYS E 97 -50.29 -24.65 35.81
C LYS E 97 -50.61 -25.11 34.39
N ALA E 98 -49.72 -25.92 33.83
CA ALA E 98 -49.90 -26.40 32.47
C ALA E 98 -51.14 -27.26 32.33
N ASN E 99 -51.59 -27.88 33.42
CA ASN E 99 -52.81 -28.69 33.41
C ASN E 99 -54.02 -27.79 33.60
N GLY E 100 -55.19 -28.39 33.76
CA GLY E 100 -56.43 -27.65 33.96
C GLY E 100 -56.73 -27.24 35.38
N ALA E 101 -55.82 -27.52 36.32
CA ALA E 101 -56.02 -27.20 37.73
C ALA E 101 -55.06 -26.09 38.14
N THR E 102 -55.55 -25.18 38.97
CA THR E 102 -54.75 -24.07 39.48
C THR E 102 -54.42 -24.30 40.95
N VAL E 103 -53.52 -23.46 41.46
CA VAL E 103 -53.06 -23.51 42.84
C VAL E 103 -53.57 -22.28 43.58
N GLN E 104 -54.26 -22.51 44.69
CA GLN E 104 -54.75 -21.42 45.53
C GLN E 104 -53.62 -20.98 46.45
N LEU E 105 -53.15 -19.74 46.29
CA LEU E 105 -52.02 -19.22 47.06
C LEU E 105 -52.50 -18.72 48.41
N ASN E 106 -52.94 -19.66 49.24
CA ASN E 106 -53.35 -19.36 50.61
C ASN E 106 -52.28 -19.72 51.64
N ASP E 107 -51.34 -20.59 51.29
CA ASP E 107 -50.27 -21.00 52.19
C ASP E 107 -48.98 -21.08 51.37
N GLU E 108 -47.88 -21.35 52.05
CA GLU E 108 -46.56 -21.45 51.41
C GLU E 108 -46.12 -22.87 51.17
N ALA E 109 -46.50 -23.81 52.06
CA ALA E 109 -46.16 -25.21 51.84
C ALA E 109 -46.81 -25.74 50.57
N THR E 110 -48.06 -25.32 50.30
CA THR E 110 -48.75 -25.78 49.11
C THR E 110 -48.06 -25.30 47.84
N ILE E 111 -47.65 -24.03 47.80
CA ILE E 111 -46.98 -23.52 46.61
C ILE E 111 -45.60 -24.13 46.47
N ILE E 112 -44.94 -24.48 47.59
CA ILE E 112 -43.67 -25.19 47.49
C ILE E 112 -43.88 -26.57 46.90
N LYS E 113 -44.91 -27.29 47.35
CA LYS E 113 -45.14 -28.65 46.89
C LYS E 113 -45.57 -28.68 45.43
N GLU E 114 -46.43 -27.77 45.01
CA GLU E 114 -47.08 -27.85 43.72
C GLU E 114 -46.36 -27.07 42.62
N LEU E 115 -45.17 -26.55 42.88
CA LEU E 115 -44.43 -25.81 41.86
C LEU E 115 -42.95 -25.86 42.17
N ALA E 116 -42.20 -26.64 41.39
CA ALA E 116 -40.75 -26.75 41.55
C ALA E 116 -40.02 -25.53 41.00
N ASP E 117 -40.56 -24.89 39.96
CA ASP E 117 -39.94 -23.70 39.41
C ASP E 117 -39.94 -22.58 40.44
N ALA E 118 -41.03 -22.44 41.20
CA ALA E 118 -41.06 -21.47 42.29
C ALA E 118 -40.12 -21.86 43.43
N ASP E 119 -39.75 -23.14 43.53
CA ASP E 119 -38.80 -23.56 44.56
C ASP E 119 -37.38 -23.17 44.19
N VAL E 120 -36.91 -23.66 43.04
CA VAL E 120 -35.49 -23.50 42.71
C VAL E 120 -35.16 -22.04 42.44
N HIS E 121 -35.98 -21.37 41.64
CA HIS E 121 -35.71 -19.99 41.23
C HIS E 121 -36.43 -18.96 42.10
N GLY E 122 -37.11 -19.40 43.14
CA GLY E 122 -37.80 -18.48 44.03
C GLY E 122 -39.06 -17.91 43.38
N PHE E 123 -39.75 -17.08 44.16
CA PHE E 123 -40.95 -16.42 43.67
C PHE E 123 -41.27 -15.26 44.61
N LEU E 124 -42.23 -14.44 44.17
CA LEU E 124 -42.68 -13.29 44.95
C LEU E 124 -44.14 -13.03 44.64
N ALA E 125 -45.00 -13.15 45.66
CA ALA E 125 -46.44 -12.90 45.52
C ALA E 125 -46.82 -11.80 46.49
N PRO E 126 -46.76 -10.53 46.07
CA PRO E 126 -47.09 -9.44 46.99
C PRO E 126 -48.51 -9.48 47.51
N LYS E 127 -49.44 -10.07 46.75
CA LYS E 127 -50.83 -10.13 47.18
C LYS E 127 -50.98 -10.98 48.44
N THR E 128 -50.27 -12.12 48.50
CA THR E 128 -50.37 -13.03 49.63
C THR E 128 -49.07 -13.15 50.40
N GLY E 129 -48.06 -12.34 50.09
CA GLY E 129 -46.81 -12.41 50.81
C GLY E 129 -46.09 -13.74 50.57
N ARG E 130 -45.41 -14.21 51.62
CA ARG E 130 -44.69 -15.49 51.61
C ARG E 130 -43.63 -15.50 50.50
N ARG E 131 -42.65 -14.61 50.65
CA ARG E 131 -41.56 -14.53 49.70
C ARG E 131 -40.67 -15.77 49.79
N ARG E 132 -39.87 -15.98 48.75
CA ARG E 132 -38.89 -17.06 48.74
C ARG E 132 -37.72 -16.65 47.86
N VAL E 133 -36.53 -16.57 48.46
CA VAL E 133 -35.35 -16.16 47.71
C VAL E 133 -34.99 -17.24 46.70
N SER E 134 -34.37 -16.82 45.59
CA SER E 134 -33.93 -17.76 44.58
C SER E 134 -32.79 -18.62 45.12
N LEU E 135 -32.86 -19.92 44.89
CA LEU E 135 -31.84 -20.83 45.41
C LEU E 135 -30.55 -20.77 44.60
N VAL E 136 -30.65 -20.57 43.29
CA VAL E 136 -29.48 -20.45 42.42
C VAL E 136 -29.18 -18.98 42.21
N LYS E 137 -27.92 -18.60 42.36
CA LYS E 137 -27.51 -17.22 42.15
C LYS E 137 -26.20 -17.21 41.37
N ALA E 138 -25.97 -16.11 40.67
CA ALA E 138 -24.79 -15.97 39.81
C ALA E 138 -24.20 -14.57 39.98
N SER E 139 -22.91 -14.45 39.69
CA SER E 139 -22.20 -13.20 39.79
C SER E 139 -21.99 -12.59 38.41
N PHE E 140 -21.46 -11.36 38.41
CA PHE E 140 -21.13 -10.70 37.16
C PHE E 140 -19.89 -11.33 36.53
N ILE E 141 -19.85 -11.36 35.21
CA ILE E 141 -18.80 -12.02 34.46
C ILE E 141 -17.97 -10.92 33.80
N LEU E 142 -16.80 -10.64 34.36
CA LEU E 142 -15.91 -9.60 33.89
C LEU E 142 -14.51 -10.17 33.76
N PRO E 143 -13.68 -9.63 32.87
CA PRO E 143 -12.33 -10.15 32.70
C PRO E 143 -11.48 -9.95 33.95
N THR E 144 -10.60 -10.90 34.21
CA THR E 144 -9.78 -10.89 35.40
C THR E 144 -8.77 -9.75 35.35
N GLU E 145 -8.43 -9.23 36.54
CA GLU E 145 -7.55 -8.07 36.60
C GLU E 145 -6.12 -8.41 36.17
N ASP E 146 -5.66 -9.63 36.43
CA ASP E 146 -4.33 -10.02 35.97
C ASP E 146 -4.25 -10.01 34.45
N PHE E 147 -5.31 -10.50 33.78
CA PHE E 147 -5.34 -10.48 32.33
C PHE E 147 -5.35 -9.06 31.79
N ILE E 148 -6.14 -8.17 32.42
CA ILE E 148 -6.18 -6.78 31.98
C ILE E 148 -4.82 -6.13 32.17
N LYS E 149 -4.16 -6.40 33.31
CA LYS E 149 -2.85 -5.82 33.55
C LYS E 149 -1.82 -6.33 32.54
N GLU E 150 -1.86 -7.62 32.22
CA GLU E 150 -0.90 -8.19 31.29
C GLU E 150 -1.19 -7.82 29.84
N VAL E 151 -2.40 -7.38 29.52
CA VAL E 151 -2.70 -6.86 28.20
C VAL E 151 -2.61 -5.34 28.16
N GLU E 152 -2.15 -4.72 29.26
CA GLU E 152 -2.03 -3.28 29.45
C GLU E 152 -3.20 -2.51 28.86
N GLY E 153 -2.93 -1.39 28.21
CA GLY E 153 -3.99 -0.57 27.65
C GLY E 153 -4.77 -1.25 26.55
N GLU E 154 -6.01 -1.62 26.85
CA GLU E 154 -6.90 -2.26 25.88
C GLU E 154 -8.32 -2.15 26.38
N ARG E 155 -9.26 -2.08 25.43
CA ARG E 155 -10.68 -1.98 25.77
C ARG E 155 -11.48 -3.23 25.44
N LEU E 156 -10.93 -4.14 24.63
CA LEU E 156 -11.54 -5.45 24.38
C LEU E 156 -12.95 -5.33 23.81
N ILE E 157 -13.14 -4.34 22.94
CA ILE E 157 -14.45 -4.07 22.37
C ILE E 157 -14.32 -3.93 20.86
N THR E 158 -15.16 -4.66 20.13
CA THR E 158 -15.26 -4.52 18.69
C THR E 158 -16.74 -4.54 18.30
N ALA E 159 -17.08 -3.85 17.22
CA ALA E 159 -18.45 -3.78 16.74
C ALA E 159 -18.50 -4.15 15.26
N ILE E 160 -19.44 -5.01 14.90
CA ILE E 160 -19.66 -5.41 13.52
C ILE E 160 -21.05 -4.97 13.11
N LYS E 161 -21.14 -4.20 12.04
CA LYS E 161 -22.42 -3.68 11.58
C LYS E 161 -23.11 -4.70 10.69
N HIS E 162 -24.33 -5.06 11.06
CA HIS E 162 -25.17 -5.94 10.25
C HIS E 162 -26.30 -5.14 9.65
N ASN E 163 -27.06 -5.76 8.75
CA ASN E 163 -28.16 -5.05 8.11
C ASN E 163 -29.29 -6.00 7.77
N ARG E 164 -30.47 -5.42 7.60
CA ARG E 164 -31.64 -6.11 7.07
C ARG E 164 -31.91 -5.66 5.65
N VAL E 165 -32.23 -6.64 4.80
CA VAL E 165 -32.33 -6.41 3.35
C VAL E 165 -33.73 -6.69 2.85
N ASP E 166 -34.73 -6.37 3.69
CA ASP E 166 -36.12 -6.59 3.31
C ASP E 166 -36.46 -5.86 2.02
N VAL E 167 -37.21 -6.54 1.14
CA VAL E 167 -37.62 -6.01 -0.15
C VAL E 167 -39.12 -6.15 -0.28
N ASP E 168 -39.76 -5.16 -0.91
CA ASP E 168 -41.20 -5.14 -1.07
C ASP E 168 -41.61 -6.14 -2.16
N GLU E 169 -42.90 -6.13 -2.52
CA GLU E 169 -43.40 -7.07 -3.52
C GLU E 169 -42.73 -6.85 -4.86
N LYS E 170 -42.56 -5.59 -5.27
CA LYS E 170 -41.87 -5.30 -6.51
C LYS E 170 -40.39 -5.64 -6.38
N GLY E 171 -39.81 -6.14 -7.47
CA GLY E 171 -38.41 -6.52 -7.46
C GLY E 171 -37.46 -5.34 -7.49
N ALA E 172 -37.45 -4.57 -6.40
CA ALA E 172 -36.59 -3.39 -6.30
C ALA E 172 -36.42 -3.02 -4.84
N ILE E 173 -35.21 -2.68 -4.45
CA ILE E 173 -34.94 -2.22 -3.09
C ILE E 173 -35.26 -0.74 -3.03
N GLY E 174 -36.34 -0.39 -2.35
CA GLY E 174 -36.79 0.98 -2.25
C GLY E 174 -36.07 1.76 -1.16
N SER E 175 -36.56 2.97 -0.94
CA SER E 175 -36.06 3.86 0.10
C SER E 175 -36.99 3.81 1.30
N SER E 176 -36.76 4.70 2.28
CA SER E 176 -37.64 4.78 3.43
C SER E 176 -39.04 5.26 3.05
N LYS E 177 -39.20 5.89 1.89
CA LYS E 177 -40.49 6.37 1.44
C LYS E 177 -41.35 5.26 0.84
N GLU E 178 -40.77 4.10 0.54
CA GLU E 178 -41.52 2.99 -0.04
C GLU E 178 -41.97 1.96 1.00
N GLY E 179 -41.28 1.89 2.13
CA GLY E 179 -41.65 0.95 3.19
C GLY E 179 -40.70 -0.22 3.39
N THR E 180 -39.55 -0.23 2.72
CA THR E 180 -38.61 -1.31 2.88
C THR E 180 -37.93 -1.24 4.25
N ALA E 181 -37.28 -2.34 4.63
CA ALA E 181 -36.59 -2.44 5.91
C ALA E 181 -35.13 -2.81 5.69
N GLN E 182 -34.52 -2.21 4.68
CA GLN E 182 -33.11 -2.39 4.36
C GLN E 182 -32.33 -1.34 5.15
N MET E 183 -31.86 -1.71 6.33
CA MET E 183 -31.26 -0.75 7.25
C MET E 183 -30.18 -1.43 8.10
N LEU E 184 -29.27 -0.61 8.62
CA LEU E 184 -28.12 -1.10 9.38
C LEU E 184 -28.35 -1.00 10.88
N PHE E 185 -27.72 -1.92 11.61
CA PHE E 185 -27.60 -1.85 13.06
C PHE E 185 -26.22 -2.35 13.45
N SER E 186 -25.54 -1.61 14.32
CA SER E 186 -24.17 -1.90 14.68
C SER E 186 -24.17 -2.75 15.96
N ARG E 187 -23.99 -4.06 15.79
CA ARG E 187 -23.92 -4.96 16.92
C ARG E 187 -22.51 -4.93 17.49
N GLU E 188 -22.39 -4.68 18.79
CA GLU E 188 -21.11 -4.51 19.46
C GLU E 188 -20.76 -5.79 20.21
N TYR E 189 -19.61 -6.37 19.89
CA TYR E 189 -19.17 -7.64 20.43
C TYR E 189 -18.06 -7.43 21.45
N ALA E 190 -17.72 -8.51 22.15
CA ALA E 190 -16.73 -8.44 23.21
C ALA E 190 -15.93 -9.73 23.25
N THR E 191 -14.72 -9.64 23.79
CA THR E 191 -13.82 -10.78 23.97
C THR E 191 -13.22 -10.69 25.37
N GLY E 192 -12.23 -11.54 25.64
CA GLY E 192 -11.47 -11.48 26.87
C GLY E 192 -11.64 -12.71 27.73
N LEU E 193 -10.77 -12.80 28.74
CA LEU E 193 -10.79 -13.91 29.70
C LEU E 193 -11.62 -13.49 30.90
N TYR E 194 -12.92 -13.75 30.82
CA TYR E 194 -13.86 -13.41 31.87
C TYR E 194 -13.73 -14.39 33.04
N GLY E 195 -14.26 -13.98 34.18
CA GLY E 195 -14.32 -14.82 35.36
C GLY E 195 -15.75 -15.03 35.81
N PHE E 196 -16.05 -16.23 36.30
CA PHE E 196 -17.40 -16.57 36.71
C PHE E 196 -17.38 -17.14 38.12
N SER E 197 -18.51 -16.98 38.82
CA SER E 197 -18.73 -17.61 40.11
C SER E 197 -20.22 -17.74 40.31
N ILE E 198 -20.70 -18.97 40.49
CA ILE E 198 -22.12 -19.28 40.58
C ILE E 198 -22.35 -20.17 41.80
N VAL E 199 -23.39 -19.84 42.58
CA VAL E 199 -23.75 -20.59 43.78
C VAL E 199 -25.05 -21.33 43.52
N LEU E 200 -25.05 -22.63 43.84
CA LEU E 200 -26.20 -23.52 43.66
C LEU E 200 -26.62 -23.98 45.05
N ASP E 201 -27.65 -23.34 45.61
CA ASP E 201 -28.17 -23.71 46.92
C ASP E 201 -29.31 -24.73 46.75
N LEU E 202 -28.94 -25.91 46.26
CA LEU E 202 -29.89 -26.98 46.00
C LEU E 202 -30.27 -27.75 47.25
N GLY E 203 -29.81 -27.35 48.42
CA GLY E 203 -30.20 -28.00 49.64
C GLY E 203 -31.54 -27.58 50.20
N LEU E 204 -32.22 -26.64 49.53
CA LEU E 204 -33.51 -26.15 49.98
C LEU E 204 -34.64 -26.47 49.01
N VAL E 205 -34.40 -27.34 48.03
CA VAL E 205 -35.46 -27.71 47.10
C VAL E 205 -36.50 -28.57 47.81
N GLY E 206 -37.76 -28.20 47.65
CA GLY E 206 -38.82 -28.87 48.38
C GLY E 206 -38.84 -28.60 49.86
N ILE E 207 -37.99 -27.68 50.32
CA ILE E 207 -37.88 -27.32 51.73
C ILE E 207 -38.44 -25.91 51.89
N PRO E 208 -39.58 -25.74 52.56
CA PRO E 208 -40.12 -24.40 52.77
C PRO E 208 -39.16 -23.52 53.57
N GLN E 209 -39.07 -22.25 53.17
CA GLN E 209 -38.18 -21.33 53.86
C GLN E 209 -38.67 -21.05 55.28
N GLY E 210 -39.98 -20.96 55.47
CA GLY E 210 -40.52 -20.69 56.79
C GLY E 210 -40.24 -21.81 57.78
N LEU E 211 -40.41 -23.06 57.35
CA LEU E 211 -40.21 -24.24 58.20
C LEU E 211 -39.26 -25.20 57.52
N PRO E 212 -37.96 -24.91 57.53
CA PRO E 212 -36.99 -25.85 56.96
C PRO E 212 -36.94 -27.19 57.69
N VAL E 213 -37.39 -27.24 58.94
CA VAL E 213 -37.38 -28.46 59.73
C VAL E 213 -38.75 -28.63 60.39
N LYS E 214 -39.04 -29.87 60.79
CA LYS E 214 -40.31 -30.18 61.43
C LYS E 214 -40.22 -30.00 62.95
N PHE E 215 -39.31 -30.75 63.60
CA PHE E 215 -39.04 -30.63 65.03
C PHE E 215 -40.30 -30.87 65.86
N GLU E 216 -40.82 -32.10 65.76
CA GLU E 216 -41.93 -32.54 66.60
C GLU E 216 -41.47 -33.41 67.76
N GLU E 217 -40.59 -34.38 67.51
CA GLU E 217 -40.03 -35.22 68.55
C GLU E 217 -38.60 -34.81 68.92
N ASN E 218 -38.17 -33.63 68.48
CA ASN E 218 -36.86 -33.06 68.83
C ASN E 218 -35.72 -33.93 68.31
N GLN E 219 -35.69 -34.12 67.00
CA GLN E 219 -34.53 -34.66 66.31
C GLN E 219 -34.31 -33.88 65.03
N PRO E 220 -33.06 -33.71 64.60
CA PRO E 220 -32.78 -32.95 63.38
C PRO E 220 -33.22 -33.73 62.15
N ARG E 221 -34.14 -33.13 61.37
CA ARG E 221 -34.61 -33.74 60.14
C ARG E 221 -35.18 -32.68 59.21
N PRO E 222 -34.81 -32.68 57.93
CA PRO E 222 -35.36 -31.68 57.01
C PRO E 222 -36.85 -31.85 56.81
N ASN E 223 -37.53 -30.73 56.57
CA ASN E 223 -38.97 -30.72 56.34
C ASN E 223 -39.21 -30.74 54.82
N ILE E 224 -39.09 -31.94 54.25
CA ILE E 224 -39.31 -32.13 52.82
C ILE E 224 -40.80 -32.28 52.59
N VAL E 225 -41.42 -31.28 51.95
CA VAL E 225 -42.85 -31.32 51.70
C VAL E 225 -43.21 -32.39 50.68
N ILE E 226 -42.28 -32.78 49.82
CA ILE E 226 -42.54 -33.78 48.78
C ILE E 226 -41.77 -35.05 49.09
N ASP E 227 -42.01 -36.10 48.31
CA ASP E 227 -41.26 -37.32 48.47
C ASP E 227 -39.81 -37.15 48.03
N PRO E 228 -38.88 -37.96 48.54
CA PRO E 228 -37.47 -37.80 48.16
C PRO E 228 -37.21 -38.03 46.68
N ASN E 229 -38.07 -38.78 45.98
CA ASN E 229 -37.85 -39.02 44.56
C ASN E 229 -37.94 -37.73 43.76
N GLU E 230 -38.95 -36.91 44.05
CA GLU E 230 -39.08 -35.64 43.34
C GLU E 230 -37.92 -34.70 43.65
N ARG E 231 -37.46 -34.69 44.91
CA ARG E 231 -36.31 -33.86 45.26
C ARG E 231 -35.07 -34.31 44.52
N LYS E 232 -34.84 -35.63 44.45
CA LYS E 232 -33.69 -36.14 43.71
C LYS E 232 -33.79 -35.80 42.23
N ALA E 233 -34.99 -35.91 41.65
CA ALA E 233 -35.19 -35.55 40.26
C ALA E 233 -34.90 -34.07 40.04
N ARG E 234 -35.32 -33.22 40.97
CA ARG E 234 -35.03 -31.79 40.87
C ARG E 234 -33.53 -31.52 40.94
N ILE E 235 -32.83 -32.22 41.83
CA ILE E 235 -31.38 -32.06 41.93
C ILE E 235 -30.71 -32.45 40.62
N GLU E 236 -31.12 -33.60 40.07
CA GLU E 236 -30.55 -34.06 38.80
C GLU E 236 -30.85 -33.06 37.68
N SER E 237 -32.08 -32.54 37.64
CA SER E 237 -32.46 -31.58 36.61
C SER E 237 -31.64 -30.31 36.72
N ALA E 238 -31.43 -29.80 37.93
CA ALA E 238 -30.64 -28.58 38.08
C ALA E 238 -29.18 -28.80 37.70
N LEU E 239 -28.61 -29.93 38.13
CA LEU E 239 -27.21 -30.18 37.79
C LEU E 239 -27.02 -30.47 36.31
N LYS E 240 -28.05 -30.98 35.64
CA LYS E 240 -27.99 -31.15 34.19
C LYS E 240 -28.22 -29.84 33.46
N ALA E 241 -29.07 -28.97 33.99
CA ALA E 241 -29.29 -27.65 33.39
C ALA E 241 -28.09 -26.74 33.59
N LEU E 242 -27.23 -27.04 34.56
CA LEU E 242 -25.97 -26.33 34.65
C LEU E 242 -25.08 -26.61 33.44
N ILE E 243 -25.29 -27.76 32.78
CA ILE E 243 -24.43 -28.13 31.65
C ILE E 243 -24.56 -27.19 30.46
N PRO E 244 -25.76 -26.82 30.00
CA PRO E 244 -25.81 -25.86 28.88
C PRO E 244 -25.11 -24.54 29.16
N MET E 245 -25.20 -24.05 30.39
CA MET E 245 -24.51 -22.81 30.74
C MET E 245 -23.00 -22.96 30.59
N LEU E 246 -22.44 -24.01 31.19
CA LEU E 246 -21.01 -24.24 31.13
C LEU E 246 -20.54 -24.77 29.79
N SER E 247 -21.45 -25.10 28.88
CA SER E 247 -21.06 -25.61 27.56
C SER E 247 -21.16 -24.55 26.48
N GLY E 248 -22.36 -24.01 26.24
CA GLY E 248 -22.51 -23.04 25.18
C GLY E 248 -23.56 -21.96 25.34
N TYR E 249 -24.19 -21.87 26.52
CA TYR E 249 -25.33 -20.99 26.71
C TYR E 249 -24.98 -19.94 27.78
N ILE E 250 -24.42 -18.82 27.31
CA ILE E 250 -24.03 -17.72 28.19
C ILE E 250 -24.48 -16.42 27.56
N GLY E 251 -25.12 -15.56 28.34
CA GLY E 251 -25.46 -14.23 27.88
C GLY E 251 -26.71 -14.14 27.03
N ALA E 252 -26.62 -13.45 25.90
CA ALA E 252 -27.76 -13.24 25.02
C ALA E 252 -27.31 -13.44 23.58
N ASN E 253 -28.22 -13.18 22.64
CA ASN E 253 -27.94 -13.29 21.21
C ASN E 253 -27.42 -14.67 20.84
N LEU E 254 -27.88 -15.70 21.55
CA LEU E 254 -27.37 -17.05 21.33
C LEU E 254 -27.69 -17.54 19.93
N ALA E 255 -28.90 -17.26 19.44
CA ALA E 255 -29.28 -17.68 18.10
C ALA E 255 -28.46 -16.98 17.02
N ARG E 256 -27.88 -15.82 17.33
CA ARG E 256 -27.09 -15.06 16.37
C ARG E 256 -25.60 -15.07 16.68
N SER E 257 -25.22 -14.79 17.93
CA SER E 257 -23.81 -14.73 18.30
C SER E 257 -23.27 -16.08 18.73
N PHE E 258 -23.94 -16.74 19.69
CA PHE E 258 -23.50 -18.00 20.27
C PHE E 258 -22.05 -17.91 20.72
N PRO E 259 -21.79 -17.26 21.86
CA PRO E 259 -20.41 -17.04 22.29
C PRO E 259 -19.59 -18.32 22.32
N VAL E 260 -18.37 -18.23 21.80
CA VAL E 260 -17.48 -19.39 21.73
C VAL E 260 -17.02 -19.72 23.14
N PHE E 261 -17.57 -20.81 23.70
CA PHE E 261 -17.43 -21.09 25.12
C PHE E 261 -16.50 -22.27 25.35
N LYS E 262 -15.54 -22.10 26.25
CA LYS E 262 -14.68 -23.18 26.71
C LYS E 262 -14.07 -22.74 28.04
N VAL E 263 -14.25 -23.56 29.08
CA VAL E 263 -13.77 -23.18 30.40
C VAL E 263 -12.24 -23.32 30.43
N GLU E 264 -11.56 -22.20 30.69
CA GLU E 264 -10.11 -22.24 30.82
C GLU E 264 -9.71 -22.94 32.11
N GLU E 265 -10.36 -22.60 33.22
CA GLU E 265 -10.09 -23.27 34.48
C GLU E 265 -11.32 -23.16 35.37
N LEU E 266 -11.49 -24.14 36.25
CA LEU E 266 -12.66 -24.15 37.12
C LEU E 266 -12.31 -24.79 38.44
N VAL E 267 -12.85 -24.22 39.53
CA VAL E 267 -12.77 -24.78 40.86
C VAL E 267 -14.16 -24.83 41.43
N ALA E 268 -14.55 -26.00 41.95
CA ALA E 268 -15.87 -26.19 42.52
C ALA E 268 -15.75 -26.83 43.90
N ILE E 269 -16.67 -26.46 44.78
CA ILE E 269 -16.71 -27.00 46.14
C ILE E 269 -18.16 -27.37 46.47
N ALA E 270 -18.37 -28.61 46.87
CA ALA E 270 -19.71 -29.14 47.09
C ALA E 270 -19.80 -29.84 48.43
N SER E 271 -20.95 -29.71 49.07
CA SER E 271 -21.19 -30.36 50.36
C SER E 271 -22.69 -30.43 50.61
N GLU E 272 -23.05 -31.29 51.57
CA GLU E 272 -24.45 -31.39 51.98
C GLU E 272 -24.86 -30.17 52.80
N GLY E 273 -23.98 -29.68 53.67
CA GLY E 273 -24.25 -28.51 54.47
C GLY E 273 -23.88 -27.23 53.75
N PRO E 274 -24.35 -26.10 54.27
CA PRO E 274 -24.03 -24.81 53.64
C PRO E 274 -22.53 -24.55 53.64
N ILE E 275 -22.06 -23.96 52.54
CA ILE E 275 -20.63 -23.70 52.35
C ILE E 275 -20.46 -22.26 51.88
N PRO E 276 -19.46 -21.53 52.37
CA PRO E 276 -19.23 -20.17 51.87
C PRO E 276 -18.91 -20.16 50.39
N ALA E 277 -19.35 -19.09 49.72
CA ALA E 277 -19.13 -18.95 48.29
C ALA E 277 -17.65 -18.83 47.97
N LEU E 278 -17.21 -19.52 46.93
CA LEU E 278 -15.81 -19.50 46.51
C LEU E 278 -15.50 -18.18 45.83
N VAL E 279 -14.25 -17.73 45.99
CA VAL E 279 -13.86 -16.40 45.53
C VAL E 279 -14.02 -16.29 44.02
N HIS E 280 -14.51 -15.14 43.56
CA HIS E 280 -14.65 -14.87 42.14
C HIS E 280 -13.28 -14.95 41.46
N GLY E 281 -13.28 -15.44 40.22
CA GLY E 281 -12.04 -15.65 39.49
C GLY E 281 -11.43 -14.38 38.94
N PHE E 282 -12.05 -13.24 39.22
CA PHE E 282 -11.55 -11.96 38.74
C PHE E 282 -10.17 -11.66 39.31
N TYR E 283 -9.96 -11.97 40.58
CA TYR E 283 -8.74 -11.56 41.27
C TYR E 283 -7.56 -12.44 40.89
N GLU E 284 -6.35 -11.90 41.11
CA GLU E 284 -5.14 -12.61 40.70
C GLU E 284 -4.81 -13.73 41.68
N ASP E 285 -4.54 -13.38 42.94
CA ASP E 285 -4.17 -14.36 43.95
C ASP E 285 -5.40 -14.81 44.73
N TYR E 286 -6.38 -15.33 44.01
CA TYR E 286 -7.60 -15.85 44.61
C TYR E 286 -7.56 -17.36 44.80
N ILE E 287 -6.85 -18.08 43.93
CA ILE E 287 -6.76 -19.53 44.05
C ILE E 287 -6.20 -19.92 45.42
N GLU E 288 -5.09 -19.30 45.80
CA GLU E 288 -4.56 -19.51 47.14
C GLU E 288 -5.57 -19.05 48.18
N ALA E 289 -6.24 -17.92 47.93
CA ALA E 289 -7.31 -17.48 48.81
C ALA E 289 -8.41 -18.53 48.91
N ASN E 290 -8.67 -19.25 47.80
CA ASN E 290 -9.63 -20.35 47.85
C ASN E 290 -9.18 -21.40 48.86
N ARG E 291 -7.89 -21.70 48.89
CA ARG E 291 -7.36 -22.61 49.91
C ARG E 291 -7.71 -22.11 51.30
N SER E 292 -7.66 -20.79 51.52
CA SER E 292 -8.06 -20.24 52.80
C SER E 292 -9.51 -20.60 53.11
N ILE E 293 -10.39 -20.48 52.12
CA ILE E 293 -11.77 -20.91 52.31
C ILE E 293 -11.81 -22.39 52.65
N ILE E 294 -10.95 -23.19 52.00
CA ILE E 294 -10.84 -24.60 52.34
C ILE E 294 -10.46 -24.75 53.81
N LYS E 295 -9.52 -23.92 54.28
CA LYS E 295 -9.21 -23.91 55.71
C LYS E 295 -10.44 -23.56 56.53
N ASN E 296 -11.20 -22.56 56.08
CA ASN E 296 -12.48 -22.28 56.71
C ASN E 296 -13.42 -23.47 56.59
N ALA E 297 -13.40 -24.15 55.44
CA ALA E 297 -14.17 -25.38 55.30
C ALA E 297 -13.69 -26.44 56.27
N ARG E 298 -12.42 -26.40 56.65
CA ARG E 298 -11.88 -27.29 57.66
C ARG E 298 -11.93 -26.69 59.06
N ALA E 299 -12.43 -25.46 59.19
CA ALA E 299 -12.51 -24.84 60.51
C ALA E 299 -13.50 -25.58 61.41
N LEU E 300 -14.63 -26.00 60.86
CA LEU E 300 -15.66 -26.70 61.63
C LEU E 300 -15.83 -28.16 61.18
N GLY E 301 -15.00 -28.64 60.27
CA GLY E 301 -15.10 -30.02 59.83
C GLY E 301 -16.31 -30.30 58.96
N PHE E 302 -16.36 -29.67 57.79
CA PHE E 302 -17.46 -29.87 56.86
C PHE E 302 -17.11 -30.94 55.85
N ASN E 303 -18.09 -31.80 55.55
CA ASN E 303 -17.92 -32.87 54.56
C ASN E 303 -17.99 -32.24 53.16
N ILE E 304 -16.90 -31.57 52.80
CA ILE E 304 -16.82 -30.80 51.56
C ILE E 304 -15.84 -31.49 50.62
N GLU E 305 -16.22 -31.57 49.35
CA GLU E 305 -15.38 -32.14 48.29
C GLU E 305 -15.06 -31.04 47.28
N VAL E 306 -13.81 -31.02 46.83
CA VAL E 306 -13.32 -29.99 45.92
C VAL E 306 -12.96 -30.63 44.59
N PHE E 307 -13.48 -30.06 43.51
CA PHE E 307 -13.22 -30.50 42.15
C PHE E 307 -12.43 -29.44 41.41
N THR E 308 -11.32 -29.85 40.78
CA THR E 308 -10.45 -28.94 40.05
C THR E 308 -10.48 -29.30 38.57
N TYR E 309 -10.33 -28.27 37.74
CA TYR E 309 -10.35 -28.43 36.28
C TYR E 309 -9.34 -27.47 35.70
N ASN E 310 -8.23 -28.01 35.18
CA ASN E 310 -7.08 -27.26 34.68
C ASN E 310 -6.40 -26.43 35.76
N VAL E 311 -6.59 -26.82 37.03
CA VAL E 311 -5.91 -26.19 38.16
C VAL E 311 -5.50 -27.26 39.15
N ASP E 312 -4.70 -26.86 40.13
CA ASP E 312 -4.24 -27.77 41.18
C ASP E 312 -4.75 -27.43 42.57
N LEU E 313 -4.92 -26.14 42.88
CA LEU E 313 -5.35 -25.69 44.20
C LEU E 313 -4.47 -26.27 45.30
N GLY E 314 -3.16 -26.23 45.07
CA GLY E 314 -2.21 -26.80 46.01
C GLY E 314 -2.06 -28.29 45.85
N GLU E 315 -1.27 -28.86 46.75
CA GLU E 315 -1.00 -30.30 46.73
C GLU E 315 -1.32 -30.99 48.05
N ASP E 316 -1.10 -30.30 49.18
CA ASP E 316 -1.36 -30.92 50.48
C ASP E 316 -2.84 -31.21 50.66
N ILE E 317 -3.71 -30.31 50.22
CA ILE E 317 -5.15 -30.49 50.36
C ILE E 317 -5.65 -31.43 49.28
N GLU E 318 -6.64 -32.24 49.62
CA GLU E 318 -7.22 -33.18 48.67
C GLU E 318 -8.00 -32.42 47.60
N ALA E 319 -7.96 -32.95 46.38
CA ALA E 319 -8.67 -32.36 45.25
C ALA E 319 -9.24 -33.49 44.41
N THR E 320 -9.81 -33.13 43.26
CA THR E 320 -10.39 -34.10 42.34
C THR E 320 -10.10 -33.67 40.91
N LYS E 321 -9.47 -34.53 40.13
CA LYS E 321 -9.15 -34.24 38.75
C LYS E 321 -10.41 -34.37 37.90
N VAL E 322 -10.86 -33.27 37.32
CA VAL E 322 -12.07 -33.22 36.52
C VAL E 322 -11.71 -32.75 35.12
N SER E 323 -12.15 -33.49 34.11
CA SER E 323 -11.81 -33.20 32.73
C SER E 323 -12.83 -32.33 32.01
N SER E 324 -14.07 -32.28 32.50
CA SER E 324 -15.09 -31.42 31.91
C SER E 324 -16.20 -31.22 32.92
N VAL E 325 -17.02 -30.19 32.67
CA VAL E 325 -18.10 -29.85 33.59
C VAL E 325 -19.11 -30.98 33.71
N GLU E 326 -19.28 -31.76 32.64
CA GLU E 326 -20.20 -32.89 32.71
C GLU E 326 -19.67 -33.95 33.67
N GLU E 327 -18.36 -34.16 33.71
CA GLU E 327 -17.78 -35.04 34.71
C GLU E 327 -18.05 -34.51 36.12
N LEU E 328 -17.96 -33.19 36.30
CA LEU E 328 -18.23 -32.59 37.60
C LEU E 328 -19.67 -32.83 38.03
N VAL E 329 -20.63 -32.63 37.12
CA VAL E 329 -22.03 -32.84 37.50
C VAL E 329 -22.31 -34.33 37.68
N ALA E 330 -21.60 -35.20 36.96
CA ALA E 330 -21.74 -36.64 37.22
C ALA E 330 -21.26 -36.99 38.62
N ASN E 331 -20.14 -36.41 39.04
CA ASN E 331 -19.68 -36.60 40.40
C ASN E 331 -20.68 -36.05 41.41
N LEU E 332 -21.28 -34.90 41.10
CA LEU E 332 -22.27 -34.31 42.01
C LEU E 332 -23.50 -35.21 42.15
N VAL E 333 -24.00 -35.74 41.03
CA VAL E 333 -25.17 -36.62 41.07
C VAL E 333 -24.84 -38.03 41.53
N LYS E 334 -23.55 -38.36 41.65
CA LYS E 334 -23.18 -39.66 42.20
C LYS E 334 -23.68 -39.82 43.63
N MET E 335 -23.58 -38.76 44.43
CA MET E 335 -24.07 -38.79 45.80
C MET E 335 -25.55 -38.42 45.86
N MET F 1 -35.44 -32.64 17.31
CA MET F 1 -34.14 -33.28 17.45
C MET F 1 -33.05 -32.25 17.71
N TYR F 2 -32.35 -32.42 18.84
CA TYR F 2 -31.25 -31.54 19.21
C TYR F 2 -29.95 -32.09 18.65
N VAL F 3 -29.30 -31.33 17.77
CA VAL F 3 -28.01 -31.71 17.21
C VAL F 3 -27.04 -30.56 17.36
N ARG F 4 -25.77 -30.88 17.50
CA ARG F 4 -24.73 -29.87 17.66
C ARG F 4 -23.50 -30.31 16.88
N ILE F 5 -23.12 -29.51 15.87
CA ILE F 5 -21.96 -29.80 15.05
C ILE F 5 -20.91 -28.74 15.34
N SER F 6 -19.65 -29.13 15.21
CA SER F 6 -18.54 -28.20 15.37
C SER F 6 -17.33 -28.80 14.65
N GLY F 7 -16.32 -27.96 14.43
CA GLY F 7 -15.13 -28.46 13.80
C GLY F 7 -14.22 -27.33 13.36
N ARG F 8 -13.16 -27.74 12.65
CA ARG F 8 -12.11 -26.86 12.18
C ARG F 8 -11.91 -27.09 10.69
N ILE F 9 -11.84 -26.02 9.92
CA ILE F 9 -11.74 -26.10 8.47
C ILE F 9 -10.70 -25.10 7.99
N ARG F 10 -9.86 -25.52 7.04
CA ARG F 10 -8.95 -24.60 6.39
C ARG F 10 -9.72 -23.69 5.44
N LEU F 11 -9.25 -22.45 5.32
CA LEU F 11 -9.93 -21.48 4.50
C LEU F 11 -8.91 -20.42 4.06
N ASN F 12 -9.08 -19.93 2.84
CA ASN F 12 -8.17 -18.91 2.32
C ASN F 12 -8.83 -18.18 1.17
N ALA F 13 -8.38 -16.94 0.94
CA ALA F 13 -8.81 -16.11 -0.17
C ALA F 13 -10.33 -15.92 -0.16
N HIS F 14 -10.82 -15.39 0.95
CA HIS F 14 -12.25 -15.13 1.13
C HIS F 14 -12.46 -13.69 1.57
N SER F 15 -13.48 -13.05 1.01
CA SER F 15 -13.85 -11.68 1.34
C SER F 15 -15.17 -11.64 2.12
N LEU F 16 -15.38 -12.65 2.95
CA LEU F 16 -16.62 -12.75 3.71
C LEU F 16 -16.70 -11.66 4.77
N ASN F 17 -17.90 -11.11 4.96
CA ASN F 17 -18.17 -10.13 6.02
C ASN F 17 -17.27 -8.90 5.89
N ALA F 18 -17.51 -8.16 4.81
CA ALA F 18 -16.85 -6.88 4.62
C ALA F 18 -17.49 -5.80 5.48
N GLN F 19 -16.65 -5.01 6.15
CA GLN F 19 -17.15 -3.93 6.98
C GLN F 19 -17.80 -2.81 6.16
N GLY F 20 -17.55 -2.76 4.86
CA GLY F 20 -18.10 -1.73 4.01
C GLY F 20 -17.29 -0.45 3.95
N GLY F 21 -16.29 -0.31 4.81
CA GLY F 21 -15.42 0.85 4.78
C GLY F 21 -16.01 2.12 5.35
N GLY F 22 -17.27 2.11 5.75
CA GLY F 22 -17.91 3.33 6.22
C GLY F 22 -18.01 4.39 5.16
N GLY F 23 -18.23 3.99 3.91
CA GLY F 23 -18.34 4.93 2.81
C GLY F 23 -17.08 5.14 2.01
N THR F 24 -16.05 4.33 2.19
CA THR F 24 -14.81 4.45 1.45
C THR F 24 -14.59 3.24 0.56
N ASN F 25 -13.75 3.44 -0.46
CA ASN F 25 -13.53 2.40 -1.46
C ASN F 25 -12.92 1.15 -0.85
N TYR F 26 -11.94 1.32 0.04
CA TYR F 26 -11.25 0.21 0.69
C TYR F 26 -12.17 -0.36 1.75
N ILE F 27 -12.99 -1.33 1.36
CA ILE F 27 -13.85 -2.05 2.28
C ILE F 27 -13.06 -3.18 2.92
N GLU F 28 -13.11 -3.26 4.25
CA GLU F 28 -12.28 -4.17 5.02
C GLU F 28 -13.13 -5.30 5.60
N ILE F 29 -12.47 -6.43 5.84
CA ILE F 29 -13.12 -7.59 6.44
C ILE F 29 -13.34 -7.33 7.93
N THR F 30 -14.47 -7.82 8.45
CA THR F 30 -14.70 -7.74 9.88
C THR F 30 -13.67 -8.57 10.64
N LYS F 31 -13.17 -8.00 11.74
CA LYS F 31 -12.15 -8.65 12.55
C LYS F 31 -12.54 -8.60 14.01
N THR F 32 -12.07 -9.59 14.76
CA THR F 32 -12.37 -9.69 16.19
C THR F 32 -11.12 -10.19 16.92
N LYS F 33 -10.99 -9.80 18.18
CA LYS F 33 -9.88 -10.25 19.00
C LYS F 33 -10.09 -11.71 19.42
N VAL F 34 -8.99 -12.40 19.65
CA VAL F 34 -9.04 -13.83 19.97
C VAL F 34 -8.37 -14.19 21.29
N THR F 35 -7.53 -13.32 21.85
CA THR F 35 -6.90 -13.53 23.16
C THR F 35 -6.12 -14.84 23.20
N VAL F 36 -5.06 -14.89 22.39
CA VAL F 36 -4.23 -16.08 22.28
C VAL F 36 -3.19 -16.08 23.38
N ARG F 37 -2.86 -17.29 23.86
CA ARG F 37 -1.85 -17.43 24.92
C ARG F 37 -0.49 -16.95 24.44
N THR F 38 -0.08 -17.35 23.23
CA THR F 38 1.23 -17.02 22.67
C THR F 38 2.36 -17.45 23.60
N GLU F 39 2.24 -18.65 24.18
CA GLU F 39 3.23 -19.26 25.05
C GLU F 39 3.51 -18.44 26.31
N ASN F 40 2.68 -17.47 26.62
CA ASN F 40 2.82 -16.65 27.82
C ASN F 40 1.42 -16.23 28.25
N GLY F 41 1.34 -15.18 29.07
CA GLY F 41 0.05 -14.65 29.49
C GLY F 41 -0.87 -14.32 28.34
N TRP F 42 -2.17 -14.21 28.62
CA TRP F 42 -3.17 -14.01 27.57
C TRP F 42 -2.96 -12.68 26.86
N THR F 43 -2.49 -12.74 25.61
CA THR F 43 -2.29 -11.54 24.80
C THR F 43 -3.33 -11.51 23.70
N VAL F 44 -4.02 -10.38 23.57
CA VAL F 44 -5.10 -10.26 22.62
C VAL F 44 -4.54 -9.83 21.27
N VAL F 45 -5.12 -10.36 20.21
CA VAL F 45 -4.79 -9.96 18.84
C VAL F 45 -6.05 -10.10 18.01
N GLU F 46 -6.26 -9.16 17.10
CA GLU F 46 -7.47 -9.11 16.28
C GLU F 46 -7.19 -9.73 14.92
N VAL F 47 -8.01 -10.72 14.56
CA VAL F 47 -7.85 -11.47 13.32
C VAL F 47 -9.20 -11.50 12.62
N PRO F 48 -9.22 -11.80 11.32
CA PRO F 48 -10.51 -11.85 10.61
C PRO F 48 -11.46 -12.84 11.23
N ALA F 49 -12.74 -12.47 11.24
CA ALA F 49 -13.78 -13.28 11.86
C ALA F 49 -14.98 -13.38 10.94
N ILE F 50 -15.74 -14.45 11.12
CA ILE F 50 -16.98 -14.67 10.39
C ILE F 50 -18.13 -14.50 11.37
N THR F 51 -19.05 -13.60 11.05
CA THR F 51 -20.14 -13.28 11.96
C THR F 51 -21.11 -14.46 12.07
N GLY F 52 -21.77 -14.56 13.22
CA GLY F 52 -22.72 -15.63 13.44
C GLY F 52 -23.94 -15.52 12.54
N ASN F 53 -24.43 -14.30 12.33
CA ASN F 53 -25.59 -14.12 11.46
C ASN F 53 -25.28 -14.53 10.03
N MET F 54 -24.01 -14.48 9.61
CA MET F 54 -23.62 -15.06 8.32
C MET F 54 -23.99 -16.53 8.26
N LEU F 55 -23.57 -17.30 9.27
CA LEU F 55 -23.88 -18.72 9.32
C LEU F 55 -25.38 -18.95 9.40
N LYS F 56 -26.08 -18.17 10.22
CA LYS F 56 -27.52 -18.34 10.37
C LYS F 56 -28.25 -18.06 9.06
N HIS F 57 -27.87 -16.98 8.36
CA HIS F 57 -28.52 -16.64 7.11
C HIS F 57 -28.22 -17.66 6.02
N TRP F 58 -27.01 -18.20 5.99
CA TRP F 58 -26.73 -19.21 4.97
C TRP F 58 -27.40 -20.54 5.30
N HIS F 59 -27.58 -20.85 6.59
CA HIS F 59 -28.40 -21.99 6.96
C HIS F 59 -29.83 -21.78 6.51
N PHE F 60 -30.34 -20.55 6.66
CA PHE F 60 -31.65 -20.20 6.12
C PHE F 60 -31.72 -20.38 4.61
N VAL F 61 -30.63 -20.00 3.92
CA VAL F 61 -30.60 -20.11 2.46
C VAL F 61 -30.67 -21.58 2.04
N GLY F 62 -29.85 -22.43 2.66
CA GLY F 62 -29.93 -23.85 2.37
C GLY F 62 -31.28 -24.44 2.74
N PHE F 63 -31.86 -23.97 3.83
CA PHE F 63 -33.17 -24.43 4.29
C PHE F 63 -34.25 -24.16 3.24
N VAL F 64 -34.30 -22.92 2.73
CA VAL F 64 -35.31 -22.57 1.74
C VAL F 64 -35.01 -23.24 0.41
N ASP F 65 -33.73 -23.39 0.07
CA ASP F 65 -33.37 -24.09 -1.17
C ASP F 65 -33.83 -25.54 -1.14
N TYR F 66 -33.73 -26.19 0.01
CA TYR F 66 -34.17 -27.58 0.11
C TYR F 66 -35.68 -27.69 0.22
N PHE F 67 -36.37 -26.71 0.80
CA PHE F 67 -37.83 -26.68 0.66
C PHE F 67 -38.27 -26.45 -0.79
N LYS F 68 -37.43 -25.79 -1.60
CA LYS F 68 -37.81 -25.58 -3.00
C LYS F 68 -38.05 -26.91 -3.71
N THR F 69 -37.19 -27.90 -3.47
CA THR F 69 -37.36 -29.20 -4.11
C THR F 69 -38.45 -30.03 -3.46
N THR F 70 -38.57 -30.00 -2.13
CA THR F 70 -39.52 -30.84 -1.44
C THR F 70 -40.95 -30.37 -1.72
N PRO F 71 -41.91 -31.30 -1.72
CA PRO F 71 -43.31 -30.90 -1.94
C PRO F 71 -43.84 -29.94 -0.89
N TYR F 72 -43.37 -30.04 0.35
CA TYR F 72 -43.84 -29.16 1.42
C TYR F 72 -43.12 -27.82 1.37
N GLY F 73 -43.14 -27.15 0.22
CA GLY F 73 -42.53 -25.84 0.08
C GLY F 73 -43.55 -24.73 -0.01
N VAL F 74 -44.83 -25.10 -0.13
CA VAL F 74 -45.88 -24.10 -0.21
C VAL F 74 -46.01 -23.31 1.08
N ASN F 75 -45.79 -23.97 2.23
CA ASN F 75 -45.89 -23.33 3.53
C ASN F 75 -44.58 -22.60 3.84
N LEU F 76 -44.33 -21.55 3.05
CA LEU F 76 -43.13 -20.74 3.20
C LEU F 76 -43.43 -19.33 2.72
N THR F 77 -42.61 -18.39 3.17
CA THR F 77 -42.75 -17.00 2.76
C THR F 77 -42.08 -16.78 1.40
N GLU F 78 -42.72 -15.98 0.55
CA GLU F 78 -42.10 -15.64 -0.73
C GLU F 78 -40.86 -14.78 -0.55
N ARG F 79 -40.73 -14.10 0.59
CA ARG F 79 -39.49 -13.39 0.90
C ARG F 79 -38.33 -14.36 1.03
N ALA F 80 -38.59 -15.54 1.59
CA ALA F 80 -37.55 -16.57 1.68
C ALA F 80 -37.10 -17.01 0.30
N LEU F 81 -38.04 -17.11 -0.64
CA LEU F 81 -37.68 -17.49 -2.01
C LEU F 81 -36.76 -16.47 -2.66
N ARG F 82 -36.77 -15.24 -2.17
CA ARG F 82 -35.87 -14.19 -2.63
C ARG F 82 -34.50 -14.25 -1.97
N TYR F 83 -34.17 -15.36 -1.31
CA TYR F 83 -32.91 -15.51 -0.59
C TYR F 83 -32.75 -14.44 0.49
N ASN F 84 -33.88 -14.00 1.04
CA ASN F 84 -33.92 -12.92 2.01
C ASN F 84 -34.25 -13.48 3.39
N GLY F 85 -33.38 -13.25 4.35
CA GLY F 85 -33.56 -13.73 5.70
C GLY F 85 -34.48 -12.92 6.57
N THR F 86 -35.03 -11.83 6.03
CA THR F 86 -35.96 -11.00 6.79
C THR F 86 -37.20 -11.79 7.15
N ARG F 87 -37.63 -11.71 8.42
CA ARG F 87 -38.82 -12.41 8.86
C ARG F 87 -40.08 -11.64 8.47
N PHE F 88 -40.24 -10.43 9.01
CA PHE F 88 -41.43 -9.63 8.72
C PHE F 88 -41.12 -8.15 8.54
N GLY F 89 -39.85 -7.75 8.57
CA GLY F 89 -39.52 -6.36 8.40
C GLY F 89 -39.93 -5.51 9.59
N GLN F 90 -40.11 -4.21 9.32
CA GLN F 90 -40.52 -3.25 10.32
C GLN F 90 -41.81 -2.57 9.89
N GLY F 91 -42.73 -2.39 10.84
CA GLY F 91 -43.99 -1.75 10.54
C GLY F 91 -44.98 -2.60 9.76
N GLU F 92 -44.71 -3.88 9.59
CA GLU F 92 -45.58 -4.77 8.83
C GLU F 92 -46.31 -5.70 9.79
N THR F 93 -47.64 -5.74 9.67
CA THR F 93 -48.48 -6.60 10.51
C THR F 93 -48.86 -7.90 9.83
N THR F 94 -49.23 -7.87 8.56
CA THR F 94 -49.62 -9.05 7.81
C THR F 94 -48.52 -9.44 6.84
N ALA F 95 -48.14 -10.71 6.84
CA ALA F 95 -47.08 -11.21 5.99
C ALA F 95 -47.65 -11.87 4.74
N THR F 96 -46.78 -12.04 3.75
CA THR F 96 -47.13 -12.65 2.48
C THR F 96 -46.47 -14.02 2.35
N LYS F 97 -47.18 -14.94 1.70
CA LYS F 97 -46.75 -16.32 1.55
C LYS F 97 -46.17 -16.55 0.16
N ALA F 98 -45.56 -17.73 -0.02
CA ALA F 98 -44.99 -18.08 -1.31
C ALA F 98 -46.07 -18.20 -2.38
N ASN F 99 -47.21 -18.81 -2.04
CA ASN F 99 -48.30 -18.95 -2.98
C ASN F 99 -49.05 -17.64 -3.21
N GLY F 100 -48.76 -16.61 -2.45
CA GLY F 100 -49.44 -15.33 -2.57
C GLY F 100 -50.50 -15.06 -1.54
N ALA F 101 -50.69 -15.97 -0.58
CA ALA F 101 -51.67 -15.76 0.48
C ALA F 101 -51.14 -14.80 1.53
N THR F 102 -52.06 -14.19 2.26
CA THR F 102 -51.74 -13.24 3.32
C THR F 102 -52.03 -13.89 4.67
N VAL F 103 -51.04 -13.84 5.57
CA VAL F 103 -51.16 -14.45 6.89
C VAL F 103 -51.05 -13.35 7.95
N GLN F 104 -52.00 -13.35 8.88
CA GLN F 104 -51.97 -12.40 9.98
C GLN F 104 -51.01 -12.87 11.07
N LEU F 105 -50.41 -11.91 11.76
CA LEU F 105 -49.39 -12.18 12.77
C LEU F 105 -49.92 -12.07 14.19
N ASN F 106 -51.23 -11.87 14.36
CA ASN F 106 -51.78 -11.69 15.70
C ASN F 106 -51.61 -12.93 16.56
N ASP F 107 -51.84 -14.10 15.98
CA ASP F 107 -51.73 -15.37 16.69
C ASP F 107 -50.46 -16.09 16.23
N GLU F 108 -49.63 -16.51 17.19
CA GLU F 108 -48.41 -17.22 16.84
C GLU F 108 -48.71 -18.60 16.27
N ALA F 109 -49.81 -19.24 16.72
CA ALA F 109 -50.16 -20.56 16.22
C ALA F 109 -50.45 -20.53 14.73
N THR F 110 -51.17 -19.50 14.27
CA THR F 110 -51.45 -19.39 12.84
C THR F 110 -50.17 -19.19 12.04
N ILE F 111 -49.21 -18.43 12.58
CA ILE F 111 -47.93 -18.26 11.91
C ILE F 111 -47.21 -19.60 11.81
N ILE F 112 -47.16 -20.34 12.92
CA ILE F 112 -46.36 -21.56 12.98
C ILE F 112 -46.98 -22.67 12.14
N LYS F 113 -48.31 -22.71 12.04
CA LYS F 113 -48.98 -23.82 11.35
C LYS F 113 -48.60 -23.89 9.88
N GLU F 114 -48.55 -22.73 9.20
CA GLU F 114 -48.34 -22.69 7.76
C GLU F 114 -47.03 -22.04 7.37
N LEU F 115 -46.06 -21.98 8.28
CA LEU F 115 -44.75 -21.39 7.99
C LEU F 115 -43.67 -22.26 8.62
N ALA F 116 -42.43 -22.04 8.16
CA ALA F 116 -41.25 -22.65 8.74
C ALA F 116 -40.12 -21.67 9.00
N ASP F 117 -40.09 -20.54 8.30
CA ASP F 117 -39.04 -19.54 8.51
C ASP F 117 -39.10 -18.99 9.93
N ALA F 118 -40.30 -18.70 10.40
CA ALA F 118 -40.50 -18.21 11.76
C ALA F 118 -40.37 -19.30 12.81
N ASP F 119 -40.32 -20.57 12.40
CA ASP F 119 -40.20 -21.67 13.35
C ASP F 119 -38.76 -22.09 13.55
N VAL F 120 -38.07 -22.48 12.47
CA VAL F 120 -36.70 -22.94 12.60
C VAL F 120 -35.76 -21.79 12.94
N HIS F 121 -35.92 -20.65 12.28
CA HIS F 121 -35.04 -19.51 12.49
C HIS F 121 -35.67 -18.42 13.37
N GLY F 122 -36.80 -18.71 14.00
CA GLY F 122 -37.44 -17.75 14.89
C GLY F 122 -37.97 -16.55 14.11
N PHE F 123 -38.54 -15.61 14.86
CA PHE F 123 -39.04 -14.38 14.25
C PHE F 123 -39.22 -13.33 15.32
N LEU F 124 -39.40 -12.09 14.87
CA LEU F 124 -39.76 -10.97 15.73
C LEU F 124 -40.69 -10.05 14.95
N ALA F 125 -41.91 -9.87 15.46
CA ALA F 125 -42.88 -8.95 14.88
C ALA F 125 -43.13 -7.82 15.86
N PRO F 126 -42.48 -6.66 15.69
CA PRO F 126 -42.71 -5.54 16.60
C PRO F 126 -44.14 -5.01 16.57
N LYS F 127 -44.81 -5.06 15.41
CA LYS F 127 -46.18 -4.57 15.33
C LYS F 127 -47.10 -5.38 16.24
N THR F 128 -47.06 -6.70 16.09
CA THR F 128 -47.76 -7.57 17.04
C THR F 128 -46.95 -7.77 18.32
N GLY F 129 -45.64 -7.51 18.28
CA GLY F 129 -44.78 -7.75 19.43
C GLY F 129 -44.65 -9.21 19.78
N ARG F 130 -44.56 -10.08 18.78
CA ARG F 130 -44.46 -11.52 19.01
C ARG F 130 -43.06 -12.00 18.61
N ARG F 131 -42.37 -12.66 19.53
CA ARG F 131 -41.00 -13.07 19.32
C ARG F 131 -40.83 -14.55 19.62
N ARG F 132 -40.07 -15.24 18.77
CA ARG F 132 -39.71 -16.63 18.97
C ARG F 132 -38.23 -16.80 18.67
N VAL F 133 -37.49 -17.35 19.64
CA VAL F 133 -36.05 -17.55 19.48
C VAL F 133 -35.79 -18.64 18.46
N SER F 134 -34.75 -18.45 17.66
CA SER F 134 -34.40 -19.42 16.64
C SER F 134 -33.91 -20.72 17.25
N LEU F 135 -34.16 -21.82 16.56
CA LEU F 135 -33.59 -23.11 16.92
C LEU F 135 -32.19 -23.30 16.35
N VAL F 136 -31.69 -22.35 15.57
CA VAL F 136 -30.36 -22.40 14.99
C VAL F 136 -29.51 -21.35 15.69
N LYS F 137 -28.51 -21.80 16.44
CA LYS F 137 -27.54 -20.95 17.12
C LYS F 137 -26.23 -21.05 16.36
N ALA F 138 -25.75 -19.92 15.85
CA ALA F 138 -24.54 -19.88 15.03
C ALA F 138 -23.46 -19.10 15.75
N SER F 139 -22.27 -19.70 15.83
CA SER F 139 -21.14 -19.08 16.51
C SER F 139 -20.33 -18.27 15.51
N PHE F 140 -19.18 -17.76 15.94
CA PHE F 140 -18.29 -16.98 15.10
C PHE F 140 -17.13 -17.86 14.67
N ILE F 141 -16.84 -17.87 13.37
CA ILE F 141 -15.80 -18.71 12.81
C ILE F 141 -14.48 -17.93 12.86
N LEU F 142 -13.55 -18.40 13.69
CA LEU F 142 -12.33 -17.69 13.99
C LEU F 142 -11.13 -18.59 13.74
N PRO F 143 -10.00 -18.04 13.29
CA PRO F 143 -8.77 -18.83 13.20
C PRO F 143 -8.32 -19.29 14.57
N THR F 144 -7.88 -20.54 14.66
CA THR F 144 -7.62 -21.16 15.95
C THR F 144 -6.40 -20.53 16.63
N GLU F 145 -6.34 -20.72 17.95
CA GLU F 145 -5.25 -20.16 18.73
C GLU F 145 -3.90 -20.78 18.36
N ASP F 146 -3.87 -22.10 18.13
CA ASP F 146 -2.62 -22.74 17.75
C ASP F 146 -2.15 -22.26 16.39
N PHE F 147 -3.08 -21.96 15.47
CA PHE F 147 -2.70 -21.38 14.19
C PHE F 147 -2.01 -20.04 14.38
N ILE F 148 -2.56 -19.19 15.25
CA ILE F 148 -1.94 -17.90 15.53
C ILE F 148 -0.57 -18.10 16.16
N LYS F 149 -0.46 -19.07 17.07
CA LYS F 149 0.82 -19.35 17.71
C LYS F 149 1.87 -19.77 16.70
N GLU F 150 1.50 -20.67 15.78
CA GLU F 150 2.46 -21.17 14.80
C GLU F 150 2.74 -20.17 13.69
N VAL F 151 1.88 -19.16 13.51
CA VAL F 151 2.19 -18.05 12.60
C VAL F 151 2.66 -16.82 13.37
N GLU F 152 2.94 -16.96 14.67
CA GLU F 152 3.34 -15.84 15.52
C GLU F 152 2.27 -14.77 15.52
N GLY F 153 2.28 -13.90 14.52
CA GLY F 153 1.23 -12.92 14.34
C GLY F 153 1.43 -12.01 13.16
N GLU F 154 0.38 -11.83 12.36
CA GLU F 154 0.40 -10.94 11.21
C GLU F 154 -0.96 -10.26 11.11
N ARG F 155 -1.13 -9.48 10.04
CA ARG F 155 -2.46 -8.95 9.75
C ARG F 155 -3.41 -10.06 9.33
N LEU F 156 -2.87 -11.11 8.68
CA LEU F 156 -3.65 -12.22 8.14
C LEU F 156 -4.61 -11.77 7.04
N ILE F 157 -4.41 -10.55 6.53
CA ILE F 157 -5.29 -9.94 5.55
C ILE F 157 -4.45 -9.45 4.37
N THR F 158 -4.93 -9.70 3.16
CA THR F 158 -4.29 -9.21 1.94
C THR F 158 -5.23 -8.24 1.25
N ALA F 159 -4.70 -7.09 0.85
CA ALA F 159 -5.45 -6.06 0.16
C ALA F 159 -5.22 -6.22 -1.34
N ILE F 160 -6.31 -6.40 -2.09
CA ILE F 160 -6.23 -6.59 -3.53
C ILE F 160 -7.06 -5.51 -4.22
N LYS F 161 -6.46 -4.84 -5.19
CA LYS F 161 -7.11 -3.79 -5.94
C LYS F 161 -8.11 -4.38 -6.94
N HIS F 162 -9.25 -3.71 -7.07
CA HIS F 162 -10.24 -4.05 -8.07
C HIS F 162 -10.71 -2.77 -8.74
N ASN F 163 -11.01 -2.87 -10.04
CA ASN F 163 -11.30 -1.67 -10.82
C ASN F 163 -12.52 -1.88 -11.69
N ARG F 164 -13.14 -0.77 -12.05
CA ARG F 164 -14.22 -0.74 -13.03
C ARG F 164 -13.68 -0.20 -14.34
N VAL F 165 -14.11 -0.81 -15.44
CA VAL F 165 -13.56 -0.48 -16.75
C VAL F 165 -14.64 0.13 -17.64
N ASP F 166 -15.59 0.84 -17.03
CA ASP F 166 -16.65 1.47 -17.80
C ASP F 166 -16.10 2.58 -18.67
N VAL F 167 -16.62 2.67 -19.90
CA VAL F 167 -16.30 3.74 -20.83
C VAL F 167 -17.60 4.30 -21.36
N ASP F 168 -17.49 5.41 -22.09
CA ASP F 168 -18.67 6.07 -22.65
C ASP F 168 -19.18 5.26 -23.85
N GLU F 169 -20.21 5.80 -24.51
CA GLU F 169 -20.77 5.13 -25.68
C GLU F 169 -19.78 5.05 -26.82
N LYS F 170 -18.82 5.98 -26.91
CA LYS F 170 -17.83 5.98 -27.97
C LYS F 170 -16.64 5.07 -27.68
N GLY F 171 -16.47 4.64 -26.43
CA GLY F 171 -15.34 3.81 -26.07
C GLY F 171 -14.16 4.62 -25.58
N ALA F 172 -14.41 5.58 -24.70
CA ALA F 172 -13.37 6.47 -24.19
C ALA F 172 -13.55 6.65 -22.70
N ILE F 173 -12.47 7.02 -22.02
CA ILE F 173 -12.48 7.24 -20.58
C ILE F 173 -12.25 8.73 -20.32
N GLY F 174 -13.15 9.32 -19.51
CA GLY F 174 -12.99 10.69 -19.10
C GLY F 174 -13.28 10.88 -17.63
N SER F 175 -13.35 12.13 -17.18
CA SER F 175 -13.68 12.42 -15.80
C SER F 175 -15.18 12.22 -15.55
N SER F 176 -15.54 12.20 -14.26
CA SER F 176 -16.93 11.97 -13.88
C SER F 176 -17.83 13.14 -14.24
N LYS F 177 -17.26 14.29 -14.60
CA LYS F 177 -18.08 15.46 -14.90
C LYS F 177 -18.85 15.31 -16.20
N GLU F 178 -18.46 14.38 -17.07
CA GLU F 178 -19.13 14.18 -18.35
C GLU F 178 -20.06 12.97 -18.37
N GLY F 179 -19.92 12.03 -17.44
CA GLY F 179 -20.79 10.88 -17.41
C GLY F 179 -20.07 9.56 -17.29
N THR F 180 -18.79 9.60 -16.95
CA THR F 180 -18.03 8.37 -16.74
C THR F 180 -18.59 7.60 -15.56
N ALA F 181 -18.73 6.29 -15.72
CA ALA F 181 -19.39 5.44 -14.73
C ALA F 181 -18.50 4.28 -14.28
N GLN F 182 -17.19 4.49 -14.29
CA GLN F 182 -16.26 3.55 -13.68
C GLN F 182 -15.67 4.21 -12.44
N MET F 183 -15.29 3.40 -11.46
CA MET F 183 -14.76 3.92 -10.21
C MET F 183 -14.03 2.81 -9.46
N LEU F 184 -12.97 3.21 -8.74
CA LEU F 184 -12.05 2.27 -8.11
C LEU F 184 -12.55 1.82 -6.74
N PHE F 185 -12.00 0.70 -6.28
CA PHE F 185 -12.21 0.20 -4.94
C PHE F 185 -11.17 -0.89 -4.67
N SER F 186 -11.23 -1.46 -3.46
CA SER F 186 -10.28 -2.50 -3.07
C SER F 186 -11.00 -3.49 -2.15
N ARG F 187 -10.42 -4.67 -2.02
CA ARG F 187 -11.02 -5.73 -1.22
C ARG F 187 -9.98 -6.35 -0.29
N GLU F 188 -10.46 -6.85 0.84
CA GLU F 188 -9.63 -7.53 1.82
C GLU F 188 -9.97 -9.01 1.82
N TYR F 189 -8.94 -9.86 1.70
CA TYR F 189 -9.11 -11.30 1.69
C TYR F 189 -8.30 -11.92 2.82
N ALA F 190 -8.91 -12.90 3.48
CA ALA F 190 -8.35 -13.49 4.69
C ALA F 190 -8.05 -14.97 4.49
N THR F 191 -7.36 -15.55 5.46
CA THR F 191 -6.97 -16.95 5.42
C THR F 191 -6.77 -17.44 6.84
N GLY F 192 -6.71 -18.76 6.98
CA GLY F 192 -6.43 -19.36 8.27
C GLY F 192 -7.13 -20.70 8.42
N LEU F 193 -6.82 -21.35 9.53
CA LEU F 193 -7.48 -22.60 9.92
C LEU F 193 -8.62 -22.23 10.87
N TYR F 194 -9.74 -21.86 10.28
CA TYR F 194 -10.85 -21.34 11.07
C TYR F 194 -11.58 -22.47 11.78
N GLY F 195 -12.42 -22.11 12.74
CA GLY F 195 -13.22 -23.08 13.45
C GLY F 195 -14.65 -22.63 13.64
N PHE F 196 -15.61 -23.50 13.37
CA PHE F 196 -17.02 -23.15 13.42
C PHE F 196 -17.77 -24.12 14.32
N SER F 197 -18.94 -23.68 14.77
CA SER F 197 -19.82 -24.49 15.61
C SER F 197 -21.25 -24.01 15.42
N ILE F 198 -22.16 -24.95 15.16
CA ILE F 198 -23.56 -24.67 14.91
C ILE F 198 -24.40 -25.59 15.78
N VAL F 199 -25.50 -25.05 16.32
CA VAL F 199 -26.40 -25.79 17.21
C VAL F 199 -27.80 -25.74 16.60
N LEU F 200 -28.34 -26.89 16.22
CA LEU F 200 -29.71 -26.98 15.75
C LEU F 200 -30.55 -27.61 16.86
N ASP F 201 -31.18 -26.76 17.66
CA ASP F 201 -32.10 -27.21 18.71
C ASP F 201 -33.50 -27.42 18.11
N LEU F 202 -33.54 -28.33 17.14
CA LEU F 202 -34.76 -28.56 16.38
C LEU F 202 -35.71 -29.50 17.11
N GLY F 203 -36.03 -29.16 18.36
CA GLY F 203 -37.01 -29.92 19.11
C GLY F 203 -38.27 -29.12 19.34
N LEU F 204 -38.26 -27.87 18.87
CA LEU F 204 -39.40 -26.97 19.03
C LEU F 204 -40.05 -26.62 17.69
N VAL F 205 -39.76 -27.37 16.62
CA VAL F 205 -40.38 -27.11 15.34
C VAL F 205 -41.86 -27.43 15.41
N GLY F 206 -42.69 -26.46 14.98
CA GLY F 206 -44.12 -26.63 15.09
C GLY F 206 -44.69 -26.50 16.47
N ILE F 207 -43.88 -26.07 17.44
CA ILE F 207 -44.29 -25.94 18.84
C ILE F 207 -44.42 -24.45 19.16
N PRO F 208 -45.61 -23.94 19.46
CA PRO F 208 -45.73 -22.53 19.84
C PRO F 208 -45.09 -22.25 21.18
N GLN F 209 -44.58 -21.02 21.31
CA GLN F 209 -43.95 -20.62 22.57
C GLN F 209 -45.00 -20.33 23.65
N GLY F 210 -46.17 -19.84 23.26
CA GLY F 210 -47.20 -19.53 24.25
C GLY F 210 -47.68 -20.76 25.00
N LEU F 211 -47.93 -21.85 24.27
CA LEU F 211 -48.35 -23.12 24.87
C LEU F 211 -47.43 -24.19 24.29
N PRO F 212 -46.27 -24.41 24.92
CA PRO F 212 -45.31 -25.37 24.34
C PRO F 212 -45.75 -26.82 24.47
N VAL F 213 -46.42 -27.19 25.56
CA VAL F 213 -46.82 -28.57 25.81
C VAL F 213 -48.30 -28.60 26.13
N LYS F 214 -49.00 -29.62 25.63
CA LYS F 214 -50.44 -29.71 25.81
C LYS F 214 -50.81 -30.24 27.20
N PHE F 215 -50.32 -31.43 27.55
CA PHE F 215 -50.73 -32.12 28.78
C PHE F 215 -52.24 -32.25 28.86
N GLU F 216 -52.87 -32.62 27.74
CA GLU F 216 -54.31 -32.81 27.73
C GLU F 216 -54.72 -34.01 28.58
N GLU F 217 -53.97 -35.12 28.48
CA GLU F 217 -54.27 -36.34 29.22
C GLU F 217 -53.19 -36.67 30.24
N ASN F 218 -52.42 -35.68 30.67
CA ASN F 218 -51.40 -35.83 31.71
C ASN F 218 -50.33 -36.85 31.30
N GLN F 219 -49.67 -36.57 30.18
CA GLN F 219 -48.53 -37.34 29.72
C GLN F 219 -47.70 -36.47 28.80
N PRO F 220 -46.37 -36.62 28.80
CA PRO F 220 -45.51 -35.72 28.02
C PRO F 220 -45.64 -35.99 26.53
N ARG F 221 -45.96 -34.93 25.77
CA ARG F 221 -45.97 -35.00 24.31
C ARG F 221 -45.81 -33.59 23.78
N PRO F 222 -45.06 -33.39 22.70
CA PRO F 222 -44.90 -32.03 22.16
C PRO F 222 -46.18 -31.55 21.51
N ASN F 223 -46.34 -30.22 21.50
CA ASN F 223 -47.50 -29.57 20.88
C ASN F 223 -47.15 -29.23 19.44
N ILE F 224 -47.25 -30.24 18.57
CA ILE F 224 -46.97 -30.07 17.15
C ILE F 224 -48.26 -29.66 16.46
N VAL F 225 -48.23 -28.50 15.79
CA VAL F 225 -49.40 -28.01 15.06
C VAL F 225 -49.46 -28.53 13.63
N ILE F 226 -48.55 -29.42 13.24
CA ILE F 226 -48.49 -29.97 11.90
C ILE F 226 -48.36 -31.49 11.99
N ASP F 227 -48.63 -32.14 10.88
CA ASP F 227 -48.51 -33.59 10.83
C ASP F 227 -47.04 -34.01 10.96
N PRO F 228 -46.78 -35.23 11.45
CA PRO F 228 -45.39 -35.67 11.62
C PRO F 228 -44.58 -35.67 10.33
N ASN F 229 -45.23 -35.91 9.18
CA ASN F 229 -44.49 -35.92 7.92
C ASN F 229 -43.87 -34.56 7.62
N GLU F 230 -44.64 -33.49 7.81
CA GLU F 230 -44.12 -32.15 7.54
C GLU F 230 -42.98 -31.81 8.50
N ARG F 231 -43.11 -32.17 9.78
CA ARG F 231 -42.05 -31.93 10.74
C ARG F 231 -40.78 -32.70 10.37
N LYS F 232 -40.93 -33.96 9.97
CA LYS F 232 -39.77 -34.75 9.55
C LYS F 232 -39.11 -34.15 8.32
N ALA F 233 -39.91 -33.71 7.35
CA ALA F 233 -39.34 -33.07 6.17
C ALA F 233 -38.60 -31.79 6.53
N ARG F 234 -39.16 -30.99 7.45
CA ARG F 234 -38.49 -29.78 7.90
C ARG F 234 -37.17 -30.09 8.59
N ILE F 235 -37.15 -31.12 9.43
CA ILE F 235 -35.91 -31.50 10.10
C ILE F 235 -34.87 -31.96 9.09
N GLU F 236 -35.30 -32.78 8.11
CA GLU F 236 -34.37 -33.24 7.09
C GLU F 236 -33.81 -32.07 6.28
N SER F 237 -34.65 -31.10 5.92
CA SER F 237 -34.16 -29.95 5.18
C SER F 237 -33.21 -29.11 6.01
N ALA F 238 -33.51 -28.90 7.28
CA ALA F 238 -32.63 -28.12 8.14
C ALA F 238 -31.27 -28.80 8.30
N LEU F 239 -31.26 -30.12 8.45
CA LEU F 239 -30.00 -30.84 8.55
C LEU F 239 -29.25 -30.82 7.22
N LYS F 240 -29.95 -30.94 6.09
CA LYS F 240 -29.31 -30.86 4.79
C LYS F 240 -28.76 -29.48 4.50
N ALA F 241 -29.30 -28.44 5.18
CA ALA F 241 -28.75 -27.10 5.01
C ALA F 241 -27.29 -27.00 5.45
N LEU F 242 -26.81 -27.97 6.22
CA LEU F 242 -25.41 -28.02 6.61
C LEU F 242 -24.50 -28.52 5.48
N ILE F 243 -25.05 -29.09 4.42
CA ILE F 243 -24.23 -29.60 3.32
C ILE F 243 -23.43 -28.49 2.65
N PRO F 244 -24.03 -27.35 2.26
CA PRO F 244 -23.19 -26.27 1.69
C PRO F 244 -22.13 -25.74 2.66
N MET F 245 -22.41 -25.78 3.97
CA MET F 245 -21.49 -25.22 4.96
C MET F 245 -20.08 -25.74 4.77
N LEU F 246 -19.94 -27.06 4.63
CA LEU F 246 -18.63 -27.67 4.53
C LEU F 246 -18.10 -27.72 3.09
N SER F 247 -18.88 -27.23 2.12
CA SER F 247 -18.47 -27.35 0.73
C SER F 247 -18.18 -26.00 0.07
N GLY F 248 -19.16 -25.10 0.00
CA GLY F 248 -18.91 -23.85 -0.71
C GLY F 248 -19.60 -22.60 -0.21
N TYR F 249 -20.39 -22.68 0.85
CA TYR F 249 -21.24 -21.56 1.25
C TYR F 249 -21.15 -21.37 2.77
N ILE F 250 -20.39 -20.35 3.19
CA ILE F 250 -20.36 -19.93 4.59
C ILE F 250 -20.62 -18.43 4.66
N GLY F 251 -19.86 -17.66 3.91
CA GLY F 251 -19.86 -16.21 3.98
C GLY F 251 -20.65 -15.56 2.87
N ALA F 252 -20.21 -14.36 2.48
CA ALA F 252 -20.87 -13.57 1.45
C ALA F 252 -19.90 -13.36 0.29
N ASN F 253 -20.32 -12.52 -0.67
CA ASN F 253 -19.52 -12.24 -1.86
C ASN F 253 -19.16 -13.52 -2.60
N LEU F 254 -20.12 -14.44 -2.69
CA LEU F 254 -19.86 -15.74 -3.30
C LEU F 254 -19.52 -15.64 -4.78
N ALA F 255 -20.01 -14.60 -5.47
CA ALA F 255 -19.75 -14.47 -6.90
C ALA F 255 -18.26 -14.31 -7.18
N ARG F 256 -17.57 -13.51 -6.37
CA ARG F 256 -16.15 -13.24 -6.58
C ARG F 256 -15.22 -13.93 -5.60
N SER F 257 -15.65 -14.14 -4.35
CA SER F 257 -14.78 -14.80 -3.39
C SER F 257 -14.89 -16.33 -3.50
N PHE F 258 -16.09 -16.86 -3.27
CA PHE F 258 -16.33 -18.30 -3.18
C PHE F 258 -15.30 -18.94 -2.25
N PRO F 259 -15.45 -18.78 -0.94
CA PRO F 259 -14.40 -19.20 -0.01
C PRO F 259 -14.03 -20.67 -0.17
N VAL F 260 -12.73 -20.93 -0.08
CA VAL F 260 -12.17 -22.26 -0.34
C VAL F 260 -12.29 -23.10 0.92
N PHE F 261 -12.89 -24.29 0.80
CA PHE F 261 -13.27 -25.09 1.95
C PHE F 261 -12.78 -26.52 1.84
N LYS F 262 -12.42 -27.08 3.01
CA LYS F 262 -12.13 -28.49 3.17
C LYS F 262 -12.38 -28.85 4.62
N VAL F 263 -12.91 -30.05 4.85
CA VAL F 263 -13.26 -30.48 6.20
C VAL F 263 -12.00 -31.00 6.90
N GLU F 264 -11.28 -30.10 7.56
CA GLU F 264 -10.05 -30.50 8.26
C GLU F 264 -10.35 -31.43 9.42
N GLU F 265 -11.40 -31.13 10.20
CA GLU F 265 -11.84 -32.02 11.26
C GLU F 265 -13.25 -31.61 11.67
N LEU F 266 -14.07 -32.59 12.04
CA LEU F 266 -15.47 -32.36 12.36
C LEU F 266 -15.91 -33.28 13.49
N VAL F 267 -16.89 -32.82 14.26
CA VAL F 267 -17.49 -33.63 15.32
C VAL F 267 -18.91 -33.13 15.56
N ALA F 268 -19.88 -34.05 15.58
CA ALA F 268 -21.27 -33.71 15.79
C ALA F 268 -21.91 -34.70 16.76
N ILE F 269 -22.85 -34.22 17.57
CA ILE F 269 -23.54 -35.05 18.55
C ILE F 269 -25.04 -34.82 18.44
N ALA F 270 -25.80 -35.86 18.79
CA ALA F 270 -27.26 -35.77 18.80
C ALA F 270 -27.82 -36.88 19.67
N SER F 271 -28.87 -36.57 20.45
CA SER F 271 -29.47 -37.57 21.31
C SER F 271 -30.99 -37.49 21.38
N GLU F 272 -31.64 -36.66 20.56
CA GLU F 272 -33.08 -36.39 20.70
C GLU F 272 -33.39 -35.85 22.09
N GLY F 273 -32.54 -34.96 22.58
CA GLY F 273 -32.70 -34.39 23.91
C GLY F 273 -31.65 -33.36 24.24
N PRO F 274 -31.77 -32.75 25.42
CA PRO F 274 -30.82 -31.70 25.81
C PRO F 274 -29.40 -32.23 25.92
N ILE F 275 -28.47 -31.51 25.31
CA ILE F 275 -27.06 -31.92 25.27
C ILE F 275 -26.18 -30.70 25.39
N PRO F 276 -24.98 -30.88 25.94
CA PRO F 276 -24.01 -29.77 25.99
C PRO F 276 -23.61 -29.32 24.59
N ALA F 277 -23.43 -28.02 24.45
CA ALA F 277 -22.92 -27.47 23.19
C ALA F 277 -21.43 -27.78 23.06
N LEU F 278 -21.03 -28.15 21.84
CA LEU F 278 -19.63 -28.46 21.59
C LEU F 278 -18.76 -27.23 21.79
N VAL F 279 -17.57 -27.44 22.34
CA VAL F 279 -16.59 -26.37 22.39
C VAL F 279 -16.21 -26.00 20.96
N HIS F 280 -15.95 -24.72 20.74
CA HIS F 280 -15.64 -24.24 19.40
C HIS F 280 -14.33 -24.84 18.90
N GLY F 281 -14.26 -25.05 17.60
CA GLY F 281 -13.04 -25.53 16.98
C GLY F 281 -12.00 -24.43 16.88
N PHE F 282 -11.74 -23.78 18.01
CA PHE F 282 -10.91 -22.59 18.08
C PHE F 282 -9.81 -22.74 19.14
N TYR F 283 -10.13 -23.45 20.22
CA TYR F 283 -9.30 -23.45 21.41
C TYR F 283 -8.21 -24.52 21.33
N GLU F 284 -7.16 -24.32 22.12
CA GLU F 284 -6.06 -25.28 22.17
C GLU F 284 -6.53 -26.62 22.71
N ASP F 285 -7.19 -26.61 23.87
CA ASP F 285 -7.70 -27.83 24.48
C ASP F 285 -9.06 -28.15 23.85
N TYR F 286 -9.01 -28.58 22.58
CA TYR F 286 -10.21 -28.86 21.81
C TYR F 286 -10.55 -30.35 21.78
N ILE F 287 -9.61 -31.17 21.30
CA ILE F 287 -9.89 -32.60 21.13
C ILE F 287 -10.04 -33.29 22.47
N GLU F 288 -9.19 -32.94 23.43
CA GLU F 288 -9.30 -33.52 24.77
C GLU F 288 -10.62 -33.14 25.43
N ALA F 289 -11.02 -31.87 25.30
CA ALA F 289 -12.29 -31.43 25.86
C ALA F 289 -13.46 -32.16 25.21
N ASN F 290 -13.41 -32.32 23.89
CA ASN F 290 -14.48 -33.05 23.21
C ASN F 290 -14.55 -34.49 23.67
N ARG F 291 -13.41 -35.16 23.78
CA ARG F 291 -13.40 -36.54 24.23
C ARG F 291 -13.96 -36.67 25.63
N SER F 292 -13.55 -35.76 26.53
CA SER F 292 -14.06 -35.80 27.90
C SER F 292 -15.57 -35.56 27.93
N ILE F 293 -16.05 -34.60 27.15
CA ILE F 293 -17.48 -34.29 27.14
C ILE F 293 -18.27 -35.50 26.63
N ILE F 294 -17.81 -36.12 25.55
CA ILE F 294 -18.55 -37.26 24.99
C ILE F 294 -18.52 -38.44 25.96
N LYS F 295 -17.37 -38.72 26.58
CA LYS F 295 -17.30 -39.84 27.50
C LYS F 295 -18.16 -39.60 28.73
N ASN F 296 -18.22 -38.35 29.21
CA ASN F 296 -19.07 -38.05 30.35
C ASN F 296 -20.55 -38.16 29.98
N ALA F 297 -20.92 -37.71 28.78
CA ALA F 297 -22.31 -37.83 28.35
C ALA F 297 -22.71 -39.29 28.19
N ARG F 298 -21.84 -40.11 27.61
CA ARG F 298 -22.15 -41.52 27.43
C ARG F 298 -22.06 -42.31 28.73
N ALA F 299 -21.35 -41.79 29.74
CA ALA F 299 -21.28 -42.45 31.04
C ALA F 299 -22.53 -42.25 31.87
N LEU F 300 -23.40 -41.32 31.48
CA LEU F 300 -24.64 -41.06 32.20
C LEU F 300 -25.81 -41.91 31.70
N GLY F 301 -25.57 -42.80 30.74
CA GLY F 301 -26.62 -43.65 30.21
C GLY F 301 -27.47 -43.01 29.13
N PHE F 302 -27.13 -41.80 28.70
CA PHE F 302 -27.89 -41.14 27.65
C PHE F 302 -27.67 -41.81 26.30
N ASN F 303 -28.70 -41.78 25.47
CA ASN F 303 -28.62 -42.36 24.12
C ASN F 303 -28.05 -41.36 23.10
N ILE F 304 -26.90 -40.79 23.43
CA ILE F 304 -26.27 -39.79 22.59
C ILE F 304 -25.34 -40.48 21.60
N GLU F 305 -25.41 -40.06 20.34
CA GLU F 305 -24.53 -40.56 19.29
C GLU F 305 -23.65 -39.41 18.79
N VAL F 306 -22.38 -39.73 18.57
CA VAL F 306 -21.38 -38.78 18.13
C VAL F 306 -20.72 -39.31 16.86
N PHE F 307 -20.51 -38.42 15.89
CA PHE F 307 -19.89 -38.75 14.62
C PHE F 307 -18.75 -37.78 14.38
N THR F 308 -17.56 -38.32 14.09
CA THR F 308 -16.34 -37.55 13.97
C THR F 308 -15.68 -37.81 12.61
N TYR F 309 -15.14 -36.74 12.03
CA TYR F 309 -14.44 -36.81 10.76
C TYR F 309 -13.03 -36.27 10.92
N ASN F 310 -12.05 -37.03 10.42
CA ASN F 310 -10.64 -36.64 10.40
C ASN F 310 -10.11 -36.35 11.80
N VAL F 311 -10.56 -37.15 12.77
CA VAL F 311 -10.08 -37.06 14.14
C VAL F 311 -10.33 -38.39 14.82
N ASP F 312 -9.36 -38.81 15.63
CA ASP F 312 -9.47 -40.08 16.35
C ASP F 312 -10.34 -40.01 17.59
N LEU F 313 -10.79 -38.81 17.97
CA LEU F 313 -11.62 -38.60 19.16
C LEU F 313 -10.90 -39.10 20.40
N GLY F 314 -11.20 -40.33 20.81
CA GLY F 314 -10.57 -40.90 21.99
C GLY F 314 -10.25 -42.37 21.88
N GLU F 315 -10.34 -42.91 20.65
CA GLU F 315 -9.96 -44.28 20.28
C GLU F 315 -10.64 -45.33 21.14
N ASP F 316 -11.60 -44.92 21.96
CA ASP F 316 -12.39 -45.85 22.76
C ASP F 316 -13.89 -45.58 22.75
N ILE F 317 -14.33 -44.36 22.40
CA ILE F 317 -15.74 -44.08 22.26
C ILE F 317 -16.26 -44.70 20.96
N GLU F 318 -17.42 -45.36 21.04
CA GLU F 318 -17.98 -46.05 19.87
C GLU F 318 -18.54 -45.00 18.92
N ALA F 319 -17.66 -44.41 18.14
CA ALA F 319 -18.01 -43.41 17.14
C ALA F 319 -17.40 -43.81 15.80
N THR F 320 -18.24 -44.08 14.82
CA THR F 320 -17.76 -44.50 13.51
C THR F 320 -17.07 -43.34 12.80
N LYS F 321 -15.96 -43.64 12.16
CA LYS F 321 -15.23 -42.64 11.38
C LYS F 321 -16.00 -42.34 10.10
N VAL F 322 -16.66 -41.19 10.07
CA VAL F 322 -17.54 -40.82 8.95
C VAL F 322 -16.69 -40.43 7.75
N SER F 323 -17.32 -40.35 6.58
CA SER F 323 -16.63 -40.04 5.34
C SER F 323 -16.89 -38.64 4.81
N SER F 324 -18.10 -38.11 5.01
CA SER F 324 -18.44 -36.76 4.58
C SER F 324 -19.70 -36.32 5.30
N VAL F 325 -20.15 -35.10 4.98
CA VAL F 325 -21.33 -34.55 5.64
C VAL F 325 -22.63 -35.03 5.00
N GLU F 326 -22.59 -35.45 3.73
CA GLU F 326 -23.82 -35.92 3.08
C GLU F 326 -24.36 -37.17 3.76
N GLU F 327 -23.51 -38.19 3.91
CA GLU F 327 -23.95 -39.37 4.64
C GLU F 327 -24.16 -39.07 6.12
N LEU F 328 -23.48 -38.05 6.65
CA LEU F 328 -23.72 -37.65 8.03
C LEU F 328 -25.17 -37.21 8.22
N VAL F 329 -25.64 -36.28 7.38
CA VAL F 329 -27.03 -35.85 7.50
C VAL F 329 -27.97 -36.98 7.10
N ALA F 330 -27.54 -37.86 6.18
CA ALA F 330 -28.39 -38.99 5.80
C ALA F 330 -28.65 -39.90 6.99
N ASN F 331 -27.61 -40.25 7.74
CA ASN F 331 -27.80 -41.13 8.90
C ASN F 331 -28.51 -40.39 10.03
N LEU F 332 -28.24 -39.09 10.20
CA LEU F 332 -28.94 -38.33 11.23
C LEU F 332 -30.41 -38.15 10.92
N VAL F 333 -30.83 -38.25 9.66
CA VAL F 333 -32.26 -38.19 9.35
C VAL F 333 -32.91 -39.57 9.24
N LYS F 334 -32.13 -40.62 9.00
CA LYS F 334 -32.70 -41.97 9.00
C LYS F 334 -32.62 -42.65 10.36
N MET F 335 -32.00 -42.02 11.35
CA MET F 335 -31.91 -42.63 12.68
C MET F 335 -33.26 -42.76 13.35
N VAL F 336 -34.25 -41.96 12.95
CA VAL F 336 -35.59 -42.07 13.53
C VAL F 336 -36.57 -42.59 12.49
N MET G 1 -28.62 -28.62 -14.34
CA MET G 1 -28.69 -27.17 -14.17
C MET G 1 -27.50 -26.66 -13.36
N TYR G 2 -27.56 -26.83 -12.04
CA TYR G 2 -26.44 -26.45 -11.18
C TYR G 2 -25.24 -27.34 -11.47
N VAL G 3 -24.12 -26.72 -11.82
CA VAL G 3 -22.89 -27.45 -12.13
C VAL G 3 -21.73 -26.83 -11.36
N ARG G 4 -21.01 -27.67 -10.62
CA ARG G 4 -19.84 -27.23 -9.86
C ARG G 4 -18.61 -27.91 -10.44
N ILE G 5 -17.60 -27.11 -10.81
CA ILE G 5 -16.37 -27.60 -11.40
C ILE G 5 -15.21 -27.23 -10.49
N SER G 6 -14.21 -28.11 -10.41
CA SER G 6 -12.99 -27.82 -9.69
C SER G 6 -11.86 -28.63 -10.32
N GLY G 7 -10.64 -28.33 -9.90
CA GLY G 7 -9.51 -29.11 -10.37
C GLY G 7 -8.20 -28.35 -10.21
N ARG G 8 -7.15 -28.97 -10.75
CA ARG G 8 -5.79 -28.45 -10.68
C ARG G 8 -5.29 -28.18 -12.09
N ILE G 9 -4.75 -26.99 -12.29
CA ILE G 9 -4.25 -26.54 -13.59
C ILE G 9 -2.84 -26.01 -13.39
N ARG G 10 -1.92 -26.44 -14.27
CA ARG G 10 -0.53 -26.05 -14.16
C ARG G 10 -0.29 -24.80 -15.00
N LEU G 11 0.21 -23.74 -14.36
CA LEU G 11 0.42 -22.46 -15.01
C LEU G 11 1.89 -22.09 -14.95
N ASN G 12 2.34 -21.31 -15.94
CA ASN G 12 3.70 -20.80 -15.93
C ASN G 12 3.77 -19.52 -16.76
N ALA G 13 4.68 -18.64 -16.37
CA ALA G 13 4.96 -17.40 -17.10
C ALA G 13 3.70 -16.58 -17.34
N HIS G 14 3.03 -16.22 -16.25
CA HIS G 14 1.81 -15.43 -16.33
C HIS G 14 1.89 -14.25 -15.37
N SER G 15 1.54 -13.07 -15.89
CA SER G 15 1.41 -11.86 -15.09
C SER G 15 -0.07 -11.54 -14.87
N LEU G 16 -0.88 -12.59 -14.76
CA LEU G 16 -2.32 -12.44 -14.69
C LEU G 16 -2.70 -11.77 -13.37
N ASN G 17 -3.58 -10.76 -13.46
CA ASN G 17 -4.06 -10.03 -12.28
C ASN G 17 -2.92 -9.36 -11.52
N ALA G 18 -2.26 -8.38 -12.13
CA ALA G 18 -1.18 -7.65 -11.49
C ALA G 18 -1.71 -6.30 -11.01
N GLN G 19 -1.52 -6.02 -9.71
CA GLN G 19 -2.05 -4.78 -9.13
C GLN G 19 -1.30 -3.56 -9.63
N GLY G 20 0.03 -3.63 -9.66
CA GLY G 20 0.85 -2.50 -10.06
C GLY G 20 1.49 -1.74 -8.92
N GLY G 21 1.08 -2.00 -7.69
CA GLY G 21 1.64 -1.29 -6.54
C GLY G 21 1.37 0.20 -6.55
N GLY G 22 0.20 0.59 -7.04
CA GLY G 22 -0.14 1.99 -7.14
C GLY G 22 0.27 2.61 -8.47
N GLY G 23 0.66 3.88 -8.45
CA GLY G 23 1.07 4.56 -9.65
C GLY G 23 2.48 4.28 -10.09
N THR G 24 3.23 3.48 -9.33
CA THR G 24 4.60 3.17 -9.68
C THR G 24 4.66 2.22 -10.87
N ASN G 25 5.82 2.18 -11.51
CA ASN G 25 6.02 1.34 -12.68
C ASN G 25 6.20 -0.14 -12.34
N TYR G 26 6.55 -0.46 -11.10
CA TYR G 26 6.79 -1.85 -10.70
C TYR G 26 5.44 -2.54 -10.52
N ILE G 27 4.99 -3.19 -11.60
CA ILE G 27 3.71 -3.87 -11.58
C ILE G 27 3.90 -5.23 -10.90
N GLU G 28 3.22 -5.41 -9.76
CA GLU G 28 3.33 -6.63 -8.98
C GLU G 28 2.01 -7.41 -9.04
N ILE G 29 2.13 -8.73 -9.20
CA ILE G 29 0.95 -9.58 -9.35
C ILE G 29 0.23 -9.70 -8.02
N THR G 30 -1.07 -9.99 -8.08
CA THR G 30 -1.86 -10.20 -6.87
C THR G 30 -1.27 -11.34 -6.06
N LYS G 31 -1.10 -11.10 -4.75
CA LYS G 31 -0.59 -12.11 -3.84
C LYS G 31 -1.52 -12.20 -2.64
N THR G 32 -1.79 -13.43 -2.21
CA THR G 32 -2.67 -13.69 -1.08
C THR G 32 -1.98 -14.67 -0.14
N LYS G 33 -2.29 -14.55 1.15
CA LYS G 33 -1.71 -15.43 2.15
C LYS G 33 -2.45 -16.76 2.19
N VAL G 34 -1.70 -17.85 2.31
CA VAL G 34 -2.26 -19.19 2.41
C VAL G 34 -1.58 -19.91 3.56
N THR G 35 -2.23 -20.96 4.05
CA THR G 35 -1.74 -21.74 5.19
C THR G 35 -1.19 -23.07 4.69
N VAL G 36 0.08 -23.31 4.93
CA VAL G 36 0.75 -24.56 4.58
C VAL G 36 1.51 -25.06 5.81
N ARG G 37 1.31 -26.32 6.16
CA ARG G 37 1.89 -26.84 7.40
C ARG G 37 3.40 -26.99 7.31
N THR G 38 3.90 -27.55 6.20
CA THR G 38 5.32 -27.84 6.03
C THR G 38 5.87 -28.67 7.20
N GLU G 39 5.01 -29.52 7.78
CA GLU G 39 5.36 -30.37 8.92
C GLU G 39 5.80 -29.56 10.14
N ASN G 40 5.47 -28.26 10.19
CA ASN G 40 5.86 -27.42 11.30
C ASN G 40 4.73 -26.46 11.70
N GLY G 41 3.49 -26.88 11.52
CA GLY G 41 2.36 -26.00 11.80
C GLY G 41 1.95 -25.19 10.59
N TRP G 42 0.66 -24.85 10.55
CA TRP G 42 0.07 -24.22 9.37
C TRP G 42 0.57 -22.78 9.28
N THR G 43 1.79 -22.64 8.76
CA THR G 43 2.40 -21.33 8.60
C THR G 43 1.76 -20.57 7.44
N VAL G 44 1.77 -19.24 7.57
CA VAL G 44 1.19 -18.36 6.55
C VAL G 44 2.29 -17.93 5.59
N VAL G 45 2.04 -18.14 4.30
CA VAL G 45 2.98 -17.76 3.25
C VAL G 45 2.23 -17.01 2.17
N GLU G 46 2.82 -15.92 1.69
CA GLU G 46 2.23 -15.14 0.62
C GLU G 46 2.54 -15.80 -0.72
N VAL G 47 1.50 -16.09 -1.49
CA VAL G 47 1.64 -16.83 -2.74
C VAL G 47 0.88 -16.07 -3.83
N PRO G 48 1.33 -16.11 -5.08
CA PRO G 48 0.55 -15.47 -6.16
C PRO G 48 -0.86 -16.03 -6.23
N ALA G 49 -1.81 -15.16 -6.52
CA ALA G 49 -3.22 -15.53 -6.53
C ALA G 49 -3.93 -14.82 -7.66
N ILE G 50 -5.10 -15.34 -8.01
CA ILE G 50 -5.95 -14.78 -9.06
C ILE G 50 -7.32 -14.53 -8.47
N THR G 51 -7.80 -13.29 -8.58
CA THR G 51 -9.09 -12.94 -8.03
C THR G 51 -10.22 -13.62 -8.79
N GLY G 52 -11.26 -13.99 -8.04
CA GLY G 52 -12.44 -14.55 -8.68
C GLY G 52 -13.22 -13.53 -9.46
N ASN G 53 -12.98 -12.25 -9.21
CA ASN G 53 -13.62 -11.20 -10.00
C ASN G 53 -13.18 -11.29 -11.45
N MET G 54 -11.91 -11.61 -11.68
CA MET G 54 -11.41 -11.82 -13.04
C MET G 54 -12.06 -13.03 -13.68
N LEU G 55 -12.28 -14.09 -12.91
CA LEU G 55 -12.99 -15.25 -13.43
C LEU G 55 -14.40 -14.87 -13.83
N LYS G 56 -15.05 -14.03 -13.01
CA LYS G 56 -16.37 -13.55 -13.37
C LYS G 56 -16.34 -12.74 -14.67
N HIS G 57 -15.34 -11.87 -14.82
CA HIS G 57 -15.23 -11.09 -16.05
C HIS G 57 -14.99 -11.98 -17.26
N TRP G 58 -14.13 -12.98 -17.13
CA TRP G 58 -13.85 -13.84 -18.27
C TRP G 58 -15.01 -14.77 -18.58
N HIS G 59 -15.77 -15.18 -17.56
CA HIS G 59 -17.00 -15.92 -17.81
C HIS G 59 -18.02 -15.04 -18.52
N PHE G 60 -18.07 -13.76 -18.16
CA PHE G 60 -18.91 -12.80 -18.90
C PHE G 60 -18.47 -12.71 -20.35
N VAL G 61 -17.15 -12.64 -20.59
CA VAL G 61 -16.62 -12.56 -21.94
C VAL G 61 -16.99 -13.80 -22.74
N GLY G 62 -16.79 -14.98 -22.16
CA GLY G 62 -17.17 -16.20 -22.85
C GLY G 62 -18.65 -16.30 -23.09
N PHE G 63 -19.45 -15.86 -22.12
CA PHE G 63 -20.90 -15.91 -22.25
C PHE G 63 -21.38 -15.03 -23.40
N VAL G 64 -20.87 -13.80 -23.49
CA VAL G 64 -21.28 -12.93 -24.59
C VAL G 64 -20.74 -13.44 -25.92
N ASP G 65 -19.53 -14.01 -25.91
CA ASP G 65 -18.97 -14.56 -27.15
C ASP G 65 -19.80 -15.70 -27.69
N TYR G 66 -20.24 -16.61 -26.80
CA TYR G 66 -21.05 -17.74 -27.22
C TYR G 66 -22.52 -17.40 -27.40
N PHE G 67 -22.98 -16.27 -26.85
CA PHE G 67 -24.33 -15.80 -27.08
C PHE G 67 -24.45 -14.97 -28.36
N LYS G 68 -23.33 -14.45 -28.86
CA LYS G 68 -23.36 -13.76 -30.15
C LYS G 68 -23.80 -14.70 -31.27
N THR G 69 -23.28 -15.94 -31.25
CA THR G 69 -23.63 -16.90 -32.30
C THR G 69 -25.06 -17.39 -32.17
N THR G 70 -25.65 -17.34 -30.98
CA THR G 70 -27.02 -17.81 -30.81
C THR G 70 -27.98 -16.89 -31.56
N PRO G 71 -29.05 -17.43 -32.14
CA PRO G 71 -30.02 -16.58 -32.84
C PRO G 71 -30.73 -15.59 -31.94
N TYR G 72 -30.77 -15.84 -30.63
CA TYR G 72 -31.42 -14.95 -29.67
C TYR G 72 -30.42 -14.11 -28.89
N GLY G 73 -29.30 -13.74 -29.51
CA GLY G 73 -28.27 -12.95 -28.88
C GLY G 73 -28.53 -11.46 -28.84
N VAL G 74 -29.67 -11.01 -29.39
CA VAL G 74 -29.98 -9.59 -29.40
C VAL G 74 -30.22 -9.09 -27.98
N ASN G 75 -30.86 -9.91 -27.14
CA ASN G 75 -31.18 -9.52 -25.76
C ASN G 75 -29.90 -9.54 -24.94
N LEU G 76 -29.08 -8.50 -25.11
CA LEU G 76 -27.83 -8.36 -24.39
C LEU G 76 -27.56 -6.89 -24.14
N THR G 77 -26.71 -6.64 -23.15
CA THR G 77 -26.30 -5.27 -22.84
C THR G 77 -25.47 -4.70 -23.99
N GLU G 78 -25.54 -3.38 -24.15
CA GLU G 78 -24.69 -2.71 -25.13
C GLU G 78 -23.22 -2.91 -24.79
N ARG G 79 -22.88 -2.84 -23.50
CA ARG G 79 -21.51 -3.06 -23.05
C ARG G 79 -21.08 -4.52 -23.14
N ALA G 80 -22.02 -5.45 -23.34
CA ALA G 80 -21.66 -6.85 -23.51
C ALA G 80 -20.80 -7.05 -24.75
N LEU G 81 -21.22 -6.44 -25.87
CA LEU G 81 -20.40 -6.47 -27.08
C LEU G 81 -19.09 -5.72 -26.86
N ARG G 82 -19.08 -4.73 -25.97
CA ARG G 82 -17.91 -3.96 -25.61
C ARG G 82 -16.93 -4.74 -24.75
N TYR G 83 -17.29 -5.96 -24.34
CA TYR G 83 -16.49 -6.76 -23.40
C TYR G 83 -16.30 -6.03 -22.08
N ASN G 84 -17.28 -5.22 -21.70
CA ASN G 84 -17.25 -4.44 -20.47
C ASN G 84 -18.24 -5.05 -19.48
N GLY G 85 -17.73 -5.48 -18.34
CA GLY G 85 -18.56 -6.07 -17.31
C GLY G 85 -19.29 -5.09 -16.43
N THR G 86 -19.13 -3.79 -16.68
CA THR G 86 -19.77 -2.76 -15.87
C THR G 86 -21.27 -2.78 -16.14
N ARG G 87 -22.03 -3.26 -15.17
CA ARG G 87 -23.48 -3.26 -15.24
C ARG G 87 -24.04 -2.29 -14.21
N PHE G 88 -24.69 -1.24 -14.69
CA PHE G 88 -25.37 -0.25 -13.85
C PHE G 88 -24.39 0.42 -12.89
N GLY G 89 -23.47 1.16 -13.49
CA GLY G 89 -22.45 1.86 -12.73
C GLY G 89 -22.98 3.06 -11.96
N GLN G 90 -22.11 4.03 -11.68
CA GLN G 90 -22.49 5.19 -10.89
C GLN G 90 -23.49 6.05 -11.66
N GLY G 91 -24.59 6.41 -10.99
CA GLY G 91 -25.59 7.27 -11.58
C GLY G 91 -26.25 6.70 -12.82
N GLU G 92 -26.58 5.42 -12.80
CA GLU G 92 -27.22 4.74 -13.92
C GLU G 92 -28.59 4.24 -13.48
N THR G 93 -29.64 4.93 -13.91
CA THR G 93 -31.01 4.51 -13.65
C THR G 93 -31.64 3.78 -14.83
N THR G 94 -30.89 3.60 -15.92
CA THR G 94 -31.38 2.92 -17.10
C THR G 94 -30.36 1.87 -17.53
N ALA G 95 -30.74 1.06 -18.52
CA ALA G 95 -29.89 0.01 -19.06
C ALA G 95 -29.58 0.29 -20.52
N THR G 96 -28.31 0.20 -20.89
CA THR G 96 -27.91 0.37 -22.27
C THR G 96 -28.30 -0.85 -23.09
N LYS G 97 -28.92 -0.62 -24.25
CA LYS G 97 -29.39 -1.69 -25.12
C LYS G 97 -28.50 -1.78 -26.35
N ALA G 98 -28.17 -3.02 -26.73
CA ALA G 98 -27.34 -3.24 -27.91
C ALA G 98 -28.03 -2.81 -29.20
N ASN G 99 -29.36 -2.71 -29.19
CA ASN G 99 -30.09 -2.29 -30.38
C ASN G 99 -29.97 -0.80 -30.65
N GLY G 100 -29.43 -0.02 -29.71
CA GLY G 100 -29.33 1.40 -29.85
C GLY G 100 -30.39 2.19 -29.11
N ALA G 101 -30.94 1.66 -28.03
CA ALA G 101 -31.99 2.32 -27.27
C ALA G 101 -31.67 2.16 -25.79
N THR G 102 -32.65 2.49 -24.94
CA THR G 102 -32.49 2.38 -23.50
C THR G 102 -33.62 1.55 -22.91
N VAL G 103 -33.33 0.93 -21.77
CA VAL G 103 -34.29 0.09 -21.07
C VAL G 103 -34.55 0.70 -19.70
N GLN G 104 -35.83 0.94 -19.40
CA GLN G 104 -36.22 1.50 -18.11
C GLN G 104 -36.31 0.39 -17.07
N LEU G 105 -35.87 0.70 -15.86
CA LEU G 105 -35.88 -0.27 -14.77
C LEU G 105 -37.24 -0.24 -14.07
N ASN G 106 -38.03 -1.28 -14.26
CA ASN G 106 -39.36 -1.35 -13.66
C ASN G 106 -39.53 -2.64 -12.86
N ASP G 107 -38.92 -3.72 -13.32
CA ASP G 107 -39.00 -5.00 -12.64
C ASP G 107 -37.78 -5.83 -12.98
N GLU G 108 -37.38 -6.69 -12.05
CA GLU G 108 -36.24 -7.58 -12.27
C GLU G 108 -36.51 -8.55 -13.41
N ALA G 109 -37.76 -9.00 -13.56
CA ALA G 109 -38.09 -9.90 -14.66
C ALA G 109 -37.86 -9.24 -16.01
N THR G 110 -38.27 -7.97 -16.15
CA THR G 110 -38.01 -7.26 -17.39
C THR G 110 -36.52 -7.09 -17.64
N ILE G 111 -35.75 -6.82 -16.58
CA ILE G 111 -34.30 -6.65 -16.71
C ILE G 111 -33.67 -7.95 -17.21
N ILE G 112 -34.02 -9.07 -16.59
CA ILE G 112 -33.39 -10.34 -16.97
C ILE G 112 -33.86 -10.80 -18.34
N LYS G 113 -35.10 -10.49 -18.72
CA LYS G 113 -35.59 -10.87 -20.03
C LYS G 113 -34.92 -10.06 -21.14
N GLU G 114 -34.83 -8.74 -20.94
CA GLU G 114 -34.20 -7.89 -21.95
C GLU G 114 -32.69 -8.00 -21.92
N LEU G 115 -32.11 -8.16 -20.74
CA LEU G 115 -30.66 -8.22 -20.56
C LEU G 115 -30.31 -9.51 -19.85
N ALA G 116 -29.67 -10.44 -20.58
CA ALA G 116 -29.24 -11.70 -19.98
C ALA G 116 -28.02 -11.55 -19.09
N ASP G 117 -27.27 -10.45 -19.23
CA ASP G 117 -26.09 -10.25 -18.42
C ASP G 117 -26.45 -10.08 -16.95
N ALA G 118 -27.45 -9.24 -16.67
CA ALA G 118 -27.92 -9.10 -15.30
C ALA G 118 -28.54 -10.39 -14.79
N ASP G 119 -29.07 -11.21 -15.70
CA ASP G 119 -29.68 -12.47 -15.30
C ASP G 119 -28.63 -13.47 -14.84
N VAL G 120 -27.53 -13.59 -15.60
CA VAL G 120 -26.52 -14.59 -15.33
C VAL G 120 -25.50 -14.09 -14.31
N HIS G 121 -24.81 -12.99 -14.65
CA HIS G 121 -23.71 -12.49 -13.84
C HIS G 121 -24.15 -11.48 -12.80
N GLY G 122 -25.45 -11.19 -12.69
CA GLY G 122 -25.95 -10.28 -11.69
C GLY G 122 -25.78 -8.82 -12.08
N PHE G 123 -26.36 -7.96 -11.27
CA PHE G 123 -26.29 -6.52 -11.51
C PHE G 123 -26.57 -5.78 -10.22
N LEU G 124 -26.25 -4.49 -10.21
CA LEU G 124 -26.53 -3.63 -9.07
C LEU G 124 -26.66 -2.20 -9.59
N ALA G 125 -27.87 -1.65 -9.51
CA ALA G 125 -28.13 -0.27 -9.92
C ALA G 125 -28.29 0.59 -8.68
N PRO G 126 -27.30 1.40 -8.31
CA PRO G 126 -27.47 2.24 -7.11
C PRO G 126 -28.65 3.19 -7.17
N LYS G 127 -28.94 3.73 -8.35
CA LYS G 127 -30.01 4.72 -8.48
C LYS G 127 -31.36 4.11 -8.11
N THR G 128 -31.61 2.88 -8.55
CA THR G 128 -32.86 2.19 -8.22
C THR G 128 -32.72 1.24 -7.04
N GLY G 129 -31.50 0.79 -6.74
CA GLY G 129 -31.29 -0.13 -5.64
C GLY G 129 -31.55 -1.58 -5.96
N ARG G 130 -31.96 -1.90 -7.18
CA ARG G 130 -32.30 -3.28 -7.53
C ARG G 130 -31.08 -4.19 -7.40
N ARG G 131 -31.27 -5.35 -6.79
CA ARG G 131 -30.20 -6.28 -6.49
C ARG G 131 -30.53 -7.65 -7.08
N ARG G 132 -29.48 -8.37 -7.49
CA ARG G 132 -29.62 -9.73 -7.99
C ARG G 132 -28.28 -10.42 -7.84
N VAL G 133 -28.21 -11.41 -6.94
CA VAL G 133 -26.97 -12.15 -6.74
C VAL G 133 -26.68 -12.99 -7.98
N SER G 134 -25.42 -13.01 -8.40
CA SER G 134 -25.04 -13.72 -9.60
C SER G 134 -25.21 -15.22 -9.43
N LEU G 135 -25.47 -15.90 -10.55
CA LEU G 135 -25.52 -17.36 -10.58
C LEU G 135 -24.14 -17.98 -10.80
N VAL G 136 -23.11 -17.16 -10.94
CA VAL G 136 -21.74 -17.63 -11.15
C VAL G 136 -20.92 -17.25 -9.93
N LYS G 137 -20.36 -18.27 -9.27
CA LYS G 137 -19.50 -18.09 -8.11
C LYS G 137 -18.08 -18.49 -8.50
N ALA G 138 -17.13 -17.60 -8.26
CA ALA G 138 -15.75 -17.82 -8.66
C ALA G 138 -14.83 -17.78 -7.44
N SER G 139 -13.89 -18.70 -7.39
CA SER G 139 -12.92 -18.80 -6.30
C SER G 139 -11.53 -18.39 -6.79
N PHE G 140 -10.68 -18.06 -5.84
CA PHE G 140 -9.32 -17.65 -6.20
C PHE G 140 -8.53 -18.82 -6.75
N ILE G 141 -7.79 -18.55 -7.84
CA ILE G 141 -6.94 -19.55 -8.46
C ILE G 141 -5.65 -19.61 -7.63
N LEU G 142 -5.58 -20.59 -6.73
CA LEU G 142 -4.49 -20.68 -5.77
C LEU G 142 -3.62 -21.91 -6.04
N PRO G 143 -2.32 -21.80 -5.86
CA PRO G 143 -1.45 -22.96 -6.06
C PRO G 143 -1.73 -24.05 -5.04
N THR G 144 -1.46 -25.29 -5.45
CA THR G 144 -1.72 -26.45 -4.61
C THR G 144 -0.86 -26.42 -3.35
N GLU G 145 -1.45 -26.83 -2.23
CA GLU G 145 -0.68 -26.91 -0.98
C GLU G 145 0.45 -27.92 -1.10
N ASP G 146 0.19 -29.08 -1.72
CA ASP G 146 1.24 -30.05 -1.97
C ASP G 146 2.34 -29.46 -2.85
N PHE G 147 1.97 -28.59 -3.79
CA PHE G 147 2.97 -27.89 -4.59
C PHE G 147 3.87 -27.05 -3.70
N ILE G 148 3.30 -26.33 -2.73
CA ILE G 148 4.10 -25.55 -1.80
C ILE G 148 4.98 -26.46 -0.95
N LYS G 149 4.46 -27.64 -0.60
CA LYS G 149 5.27 -28.61 0.12
C LYS G 149 6.51 -28.99 -0.68
N GLU G 150 6.33 -29.28 -1.97
CA GLU G 150 7.42 -29.80 -2.78
C GLU G 150 8.33 -28.72 -3.35
N VAL G 151 7.95 -27.44 -3.31
CA VAL G 151 8.83 -26.38 -3.78
C VAL G 151 9.37 -25.52 -2.65
N GLU G 152 8.81 -25.63 -1.45
CA GLU G 152 9.15 -24.80 -0.27
C GLU G 152 9.41 -23.35 -0.67
N GLY G 153 8.52 -22.81 -1.50
CA GLY G 153 8.56 -21.39 -1.84
C GLY G 153 9.27 -21.06 -3.13
N GLU G 154 10.51 -20.59 -3.03
CA GLU G 154 11.31 -20.08 -4.15
C GLU G 154 10.68 -18.84 -4.78
N ARG G 155 9.76 -18.19 -4.05
CA ARG G 155 9.15 -16.91 -4.38
C ARG G 155 8.15 -17.04 -5.53
N LEU G 156 8.20 -18.17 -6.26
CA LEU G 156 7.22 -18.51 -7.29
C LEU G 156 7.07 -17.41 -8.33
N ILE G 157 7.93 -16.40 -8.30
CA ILE G 157 7.75 -15.18 -9.08
C ILE G 157 9.07 -14.78 -9.71
N THR G 158 9.01 -14.38 -10.97
CA THR G 158 10.15 -13.76 -11.67
C THR G 158 9.79 -12.33 -12.04
N ALA G 159 10.78 -11.45 -11.95
CA ALA G 159 10.61 -10.04 -12.26
C ALA G 159 11.26 -9.75 -13.60
N ILE G 160 10.50 -9.15 -14.51
CA ILE G 160 10.96 -8.89 -15.88
C ILE G 160 10.77 -7.41 -16.18
N LYS G 161 11.82 -6.77 -16.66
CA LYS G 161 11.77 -5.39 -17.11
C LYS G 161 11.19 -5.32 -18.52
N HIS G 162 10.41 -4.27 -18.77
CA HIS G 162 9.69 -4.12 -20.03
C HIS G 162 9.83 -2.72 -20.64
N ASN G 163 11.06 -2.19 -20.72
CA ASN G 163 11.34 -0.87 -21.29
C ASN G 163 10.56 -0.56 -22.56
N ARG G 164 9.72 0.47 -22.50
CA ARG G 164 8.99 0.96 -23.66
C ARG G 164 9.87 1.94 -24.43
N VAL G 165 10.40 1.51 -25.57
CA VAL G 165 11.31 2.32 -26.36
C VAL G 165 10.51 3.18 -27.34
N ASP G 166 10.85 4.46 -27.39
CA ASP G 166 10.18 5.42 -28.26
C ASP G 166 11.20 6.11 -29.14
N VAL G 167 10.85 6.25 -30.42
CA VAL G 167 11.70 6.94 -31.40
C VAL G 167 10.89 8.10 -31.98
N ASP G 168 11.48 9.29 -31.95
CA ASP G 168 10.79 10.47 -32.46
C ASP G 168 10.72 10.42 -33.99
N GLU G 169 9.97 11.37 -34.55
CA GLU G 169 9.84 11.45 -36.00
C GLU G 169 11.19 11.73 -36.65
N LYS G 170 12.00 12.58 -36.03
CA LYS G 170 13.36 12.81 -36.53
C LYS G 170 14.20 11.55 -36.42
N GLY G 171 14.05 10.81 -35.32
CA GLY G 171 14.79 9.57 -35.15
C GLY G 171 15.57 9.52 -33.84
N ALA G 172 15.20 10.39 -32.90
CA ALA G 172 15.88 10.48 -31.61
C ALA G 172 15.03 9.81 -30.55
N ILE G 173 15.69 9.10 -29.62
CA ILE G 173 14.98 8.49 -28.50
C ILE G 173 14.34 9.57 -27.62
N GLY G 174 15.09 10.62 -27.33
CA GLY G 174 14.56 11.73 -26.56
C GLY G 174 14.83 11.61 -25.07
N SER G 175 14.80 12.75 -24.40
CA SER G 175 15.03 12.84 -22.97
C SER G 175 13.81 13.41 -22.26
N SER G 176 12.63 13.03 -22.74
CA SER G 176 11.33 13.42 -22.16
C SER G 176 11.07 14.92 -22.31
N LYS G 177 12.01 15.65 -22.91
CA LYS G 177 11.82 17.07 -23.19
C LYS G 177 11.31 17.32 -24.60
N GLU G 178 11.27 16.30 -25.46
CA GLU G 178 10.75 16.43 -26.82
C GLU G 178 9.39 15.78 -26.99
N GLY G 179 8.72 15.43 -25.89
CA GLY G 179 7.44 14.76 -25.99
C GLY G 179 7.52 13.26 -26.17
N THR G 180 8.71 12.68 -26.13
CA THR G 180 8.86 11.25 -26.30
C THR G 180 8.30 10.50 -25.09
N ALA G 181 7.96 9.23 -25.31
CA ALA G 181 7.41 8.38 -24.26
C ALA G 181 8.30 7.15 -24.11
N GLN G 182 9.37 7.31 -23.34
CA GLN G 182 10.22 6.21 -22.92
C GLN G 182 9.90 5.88 -21.47
N MET G 183 9.97 4.59 -21.12
CA MET G 183 9.49 4.19 -19.81
C MET G 183 9.95 2.77 -19.49
N LEU G 184 10.22 2.54 -18.19
CA LEU G 184 10.52 1.22 -17.64
C LEU G 184 9.45 0.82 -16.63
N PHE G 185 8.57 -0.08 -17.07
CA PHE G 185 7.66 -0.75 -16.15
C PHE G 185 8.05 -2.22 -16.02
N SER G 186 8.17 -2.68 -14.78
CA SER G 186 8.56 -4.06 -14.49
C SER G 186 7.33 -4.86 -14.08
N ARG G 187 7.32 -6.13 -14.46
CA ARG G 187 6.17 -6.99 -14.24
C ARG G 187 6.61 -8.28 -13.55
N GLU G 188 5.68 -8.89 -12.82
CA GLU G 188 5.92 -10.12 -12.09
C GLU G 188 5.14 -11.26 -12.75
N TYR G 189 5.82 -12.37 -13.00
CA TYR G 189 5.23 -13.54 -13.63
C TYR G 189 5.39 -14.75 -12.73
N ALA G 190 4.32 -15.51 -12.58
CA ALA G 190 4.26 -16.61 -11.63
C ALA G 190 4.05 -17.94 -12.35
N THR G 191 3.91 -19.01 -11.57
CA THR G 191 3.74 -20.37 -12.09
C THR G 191 3.17 -21.23 -10.96
N GLY G 192 3.11 -22.53 -11.18
CA GLY G 192 2.72 -23.48 -10.16
C GLY G 192 1.46 -24.24 -10.53
N LEU G 193 1.14 -25.20 -9.67
CA LEU G 193 -0.07 -26.02 -9.81
C LEU G 193 -1.22 -25.30 -9.11
N TYR G 194 -1.80 -24.35 -9.84
CA TYR G 194 -2.92 -23.59 -9.30
C TYR G 194 -4.15 -24.48 -9.18
N GLY G 195 -5.07 -24.08 -8.31
CA GLY G 195 -6.33 -24.76 -8.12
C GLY G 195 -7.48 -23.85 -8.53
N PHE G 196 -8.43 -24.39 -9.30
CA PHE G 196 -9.55 -23.62 -9.79
C PHE G 196 -10.85 -24.31 -9.38
N SER G 197 -11.90 -23.51 -9.19
CA SER G 197 -13.22 -24.03 -8.88
C SER G 197 -14.26 -22.95 -9.18
N ILE G 198 -15.26 -23.30 -9.98
CA ILE G 198 -16.33 -22.39 -10.38
C ILE G 198 -17.67 -23.07 -10.14
N VAL G 199 -18.60 -22.35 -9.53
CA VAL G 199 -19.97 -22.81 -9.33
C VAL G 199 -20.85 -22.07 -10.32
N LEU G 200 -21.72 -22.79 -11.02
CA LEU G 200 -22.61 -22.21 -12.02
C LEU G 200 -24.02 -22.66 -11.68
N ASP G 201 -24.82 -21.77 -11.09
CA ASP G 201 -26.17 -22.09 -10.67
C ASP G 201 -27.17 -21.65 -11.74
N LEU G 202 -27.17 -22.41 -12.84
CA LEU G 202 -28.05 -22.14 -13.98
C LEU G 202 -29.43 -22.71 -13.71
N GLY G 203 -30.09 -22.12 -12.72
CA GLY G 203 -31.45 -22.50 -12.37
C GLY G 203 -32.35 -21.30 -12.23
N LEU G 204 -31.78 -20.10 -12.36
CA LEU G 204 -32.51 -18.86 -12.25
C LEU G 204 -32.43 -18.00 -13.50
N VAL G 205 -31.88 -18.53 -14.60
CA VAL G 205 -31.81 -17.77 -15.84
C VAL G 205 -33.22 -17.61 -16.40
N GLY G 206 -33.68 -16.37 -16.49
CA GLY G 206 -35.05 -16.10 -16.84
C GLY G 206 -36.03 -16.21 -15.70
N ILE G 207 -35.57 -16.54 -14.51
CA ILE G 207 -36.39 -16.65 -13.31
C ILE G 207 -36.00 -15.50 -12.37
N PRO G 208 -36.83 -14.47 -12.23
CA PRO G 208 -36.48 -13.37 -11.33
C PRO G 208 -36.45 -13.83 -9.88
N GLN G 209 -35.58 -13.18 -9.09
CA GLN G 209 -35.43 -13.52 -7.69
C GLN G 209 -36.56 -12.97 -6.83
N GLY G 210 -37.36 -12.03 -7.35
CA GLY G 210 -38.46 -11.49 -6.58
C GLY G 210 -39.52 -12.52 -6.30
N LEU G 211 -39.78 -13.41 -7.26
CA LEU G 211 -40.76 -14.49 -7.08
C LEU G 211 -40.36 -15.65 -7.98
N PRO G 212 -39.36 -16.44 -7.56
CA PRO G 212 -38.89 -17.54 -8.41
C PRO G 212 -39.94 -18.61 -8.68
N VAL G 213 -40.92 -18.78 -7.79
CA VAL G 213 -41.97 -19.78 -7.96
C VAL G 213 -43.33 -19.10 -7.79
N LYS G 214 -44.29 -19.50 -8.62
CA LYS G 214 -45.62 -18.92 -8.58
C LYS G 214 -46.61 -19.71 -7.73
N PHE G 215 -46.41 -21.02 -7.62
CA PHE G 215 -47.29 -21.90 -6.83
C PHE G 215 -48.74 -21.79 -7.32
N GLU G 216 -48.95 -22.19 -8.57
CA GLU G 216 -50.30 -22.16 -9.14
C GLU G 216 -51.23 -23.10 -8.40
N GLU G 217 -50.76 -24.30 -8.07
CA GLU G 217 -51.55 -25.30 -7.35
C GLU G 217 -50.70 -25.91 -6.24
N ASN G 218 -50.00 -25.06 -5.49
CA ASN G 218 -49.13 -25.48 -4.39
C ASN G 218 -48.09 -26.48 -4.87
N GLN G 219 -47.51 -26.22 -6.03
CA GLN G 219 -46.49 -27.07 -6.61
C GLN G 219 -45.28 -26.24 -7.02
N PRO G 220 -44.08 -26.83 -7.01
CA PRO G 220 -42.90 -26.07 -7.42
C PRO G 220 -42.86 -25.89 -8.93
N ARG G 221 -42.69 -24.64 -9.36
CA ARG G 221 -42.62 -24.31 -10.78
C ARG G 221 -41.80 -23.04 -10.97
N PRO G 222 -40.68 -23.11 -11.68
CA PRO G 222 -39.87 -21.90 -11.89
C PRO G 222 -40.64 -20.84 -12.65
N ASN G 223 -40.41 -19.58 -12.27
CA ASN G 223 -41.07 -18.44 -12.90
C ASN G 223 -40.22 -17.97 -14.09
N ILE G 224 -40.23 -18.78 -15.15
CA ILE G 224 -39.46 -18.50 -16.35
C ILE G 224 -40.24 -17.45 -17.15
N VAL G 225 -39.85 -16.19 -17.01
CA VAL G 225 -40.52 -15.11 -17.74
C VAL G 225 -40.14 -15.07 -19.22
N ILE G 226 -39.14 -15.85 -19.62
CA ILE G 226 -38.72 -15.90 -21.01
C ILE G 226 -39.24 -17.20 -21.62
N ASP G 227 -39.16 -17.29 -22.95
CA ASP G 227 -39.57 -18.50 -23.62
C ASP G 227 -38.58 -19.63 -23.31
N PRO G 228 -39.05 -20.89 -23.29
CA PRO G 228 -38.14 -22.00 -22.98
C PRO G 228 -36.97 -22.11 -23.94
N ASN G 229 -37.16 -21.77 -25.22
CA ASN G 229 -36.06 -21.83 -26.17
C ASN G 229 -34.96 -20.83 -25.80
N GLU G 230 -35.35 -19.61 -25.41
CA GLU G 230 -34.37 -18.63 -24.98
C GLU G 230 -33.63 -19.08 -23.73
N ARG G 231 -34.35 -19.67 -22.77
CA ARG G 231 -33.70 -20.18 -21.57
C ARG G 231 -32.71 -21.29 -21.91
N LYS G 232 -33.09 -22.20 -22.80
CA LYS G 232 -32.18 -23.27 -23.20
C LYS G 232 -30.95 -22.71 -23.92
N ALA G 233 -31.14 -21.71 -24.77
CA ALA G 233 -30.01 -21.07 -25.44
C ALA G 233 -29.09 -20.41 -24.42
N ARG G 234 -29.66 -19.76 -23.41
CA ARG G 234 -28.83 -19.16 -22.36
C ARG G 234 -28.07 -20.22 -21.59
N ILE G 235 -28.72 -21.35 -21.28
CA ILE G 235 -28.04 -22.45 -20.62
C ILE G 235 -26.85 -22.92 -21.44
N GLU G 236 -27.08 -23.16 -22.74
CA GLU G 236 -26.01 -23.66 -23.60
C GLU G 236 -24.88 -22.66 -23.72
N SER G 237 -25.20 -21.37 -23.89
CA SER G 237 -24.16 -20.36 -24.03
C SER G 237 -23.35 -20.22 -22.75
N ALA G 238 -24.01 -20.19 -21.59
CA ALA G 238 -23.27 -20.06 -20.34
C ALA G 238 -22.42 -21.29 -20.08
N LEU G 239 -22.91 -22.48 -20.44
CA LEU G 239 -22.12 -23.69 -20.22
C LEU G 239 -20.93 -23.76 -21.17
N LYS G 240 -21.12 -23.31 -22.41
CA LYS G 240 -20.01 -23.27 -23.37
C LYS G 240 -19.04 -22.14 -23.08
N ALA G 241 -19.46 -21.14 -22.29
CA ALA G 241 -18.54 -20.09 -21.87
C ALA G 241 -17.40 -20.62 -21.03
N LEU G 242 -17.52 -21.83 -20.49
CA LEU G 242 -16.45 -22.42 -19.71
C LEU G 242 -15.29 -22.86 -20.57
N ILE G 243 -15.49 -23.03 -21.88
CA ILE G 243 -14.42 -23.48 -22.76
C ILE G 243 -13.25 -22.49 -22.79
N PRO G 244 -13.46 -21.19 -23.02
CA PRO G 244 -12.31 -20.26 -22.92
C PRO G 244 -11.82 -20.09 -21.50
N MET G 245 -12.69 -20.29 -20.50
CA MET G 245 -12.26 -20.19 -19.11
C MET G 245 -11.23 -21.26 -18.77
N LEU G 246 -11.16 -22.34 -19.54
CA LEU G 246 -10.23 -23.42 -19.25
C LEU G 246 -9.20 -23.67 -20.33
N SER G 247 -9.41 -23.19 -21.56
CA SER G 247 -8.46 -23.46 -22.62
C SER G 247 -7.28 -22.48 -22.60
N GLY G 248 -7.53 -21.21 -22.88
CA GLY G 248 -6.47 -20.23 -22.87
C GLY G 248 -6.81 -18.85 -22.36
N TYR G 249 -8.08 -18.60 -22.05
CA TYR G 249 -8.57 -17.25 -21.77
C TYR G 249 -8.84 -17.12 -20.27
N ILE G 250 -7.93 -16.46 -19.57
CA ILE G 250 -8.07 -16.22 -18.14
C ILE G 250 -7.11 -15.10 -17.73
N GLY G 251 -7.42 -14.43 -16.64
CA GLY G 251 -6.50 -13.45 -16.07
C GLY G 251 -6.39 -12.17 -16.88
N ALA G 252 -5.41 -11.36 -16.46
CA ALA G 252 -5.14 -10.06 -17.06
C ALA G 252 -3.79 -10.09 -17.78
N ASN G 253 -3.56 -9.04 -18.57
CA ASN G 253 -2.36 -8.94 -19.41
C ASN G 253 -2.24 -10.16 -20.32
N LEU G 254 -3.39 -10.63 -20.81
CA LEU G 254 -3.40 -11.77 -21.72
C LEU G 254 -2.70 -11.46 -23.02
N ALA G 255 -2.70 -10.19 -23.44
CA ALA G 255 -2.05 -9.78 -24.68
C ALA G 255 -0.54 -9.98 -24.64
N ARG G 256 0.07 -10.01 -23.47
CA ARG G 256 1.52 -10.12 -23.37
C ARG G 256 2.02 -11.25 -22.48
N SER G 257 1.13 -12.04 -21.85
CA SER G 257 1.55 -13.19 -21.07
C SER G 257 1.07 -14.49 -21.69
N PHE G 258 -0.26 -14.66 -21.83
CA PHE G 258 -0.91 -15.84 -22.40
C PHE G 258 -0.25 -17.13 -21.90
N PRO G 259 -0.44 -17.50 -20.64
CA PRO G 259 0.25 -18.69 -20.11
C PRO G 259 -0.18 -19.98 -20.77
N VAL G 260 0.50 -21.09 -20.43
CA VAL G 260 0.16 -22.37 -21.03
C VAL G 260 -1.27 -22.77 -20.69
N PHE G 261 -1.65 -22.63 -19.43
CA PHE G 261 -3.03 -22.80 -18.96
C PHE G 261 -3.63 -24.12 -19.45
N LYS G 262 -2.99 -25.20 -19.06
CA LYS G 262 -3.49 -26.54 -19.34
C LYS G 262 -4.12 -27.13 -18.08
N VAL G 263 -5.03 -28.07 -18.28
CA VAL G 263 -5.75 -28.71 -17.19
C VAL G 263 -4.99 -29.98 -16.79
N GLU G 264 -4.39 -29.96 -15.59
CA GLU G 264 -3.73 -31.16 -15.10
C GLU G 264 -4.74 -32.20 -14.63
N GLU G 265 -5.78 -31.78 -13.93
CA GLU G 265 -6.84 -32.68 -13.50
C GLU G 265 -8.11 -31.86 -13.28
N LEU G 266 -9.26 -32.48 -13.50
CA LEU G 266 -10.53 -31.78 -13.43
C LEU G 266 -11.62 -32.71 -12.94
N VAL G 267 -12.54 -32.16 -12.14
CA VAL G 267 -13.74 -32.86 -11.73
C VAL G 267 -14.91 -31.87 -11.85
N ALA G 268 -16.09 -32.39 -12.18
CA ALA G 268 -17.26 -31.56 -12.29
C ALA G 268 -18.50 -32.39 -11.99
N ILE G 269 -19.48 -31.76 -11.36
CA ILE G 269 -20.75 -32.42 -11.04
C ILE G 269 -21.88 -31.53 -11.53
N ALA G 270 -22.95 -32.15 -12.02
CA ALA G 270 -24.11 -31.43 -12.52
C ALA G 270 -25.38 -32.09 -12.01
N SER G 271 -26.38 -31.27 -11.71
CA SER G 271 -27.66 -31.79 -11.25
C SER G 271 -28.74 -30.74 -11.48
N GLU G 272 -29.99 -31.19 -11.45
CA GLU G 272 -31.13 -30.29 -11.57
C GLU G 272 -31.53 -29.65 -10.26
N GLY G 273 -30.97 -30.11 -9.13
CA GLY G 273 -31.28 -29.54 -7.84
C GLY G 273 -30.04 -29.05 -7.11
N PRO G 274 -30.23 -28.53 -5.90
CA PRO G 274 -29.07 -28.04 -5.13
C PRO G 274 -28.10 -29.16 -4.84
N ILE G 275 -26.80 -28.82 -4.91
CA ILE G 275 -25.74 -29.80 -4.70
C ILE G 275 -24.58 -29.14 -3.96
N PRO G 276 -23.83 -29.92 -3.19
CA PRO G 276 -22.65 -29.38 -2.54
C PRO G 276 -21.60 -28.91 -3.54
N ALA G 277 -20.90 -27.86 -3.18
CA ALA G 277 -19.87 -27.31 -4.04
C ALA G 277 -18.60 -28.16 -3.97
N LEU G 278 -17.86 -28.18 -5.08
CA LEU G 278 -16.62 -28.93 -5.13
C LEU G 278 -15.54 -28.26 -4.28
N VAL G 279 -14.62 -29.06 -3.79
CA VAL G 279 -13.49 -28.54 -3.02
C VAL G 279 -12.43 -28.01 -3.98
N HIS G 280 -11.76 -26.95 -3.57
CA HIS G 280 -10.77 -26.30 -4.41
C HIS G 280 -9.54 -27.19 -4.59
N GLY G 281 -8.77 -26.89 -5.63
CA GLY G 281 -7.53 -27.58 -5.90
C GLY G 281 -6.34 -27.09 -5.11
N PHE G 282 -6.55 -26.12 -4.22
CA PHE G 282 -5.46 -25.60 -3.41
C PHE G 282 -4.93 -26.65 -2.43
N TYR G 283 -5.82 -27.50 -1.92
CA TYR G 283 -5.43 -28.45 -0.89
C TYR G 283 -4.52 -29.54 -1.45
N GLU G 284 -3.65 -30.06 -0.57
CA GLU G 284 -2.66 -31.04 -1.00
C GLU G 284 -3.30 -32.37 -1.39
N ASP G 285 -4.44 -32.70 -0.79
CA ASP G 285 -5.09 -33.98 -1.08
C ASP G 285 -6.58 -33.80 -0.88
N TYR G 286 -7.34 -33.79 -1.98
CA TYR G 286 -8.79 -33.68 -1.92
C TYR G 286 -9.50 -34.73 -2.75
N ILE G 287 -8.77 -35.65 -3.38
CA ILE G 287 -9.40 -36.68 -4.21
C ILE G 287 -10.28 -37.59 -3.35
N GLU G 288 -9.76 -38.03 -2.20
CA GLU G 288 -10.55 -38.89 -1.33
C GLU G 288 -11.76 -38.16 -0.78
N ALA G 289 -11.60 -36.88 -0.44
CA ALA G 289 -12.74 -36.09 0.04
C ALA G 289 -13.81 -35.96 -1.04
N ASN G 290 -13.40 -35.70 -2.28
CA ASN G 290 -14.36 -35.63 -3.38
C ASN G 290 -15.05 -36.96 -3.61
N ARG G 291 -14.29 -38.06 -3.55
CA ARG G 291 -14.89 -39.38 -3.71
C ARG G 291 -15.94 -39.63 -2.65
N SER G 292 -15.61 -39.32 -1.39
CA SER G 292 -16.57 -39.52 -0.30
C SER G 292 -17.80 -38.64 -0.50
N ILE G 293 -17.60 -37.38 -0.89
CA ILE G 293 -18.72 -36.48 -1.09
C ILE G 293 -19.64 -37.00 -2.17
N ILE G 294 -19.07 -37.43 -3.30
CA ILE G 294 -19.88 -37.91 -4.42
C ILE G 294 -20.63 -39.18 -4.05
N LYS G 295 -19.94 -40.14 -3.42
CA LYS G 295 -20.60 -41.39 -3.08
C LYS G 295 -21.71 -41.17 -2.05
N ASN G 296 -21.48 -40.28 -1.06
CA ASN G 296 -22.49 -40.04 -0.06
C ASN G 296 -23.68 -39.27 -0.63
N ALA G 297 -23.42 -38.33 -1.54
CA ALA G 297 -24.52 -37.63 -2.20
C ALA G 297 -25.34 -38.58 -3.06
N ARG G 298 -24.69 -39.49 -3.77
CA ARG G 298 -25.41 -40.48 -4.57
C ARG G 298 -26.23 -41.41 -3.68
N ALA G 299 -25.67 -41.84 -2.55
CA ALA G 299 -26.41 -42.69 -1.62
C ALA G 299 -27.58 -41.93 -0.98
N LEU G 300 -27.44 -40.62 -0.83
CA LEU G 300 -28.52 -39.82 -0.23
C LEU G 300 -29.75 -39.79 -1.11
N GLY G 301 -29.58 -39.86 -2.43
CA GLY G 301 -30.70 -39.83 -3.35
C GLY G 301 -30.61 -38.71 -4.36
N PHE G 302 -29.39 -38.26 -4.64
CA PHE G 302 -29.15 -37.21 -5.61
C PHE G 302 -28.78 -37.82 -6.96
N ASN G 303 -29.49 -37.42 -7.99
CA ASN G 303 -29.25 -37.93 -9.35
C ASN G 303 -28.22 -37.09 -10.12
N ILE G 304 -27.09 -36.84 -9.46
CA ILE G 304 -26.06 -35.99 -10.04
C ILE G 304 -25.24 -36.81 -11.04
N GLU G 305 -24.65 -36.10 -12.00
CA GLU G 305 -23.75 -36.70 -12.99
C GLU G 305 -22.37 -36.09 -12.82
N VAL G 306 -21.35 -36.94 -12.75
CA VAL G 306 -19.98 -36.53 -12.47
C VAL G 306 -19.12 -36.82 -13.69
N PHE G 307 -18.35 -35.82 -14.12
CA PHE G 307 -17.41 -35.94 -15.22
C PHE G 307 -16.02 -35.62 -14.71
N THR G 308 -15.07 -36.51 -14.99
CA THR G 308 -13.71 -36.38 -14.47
C THR G 308 -12.71 -36.44 -15.62
N TYR G 309 -11.52 -35.90 -15.34
CA TYR G 309 -10.42 -35.89 -16.29
C TYR G 309 -9.12 -35.99 -15.51
N ASN G 310 -8.33 -37.02 -15.79
CA ASN G 310 -7.06 -37.31 -15.14
C ASN G 310 -7.23 -37.66 -13.66
N VAL G 311 -8.45 -37.94 -13.21
CA VAL G 311 -8.71 -38.38 -11.84
C VAL G 311 -9.50 -39.68 -11.91
N ASP G 312 -9.00 -40.72 -11.23
CA ASP G 312 -9.67 -42.02 -11.26
C ASP G 312 -11.01 -41.97 -10.52
N LEU G 313 -11.08 -41.19 -9.44
CA LEU G 313 -12.29 -41.08 -8.62
C LEU G 313 -12.75 -42.45 -8.12
N GLY G 314 -11.81 -43.30 -7.75
CA GLY G 314 -12.14 -44.60 -7.21
C GLY G 314 -12.71 -45.54 -8.26
N GLU G 315 -13.45 -46.53 -7.78
CA GLU G 315 -14.04 -47.55 -8.63
C GLU G 315 -15.56 -47.54 -8.60
N ASP G 316 -16.16 -47.50 -7.41
CA ASP G 316 -17.61 -47.54 -7.30
C ASP G 316 -18.27 -46.18 -7.58
N ILE G 317 -17.50 -45.10 -7.72
CA ILE G 317 -18.04 -43.85 -8.22
C ILE G 317 -18.08 -43.90 -9.74
N GLU G 318 -19.27 -43.71 -10.31
CA GLU G 318 -19.42 -43.72 -11.76
C GLU G 318 -19.20 -42.32 -12.31
N ALA G 319 -18.36 -42.23 -13.34
CA ALA G 319 -18.02 -40.94 -13.94
C ALA G 319 -17.40 -41.17 -15.29
N THR G 320 -17.86 -40.44 -16.30
CA THR G 320 -17.32 -40.56 -17.65
C THR G 320 -16.01 -39.77 -17.73
N LYS G 321 -14.92 -40.48 -18.01
CA LYS G 321 -13.61 -39.85 -18.10
C LYS G 321 -13.53 -39.05 -19.39
N VAL G 322 -13.72 -37.73 -19.29
CA VAL G 322 -13.63 -36.87 -20.46
C VAL G 322 -12.16 -36.66 -20.84
N SER G 323 -11.95 -36.35 -22.11
CA SER G 323 -10.61 -36.12 -22.63
C SER G 323 -10.21 -34.65 -22.61
N SER G 324 -11.17 -33.73 -22.54
CA SER G 324 -10.88 -32.31 -22.53
C SER G 324 -12.09 -31.58 -21.96
N VAL G 325 -11.92 -30.27 -21.75
CA VAL G 325 -13.01 -29.47 -21.20
C VAL G 325 -14.16 -29.35 -22.20
N GLU G 326 -13.86 -29.38 -23.49
CA GLU G 326 -14.92 -29.31 -24.49
C GLU G 326 -15.82 -30.55 -24.42
N GLU G 327 -15.24 -31.73 -24.21
CA GLU G 327 -16.05 -32.92 -23.97
C GLU G 327 -16.89 -32.76 -22.71
N LEU G 328 -16.31 -32.12 -21.69
CA LEU G 328 -17.05 -31.88 -20.45
C LEU G 328 -18.28 -31.02 -20.70
N VAL G 329 -18.11 -29.93 -21.45
CA VAL G 329 -19.26 -29.06 -21.71
C VAL G 329 -20.25 -29.74 -22.66
N ALA G 330 -19.76 -30.60 -23.55
CA ALA G 330 -20.67 -31.38 -24.39
C ALA G 330 -21.54 -32.30 -23.54
N ASN G 331 -20.94 -32.96 -22.55
CA ASN G 331 -21.72 -33.79 -21.63
C ASN G 331 -22.64 -32.93 -20.76
N LEU G 332 -22.21 -31.71 -20.44
CA LEU G 332 -23.03 -30.82 -19.62
C LEU G 332 -24.25 -30.31 -20.37
N VAL G 333 -24.15 -30.18 -21.69
CA VAL G 333 -25.26 -29.69 -22.51
C VAL G 333 -25.98 -30.81 -23.25
N LYS G 334 -25.55 -32.06 -23.09
CA LYS G 334 -26.15 -33.15 -23.85
C LYS G 334 -27.54 -33.51 -23.35
N MET G 335 -27.84 -33.28 -22.08
CA MET G 335 -29.13 -33.64 -21.52
C MET G 335 -30.15 -32.52 -21.60
N VAL G 336 -29.75 -31.34 -22.09
CA VAL G 336 -30.64 -30.19 -22.24
C VAL G 336 -31.24 -29.80 -20.89
N MET H 1 -10.55 -13.28 -38.80
CA MET H 1 -10.89 -14.63 -38.38
C MET H 1 -9.93 -15.14 -37.30
N TYR H 2 -10.43 -15.99 -36.41
CA TYR H 2 -9.66 -16.45 -35.27
C TYR H 2 -8.72 -17.59 -35.69
N VAL H 3 -7.42 -17.39 -35.48
CA VAL H 3 -6.43 -18.41 -35.81
C VAL H 3 -5.46 -18.56 -34.64
N ARG H 4 -5.22 -19.80 -34.24
CA ARG H 4 -4.35 -20.11 -33.11
C ARG H 4 -3.29 -21.09 -33.57
N ILE H 5 -2.03 -20.67 -33.58
CA ILE H 5 -0.93 -21.48 -34.07
C ILE H 5 0.04 -21.70 -32.92
N SER H 6 0.17 -22.95 -32.49
CA SER H 6 1.11 -23.32 -31.43
C SER H 6 2.10 -24.33 -31.99
N GLY H 7 3.20 -24.51 -31.26
CA GLY H 7 4.20 -25.46 -31.69
C GLY H 7 5.50 -25.29 -30.91
N ARG H 8 6.53 -25.95 -31.42
CA ARG H 8 7.84 -25.98 -30.79
C ARG H 8 8.91 -25.56 -31.78
N ILE H 9 9.92 -24.86 -31.26
CA ILE H 9 11.09 -24.45 -32.03
C ILE H 9 12.33 -24.81 -31.20
N ARG H 10 13.48 -24.80 -31.88
CA ARG H 10 14.75 -25.07 -31.23
C ARG H 10 15.62 -23.81 -31.29
N LEU H 11 16.19 -23.44 -30.15
CA LEU H 11 16.98 -22.23 -30.02
C LEU H 11 18.40 -22.59 -29.63
N ASN H 12 19.37 -21.86 -30.18
CA ASN H 12 20.78 -22.07 -29.87
C ASN H 12 21.47 -20.72 -29.86
N ALA H 13 22.03 -20.35 -28.71
CA ALA H 13 22.80 -19.12 -28.54
C ALA H 13 21.96 -17.89 -28.90
N HIS H 14 20.90 -17.68 -28.12
CA HIS H 14 20.02 -16.54 -28.30
C HIS H 14 20.03 -15.67 -27.04
N SER H 15 20.09 -14.36 -27.25
CA SER H 15 20.01 -13.38 -26.17
C SER H 15 18.70 -12.61 -26.24
N LEU H 16 17.62 -13.30 -26.61
CA LEU H 16 16.35 -12.65 -26.86
C LEU H 16 15.73 -12.13 -25.57
N ASN H 17 15.19 -10.91 -25.65
CA ASN H 17 14.52 -10.24 -24.55
C ASN H 17 15.35 -10.29 -23.28
N ALA H 18 16.50 -9.64 -23.29
CA ALA H 18 17.33 -9.55 -22.09
C ALA H 18 16.64 -8.67 -21.05
N GLN H 19 16.90 -8.97 -19.78
CA GLN H 19 16.43 -8.08 -18.71
C GLN H 19 17.19 -6.76 -18.73
N GLY H 20 18.43 -6.79 -19.17
CA GLY H 20 19.26 -5.61 -19.22
C GLY H 20 20.27 -5.59 -18.08
N GLY H 21 21.41 -4.95 -18.34
CA GLY H 21 22.45 -4.88 -17.32
C GLY H 21 22.04 -4.05 -16.12
N GLY H 22 21.31 -2.97 -16.35
CA GLY H 22 20.95 -2.05 -15.29
C GLY H 22 22.18 -1.42 -14.67
N GLY H 23 23.13 -1.03 -15.54
CA GLY H 23 24.42 -0.53 -15.10
C GLY H 23 25.52 -1.57 -15.07
N THR H 24 25.17 -2.85 -15.10
CA THR H 24 26.14 -3.93 -15.10
C THR H 24 26.42 -4.41 -16.52
N ASN H 25 27.64 -4.90 -16.73
CA ASN H 25 27.98 -5.44 -18.04
C ASN H 25 27.40 -6.83 -18.26
N TYR H 26 27.15 -7.57 -17.19
CA TYR H 26 26.50 -8.86 -17.29
C TYR H 26 25.02 -8.66 -17.63
N ILE H 27 24.71 -8.63 -18.93
CA ILE H 27 23.36 -8.32 -19.37
C ILE H 27 22.45 -9.49 -18.99
N GLU H 28 21.61 -9.27 -17.99
CA GLU H 28 20.62 -10.27 -17.61
C GLU H 28 19.64 -10.52 -18.73
N ILE H 29 19.34 -11.79 -18.98
CA ILE H 29 18.25 -12.16 -19.85
C ILE H 29 17.04 -12.53 -18.99
N THR H 30 15.88 -12.64 -19.62
CA THR H 30 14.66 -12.91 -18.87
C THR H 30 14.62 -14.37 -18.43
N LYS H 31 14.31 -14.58 -17.15
CA LYS H 31 14.18 -15.91 -16.59
C LYS H 31 12.75 -16.12 -16.10
N THR H 32 12.35 -17.38 -16.01
CA THR H 32 11.02 -17.72 -15.53
C THR H 32 11.09 -19.02 -14.75
N LYS H 33 10.27 -19.14 -13.71
CA LYS H 33 10.18 -20.36 -12.93
C LYS H 33 9.20 -21.32 -13.60
N VAL H 34 9.59 -22.57 -13.74
CA VAL H 34 8.77 -23.59 -14.38
C VAL H 34 8.76 -24.84 -13.51
N THR H 35 7.63 -25.55 -13.54
CA THR H 35 7.44 -26.74 -12.71
C THR H 35 7.81 -27.99 -13.50
N VAL H 36 8.66 -28.83 -12.92
CA VAL H 36 9.05 -30.10 -13.51
C VAL H 36 8.94 -31.19 -12.45
N ARG H 37 8.75 -32.42 -12.91
CA ARG H 37 8.55 -33.54 -12.00
C ARG H 37 9.87 -34.15 -11.54
N THR H 38 10.67 -34.66 -12.48
CA THR H 38 11.96 -35.29 -12.19
C THR H 38 11.82 -36.43 -11.17
N GLU H 39 10.62 -37.01 -11.10
CA GLU H 39 10.33 -38.17 -10.26
C GLU H 39 10.54 -37.90 -8.77
N ASN H 40 10.61 -36.64 -8.37
CA ASN H 40 10.75 -36.30 -6.95
C ASN H 40 9.90 -35.08 -6.58
N GLY H 41 8.80 -34.86 -7.30
CA GLY H 41 7.95 -33.72 -7.04
C GLY H 41 8.17 -32.61 -8.04
N TRP H 42 7.08 -31.95 -8.47
CA TRP H 42 7.18 -30.92 -9.48
C TRP H 42 7.79 -29.64 -8.91
N THR H 43 9.09 -29.66 -8.67
CA THR H 43 9.78 -28.47 -8.17
C THR H 43 9.90 -27.42 -9.28
N VAL H 44 10.07 -26.18 -8.85
CA VAL H 44 10.23 -25.05 -9.77
C VAL H 44 11.71 -24.80 -9.99
N VAL H 45 12.06 -24.57 -11.25
CA VAL H 45 13.44 -24.28 -11.65
C VAL H 45 13.42 -23.03 -12.53
N GLU H 46 14.49 -22.24 -12.41
CA GLU H 46 14.63 -21.02 -13.19
C GLU H 46 15.22 -21.36 -14.55
N VAL H 47 14.53 -20.94 -15.62
CA VAL H 47 14.93 -21.29 -16.97
C VAL H 47 14.86 -20.03 -17.83
N PRO H 48 15.75 -19.87 -18.82
CA PRO H 48 15.63 -18.72 -19.72
C PRO H 48 14.33 -18.75 -20.51
N ALA H 49 13.78 -17.57 -20.74
CA ALA H 49 12.54 -17.41 -21.48
C ALA H 49 12.46 -15.98 -21.98
N ILE H 50 11.52 -15.73 -22.88
CA ILE H 50 11.23 -14.38 -23.34
C ILE H 50 9.73 -14.14 -23.21
N THR H 51 9.36 -12.88 -23.02
CA THR H 51 7.98 -12.54 -22.72
C THR H 51 7.14 -12.56 -23.99
N GLY H 52 5.81 -12.60 -23.79
CA GLY H 52 4.89 -12.42 -24.90
C GLY H 52 4.93 -11.02 -25.49
N ASN H 53 5.48 -10.05 -24.76
CA ASN H 53 5.67 -8.72 -25.33
C ASN H 53 6.64 -8.77 -26.50
N MET H 54 7.65 -9.64 -26.43
CA MET H 54 8.56 -9.82 -27.55
C MET H 54 7.80 -10.26 -28.80
N LEU H 55 6.99 -11.31 -28.67
CA LEU H 55 6.24 -11.81 -29.81
C LEU H 55 5.23 -10.80 -30.30
N LYS H 56 4.59 -10.06 -29.39
CA LYS H 56 3.64 -9.03 -29.81
C LYS H 56 4.34 -7.95 -30.61
N HIS H 57 5.48 -7.46 -30.12
CA HIS H 57 6.19 -6.40 -30.83
C HIS H 57 6.69 -6.88 -32.18
N TRP H 58 7.16 -8.12 -32.26
CA TRP H 58 7.66 -8.60 -33.54
C TRP H 58 6.53 -8.92 -34.50
N HIS H 59 5.36 -9.30 -33.99
CA HIS H 59 4.18 -9.38 -34.84
C HIS H 59 3.80 -8.01 -35.39
N PHE H 60 3.93 -6.98 -34.55
CA PHE H 60 3.71 -5.61 -35.02
C PHE H 60 4.73 -5.22 -36.08
N VAL H 61 5.98 -5.66 -35.91
CA VAL H 61 7.02 -5.37 -36.90
C VAL H 61 6.68 -6.04 -38.23
N GLY H 62 6.27 -7.31 -38.19
CA GLY H 62 5.81 -7.97 -39.41
C GLY H 62 4.59 -7.30 -40.02
N PHE H 63 3.68 -6.84 -39.16
CA PHE H 63 2.51 -6.10 -39.60
C PHE H 63 2.90 -4.88 -40.44
N VAL H 64 3.80 -4.05 -39.91
CA VAL H 64 4.19 -2.85 -40.63
C VAL H 64 5.05 -3.19 -41.85
N ASP H 65 5.85 -4.25 -41.78
CA ASP H 65 6.62 -4.67 -42.94
C ASP H 65 5.71 -5.09 -44.09
N TYR H 66 4.65 -5.84 -43.78
CA TYR H 66 3.74 -6.28 -44.82
C TYR H 66 2.85 -5.15 -45.32
N PHE H 67 2.51 -4.18 -44.46
CA PHE H 67 1.81 -3.01 -44.94
C PHE H 67 2.72 -2.05 -45.71
N LYS H 68 4.04 -2.20 -45.59
CA LYS H 68 4.94 -1.40 -46.42
C LYS H 68 4.91 -1.83 -47.88
N THR H 69 4.37 -3.01 -48.18
CA THR H 69 4.29 -3.51 -49.53
C THR H 69 2.88 -3.53 -50.11
N THR H 70 1.87 -3.71 -49.26
CA THR H 70 0.49 -3.74 -49.75
C THR H 70 0.07 -2.35 -50.24
N PRO H 71 -0.75 -2.29 -51.30
CA PRO H 71 -1.22 -0.98 -51.78
C PRO H 71 -2.08 -0.24 -50.78
N TYR H 72 -2.66 -0.92 -49.80
CA TYR H 72 -3.53 -0.30 -48.82
C TYR H 72 -2.80 0.05 -47.52
N GLY H 73 -1.48 0.15 -47.57
CA GLY H 73 -0.66 0.47 -46.42
C GLY H 73 -0.41 1.95 -46.21
N VAL H 74 -1.08 2.82 -46.97
CA VAL H 74 -0.86 4.26 -46.83
C VAL H 74 -1.34 4.74 -45.47
N ASN H 75 -2.42 4.16 -44.94
CA ASN H 75 -2.98 4.58 -43.66
C ASN H 75 -2.27 3.83 -42.54
N LEU H 76 -1.08 4.31 -42.20
CA LEU H 76 -0.29 3.73 -41.13
C LEU H 76 0.36 4.85 -40.32
N THR H 77 0.56 4.58 -39.03
CA THR H 77 1.21 5.54 -38.16
C THR H 77 2.67 5.73 -38.56
N GLU H 78 3.13 6.98 -38.55
CA GLU H 78 4.52 7.26 -38.86
C GLU H 78 5.46 6.63 -37.83
N ARG H 79 4.99 6.48 -36.59
CA ARG H 79 5.78 5.76 -35.59
C ARG H 79 5.89 4.28 -35.94
N ALA H 80 4.82 3.70 -36.52
CA ALA H 80 4.82 2.28 -36.83
C ALA H 80 5.85 1.94 -37.90
N LEU H 81 6.25 2.90 -38.72
CA LEU H 81 7.23 2.63 -39.77
C LEU H 81 8.58 2.26 -39.19
N ARG H 82 9.00 2.92 -38.11
CA ARG H 82 10.30 2.69 -37.50
C ARG H 82 10.26 1.61 -36.43
N TYR H 83 9.30 0.69 -36.51
CA TYR H 83 9.18 -0.42 -35.55
C TYR H 83 9.00 0.08 -34.12
N ASN H 84 8.45 1.28 -33.97
CA ASN H 84 8.26 1.86 -32.65
C ASN H 84 7.09 1.19 -31.97
N GLY H 85 7.36 0.51 -30.85
CA GLY H 85 6.32 -0.19 -30.13
C GLY H 85 5.33 0.71 -29.44
N THR H 86 5.69 1.97 -29.21
CA THR H 86 4.78 2.90 -28.54
C THR H 86 3.56 3.16 -29.40
N ARG H 87 2.39 3.10 -28.77
CA ARG H 87 1.13 3.46 -29.40
C ARG H 87 0.40 4.39 -28.42
N PHE H 88 0.59 5.70 -28.61
CA PHE H 88 0.01 6.73 -27.76
C PHE H 88 0.53 6.60 -26.32
N GLY H 89 1.85 6.51 -26.21
CA GLY H 89 2.47 6.36 -24.90
C GLY H 89 2.31 7.59 -24.03
N GLN H 90 2.51 8.77 -24.60
CA GLN H 90 2.48 10.02 -23.86
C GLN H 90 1.12 10.69 -24.05
N GLY H 91 0.74 11.54 -23.10
CA GLY H 91 -0.53 12.22 -23.14
C GLY H 91 -0.57 13.34 -24.17
N GLU H 92 -0.38 12.98 -25.44
CA GLU H 92 -0.39 13.94 -26.53
C GLU H 92 -1.83 14.22 -26.99
N THR H 93 -1.95 15.10 -27.97
CA THR H 93 -3.25 15.50 -28.49
C THR H 93 -3.48 15.09 -29.93
N THR H 94 -2.60 15.50 -30.85
CA THR H 94 -2.77 15.22 -32.28
C THR H 94 -1.65 14.30 -32.74
N ALA H 95 -2.01 13.09 -33.13
CA ALA H 95 -1.03 12.10 -33.55
C ALA H 95 -0.60 12.33 -35.00
N THR H 96 0.70 12.28 -35.23
CA THR H 96 1.24 12.47 -36.56
C THR H 96 1.04 11.23 -37.42
N LYS H 97 0.74 11.43 -38.70
CA LYS H 97 0.52 10.36 -39.65
C LYS H 97 1.60 10.40 -40.73
N ALA H 98 2.02 9.20 -41.18
CA ALA H 98 3.06 9.12 -42.20
C ALA H 98 2.59 9.71 -43.53
N ASN H 99 1.28 9.70 -43.79
CA ASN H 99 0.77 10.24 -45.05
C ASN H 99 1.02 11.74 -45.15
N GLY H 100 0.90 12.46 -44.04
CA GLY H 100 1.09 13.90 -44.05
C GLY H 100 -0.07 14.63 -43.40
N ALA H 101 -0.91 13.89 -42.70
CA ALA H 101 -2.06 14.44 -42.00
C ALA H 101 -1.91 14.18 -40.49
N THR H 102 -2.95 14.50 -39.74
CA THR H 102 -2.97 14.32 -38.30
C THR H 102 -4.26 13.62 -37.88
N VAL H 103 -4.18 12.93 -36.73
CA VAL H 103 -5.30 12.19 -36.19
C VAL H 103 -5.66 12.77 -34.83
N GLN H 104 -6.93 13.11 -34.65
CA GLN H 104 -7.45 13.63 -33.39
C GLN H 104 -8.08 12.49 -32.60
N LEU H 105 -7.86 12.50 -31.29
CA LEU H 105 -8.29 11.40 -30.42
C LEU H 105 -9.74 11.63 -29.99
N ASN H 106 -10.62 11.60 -30.99
CA ASN H 106 -12.05 11.70 -30.75
C ASN H 106 -12.77 10.85 -31.78
N ASP H 107 -13.91 10.29 -31.37
CA ASP H 107 -14.70 9.38 -32.20
C ASP H 107 -13.85 8.17 -32.63
N GLU H 108 -13.52 7.36 -31.62
CA GLU H 108 -12.66 6.18 -31.77
C GLU H 108 -12.98 5.37 -33.03
N ALA H 109 -14.25 5.32 -33.41
CA ALA H 109 -14.62 4.64 -34.65
C ALA H 109 -13.94 5.27 -35.85
N THR H 110 -13.78 6.59 -35.85
CA THR H 110 -13.07 7.25 -36.95
C THR H 110 -11.60 6.84 -36.99
N ILE H 111 -10.96 6.72 -35.83
CA ILE H 111 -9.58 6.26 -35.79
C ILE H 111 -9.48 4.82 -36.30
N ILE H 112 -10.44 3.97 -35.91
CA ILE H 112 -10.44 2.59 -36.40
C ILE H 112 -10.58 2.56 -37.91
N LYS H 113 -11.50 3.37 -38.45
CA LYS H 113 -11.72 3.40 -39.89
C LYS H 113 -10.51 3.93 -40.64
N GLU H 114 -9.88 4.98 -40.11
CA GLU H 114 -8.79 5.66 -40.81
C GLU H 114 -7.43 5.04 -40.50
N LEU H 115 -7.04 5.04 -39.23
CA LEU H 115 -5.76 4.47 -38.83
C LEU H 115 -5.84 2.95 -38.78
N ALA H 116 -4.81 2.29 -39.29
CA ALA H 116 -4.77 0.84 -39.35
C ALA H 116 -3.77 0.22 -38.37
N ASP H 117 -2.82 1.00 -37.85
CA ASP H 117 -1.85 0.46 -36.91
C ASP H 117 -2.53 0.04 -35.61
N ALA H 118 -3.38 0.89 -35.07
CA ALA H 118 -4.08 0.61 -33.81
C ALA H 118 -5.44 -0.04 -34.04
N ASP H 119 -5.46 -1.11 -34.83
CA ASP H 119 -6.67 -1.89 -35.07
C ASP H 119 -6.58 -3.31 -34.56
N VAL H 120 -5.39 -3.91 -34.58
CA VAL H 120 -5.20 -5.26 -34.07
C VAL H 120 -4.36 -5.29 -32.80
N HIS H 121 -3.39 -4.38 -32.65
CA HIS H 121 -2.53 -4.35 -31.47
C HIS H 121 -3.03 -3.38 -30.40
N GLY H 122 -4.15 -2.71 -30.63
CA GLY H 122 -4.75 -1.86 -29.61
C GLY H 122 -4.00 -0.55 -29.41
N PHE H 123 -4.58 0.28 -28.54
CA PHE H 123 -3.99 1.57 -28.21
C PHE H 123 -4.52 2.00 -26.84
N LEU H 124 -3.73 2.82 -26.15
CA LEU H 124 -4.05 3.29 -24.81
C LEU H 124 -3.78 4.80 -24.73
N ALA H 125 -4.38 5.54 -25.66
CA ALA H 125 -4.34 7.00 -25.61
C ALA H 125 -4.69 7.49 -24.21
N PRO H 126 -3.72 8.03 -23.46
CA PRO H 126 -3.95 8.30 -22.04
C PRO H 126 -4.63 9.63 -21.75
N LYS H 127 -4.51 10.62 -22.64
CA LYS H 127 -5.11 11.93 -22.39
C LYS H 127 -6.62 11.85 -22.56
N THR H 128 -7.08 11.33 -23.70
CA THR H 128 -8.51 11.21 -23.96
C THR H 128 -9.07 9.94 -23.34
N GLY H 129 -8.19 9.09 -22.80
CA GLY H 129 -8.62 7.87 -22.15
C GLY H 129 -9.17 6.82 -23.09
N ARG H 130 -8.87 6.92 -24.38
CA ARG H 130 -9.37 5.96 -25.36
C ARG H 130 -8.48 4.72 -25.35
N ARG H 131 -9.04 3.59 -24.97
CA ARG H 131 -8.31 2.33 -24.88
C ARG H 131 -8.97 1.28 -25.75
N ARG H 132 -8.18 0.29 -26.15
CA ARG H 132 -8.69 -0.81 -26.96
C ARG H 132 -7.84 -2.03 -26.68
N VAL H 133 -8.47 -3.11 -26.22
CA VAL H 133 -7.76 -4.36 -25.97
C VAL H 133 -7.24 -4.91 -27.28
N SER H 134 -5.99 -5.36 -27.28
CA SER H 134 -5.39 -5.87 -28.50
C SER H 134 -6.00 -7.22 -28.87
N LEU H 135 -5.71 -7.66 -30.09
CA LEU H 135 -6.21 -8.92 -30.61
C LEU H 135 -5.10 -9.91 -30.92
N VAL H 136 -3.88 -9.62 -30.47
CA VAL H 136 -2.76 -10.55 -30.60
C VAL H 136 -2.27 -10.81 -29.18
N LYS H 137 -2.78 -11.88 -28.57
CA LYS H 137 -2.41 -12.23 -27.20
C LYS H 137 -1.24 -13.22 -27.24
N ALA H 138 -0.07 -12.68 -27.57
CA ALA H 138 1.13 -13.49 -27.73
C ALA H 138 1.52 -14.16 -26.42
N SER H 139 2.00 -15.39 -26.52
CA SER H 139 2.38 -16.18 -25.36
C SER H 139 3.89 -16.10 -25.12
N PHE H 140 4.34 -16.77 -24.06
CA PHE H 140 5.74 -16.77 -23.68
C PHE H 140 6.51 -17.78 -24.53
N ILE H 141 7.77 -18.01 -24.20
CA ILE H 141 8.65 -18.91 -24.92
C ILE H 141 9.37 -19.75 -23.87
N LEU H 142 8.88 -20.96 -23.61
CA LEU H 142 9.42 -21.82 -22.57
C LEU H 142 9.79 -23.18 -23.14
N PRO H 143 10.76 -23.87 -22.52
CA PRO H 143 11.22 -25.16 -23.06
C PRO H 143 10.25 -26.30 -22.82
N THR H 144 10.67 -27.51 -23.18
CA THR H 144 9.89 -28.72 -22.95
C THR H 144 10.10 -29.21 -21.53
N GLU H 145 9.01 -29.65 -20.88
CA GLU H 145 9.09 -30.10 -19.51
C GLU H 145 9.97 -31.34 -19.38
N ASP H 146 9.77 -32.32 -20.27
CA ASP H 146 10.60 -33.53 -20.21
C ASP H 146 12.06 -33.22 -20.52
N PHE H 147 12.32 -32.18 -21.32
CA PHE H 147 13.69 -31.77 -21.58
C PHE H 147 14.40 -31.39 -20.29
N ILE H 148 13.79 -30.51 -19.51
CA ILE H 148 14.38 -30.09 -18.24
C ILE H 148 14.43 -31.27 -17.26
N LYS H 149 13.42 -32.13 -17.31
CA LYS H 149 13.41 -33.30 -16.43
C LYS H 149 14.57 -34.24 -16.71
N GLU H 150 14.86 -34.48 -18.00
CA GLU H 150 15.89 -35.42 -18.39
C GLU H 150 17.29 -34.82 -18.35
N VAL H 151 17.42 -33.50 -18.39
CA VAL H 151 18.76 -32.92 -18.23
C VAL H 151 19.14 -32.77 -16.76
N GLU H 152 18.17 -32.56 -15.87
CA GLU H 152 18.38 -32.29 -14.44
C GLU H 152 19.56 -31.37 -14.20
N GLY H 153 19.70 -30.34 -15.04
CA GLY H 153 20.83 -29.44 -14.97
C GLY H 153 21.20 -28.89 -16.34
N GLU H 154 22.50 -28.68 -16.58
CA GLU H 154 23.00 -28.13 -17.83
C GLU H 154 22.27 -26.83 -18.18
N ARG H 155 22.50 -25.82 -17.33
CA ARG H 155 21.89 -24.51 -17.48
C ARG H 155 21.89 -24.06 -18.92
N LEU H 156 20.71 -23.71 -19.41
CA LEU H 156 20.51 -23.34 -20.80
C LEU H 156 21.08 -21.98 -21.13
N ILE H 157 21.83 -21.36 -20.21
CA ILE H 157 22.39 -20.03 -20.39
C ILE H 157 23.91 -20.11 -20.34
N THR H 158 24.56 -19.40 -21.26
CA THR H 158 26.01 -19.29 -21.26
C THR H 158 26.39 -17.81 -21.33
N ALA H 159 27.47 -17.46 -20.64
CA ALA H 159 27.94 -16.08 -20.57
C ALA H 159 29.14 -15.92 -21.48
N ILE H 160 29.04 -14.97 -22.43
CA ILE H 160 30.11 -14.72 -23.39
C ILE H 160 30.47 -13.25 -23.33
N LYS H 161 31.76 -12.95 -23.26
CA LYS H 161 32.21 -11.57 -23.19
C LYS H 161 32.42 -11.00 -24.59
N HIS H 162 32.36 -9.67 -24.67
CA HIS H 162 32.67 -8.93 -25.89
C HIS H 162 33.29 -7.60 -25.48
N ASN H 163 34.03 -6.99 -26.40
CA ASN H 163 34.73 -5.75 -26.13
C ASN H 163 34.68 -4.83 -27.33
N ARG H 164 34.51 -3.54 -27.06
CA ARG H 164 34.53 -2.49 -28.08
C ARG H 164 35.90 -1.83 -28.03
N VAL H 165 36.83 -2.34 -28.83
CA VAL H 165 38.22 -1.89 -28.78
C VAL H 165 38.34 -0.47 -29.31
N ASP H 166 39.12 0.36 -28.60
CA ASP H 166 39.42 1.71 -29.03
C ASP H 166 40.67 1.74 -29.89
N VAL H 167 40.57 2.38 -31.05
CA VAL H 167 41.72 2.84 -31.81
C VAL H 167 41.45 4.29 -32.19
N ASP H 168 42.43 5.15 -31.94
CA ASP H 168 42.28 6.58 -32.14
C ASP H 168 43.12 7.05 -33.34
N GLU H 169 43.11 8.37 -33.58
CA GLU H 169 43.88 8.92 -34.69
C GLU H 169 45.39 8.70 -34.51
N LYS H 170 45.85 8.43 -33.30
CA LYS H 170 47.23 8.08 -33.05
C LYS H 170 47.46 6.58 -32.92
N GLY H 171 46.40 5.79 -33.07
CA GLY H 171 46.52 4.34 -32.96
C GLY H 171 46.81 3.86 -31.55
N ALA H 172 45.88 4.15 -30.63
CA ALA H 172 46.07 3.79 -29.23
C ALA H 172 44.71 3.60 -28.57
N ILE H 173 44.73 2.94 -27.41
CA ILE H 173 43.53 2.71 -26.62
C ILE H 173 43.58 3.72 -25.46
N GLY H 174 42.75 4.75 -25.54
CA GLY H 174 42.72 5.78 -24.52
C GLY H 174 42.28 5.27 -23.16
N SER H 175 43.09 5.50 -22.12
CA SER H 175 42.76 4.97 -20.81
C SER H 175 41.79 5.89 -20.07
N SER H 176 42.24 7.08 -19.67
CA SER H 176 41.38 7.98 -18.92
C SER H 176 41.36 9.40 -19.49
N LYS H 177 42.52 9.87 -19.96
CA LYS H 177 42.68 11.29 -20.29
C LYS H 177 42.72 11.57 -21.79
N GLU H 178 42.54 10.55 -22.64
CA GLU H 178 42.49 10.78 -24.08
C GLU H 178 41.34 10.01 -24.72
N GLY H 179 40.28 9.77 -23.95
CA GLY H 179 39.11 9.08 -24.47
C GLY H 179 38.89 7.71 -23.83
N THR H 180 37.95 7.65 -22.90
CA THR H 180 37.61 6.40 -22.20
C THR H 180 36.39 5.79 -22.89
N ALA H 181 36.60 5.31 -24.11
CA ALA H 181 35.53 4.73 -24.91
C ALA H 181 35.61 3.22 -25.08
N GLN H 182 36.77 2.61 -24.81
CA GLN H 182 36.88 1.16 -24.95
C GLN H 182 36.08 0.48 -23.85
N MET H 183 35.26 -0.49 -24.23
CA MET H 183 34.23 -0.99 -23.33
C MET H 183 34.04 -2.49 -23.54
N LEU H 184 33.78 -3.20 -22.44
CA LEU H 184 33.47 -4.62 -22.47
C LEU H 184 32.10 -4.88 -21.85
N PHE H 185 31.54 -6.04 -22.18
CA PHE H 185 30.24 -6.43 -21.65
C PHE H 185 30.07 -7.94 -21.79
N SER H 186 29.41 -8.55 -20.82
CA SER H 186 29.11 -9.98 -20.86
C SER H 186 27.64 -10.19 -21.18
N ARG H 187 27.38 -10.96 -22.23
CA ARG H 187 26.02 -11.21 -22.71
C ARG H 187 25.66 -12.67 -22.47
N GLU H 188 24.40 -12.90 -22.12
CA GLU H 188 23.87 -14.23 -21.88
C GLU H 188 23.17 -14.75 -23.12
N TYR H 189 23.54 -15.94 -23.57
CA TYR H 189 22.97 -16.57 -24.74
C TYR H 189 22.37 -17.91 -24.34
N ALA H 190 21.15 -18.19 -24.81
CA ALA H 190 20.39 -19.33 -24.36
C ALA H 190 20.08 -20.28 -25.51
N THR H 191 19.64 -21.48 -25.14
CA THR H 191 19.29 -22.53 -26.09
C THR H 191 18.06 -23.26 -25.57
N GLY H 192 17.72 -24.37 -26.20
CA GLY H 192 16.69 -25.26 -25.71
C GLY H 192 15.57 -25.45 -26.71
N LEU H 193 14.75 -26.48 -26.43
CA LEU H 193 13.58 -26.79 -27.24
C LEU H 193 12.41 -26.00 -26.68
N TYR H 194 12.25 -24.77 -27.15
CA TYR H 194 11.21 -23.88 -26.65
C TYR H 194 9.89 -24.15 -27.35
N GLY H 195 8.82 -23.58 -26.80
CA GLY H 195 7.51 -23.66 -27.40
C GLY H 195 6.83 -22.31 -27.42
N PHE H 196 5.86 -22.19 -28.31
CA PHE H 196 5.10 -20.95 -28.45
C PHE H 196 3.66 -21.27 -28.84
N SER H 197 2.78 -20.30 -28.62
CA SER H 197 1.38 -20.42 -28.98
C SER H 197 0.83 -19.02 -29.23
N ILE H 198 0.74 -18.63 -30.50
CA ILE H 198 0.24 -17.32 -30.89
C ILE H 198 -1.24 -17.44 -31.19
N VAL H 199 -2.05 -16.73 -30.42
CA VAL H 199 -3.48 -16.59 -30.68
C VAL H 199 -3.70 -15.26 -31.40
N LEU H 200 -4.56 -15.27 -32.42
CA LEU H 200 -4.79 -14.11 -33.26
C LEU H 200 -6.29 -13.98 -33.48
N ASP H 201 -6.89 -12.98 -32.86
CA ASP H 201 -8.33 -12.73 -32.96
C ASP H 201 -8.59 -11.68 -34.03
N LEU H 202 -8.38 -12.08 -35.28
CA LEU H 202 -8.58 -11.18 -36.41
C LEU H 202 -10.04 -11.03 -36.79
N GLY H 203 -10.95 -11.77 -36.16
CA GLY H 203 -12.35 -11.76 -36.53
C GLY H 203 -13.02 -10.41 -36.36
N LEU H 204 -12.53 -9.58 -35.42
CA LEU H 204 -13.11 -8.26 -35.19
C LEU H 204 -12.09 -7.15 -35.40
N VAL H 205 -11.06 -7.40 -36.20
CA VAL H 205 -10.12 -6.35 -36.56
C VAL H 205 -10.81 -5.37 -37.51
N GLY H 206 -10.68 -4.07 -37.22
CA GLY H 206 -11.44 -3.07 -37.93
C GLY H 206 -12.82 -2.82 -37.37
N ILE H 207 -13.23 -3.58 -36.36
CA ILE H 207 -14.52 -3.41 -35.69
C ILE H 207 -14.26 -2.67 -34.38
N PRO H 208 -14.80 -1.47 -34.19
CA PRO H 208 -14.57 -0.77 -32.92
C PRO H 208 -15.20 -1.51 -31.76
N GLN H 209 -14.52 -1.45 -30.61
CA GLN H 209 -15.00 -2.16 -29.43
C GLN H 209 -16.27 -1.52 -28.86
N GLY H 210 -16.44 -0.21 -29.07
CA GLY H 210 -17.60 0.46 -28.50
C GLY H 210 -18.92 -0.05 -29.07
N LEU H 211 -18.98 -0.18 -30.40
CA LEU H 211 -20.19 -0.66 -31.08
C LEU H 211 -19.81 -1.75 -32.08
N PRO H 212 -19.49 -2.96 -31.59
CA PRO H 212 -19.17 -4.04 -32.52
C PRO H 212 -20.30 -4.41 -33.46
N VAL H 213 -21.55 -4.30 -33.03
CA VAL H 213 -22.71 -4.58 -33.86
C VAL H 213 -23.75 -3.49 -33.62
N LYS H 214 -24.78 -3.49 -34.46
CA LYS H 214 -25.89 -2.56 -34.34
C LYS H 214 -27.23 -3.24 -34.13
N PHE H 215 -27.47 -4.38 -34.78
CA PHE H 215 -28.70 -5.17 -34.62
C PHE H 215 -29.93 -4.32 -34.95
N GLU H 216 -29.95 -3.80 -36.19
CA GLU H 216 -31.08 -2.97 -36.60
C GLU H 216 -32.33 -3.80 -36.88
N GLU H 217 -32.16 -5.05 -37.32
CA GLU H 217 -33.28 -5.94 -37.60
C GLU H 217 -32.97 -7.34 -37.09
N ASN H 218 -32.24 -7.42 -35.99
CA ASN H 218 -31.86 -8.69 -35.36
C ASN H 218 -31.12 -9.60 -36.35
N GLN H 219 -29.98 -9.10 -36.83
CA GLN H 219 -29.20 -9.85 -37.80
C GLN H 219 -27.78 -10.07 -37.27
N PRO H 220 -27.18 -11.23 -37.55
CA PRO H 220 -25.82 -11.53 -37.04
C PRO H 220 -24.70 -11.05 -37.96
N ARG H 221 -24.43 -9.74 -37.93
CA ARG H 221 -23.32 -9.17 -38.68
C ARG H 221 -22.64 -8.10 -37.84
N PRO H 222 -21.32 -7.97 -37.96
CA PRO H 222 -20.62 -6.93 -37.21
C PRO H 222 -20.83 -5.55 -37.80
N ASN H 223 -20.55 -4.53 -36.99
CA ASN H 223 -20.63 -3.14 -37.42
C ASN H 223 -19.32 -2.76 -38.10
N ILE H 224 -19.23 -3.09 -39.38
CA ILE H 224 -18.04 -2.79 -40.17
C ILE H 224 -18.03 -1.31 -40.51
N VAL H 225 -16.85 -0.71 -40.49
CA VAL H 225 -16.68 0.69 -40.85
C VAL H 225 -15.84 0.87 -42.11
N ILE H 226 -15.11 -0.14 -42.55
CA ILE H 226 -14.25 -0.04 -43.72
C ILE H 226 -14.78 -0.98 -44.80
N ASP H 227 -14.30 -0.77 -46.02
CA ASP H 227 -14.67 -1.66 -47.11
C ASP H 227 -14.08 -3.05 -46.88
N PRO H 228 -14.80 -4.10 -47.32
CA PRO H 228 -14.33 -5.46 -47.05
C PRO H 228 -12.97 -5.79 -47.65
N ASN H 229 -12.62 -5.17 -48.78
CA ASN H 229 -11.34 -5.48 -49.43
C ASN H 229 -10.16 -5.08 -48.55
N GLU H 230 -10.22 -3.86 -48.00
CA GLU H 230 -9.14 -3.39 -47.13
C GLU H 230 -9.07 -4.23 -45.86
N ARG H 231 -10.22 -4.61 -45.30
CA ARG H 231 -10.22 -5.45 -44.12
C ARG H 231 -9.58 -6.80 -44.41
N LYS H 232 -9.93 -7.41 -45.55
CA LYS H 232 -9.34 -8.71 -45.90
C LYS H 232 -7.84 -8.59 -46.14
N ALA H 233 -7.41 -7.49 -46.77
CA ALA H 233 -5.97 -7.27 -46.96
C ALA H 233 -5.27 -7.12 -45.62
N ARG H 234 -5.89 -6.41 -44.68
CA ARG H 234 -5.31 -6.28 -43.34
C ARG H 234 -5.22 -7.63 -42.64
N ILE H 235 -6.26 -8.45 -42.78
CA ILE H 235 -6.24 -9.78 -42.16
C ILE H 235 -5.11 -10.61 -42.73
N GLU H 236 -4.98 -10.60 -44.06
CA GLU H 236 -3.93 -11.38 -44.72
C GLU H 236 -2.55 -10.90 -44.32
N SER H 237 -2.35 -9.58 -44.26
CA SER H 237 -1.05 -9.05 -43.86
C SER H 237 -0.73 -9.39 -42.40
N ALA H 238 -1.73 -9.29 -41.52
CA ALA H 238 -1.49 -9.64 -40.12
C ALA H 238 -1.14 -11.10 -39.96
N LEU H 239 -1.82 -11.98 -40.70
CA LEU H 239 -1.52 -13.40 -40.58
C LEU H 239 -0.18 -13.76 -41.23
N LYS H 240 0.18 -13.09 -42.33
CA LYS H 240 1.49 -13.31 -42.93
C LYS H 240 2.62 -12.69 -42.11
N ALA H 241 2.29 -11.77 -41.20
CA ALA H 241 3.30 -11.24 -40.28
C ALA H 241 3.84 -12.32 -39.36
N LEU H 242 3.14 -13.45 -39.24
CA LEU H 242 3.65 -14.58 -38.46
C LEU H 242 4.75 -15.33 -39.19
N ILE H 243 4.94 -15.09 -40.49
CA ILE H 243 5.99 -15.79 -41.23
C ILE H 243 7.38 -15.49 -40.70
N PRO H 244 7.81 -14.22 -40.53
CA PRO H 244 9.16 -13.98 -40.00
C PRO H 244 9.33 -14.44 -38.56
N MET H 245 8.25 -14.59 -37.80
CA MET H 245 8.37 -15.04 -36.43
C MET H 245 8.95 -16.44 -36.34
N LEU H 246 8.45 -17.36 -37.17
CA LEU H 246 8.86 -18.75 -37.13
C LEU H 246 10.08 -19.02 -38.00
N SER H 247 10.87 -17.99 -38.29
CA SER H 247 12.09 -18.13 -39.08
C SER H 247 13.30 -17.50 -38.43
N GLY H 248 13.14 -16.64 -37.42
CA GLY H 248 14.28 -16.05 -36.77
C GLY H 248 14.28 -14.53 -36.76
N TYR H 249 13.10 -13.92 -36.86
CA TYR H 249 12.97 -12.46 -36.82
C TYR H 249 12.23 -12.02 -35.57
N ILE H 250 12.48 -12.70 -34.45
CA ILE H 250 11.95 -12.31 -33.15
C ILE H 250 13.09 -12.24 -32.15
N GLY H 251 12.78 -11.71 -30.98
CA GLY H 251 13.76 -11.60 -29.92
C GLY H 251 14.59 -10.33 -30.01
N ALA H 252 15.37 -10.12 -28.95
CA ALA H 252 16.26 -8.98 -28.86
C ALA H 252 17.64 -9.32 -29.41
N ASN H 253 18.44 -8.28 -29.61
CA ASN H 253 19.78 -8.42 -30.18
C ASN H 253 19.71 -9.15 -31.53
N LEU H 254 18.66 -8.85 -32.30
CA LEU H 254 18.45 -9.56 -33.55
C LEU H 254 19.61 -9.36 -34.52
N ALA H 255 20.30 -8.22 -34.42
CA ALA H 255 21.47 -8.00 -35.27
C ALA H 255 22.64 -8.87 -34.82
N ARG H 256 23.06 -8.70 -33.56
CA ARG H 256 24.24 -9.41 -33.09
C ARG H 256 23.96 -10.89 -32.88
N SER H 257 22.81 -11.24 -32.31
CA SER H 257 22.51 -12.63 -32.00
C SER H 257 21.88 -13.36 -33.19
N PHE H 258 20.70 -12.89 -33.62
CA PHE H 258 19.91 -13.56 -34.66
C PHE H 258 19.71 -15.03 -34.34
N PRO H 259 18.79 -15.36 -33.44
CA PRO H 259 18.65 -16.76 -33.00
C PRO H 259 18.32 -17.68 -34.16
N VAL H 260 18.80 -18.92 -34.07
CA VAL H 260 18.55 -19.93 -35.08
C VAL H 260 17.21 -20.59 -34.76
N PHE H 261 16.43 -20.87 -35.80
CA PHE H 261 15.08 -21.39 -35.65
C PHE H 261 14.90 -22.67 -36.47
N LYS H 262 13.79 -23.36 -36.19
CA LYS H 262 13.42 -24.56 -36.91
C LYS H 262 11.93 -24.79 -36.78
N VAL H 263 11.40 -25.62 -37.68
CA VAL H 263 10.03 -26.10 -37.60
C VAL H 263 10.10 -27.58 -37.26
N GLU H 264 9.67 -27.94 -36.05
CA GLU H 264 9.67 -29.32 -35.59
C GLU H 264 8.27 -29.90 -35.46
N GLU H 265 7.39 -29.25 -34.70
CA GLU H 265 6.00 -29.66 -34.61
C GLU H 265 5.14 -28.42 -34.42
N LEU H 266 4.22 -28.20 -35.36
CA LEU H 266 3.30 -27.08 -35.35
C LEU H 266 1.87 -27.58 -35.52
N VAL H 267 0.98 -27.13 -34.65
CA VAL H 267 -0.45 -27.38 -34.77
C VAL H 267 -1.16 -26.03 -34.86
N ALA H 268 -1.98 -25.88 -35.88
CA ALA H 268 -2.68 -24.62 -36.15
C ALA H 268 -4.16 -24.89 -36.31
N ILE H 269 -4.98 -24.03 -35.72
CA ILE H 269 -6.43 -24.10 -35.85
C ILE H 269 -6.91 -22.76 -36.40
N ALA H 270 -7.90 -22.82 -37.29
CA ALA H 270 -8.37 -21.62 -37.96
C ALA H 270 -9.87 -21.70 -38.18
N SER H 271 -10.59 -20.65 -37.76
CA SER H 271 -12.03 -20.63 -37.97
C SER H 271 -12.52 -19.19 -37.84
N GLU H 272 -13.67 -18.93 -38.44
CA GLU H 272 -14.30 -17.61 -38.31
C GLU H 272 -14.97 -17.46 -36.95
N GLY H 273 -15.58 -18.53 -36.44
CA GLY H 273 -16.27 -18.48 -35.17
C GLY H 273 -15.31 -18.62 -34.01
N PRO H 274 -15.83 -18.37 -32.81
CA PRO H 274 -15.00 -18.46 -31.60
C PRO H 274 -14.63 -19.91 -31.30
N ILE H 275 -13.34 -20.14 -31.08
CA ILE H 275 -12.82 -21.47 -30.80
C ILE H 275 -11.88 -21.41 -29.61
N PRO H 276 -11.72 -22.50 -28.85
CA PRO H 276 -10.76 -22.49 -27.75
C PRO H 276 -9.33 -22.38 -28.24
N ALA H 277 -8.48 -21.76 -27.42
CA ALA H 277 -7.06 -21.63 -27.72
C ALA H 277 -6.32 -22.88 -27.28
N LEU H 278 -5.27 -23.22 -28.04
CA LEU H 278 -4.47 -24.39 -27.73
C LEU H 278 -3.58 -24.11 -26.53
N VAL H 279 -2.73 -25.07 -26.20
CA VAL H 279 -1.84 -24.97 -25.04
C VAL H 279 -0.46 -24.56 -25.52
N HIS H 280 0.15 -23.62 -24.79
CA HIS H 280 1.53 -23.22 -25.06
C HIS H 280 2.46 -24.43 -24.97
N GLY H 281 3.35 -24.55 -25.94
CA GLY H 281 4.23 -25.70 -25.94
C GLY H 281 5.18 -25.69 -24.75
N PHE H 282 4.84 -26.48 -23.74
CA PHE H 282 5.70 -26.68 -22.58
C PHE H 282 5.77 -28.12 -22.11
N TYR H 283 4.79 -28.95 -22.42
CA TYR H 283 4.55 -30.24 -21.80
C TYR H 283 4.83 -31.36 -22.80
N GLU H 284 4.46 -32.58 -22.43
CA GLU H 284 4.59 -33.74 -23.30
C GLU H 284 3.26 -34.18 -23.91
N ASP H 285 2.17 -34.06 -23.16
CA ASP H 285 0.85 -34.45 -23.64
C ASP H 285 0.13 -33.31 -24.35
N TYR H 286 0.85 -32.29 -24.82
CA TYR H 286 0.20 -31.18 -25.49
C TYR H 286 -0.40 -31.61 -26.81
N ILE H 287 0.26 -32.54 -27.53
CA ILE H 287 -0.31 -33.06 -28.76
C ILE H 287 -1.60 -33.82 -28.47
N GLU H 288 -1.59 -34.66 -27.43
CA GLU H 288 -2.80 -35.40 -27.06
C GLU H 288 -3.91 -34.45 -26.63
N ALA H 289 -3.57 -33.43 -25.84
CA ALA H 289 -4.58 -32.47 -25.43
C ALA H 289 -5.15 -31.71 -26.62
N ASN H 290 -4.30 -31.31 -27.56
CA ASN H 290 -4.78 -30.62 -28.75
C ASN H 290 -5.68 -31.52 -29.59
N ARG H 291 -5.30 -32.79 -29.76
CA ARG H 291 -6.16 -33.72 -30.49
C ARG H 291 -7.51 -33.87 -29.79
N SER H 292 -7.51 -33.99 -28.46
CA SER H 292 -8.74 -34.13 -27.72
C SER H 292 -9.64 -32.91 -27.88
N ILE H 293 -9.05 -31.70 -27.75
CA ILE H 293 -9.87 -30.50 -27.84
C ILE H 293 -10.40 -30.32 -29.26
N ILE H 294 -9.60 -30.67 -30.27
CA ILE H 294 -10.06 -30.55 -31.66
C ILE H 294 -11.21 -31.52 -31.92
N LYS H 295 -11.06 -32.78 -31.50
CA LYS H 295 -12.13 -33.75 -31.75
C LYS H 295 -13.39 -33.38 -30.99
N ASN H 296 -13.25 -32.86 -29.76
CA ASN H 296 -14.43 -32.46 -28.99
C ASN H 296 -15.10 -31.23 -29.60
N ALA H 297 -14.32 -30.26 -30.07
CA ALA H 297 -14.90 -29.10 -30.73
C ALA H 297 -15.63 -29.49 -32.01
N ARG H 298 -15.05 -30.43 -32.77
CA ARG H 298 -15.73 -30.94 -33.94
C ARG H 298 -17.03 -31.65 -33.56
N ALA H 299 -17.02 -32.36 -32.43
CA ALA H 299 -18.25 -32.97 -31.93
C ALA H 299 -19.30 -31.91 -31.62
N LEU H 300 -18.88 -30.81 -30.98
CA LEU H 300 -19.81 -29.69 -30.77
C LEU H 300 -20.26 -29.09 -32.08
N GLY H 301 -19.34 -28.94 -33.03
CA GLY H 301 -19.68 -28.37 -34.33
C GLY H 301 -19.06 -27.01 -34.57
N PHE H 302 -17.98 -26.97 -35.33
CA PHE H 302 -17.30 -25.72 -35.67
C PHE H 302 -16.68 -25.84 -37.05
N ASN H 303 -16.71 -24.74 -37.79
CA ASN H 303 -16.06 -24.66 -39.10
C ASN H 303 -14.56 -24.38 -38.96
N ILE H 304 -13.89 -25.29 -38.25
CA ILE H 304 -12.50 -25.12 -37.86
C ILE H 304 -11.63 -26.07 -38.68
N GLU H 305 -10.54 -25.54 -39.23
CA GLU H 305 -9.57 -26.31 -39.99
C GLU H 305 -8.27 -26.42 -39.20
N VAL H 306 -7.65 -27.60 -39.26
CA VAL H 306 -6.46 -27.91 -38.49
C VAL H 306 -5.32 -28.22 -39.45
N PHE H 307 -4.15 -27.64 -39.16
CA PHE H 307 -2.95 -27.82 -39.96
C PHE H 307 -1.85 -28.37 -39.06
N THR H 308 -1.25 -29.48 -39.45
CA THR H 308 -0.25 -30.17 -38.64
C THR H 308 1.05 -30.30 -39.40
N TYR H 309 2.16 -30.09 -38.70
CA TYR H 309 3.50 -30.25 -39.26
C TYR H 309 4.03 -31.62 -38.84
N ASN H 310 3.90 -32.59 -39.75
CA ASN H 310 4.44 -33.95 -39.67
C ASN H 310 4.41 -34.53 -38.27
N VAL H 311 3.32 -34.31 -37.54
CA VAL H 311 3.15 -34.81 -36.19
C VAL H 311 2.20 -36.00 -36.23
N ASP H 312 2.40 -36.93 -35.31
CA ASP H 312 1.56 -38.13 -35.26
C ASP H 312 0.10 -37.77 -34.99
N LEU H 313 -0.12 -36.89 -34.00
CA LEU H 313 -1.47 -36.44 -33.64
C LEU H 313 -2.37 -37.62 -33.31
N GLY H 314 -2.93 -38.24 -34.35
CA GLY H 314 -3.79 -39.39 -34.15
C GLY H 314 -4.56 -39.67 -35.43
N GLU H 315 -5.51 -40.60 -35.30
CA GLU H 315 -6.37 -40.99 -36.40
C GLU H 315 -7.68 -40.20 -36.35
N ASP H 316 -8.60 -40.55 -37.26
CA ASP H 316 -9.91 -39.94 -37.40
C ASP H 316 -9.89 -38.42 -37.28
N ILE H 317 -8.84 -37.79 -37.80
CA ILE H 317 -8.72 -36.34 -37.80
C ILE H 317 -8.42 -35.90 -39.23
N GLU H 318 -9.19 -34.93 -39.72
CA GLU H 318 -9.04 -34.43 -41.09
C GLU H 318 -8.00 -33.32 -41.21
N ALA H 319 -7.08 -33.22 -40.26
CA ALA H 319 -6.06 -32.18 -40.30
C ALA H 319 -5.18 -32.34 -41.54
N THR H 320 -4.80 -31.20 -42.11
CA THR H 320 -4.00 -31.18 -43.33
C THR H 320 -2.52 -31.05 -43.00
N LYS H 321 -1.69 -31.80 -43.73
CA LYS H 321 -0.26 -31.77 -43.53
C LYS H 321 0.35 -30.50 -44.11
N VAL H 322 1.33 -29.94 -43.40
CA VAL H 322 2.03 -28.75 -43.85
C VAL H 322 3.53 -29.04 -43.85
N SER H 323 4.26 -28.25 -44.63
CA SER H 323 5.70 -28.43 -44.78
C SER H 323 6.53 -27.24 -44.31
N SER H 324 5.98 -26.04 -44.31
CA SER H 324 6.66 -24.87 -43.76
C SER H 324 5.60 -23.93 -43.21
N VAL H 325 5.98 -22.69 -42.94
CA VAL H 325 5.11 -21.73 -42.27
C VAL H 325 4.46 -20.76 -43.26
N GLU H 326 5.21 -20.29 -44.26
CA GLU H 326 4.63 -19.39 -45.25
C GLU H 326 3.58 -20.10 -46.10
N GLU H 327 3.83 -21.35 -46.48
CA GLU H 327 2.79 -22.11 -47.17
C GLU H 327 1.62 -22.39 -46.24
N LEU H 328 1.88 -22.54 -44.94
CA LEU H 328 0.80 -22.74 -43.99
C LEU H 328 -0.13 -21.52 -43.97
N VAL H 329 0.44 -20.33 -43.84
CA VAL H 329 -0.41 -19.13 -43.82
C VAL H 329 -1.03 -18.90 -45.19
N ALA H 330 -0.36 -19.31 -46.28
CA ALA H 330 -0.98 -19.23 -47.59
C ALA H 330 -2.22 -20.10 -47.67
N ASN H 331 -2.15 -21.32 -47.13
CA ASN H 331 -3.32 -22.18 -47.09
C ASN H 331 -4.40 -21.59 -46.19
N LEU H 332 -4.00 -20.92 -45.11
CA LEU H 332 -4.99 -20.25 -44.26
C LEU H 332 -5.70 -19.14 -45.02
N VAL H 333 -4.99 -18.38 -45.84
CA VAL H 333 -5.57 -17.24 -46.55
C VAL H 333 -6.03 -17.66 -47.95
N LYS H 334 -6.06 -18.98 -48.20
CA LYS H 334 -6.43 -19.46 -49.53
C LYS H 334 -7.86 -19.12 -49.91
N MET H 335 -8.72 -18.80 -48.93
CA MET H 335 -10.08 -18.41 -49.20
C MET H 335 -10.32 -16.97 -48.78
N VAL H 336 -11.20 -16.28 -49.51
CA VAL H 336 -11.52 -14.90 -49.22
C VAL H 336 -13.02 -14.74 -49.00
N MET I 1 -14.97 -7.74 75.01
CA MET I 1 -15.22 -6.88 73.85
C MET I 1 -14.46 -7.39 72.64
N ASP I 2 -15.18 -8.00 71.70
CA ASP I 2 -14.58 -8.55 70.49
C ASP I 2 -15.31 -8.03 69.27
N ILE I 3 -14.61 -8.01 68.14
CA ILE I 3 -15.14 -7.55 66.87
C ILE I 3 -15.04 -8.68 65.86
N LEU I 4 -16.16 -9.01 65.21
CA LEU I 4 -16.18 -10.03 64.17
C LEU I 4 -15.80 -9.37 62.86
N LEU I 5 -14.56 -9.61 62.41
CA LEU I 5 -14.05 -9.00 61.18
C LEU I 5 -14.03 -10.05 60.07
N VAL I 6 -14.69 -9.74 58.96
CA VAL I 6 -14.83 -10.66 57.84
C VAL I 6 -14.33 -9.98 56.57
N CYS I 7 -13.57 -10.73 55.79
CA CYS I 7 -13.03 -10.31 54.50
C CYS I 7 -13.80 -11.00 53.39
N LEU I 8 -14.37 -10.22 52.48
CA LEU I 8 -15.11 -10.77 51.35
C LEU I 8 -14.68 -10.05 50.07
N ARG I 9 -14.23 -10.82 49.09
CA ARG I 9 -13.88 -10.28 47.78
C ARG I 9 -15.06 -10.40 46.82
N PHE I 10 -16.17 -9.82 47.24
CA PHE I 10 -17.35 -9.73 46.39
C PHE I 10 -17.12 -8.74 45.24
N PRO I 11 -17.68 -9.03 44.06
CA PRO I 11 -17.50 -8.13 42.92
C PRO I 11 -18.47 -6.94 42.86
N PHE I 12 -19.73 -7.16 43.26
CA PHE I 12 -20.77 -6.17 43.06
C PHE I 12 -21.84 -6.29 44.13
N PHE I 13 -22.60 -5.21 44.31
CA PHE I 13 -23.84 -5.25 45.06
C PHE I 13 -24.79 -4.20 44.49
N SER I 14 -26.06 -4.33 44.84
CA SER I 14 -27.09 -3.38 44.41
C SER I 14 -28.02 -3.11 45.58
N VAL I 15 -27.92 -1.91 46.15
CA VAL I 15 -28.80 -1.45 47.23
C VAL I 15 -29.19 -0.01 46.91
N ALA I 16 -30.40 0.17 46.40
CA ALA I 16 -30.84 1.45 45.86
C ALA I 16 -31.63 2.25 46.89
N LYS I 17 -31.80 3.53 46.61
CA LYS I 17 -32.63 4.43 47.41
C LYS I 17 -34.09 4.28 47.00
N ARG I 18 -34.93 5.23 47.42
CA ARG I 18 -36.31 5.29 46.95
C ARG I 18 -36.26 5.75 45.50
N SER I 19 -36.05 4.77 44.61
CA SER I 19 -35.69 5.03 43.23
C SER I 19 -36.61 4.29 42.28
N TYR I 20 -36.91 4.93 41.15
CA TYR I 20 -37.77 4.33 40.14
C TYR I 20 -37.31 4.84 38.77
N GLN I 21 -37.48 3.99 37.76
CA GLN I 21 -36.93 4.12 36.40
C GLN I 21 -35.41 3.98 36.39
N VAL I 22 -34.77 3.88 37.54
CA VAL I 22 -33.33 3.64 37.68
C VAL I 22 -33.11 3.24 39.13
N ARG I 23 -32.06 2.46 39.40
CA ARG I 23 -31.74 2.03 40.76
C ARG I 23 -30.28 2.38 41.03
N THR I 24 -30.03 3.63 41.42
CA THR I 24 -28.69 4.02 41.84
C THR I 24 -28.40 3.49 43.23
N SER I 25 -27.23 2.89 43.40
CA SER I 25 -26.91 2.13 44.60
C SER I 25 -25.92 2.87 45.49
N PHE I 26 -25.87 2.45 46.75
CA PHE I 26 -24.92 2.97 47.70
C PHE I 26 -23.49 2.60 47.29
N LEU I 27 -22.53 3.42 47.73
CA LEU I 27 -21.14 3.12 47.45
C LEU I 27 -20.62 1.98 48.33
N LEU I 28 -21.21 1.80 49.51
CA LEU I 28 -20.85 0.74 50.43
C LEU I 28 -22.11 -0.01 50.85
N PRO I 29 -21.98 -1.30 51.18
CA PRO I 29 -23.15 -2.07 51.63
C PRO I 29 -23.74 -1.47 52.89
N PRO I 30 -25.07 -1.41 52.99
CA PRO I 30 -25.71 -0.84 54.17
C PRO I 30 -25.68 -1.82 55.33
N PRO I 31 -25.85 -1.34 56.56
CA PRO I 31 -25.95 -2.28 57.69
C PRO I 31 -27.10 -3.26 57.56
N SER I 32 -28.21 -2.84 56.95
CA SER I 32 -29.35 -3.74 56.79
C SER I 32 -28.99 -4.93 55.90
N ALA I 33 -28.25 -4.68 54.81
CA ALA I 33 -27.85 -5.78 53.94
C ALA I 33 -26.93 -6.76 54.66
N LEU I 34 -25.99 -6.23 55.44
CA LEU I 34 -25.08 -7.10 56.20
C LEU I 34 -25.83 -7.93 57.22
N LYS I 35 -26.78 -7.30 57.93
CA LYS I 35 -27.58 -8.04 58.90
C LYS I 35 -28.43 -9.11 58.23
N GLY I 36 -28.98 -8.79 57.06
CA GLY I 36 -29.75 -9.79 56.33
C GLY I 36 -28.90 -10.96 55.87
N ALA I 37 -27.68 -10.68 55.40
CA ALA I 37 -26.78 -11.75 55.01
C ALA I 37 -26.43 -12.64 56.21
N LEU I 38 -26.15 -12.01 57.36
CA LEU I 38 -25.83 -12.80 58.54
C LEU I 38 -27.02 -13.63 59.00
N ALA I 39 -28.24 -13.07 58.90
CA ALA I 39 -29.43 -13.83 59.23
C ALA I 39 -29.63 -15.01 58.29
N LYS I 40 -29.36 -14.80 57.00
CA LYS I 40 -29.42 -15.90 56.04
C LYS I 40 -28.43 -16.99 56.40
N GLY I 41 -27.20 -16.61 56.76
CA GLY I 41 -26.22 -17.60 57.19
C GLY I 41 -26.67 -18.37 58.43
N LEU I 42 -27.23 -17.66 59.41
CA LEU I 42 -27.71 -18.31 60.63
C LEU I 42 -28.83 -19.28 60.31
N ILE I 43 -29.75 -18.89 59.43
CA ILE I 43 -30.84 -19.79 59.04
C ILE I 43 -30.29 -21.02 58.32
N LEU I 44 -29.29 -20.82 57.45
CA LEU I 44 -28.70 -21.93 56.73
C LEU I 44 -28.01 -22.91 57.67
N LEU I 45 -27.33 -22.40 58.70
CA LEU I 45 -26.67 -23.27 59.66
C LEU I 45 -27.66 -24.21 60.34
N LYS I 46 -28.59 -23.66 61.10
CA LYS I 46 -29.57 -24.49 61.79
C LYS I 46 -30.83 -23.69 62.10
N PRO I 47 -31.97 -24.06 61.52
CA PRO I 47 -33.25 -23.40 61.83
C PRO I 47 -33.94 -23.96 63.06
N GLU I 48 -33.16 -24.13 64.14
CA GLU I 48 -33.74 -24.65 65.37
C GLU I 48 -34.59 -23.60 66.09
N LYS I 49 -34.30 -22.31 65.87
CA LYS I 49 -35.12 -21.24 66.40
C LYS I 49 -35.60 -20.26 65.33
N TYR I 50 -35.16 -20.40 64.08
CA TYR I 50 -35.57 -19.52 63.01
C TYR I 50 -36.65 -20.13 62.12
N ALA I 51 -37.17 -21.29 62.49
CA ALA I 51 -38.21 -21.98 61.72
C ALA I 51 -39.55 -21.74 62.39
N SER I 52 -40.50 -21.21 61.62
CA SER I 52 -41.83 -20.90 62.14
C SER I 52 -42.80 -20.83 60.97
N SER I 53 -44.00 -20.29 61.23
CA SER I 53 -45.08 -20.36 60.25
C SER I 53 -44.73 -19.61 58.96
N SER I 54 -44.14 -18.42 59.08
CA SER I 54 -43.89 -17.57 57.93
C SER I 54 -42.43 -17.17 57.87
N LEU I 55 -41.94 -16.96 56.64
CA LEU I 55 -40.56 -16.52 56.45
C LEU I 55 -40.37 -15.06 56.82
N ASP I 56 -41.39 -14.22 56.60
CA ASP I 56 -41.26 -12.79 56.88
C ASP I 56 -41.00 -12.55 58.35
N GLU I 57 -41.85 -13.10 59.23
CA GLU I 57 -41.67 -12.91 60.65
C GLU I 57 -40.46 -13.68 61.18
N ALA I 58 -40.08 -14.78 60.53
CA ALA I 58 -38.86 -15.47 60.92
C ALA I 58 -37.64 -14.59 60.67
N ALA I 59 -37.58 -13.95 59.51
CA ALA I 59 -36.50 -13.01 59.24
C ALA I 59 -36.56 -11.82 60.18
N LEU I 60 -37.77 -11.35 60.49
CA LEU I 60 -37.92 -10.24 61.43
C LEU I 60 -37.35 -10.58 62.80
N LYS I 61 -37.67 -11.77 63.31
CA LYS I 61 -37.15 -12.16 64.62
C LYS I 61 -35.66 -12.45 64.57
N ALA I 62 -35.15 -12.94 63.45
CA ALA I 62 -33.70 -13.11 63.30
C ALA I 62 -32.99 -11.76 63.37
N ILE I 63 -33.52 -10.76 62.66
CA ILE I 63 -32.93 -9.42 62.70
C ILE I 63 -33.06 -8.83 64.11
N LYS I 64 -34.19 -9.09 64.78
CA LYS I 64 -34.36 -8.60 66.14
C LYS I 64 -33.32 -9.20 67.08
N GLU I 65 -33.07 -10.51 66.95
CA GLU I 65 -32.03 -11.15 67.77
C GLU I 65 -30.65 -10.57 67.45
N ILE I 66 -30.36 -10.35 66.17
CA ILE I 66 -29.08 -9.78 65.78
C ILE I 66 -28.91 -8.40 66.39
N GLU I 67 -29.95 -7.55 66.32
CA GLU I 67 -29.88 -6.23 66.91
C GLU I 67 -29.71 -6.31 68.42
N SER I 68 -30.39 -7.26 69.06
CA SER I 68 -30.27 -7.41 70.50
C SER I 68 -28.84 -7.78 70.91
N LYS I 69 -28.21 -8.68 70.15
CA LYS I 69 -26.83 -9.05 70.48
C LYS I 69 -25.83 -7.98 70.09
N LEU I 70 -26.13 -7.16 69.09
CA LEU I 70 -25.29 -6.01 68.77
C LEU I 70 -25.51 -4.91 69.81
N VAL I 71 -24.53 -4.01 69.91
CA VAL I 71 -24.59 -2.96 70.92
C VAL I 71 -25.78 -2.04 70.67
N ASP I 72 -26.02 -1.67 69.41
CA ASP I 72 -27.14 -0.80 69.06
C ASP I 72 -27.48 -1.03 67.58
N ILE I 73 -28.42 -0.23 67.08
CA ILE I 73 -28.89 -0.40 65.72
C ILE I 73 -27.77 -0.13 64.71
N LYS I 74 -27.03 0.96 64.92
CA LYS I 74 -25.95 1.35 64.01
C LYS I 74 -24.62 0.86 64.59
N ALA I 75 -24.40 -0.44 64.48
CA ALA I 75 -23.21 -1.08 65.02
C ALA I 75 -22.32 -1.70 63.96
N VAL I 76 -22.88 -2.53 63.08
CA VAL I 76 -22.07 -3.16 62.04
C VAL I 76 -21.59 -2.10 61.05
N SER I 77 -20.33 -2.23 60.62
CA SER I 77 -19.71 -1.23 59.77
C SER I 77 -18.94 -1.92 58.64
N VAL I 78 -18.68 -1.16 57.58
CA VAL I 78 -17.97 -1.65 56.41
C VAL I 78 -16.93 -0.62 56.01
N ALA I 79 -15.76 -1.10 55.58
CA ALA I 79 -14.67 -0.22 55.16
C ALA I 79 -13.89 -0.83 54.01
N PRO I 80 -13.75 -0.12 52.89
CA PRO I 80 -12.93 -0.60 51.79
C PRO I 80 -11.50 -0.09 51.87
N LEU I 81 -10.60 -0.86 51.27
CA LEU I 81 -9.21 -0.44 51.11
C LEU I 81 -8.77 -0.37 49.65
N SER I 82 -9.54 -0.92 48.73
CA SER I 82 -9.31 -0.89 47.30
C SER I 82 -10.19 0.16 46.63
N PRO I 83 -9.75 0.75 45.52
CA PRO I 83 -10.56 1.77 44.86
C PRO I 83 -11.80 1.18 44.20
N LEU I 84 -12.97 1.49 44.75
CA LEU I 84 -14.23 1.01 44.20
C LEU I 84 -14.87 2.09 43.34
N ILE I 85 -15.59 1.66 42.31
CA ILE I 85 -16.16 2.55 41.31
C ILE I 85 -17.61 2.15 41.08
N ARG I 86 -18.39 3.07 40.51
CA ARG I 86 -19.81 2.85 40.26
C ARG I 86 -20.05 2.80 38.76
N ASN I 87 -20.66 1.71 38.29
CA ASN I 87 -20.95 1.51 36.88
C ASN I 87 -22.45 1.27 36.70
N ALA I 88 -22.89 1.18 35.44
CA ALA I 88 -24.31 1.09 35.11
C ALA I 88 -24.60 -0.20 34.35
N PHE I 89 -25.73 -0.82 34.68
CA PHE I 89 -26.19 -2.03 34.01
C PHE I 89 -27.67 -1.86 33.66
N LEU I 90 -28.01 -2.11 32.40
CA LEU I 90 -29.40 -2.01 31.93
C LEU I 90 -29.99 -3.40 31.84
N LEU I 91 -30.92 -3.71 32.73
CA LEU I 91 -31.55 -5.03 32.78
C LEU I 91 -33.06 -4.89 32.70
N LYS I 92 -33.70 -5.83 32.01
CA LYS I 92 -35.15 -5.83 31.88
C LYS I 92 -35.74 -6.37 33.17
N ARG I 93 -36.21 -5.45 34.03
CA ARG I 93 -36.82 -5.80 35.30
C ARG I 93 -38.32 -5.66 35.19
N LEU I 94 -39.04 -6.58 35.81
CA LEU I 94 -40.50 -6.55 35.75
C LEU I 94 -41.04 -5.48 36.69
N ARG I 95 -42.08 -4.78 36.22
CA ARG I 95 -42.72 -3.73 37.00
C ARG I 95 -44.20 -4.04 37.21
N ASN I 96 -44.53 -5.31 37.43
CA ASN I 96 -45.91 -5.71 37.69
C ASN I 96 -46.39 -5.29 39.07
N LEU I 97 -45.51 -4.81 39.94
CA LEU I 97 -45.90 -4.37 41.27
C LEU I 97 -46.79 -3.13 41.25
N GLU I 98 -46.90 -2.45 40.12
CA GLU I 98 -47.73 -1.26 40.03
C GLU I 98 -49.21 -1.64 40.05
N SER I 99 -50.06 -0.62 39.96
CA SER I 99 -51.51 -0.82 40.03
C SER I 99 -51.97 -1.59 38.80
N GLY I 100 -52.37 -2.85 39.00
CA GLY I 100 -52.83 -3.67 37.89
C GLY I 100 -51.74 -3.89 36.87
N SER I 101 -52.08 -3.66 35.60
CA SER I 101 -51.15 -3.77 34.48
C SER I 101 -50.55 -5.18 34.40
N ASN I 102 -51.45 -6.16 34.29
CA ASN I 102 -51.13 -7.58 34.15
C ASN I 102 -50.02 -8.03 35.09
N ALA I 103 -49.21 -9.00 34.65
CA ALA I 103 -48.10 -9.51 35.44
C ALA I 103 -46.79 -9.62 34.69
N GLU I 104 -46.80 -9.68 33.36
CA GLU I 104 -45.59 -9.78 32.56
C GLU I 104 -45.03 -8.43 32.16
N LYS I 105 -45.45 -7.36 32.84
CA LYS I 105 -45.00 -6.02 32.50
C LYS I 105 -43.55 -5.83 32.95
N SER I 106 -42.65 -5.67 31.97
CA SER I 106 -41.23 -5.53 32.24
C SER I 106 -40.67 -4.37 31.42
N ASP I 107 -39.75 -3.62 32.03
CA ASP I 107 -39.11 -2.49 31.36
C ASP I 107 -37.61 -2.55 31.62
N ALA I 108 -36.84 -1.96 30.71
CA ALA I 108 -35.39 -1.96 30.82
C ALA I 108 -34.98 -0.91 31.84
N MET I 109 -34.86 -1.35 33.10
CA MET I 109 -34.41 -0.47 34.16
C MET I 109 -32.89 -0.42 34.21
N ARG I 110 -32.34 0.77 34.43
CA ARG I 110 -30.89 0.94 34.53
C ARG I 110 -30.46 0.58 35.95
N ARG I 111 -30.40 -0.73 36.21
CA ARG I 111 -30.00 -1.26 37.50
C ARG I 111 -28.48 -1.16 37.59
N GLU I 112 -28.00 0.01 37.99
CA GLU I 112 -26.56 0.23 38.08
C GLU I 112 -25.98 -0.47 39.31
N TYR I 113 -24.70 -0.79 39.24
CA TYR I 113 -24.01 -1.54 40.28
C TYR I 113 -22.73 -0.80 40.70
N THR I 114 -22.04 -1.36 41.68
CA THR I 114 -20.78 -0.82 42.18
C THR I 114 -19.74 -1.92 42.16
N PHE I 115 -18.70 -1.73 41.35
CA PHE I 115 -17.60 -2.67 41.29
C PHE I 115 -16.53 -2.31 42.33
N THR I 116 -15.86 -3.34 42.84
CA THR I 116 -14.80 -3.17 43.83
C THR I 116 -13.91 -4.41 43.79
N ARG I 117 -12.94 -4.45 44.69
CA ARG I 117 -12.02 -5.57 44.81
C ARG I 117 -12.15 -6.29 46.15
N GLU I 118 -12.03 -5.58 47.25
CA GLU I 118 -12.04 -6.21 48.56
C GLU I 118 -12.47 -5.19 49.61
N LEU I 119 -13.30 -5.65 50.56
CA LEU I 119 -13.78 -4.83 51.65
C LEU I 119 -13.69 -5.60 52.96
N LEU I 120 -13.59 -4.85 54.06
CA LEU I 120 -13.63 -5.39 55.41
C LEU I 120 -14.98 -5.07 56.02
N VAL I 121 -15.56 -6.04 56.75
CA VAL I 121 -16.83 -5.82 57.43
C VAL I 121 -16.67 -6.20 58.90
N ALA I 122 -17.03 -5.28 59.79
CA ALA I 122 -16.86 -5.47 61.22
C ALA I 122 -18.22 -5.50 61.91
N TYR I 123 -18.42 -6.49 62.76
CA TYR I 123 -19.61 -6.61 63.60
C TYR I 123 -19.21 -6.40 65.06
N ILE I 124 -20.01 -5.60 65.77
CA ILE I 124 -19.75 -5.25 67.16
C ILE I 124 -20.71 -6.03 68.03
N PHE I 125 -20.19 -6.67 69.08
CA PHE I 125 -21.03 -7.48 69.96
C PHE I 125 -20.89 -7.07 71.42
N LYS I 126 -21.49 -7.84 72.31
CA LYS I 126 -21.56 -7.52 73.74
C LYS I 126 -21.05 -8.71 74.56
N ASN I 127 -19.88 -9.23 74.19
CA ASN I 127 -19.25 -10.35 74.87
C ASN I 127 -20.14 -11.60 74.84
N LEU I 128 -20.42 -12.05 73.61
CA LEU I 128 -21.26 -13.22 73.43
C LEU I 128 -20.52 -14.48 73.87
N THR I 129 -21.30 -15.53 74.16
CA THR I 129 -20.76 -16.76 74.72
C THR I 129 -19.91 -17.49 73.70
N GLN I 130 -19.11 -18.44 74.19
CA GLN I 130 -18.21 -19.19 73.33
C GLN I 130 -18.98 -20.00 72.28
N GLU I 131 -20.06 -20.66 72.70
CA GLU I 131 -20.88 -21.38 71.73
C GLU I 131 -21.46 -20.43 70.70
N GLU I 132 -21.99 -19.29 71.15
CA GLU I 132 -22.57 -18.33 70.22
C GLU I 132 -21.49 -17.65 69.39
N LYS I 133 -20.30 -17.44 69.96
CA LYS I 133 -19.21 -16.86 69.17
C LYS I 133 -18.77 -17.82 68.07
N ASN I 134 -18.74 -19.12 68.36
CA ASN I 134 -18.46 -20.10 67.31
C ASN I 134 -19.56 -20.15 66.28
N LEU I 135 -20.82 -20.04 66.73
CA LEU I 135 -21.95 -20.05 65.81
C LEU I 135 -21.90 -18.86 64.85
N TYR I 136 -21.52 -17.68 65.37
CA TYR I 136 -21.40 -16.51 64.52
C TYR I 136 -20.15 -16.55 63.65
N LEU I 137 -19.07 -17.16 64.15
CA LEU I 137 -17.88 -17.33 63.32
C LEU I 137 -18.16 -18.21 62.12
N LYS I 138 -18.87 -19.32 62.33
CA LYS I 138 -19.30 -20.13 61.20
C LYS I 138 -20.46 -19.49 60.44
N ALA I 139 -21.16 -18.53 61.05
CA ALA I 139 -22.14 -17.72 60.33
C ALA I 139 -21.51 -16.54 59.62
N ALA I 140 -20.27 -16.19 59.96
CA ALA I 140 -19.56 -15.15 59.21
C ALA I 140 -19.33 -15.57 57.77
N MET I 141 -19.12 -16.85 57.53
CA MET I 141 -19.10 -17.40 56.18
C MET I 141 -20.53 -17.58 55.70
N LEU I 142 -20.70 -18.31 54.60
CA LEU I 142 -22.00 -18.54 53.96
C LEU I 142 -22.63 -17.25 53.48
N ILE I 143 -21.86 -16.18 53.34
CA ILE I 143 -22.36 -14.93 52.76
C ILE I 143 -22.19 -15.09 51.25
N ASP I 144 -23.17 -15.77 50.65
CA ASP I 144 -23.10 -16.14 49.24
C ASP I 144 -23.77 -15.13 48.33
N VAL I 145 -24.30 -14.05 48.88
CA VAL I 145 -24.92 -13.00 48.07
C VAL I 145 -25.07 -11.75 48.94
N ILE I 146 -24.89 -10.59 48.32
CA ILE I 146 -25.06 -9.30 48.98
C ILE I 146 -25.99 -8.46 48.14
N GLY I 147 -26.93 -7.78 48.78
CA GLY I 147 -27.93 -7.02 48.08
C GLY I 147 -28.86 -7.91 47.26
N ASP I 148 -28.97 -7.64 45.97
CA ASP I 148 -29.81 -8.46 45.11
C ASP I 148 -29.11 -9.76 44.74
N THR I 149 -29.91 -10.74 44.30
CA THR I 149 -29.38 -12.03 43.90
C THR I 149 -28.59 -11.98 42.60
N GLU I 150 -28.72 -10.90 41.83
CA GLU I 150 -27.96 -10.79 40.58
C GLU I 150 -26.47 -10.63 40.84
N SER I 151 -26.10 -10.04 41.98
CA SER I 151 -24.71 -9.88 42.37
C SER I 151 -24.49 -10.59 43.69
N LEU I 152 -23.58 -11.55 43.71
CA LEU I 152 -23.33 -12.35 44.90
C LEU I 152 -22.06 -11.89 45.61
N ALA I 153 -21.84 -12.44 46.80
CA ALA I 153 -20.70 -12.13 47.64
C ALA I 153 -19.94 -13.40 47.98
N THR I 154 -18.67 -13.21 48.35
CA THR I 154 -17.83 -14.35 48.70
C THR I 154 -16.85 -14.01 49.83
N PRO I 155 -17.06 -14.55 51.03
CA PRO I 155 -16.12 -14.31 52.12
C PRO I 155 -14.80 -15.04 51.89
N VAL I 156 -13.74 -14.47 52.45
CA VAL I 156 -12.40 -15.05 52.38
C VAL I 156 -11.99 -15.64 53.72
N TRP I 157 -12.06 -14.85 54.79
CA TRP I 157 -11.72 -15.32 56.13
C TRP I 157 -12.51 -14.53 57.15
N ALA I 158 -12.61 -15.09 58.35
CA ALA I 158 -13.28 -14.45 59.47
C ALA I 158 -12.40 -14.55 60.70
N SER I 159 -12.45 -13.52 61.54
CA SER I 159 -11.60 -13.48 62.73
C SER I 159 -12.29 -12.66 63.81
N PHE I 160 -11.80 -12.84 65.04
CA PHE I 160 -12.25 -12.07 66.20
C PHE I 160 -11.10 -11.16 66.62
N VAL I 161 -11.19 -9.89 66.23
CA VAL I 161 -10.14 -8.92 66.51
C VAL I 161 -10.53 -8.12 67.74
N LYS I 162 -9.51 -7.64 68.46
CA LYS I 162 -9.69 -6.87 69.68
C LYS I 162 -9.49 -5.38 69.40
N PRO I 163 -10.21 -4.52 70.12
CA PRO I 163 -10.04 -3.07 69.91
C PRO I 163 -8.63 -2.58 70.19
N GLU I 164 -7.96 -3.16 71.19
CA GLU I 164 -6.57 -2.94 71.58
C GLU I 164 -6.28 -1.48 71.94
N ASP I 165 -7.31 -0.63 71.89
CA ASP I 165 -7.27 0.74 72.39
C ASP I 165 -6.01 1.49 71.95
N LYS I 166 -5.86 1.65 70.64
CA LYS I 166 -4.74 2.38 70.06
C LYS I 166 -5.26 3.51 69.19
N LYS I 167 -4.59 4.66 69.26
CA LYS I 167 -5.01 5.85 68.51
C LYS I 167 -4.49 5.77 67.08
N ALA I 168 -5.40 5.84 66.12
CA ALA I 168 -5.06 5.77 64.71
C ALA I 168 -6.24 6.25 63.89
N PRO I 169 -6.01 6.74 62.67
CA PRO I 169 -7.14 7.16 61.82
C PRO I 169 -8.05 5.97 61.49
N LEU I 170 -9.33 6.27 61.32
CA LEU I 170 -10.34 5.26 61.08
C LEU I 170 -10.69 5.18 59.60
N ALA I 171 -11.34 4.07 59.22
CA ALA I 171 -11.81 3.88 57.86
C ALA I 171 -13.22 3.32 57.77
N PHE I 172 -13.80 2.85 58.88
CA PHE I 172 -15.12 2.25 58.86
C PHE I 172 -16.21 3.32 58.98
N SER I 173 -17.44 2.91 58.68
CA SER I 173 -18.58 3.80 58.76
C SER I 173 -18.91 4.14 60.21
N ALA I 174 -19.56 5.29 60.39
CA ALA I 174 -19.98 5.73 61.70
C ALA I 174 -21.16 6.67 61.53
N PRO I 175 -22.13 6.65 62.45
CA PRO I 175 -23.27 7.57 62.34
C PRO I 175 -22.82 9.01 62.50
N TYR I 176 -23.53 9.91 61.81
CA TYR I 176 -23.23 11.34 61.85
C TYR I 176 -23.95 12.06 62.98
N THR I 177 -24.80 11.36 63.74
CA THR I 177 -25.52 12.00 64.83
C THR I 177 -24.57 12.51 65.90
N GLU I 178 -23.55 11.73 66.24
CA GLU I 178 -22.60 12.11 67.29
C GLU I 178 -21.25 12.53 66.73
N ILE I 179 -21.00 12.34 65.44
CA ILE I 179 -19.73 12.70 64.80
C ILE I 179 -19.97 14.01 64.05
N TYR I 180 -19.52 15.12 64.65
CA TYR I 180 -19.64 16.43 64.03
C TYR I 180 -18.30 17.09 63.80
N SER I 181 -17.40 17.05 64.79
CA SER I 181 -16.08 17.65 64.65
C SER I 181 -15.07 16.74 63.95
N LEU I 182 -15.47 15.50 63.64
CA LEU I 182 -14.59 14.53 62.98
C LEU I 182 -13.30 14.31 63.77
N ARG I 194 -13.76 15.18 50.66
CA ARG I 194 -13.00 14.42 51.65
C ARG I 194 -13.92 13.80 52.69
N MET I 195 -15.21 14.16 52.62
CA MET I 195 -16.22 13.63 53.53
C MET I 195 -17.45 13.22 52.73
N TYR I 196 -18.01 12.06 53.06
CA TYR I 196 -19.19 11.55 52.39
C TYR I 196 -20.25 11.26 53.44
N ILE I 197 -21.52 11.42 53.07
CA ILE I 197 -22.60 11.25 54.03
C ILE I 197 -23.90 10.99 53.26
N GLU I 198 -24.65 9.98 53.71
CA GLU I 198 -25.96 9.70 53.13
C GLU I 198 -26.75 8.88 54.13
N LYS I 199 -27.95 8.47 53.73
CA LYS I 199 -28.80 7.59 54.54
C LYS I 199 -28.91 6.24 53.87
N MET I 200 -28.66 5.16 54.63
CA MET I 200 -28.61 3.82 54.07
C MET I 200 -29.60 2.87 54.73
N ARG I 201 -30.59 3.39 55.45
CA ARG I 201 -31.69 2.60 56.03
C ARG I 201 -31.14 1.48 56.92
N VAL I 202 -30.53 1.91 58.02
CA VAL I 202 -29.91 0.97 58.95
C VAL I 202 -30.93 -0.01 59.50
N SER I 203 -32.21 0.36 59.54
CA SER I 203 -33.25 -0.52 60.04
C SER I 203 -33.96 -1.18 58.86
N PRO I 204 -33.87 -2.49 58.68
CA PRO I 204 -34.61 -3.14 57.60
C PRO I 204 -36.12 -3.00 57.79
N GLU I 205 -36.82 -2.91 56.67
CA GLU I 205 -38.27 -2.73 56.67
C GLU I 205 -38.95 -4.06 56.35
N TYR I 206 -39.82 -4.51 57.25
CA TYR I 206 -40.56 -5.76 57.06
C TYR I 206 -42.07 -5.58 57.21
N SER I 207 -42.56 -4.36 57.39
CA SER I 207 -43.98 -4.08 57.55
C SER I 207 -44.60 -4.89 58.69
N GLN I 213 -34.78 5.29 63.89
CA GLN I 213 -35.36 5.16 62.55
C GLN I 213 -34.83 6.24 61.62
N GLU I 214 -34.79 7.48 62.13
CA GLU I 214 -34.32 8.63 61.37
C GLU I 214 -32.89 8.93 61.80
N GLU I 215 -31.93 8.60 60.93
CA GLU I 215 -30.52 8.84 61.20
C GLU I 215 -29.80 8.91 59.86
N ILE I 216 -28.56 9.41 59.88
CA ILE I 216 -27.76 9.58 58.68
C ILE I 216 -26.35 9.03 58.95
N PHE I 217 -25.83 8.26 58.02
CA PHE I 217 -24.51 7.65 58.14
C PHE I 217 -23.46 8.48 57.42
N TYR I 218 -22.22 8.37 57.90
CA TYR I 218 -21.06 9.06 57.36
C TYR I 218 -20.04 8.05 56.86
N LEU I 219 -19.42 8.35 55.73
CA LEU I 219 -18.41 7.50 55.12
C LEU I 219 -17.19 8.34 54.78
N PRO I 220 -15.97 7.91 55.18
CA PRO I 220 -14.73 8.63 54.86
C PRO I 220 -14.18 8.28 53.47
N ILE I 221 -15.02 8.40 52.45
CA ILE I 221 -14.68 8.04 51.09
C ILE I 221 -14.95 9.22 50.16
N GLU I 222 -13.95 9.59 49.37
CA GLU I 222 -14.05 10.72 48.46
C GLU I 222 -14.42 10.22 47.06
N GLU I 223 -14.41 11.13 46.08
CA GLU I 223 -14.87 10.83 44.73
C GLU I 223 -13.77 10.38 43.79
N ARG I 224 -12.75 11.24 43.57
CA ARG I 224 -11.65 10.97 42.65
C ARG I 224 -12.13 10.81 41.21
N ARG I 225 -11.20 10.86 40.25
CA ARG I 225 -11.53 10.56 38.86
C ARG I 225 -10.33 9.94 38.16
N TYR I 226 -10.61 9.36 36.99
CA TYR I 226 -9.55 8.94 36.07
C TYR I 226 -9.56 9.78 34.79
N LYS I 227 -10.66 9.78 34.04
CA LYS I 227 -10.80 10.68 32.90
C LYS I 227 -12.01 11.60 33.04
N ARG I 228 -13.22 11.04 33.21
CA ARG I 228 -14.44 11.81 33.38
C ARG I 228 -15.41 11.14 34.35
N ILE I 229 -14.94 10.17 35.13
CA ILE I 229 -15.80 9.35 35.97
C ILE I 229 -15.37 9.51 37.42
N VAL I 230 -16.00 8.78 38.33
CA VAL I 230 -15.64 8.81 39.74
C VAL I 230 -15.39 7.38 40.22
N TYR I 231 -14.18 7.11 40.70
CA TYR I 231 -13.86 5.85 41.37
C TYR I 231 -13.55 6.16 42.83
N TYR I 232 -14.40 5.69 43.72
CA TYR I 232 -14.37 6.11 45.11
C TYR I 232 -13.22 5.44 45.86
N ALA I 233 -12.43 6.25 46.57
CA ALA I 233 -11.33 5.77 47.39
C ALA I 233 -11.34 6.54 48.70
N ARG I 234 -10.36 6.28 49.55
CA ARG I 234 -10.30 6.88 50.88
C ARG I 234 -9.05 7.75 50.99
N ILE I 235 -9.23 8.98 51.48
CA ILE I 235 -8.11 9.88 51.72
C ILE I 235 -8.49 10.79 52.90
N TYR I 236 -7.47 11.23 53.63
CA TYR I 236 -7.60 12.07 54.81
C TYR I 236 -8.62 11.48 55.79
N PRO I 237 -8.31 10.36 56.45
CA PRO I 237 -9.20 9.86 57.49
C PRO I 237 -9.21 10.80 58.67
N PRO I 238 -10.33 10.89 59.38
CA PRO I 238 -10.35 11.65 60.65
C PRO I 238 -9.61 10.92 61.76
N GLU I 239 -9.59 11.51 62.95
CA GLU I 239 -8.86 10.96 64.10
C GLU I 239 -9.86 10.42 65.11
N VAL I 240 -9.77 9.13 65.41
CA VAL I 240 -10.58 8.48 66.43
C VAL I 240 -9.66 7.64 67.30
N GLU I 241 -9.85 7.74 68.62
CA GLU I 241 -8.97 7.05 69.56
C GLU I 241 -9.10 5.53 69.49
N LYS I 242 -10.15 5.02 68.87
CA LYS I 242 -10.38 3.58 68.79
C LYS I 242 -10.01 3.08 67.39
N ALA I 243 -9.02 2.19 67.33
CA ALA I 243 -8.58 1.60 66.08
C ALA I 243 -7.84 0.31 66.37
N LEU I 244 -7.70 -0.52 65.34
CA LEU I 244 -7.00 -1.80 65.46
C LEU I 244 -6.15 -2.02 64.22
N THR I 245 -5.35 -3.09 64.26
CA THR I 245 -4.45 -3.44 63.17
C THR I 245 -4.79 -4.83 62.65
N VAL I 246 -4.77 -4.99 61.33
CA VAL I 246 -5.07 -6.27 60.70
C VAL I 246 -4.37 -6.32 59.35
N ASP I 247 -3.92 -7.53 58.98
CA ASP I 247 -3.33 -7.82 57.67
C ASP I 247 -2.14 -6.92 57.35
N GLY I 248 -1.55 -6.28 58.35
CA GLY I 248 -0.41 -5.41 58.15
C GLY I 248 -0.74 -3.93 58.13
N GLU I 249 -1.99 -3.56 57.88
CA GLU I 249 -2.40 -2.17 57.91
C GLU I 249 -3.27 -1.90 59.13
N VAL I 250 -3.78 -0.68 59.23
CA VAL I 250 -4.52 -0.22 60.40
C VAL I 250 -5.90 0.22 59.94
N LEU I 251 -6.93 -0.27 60.63
CA LEU I 251 -8.32 0.12 60.40
C LEU I 251 -8.87 0.75 61.67
N GLY I 252 -10.02 1.40 61.54
CA GLY I 252 -10.64 2.03 62.69
C GLY I 252 -12.15 1.86 62.73
N ILE I 253 -12.66 1.33 63.82
CA ILE I 253 -14.09 1.08 64.00
C ILE I 253 -14.58 1.92 65.17
N TRP I 254 -15.64 2.71 64.94
CA TRP I 254 -16.24 3.48 66.01
C TRP I 254 -16.93 2.56 67.01
N ILE I 255 -16.85 2.92 68.28
CA ILE I 255 -17.47 2.18 69.36
C ILE I 255 -18.40 3.13 70.12
N PRO I 256 -19.70 2.84 70.24
CA PRO I 256 -20.65 3.67 70.97
C PRO I 256 -20.33 3.76 72.46
N SER J 1 9.21 51.90 23.59
CA SER J 1 9.77 50.78 22.84
C SER J 1 8.67 49.93 22.22
N CYS J 2 7.43 50.18 22.63
CA CYS J 2 6.28 49.47 22.07
C CYS J 2 5.89 50.09 20.73
N LYS J 3 5.24 49.29 19.90
CA LYS J 3 4.79 49.73 18.58
C LYS J 3 3.30 49.47 18.45
N ALA J 4 2.56 50.47 17.99
CA ALA J 4 1.12 50.37 17.78
C ALA J 4 0.75 50.00 16.35
N PHE J 5 1.34 50.67 15.38
CA PHE J 5 1.11 50.39 13.96
C PHE J 5 2.41 49.95 13.31
N GLN J 6 2.30 49.52 12.05
CA GLN J 6 3.46 49.02 11.33
C GLN J 6 4.51 50.11 11.10
N GLY J 7 4.10 51.38 11.10
CA GLY J 7 5.03 52.46 10.90
C GLY J 7 4.84 53.59 11.90
N GLN J 8 4.09 53.34 12.96
CA GLN J 8 3.79 54.34 13.97
C GLN J 8 4.24 53.84 15.34
N THR J 9 4.84 54.73 16.12
CA THR J 9 5.34 54.39 17.44
C THR J 9 4.20 54.46 18.46
N LEU J 10 4.13 53.46 19.33
CA LEU J 10 3.06 53.40 20.33
C LEU J 10 3.14 54.56 21.31
N ARG J 11 4.33 55.13 21.54
CA ARG J 11 4.44 56.29 22.42
C ARG J 11 3.69 57.49 21.86
N GLU J 12 3.78 57.69 20.54
CA GLU J 12 3.02 58.78 19.91
C GLU J 12 1.52 58.54 20.04
N HIS J 13 1.08 57.29 19.89
CA HIS J 13 -0.33 56.97 20.09
C HIS J 13 -0.75 57.25 21.53
N ILE J 14 0.11 56.92 22.49
CA ILE J 14 -0.19 57.17 23.90
C ILE J 14 -0.35 58.67 24.16
N GLU J 15 0.59 59.46 23.63
CA GLU J 15 0.50 60.91 23.88
C GLU J 15 -0.68 61.53 23.13
N ALA J 16 -1.05 60.98 21.96
CA ALA J 16 -2.25 61.46 21.28
C ALA J 16 -3.49 61.15 22.09
N MET J 17 -3.57 59.95 22.67
CA MET J 17 -4.69 59.62 23.56
C MET J 17 -4.71 60.57 24.76
N LEU J 18 -3.55 60.86 25.33
CA LEU J 18 -3.50 61.76 26.49
C LEU J 18 -3.97 63.15 26.13
N ALA J 19 -3.55 63.67 24.97
CA ALA J 19 -3.99 64.99 24.54
C ALA J 19 -5.50 65.02 24.27
N ALA J 20 -6.02 63.97 23.63
CA ALA J 20 -7.46 63.90 23.39
C ALA J 20 -8.23 63.89 24.71
N TRP J 21 -7.74 63.13 25.69
CA TRP J 21 -8.38 63.14 27.00
C TRP J 21 -8.30 64.52 27.64
N GLU J 22 -7.14 65.18 27.55
CA GLU J 22 -6.99 66.48 28.19
C GLU J 22 -7.90 67.51 27.54
N ILE J 23 -8.25 67.33 26.27
CA ILE J 23 -9.14 68.29 25.62
C ILE J 23 -10.62 67.92 25.69
N VAL J 24 -10.95 66.67 26.01
CA VAL J 24 -12.36 66.26 26.12
C VAL J 24 -12.77 65.91 27.54
N LYS J 25 -11.89 66.06 28.53
CA LYS J 25 -12.21 65.65 29.89
C LYS J 25 -13.33 66.48 30.48
N ASN J 26 -13.34 67.78 30.23
CA ASN J 26 -14.40 68.63 30.78
C ASN J 26 -15.78 68.15 30.33
N LYS J 27 -15.87 67.68 29.08
CA LYS J 27 -17.13 67.15 28.57
C LYS J 27 -17.42 65.75 29.08
N TYR J 28 -16.40 64.91 29.23
CA TYR J 28 -16.63 63.48 29.38
C TYR J 28 -16.51 62.96 30.81
N ILE J 29 -15.97 63.74 31.74
CA ILE J 29 -15.67 63.23 33.08
C ILE J 29 -16.89 63.05 33.98
N PRO J 30 -17.94 63.89 33.94
CA PRO J 30 -18.99 63.74 34.96
C PRO J 30 -19.80 62.47 34.81
N SER J 31 -20.11 62.06 33.57
CA SER J 31 -20.81 60.80 33.38
C SER J 31 -19.97 59.63 33.86
N ILE J 32 -18.66 59.68 33.61
CA ILE J 32 -17.76 58.64 34.12
C ILE J 32 -17.79 58.60 35.64
N ILE J 33 -17.77 59.77 36.28
CA ILE J 33 -17.80 59.82 37.74
C ILE J 33 -19.11 59.21 38.24
N ARG J 34 -20.22 59.58 37.63
CA ARG J 34 -21.53 59.08 38.07
C ARG J 34 -21.61 57.56 37.92
N VAL J 35 -21.18 57.02 36.77
CA VAL J 35 -21.30 55.58 36.56
C VAL J 35 -20.34 54.82 37.47
N MET J 36 -19.13 55.35 37.68
CA MET J 36 -18.17 54.64 38.52
C MET J 36 -18.58 54.71 39.99
N LYS J 37 -19.27 55.78 40.40
CA LYS J 37 -19.87 55.79 41.73
C LYS J 37 -21.03 54.79 41.81
N THR J 38 -21.81 54.67 40.73
CA THR J 38 -22.87 53.67 40.69
C THR J 38 -22.31 52.25 40.79
N VAL J 39 -21.07 52.05 40.34
CA VAL J 39 -20.44 50.74 40.51
C VAL J 39 -20.36 50.37 41.98
N GLY J 40 -20.03 51.32 42.84
CA GLY J 40 -20.04 51.07 44.27
C GLY J 40 -18.85 51.62 45.04
N VAL J 41 -17.98 52.37 44.36
CA VAL J 41 -16.78 52.92 44.95
C VAL J 41 -16.82 54.45 44.84
N LYS J 42 -16.61 55.12 45.96
CA LYS J 42 -16.53 56.57 45.99
C LYS J 42 -15.10 57.02 45.74
N PHE J 43 -14.97 58.25 45.24
CA PHE J 43 -13.69 58.75 44.77
C PHE J 43 -13.81 60.24 44.46
N THR J 44 -12.67 60.87 44.23
CA THR J 44 -12.58 62.30 43.95
C THR J 44 -12.28 62.52 42.47
N GLU J 45 -12.26 63.80 42.08
CA GLU J 45 -11.96 64.15 40.69
C GLU J 45 -10.55 63.73 40.31
N GLU J 46 -9.57 63.98 41.18
CA GLU J 46 -8.21 63.56 40.91
C GLU J 46 -8.09 62.04 40.87
N ASP J 47 -8.84 61.34 41.72
CA ASP J 47 -8.85 59.88 41.65
C ASP J 47 -9.40 59.40 40.32
N ALA J 48 -10.47 60.04 39.83
CA ALA J 48 -11.01 59.68 38.53
C ALA J 48 -10.00 59.93 37.41
N ASP J 49 -9.31 61.08 37.49
CA ASP J 49 -8.30 61.38 36.49
C ASP J 49 -7.18 60.35 36.50
N LYS J 50 -6.71 59.96 37.69
CA LYS J 50 -5.66 58.96 37.80
C LYS J 50 -6.13 57.61 37.26
N PHE J 51 -7.35 57.21 37.61
CA PHE J 51 -7.89 55.95 37.10
C PHE J 51 -7.98 55.96 35.58
N MET J 52 -8.48 57.04 35.00
CA MET J 52 -8.68 57.04 33.55
C MET J 52 -7.35 57.20 32.82
N LYS J 53 -6.36 57.88 33.41
CA LYS J 53 -5.06 57.95 32.77
C LYS J 53 -4.33 56.60 32.83
N THR J 54 -4.47 55.87 33.94
CA THR J 54 -3.93 54.52 33.99
C THR J 54 -4.63 53.62 32.98
N LEU J 55 -5.94 53.83 32.79
CA LEU J 55 -6.67 53.09 31.76
C LEU J 55 -6.15 53.44 30.36
N ILE J 56 -5.89 54.73 30.11
CA ILE J 56 -5.52 55.18 28.78
C ILE J 56 -4.12 54.69 28.41
N ILE J 57 -3.17 54.79 29.34
CA ILE J 57 -1.81 54.39 29.04
C ILE J 57 -1.72 52.89 28.79
N LEU J 58 -2.74 52.12 29.15
CA LEU J 58 -2.80 50.69 28.89
C LEU J 58 -3.93 50.30 27.95
N HIS J 59 -4.42 51.25 27.15
CA HIS J 59 -5.56 50.95 26.29
C HIS J 59 -5.19 49.93 25.23
N ASP J 60 -3.98 50.03 24.67
CA ASP J 60 -3.50 49.13 23.63
C ASP J 60 -2.07 48.70 23.92
N VAL J 61 -1.78 48.36 25.18
CA VAL J 61 -0.45 47.89 25.52
C VAL J 61 -0.16 46.55 24.86
N GLY J 62 -1.13 45.64 24.87
CA GLY J 62 -0.96 44.35 24.24
C GLY J 62 -0.58 44.41 22.78
N LYS J 63 -0.59 45.61 22.18
CA LYS J 63 -0.13 45.76 20.81
C LYS J 63 1.34 45.43 20.66
N CYS J 64 2.15 45.67 21.70
CA CYS J 64 3.57 45.34 21.62
C CYS J 64 3.87 43.94 22.15
N SER J 65 2.90 43.03 22.09
CA SER J 65 3.18 41.63 22.33
C SER J 65 3.95 41.02 21.15
N GLU J 66 4.53 39.86 21.38
CA GLU J 66 5.40 39.26 20.37
C GLU J 66 4.65 38.98 19.08
N VAL J 67 3.43 38.45 19.18
CA VAL J 67 2.68 38.07 17.99
C VAL J 67 2.35 39.29 17.14
N TYR J 68 1.85 40.35 17.79
CA TYR J 68 1.48 41.54 17.02
C TYR J 68 2.70 42.30 16.55
N GLN J 69 3.80 42.23 17.29
CA GLN J 69 5.05 42.83 16.80
C GLN J 69 5.54 42.13 15.54
N LYS J 70 5.46 40.80 15.52
CA LYS J 70 5.82 40.07 14.30
C LYS J 70 4.86 40.40 13.17
N HIS J 71 3.57 40.57 13.48
CA HIS J 71 2.61 40.96 12.45
C HIS J 71 2.93 42.34 11.90
N LEU J 72 3.39 43.25 12.76
CA LEU J 72 3.80 44.58 12.31
C LEU J 72 5.05 44.51 11.44
N SER J 73 6.00 43.64 11.81
CA SER J 73 7.21 43.49 11.01
C SER J 73 6.89 42.97 9.61
N ASN J 74 6.31 41.78 9.53
CA ASN J 74 5.86 41.20 8.27
C ASN J 74 4.40 40.80 8.39
N ASN J 75 3.69 40.79 7.26
CA ASN J 75 2.24 40.61 7.30
C ASN J 75 1.85 39.17 7.57
N GLU J 76 2.34 38.61 8.67
CA GLU J 76 1.92 37.29 9.10
C GLU J 76 0.54 37.39 9.74
N PRO J 77 -0.40 36.50 9.38
CA PRO J 77 -1.77 36.62 9.90
C PRO J 77 -1.80 36.50 11.42
N LEU J 78 -2.69 37.28 12.03
CA LEU J 78 -2.79 37.29 13.50
C LEU J 78 -3.34 35.96 14.02
N ARG J 79 -4.04 35.21 13.17
CA ARG J 79 -4.61 33.92 13.53
C ARG J 79 -5.58 34.02 14.71
N GLY J 80 -6.35 35.11 14.77
CA GLY J 80 -7.33 35.29 15.82
C GLY J 80 -6.83 35.99 17.07
N PHE J 81 -5.55 36.31 17.16
CA PHE J 81 -5.02 36.98 18.33
C PHE J 81 -5.55 38.40 18.43
N ARG J 82 -5.87 38.83 19.65
CA ARG J 82 -6.35 40.17 19.92
C ARG J 82 -5.51 40.80 21.02
N HIS J 83 -5.07 42.04 20.80
CA HIS J 83 -4.21 42.73 21.75
C HIS J 83 -4.97 43.24 22.98
N GLU J 84 -6.29 43.37 22.88
CA GLU J 84 -7.06 43.91 24.00
C GLU J 84 -7.05 42.96 25.20
N LEU J 85 -7.06 41.66 24.93
CA LEU J 85 -7.11 40.68 26.02
C LEU J 85 -5.85 40.75 26.89
N VAL J 86 -4.68 40.77 26.26
CA VAL J 86 -3.45 41.01 26.99
C VAL J 86 -3.48 42.38 27.64
N SER J 87 -4.03 43.37 26.92
CA SER J 87 -4.22 44.69 27.51
C SER J 87 -5.19 44.64 28.68
N ALA J 88 -6.21 43.79 28.60
CA ALA J 88 -7.12 43.63 29.73
C ALA J 88 -6.40 43.07 30.95
N TYR J 89 -5.54 42.08 30.74
CA TYR J 89 -4.77 41.50 31.83
C TYR J 89 -3.82 42.53 32.46
N TYR J 90 -3.13 43.30 31.62
CA TYR J 90 -2.24 44.34 32.14
C TYR J 90 -3.01 45.39 32.91
N ALA J 91 -4.15 45.83 32.37
CA ALA J 91 -4.96 46.83 33.05
C ALA J 91 -5.46 46.32 34.39
N TYR J 92 -5.89 45.06 34.44
CA TYR J 92 -6.34 44.49 35.71
C TYR J 92 -5.22 44.46 36.72
N ASN J 93 -4.00 44.09 36.29
CA ASN J 93 -2.91 43.99 37.24
C ASN J 93 -2.50 45.34 37.79
N ILE J 94 -2.16 46.30 36.92
CA ILE J 94 -1.72 47.60 37.44
C ILE J 94 -2.86 48.31 38.15
N LEU J 95 -4.09 48.18 37.66
CA LEU J 95 -5.22 48.79 38.34
C LEU J 95 -5.40 48.22 39.75
N LYS J 96 -5.30 46.90 39.91
CA LYS J 96 -5.48 46.30 41.23
C LYS J 96 -4.26 46.42 42.11
N ASP J 97 -3.08 46.69 41.55
CA ASP J 97 -1.86 46.72 42.34
C ASP J 97 -1.79 47.96 43.23
N MET J 98 -2.28 49.10 42.76
CA MET J 98 -2.15 50.35 43.50
C MET J 98 -3.47 51.00 43.89
N PHE J 99 -4.60 50.52 43.38
CA PHE J 99 -5.90 50.98 43.87
C PHE J 99 -6.44 50.12 45.01
N LYS J 100 -5.96 48.88 45.13
CA LYS J 100 -6.40 47.95 46.17
C LYS J 100 -7.90 47.72 46.14
N ASP J 101 -8.49 47.79 44.95
CA ASP J 101 -9.93 47.56 44.76
C ASP J 101 -10.11 46.53 43.66
N GLU J 102 -10.90 45.50 43.95
CA GLU J 102 -11.11 44.44 42.96
C GLU J 102 -12.05 44.89 41.86
N THR J 103 -13.13 45.60 42.21
CA THR J 103 -14.13 45.97 41.22
C THR J 103 -13.64 47.07 40.29
N ILE J 104 -12.78 47.97 40.78
CA ILE J 104 -12.24 49.03 39.92
C ILE J 104 -11.34 48.43 38.84
N ALA J 105 -10.44 47.53 39.23
CA ALA J 105 -9.63 46.83 38.26
C ALA J 105 -10.49 46.00 37.32
N PHE J 106 -11.56 45.41 37.86
CA PHE J 106 -12.48 44.62 37.03
C PHE J 106 -13.09 45.47 35.93
N ILE J 107 -13.68 46.62 36.29
CA ILE J 107 -14.34 47.45 35.29
C ILE J 107 -13.32 48.03 34.31
N GLY J 108 -12.14 48.41 34.81
CA GLY J 108 -11.11 48.92 33.92
C GLY J 108 -10.65 47.89 32.91
N ALA J 109 -10.42 46.66 33.35
CA ALA J 109 -10.01 45.60 32.43
C ALA J 109 -11.10 45.29 31.42
N LEU J 110 -12.36 45.26 31.86
CA LEU J 110 -13.45 44.99 30.93
C LEU J 110 -13.58 46.10 29.89
N VAL J 111 -13.46 47.37 30.28
CA VAL J 111 -13.62 48.44 29.30
C VAL J 111 -12.42 48.47 28.35
N VAL J 112 -11.22 48.22 28.87
CA VAL J 112 -10.05 48.22 27.97
C VAL J 112 -10.10 47.03 27.02
N MET J 113 -10.71 45.91 27.46
CA MET J 113 -10.84 44.76 26.56
C MET J 113 -11.87 45.00 25.47
N MET J 114 -12.76 45.97 25.66
CA MET J 114 -13.77 46.32 24.66
C MET J 114 -13.37 47.48 23.77
N HIS J 115 -12.08 47.85 23.77
CA HIS J 115 -11.63 48.93 22.89
C HIS J 115 -11.81 48.56 21.43
N HIS J 116 -11.47 47.32 21.06
CA HIS J 116 -11.69 46.81 19.72
C HIS J 116 -12.96 45.96 19.67
N GLU J 117 -14.09 46.60 19.97
CA GLU J 117 -15.36 45.88 19.99
C GLU J 117 -15.78 45.30 18.64
N PRO J 118 -15.75 46.04 17.52
CA PRO J 118 -16.36 45.49 16.30
C PRO J 118 -15.54 44.47 15.54
N ILE J 119 -14.20 44.53 15.59
CA ILE J 119 -13.39 43.44 15.05
C ILE J 119 -13.70 42.15 15.80
N LEU J 120 -13.83 42.24 17.13
CA LEU J 120 -14.21 41.08 17.92
C LEU J 120 -15.59 40.58 17.55
N MET J 121 -16.54 41.49 17.35
CA MET J 121 -17.89 41.08 16.95
C MET J 121 -17.86 40.37 15.60
N GLY J 122 -17.10 40.90 14.64
CA GLY J 122 -17.00 40.25 13.34
C GLY J 122 -16.35 38.89 13.42
N GLN J 123 -15.32 38.75 14.26
CA GLN J 123 -14.67 37.46 14.43
C GLN J 123 -15.64 36.45 15.06
N ILE J 124 -16.46 36.90 16.02
CA ILE J 124 -17.45 36.00 16.61
C ILE J 124 -18.50 35.60 15.58
N ARG J 125 -18.97 36.56 14.77
CA ARG J 125 -20.03 36.26 13.82
C ARG J 125 -19.59 35.22 12.78
N SER J 126 -18.32 35.25 12.37
CA SER J 126 -17.85 34.23 11.42
C SER J 126 -17.68 32.88 12.10
N LEU J 127 -17.37 32.88 13.39
CA LEU J 127 -16.99 31.68 14.13
C LEU J 127 -18.01 31.34 15.20
N ASP J 128 -18.77 30.28 14.96
CA ASP J 128 -19.80 29.75 15.88
C ASP J 128 -20.85 30.85 16.09
N LYS J 129 -21.50 30.89 17.26
CA LYS J 129 -22.56 31.87 17.45
C LYS J 129 -22.41 32.68 18.73
N GLU J 130 -21.95 32.08 19.82
CA GLU J 130 -21.81 32.82 21.07
C GLU J 130 -20.47 33.53 21.12
N GLU J 131 -20.40 34.57 21.94
CA GLU J 131 -19.23 35.44 22.02
C GLU J 131 -18.51 35.26 23.35
N LEU J 132 -17.20 34.98 23.26
CA LEU J 132 -16.28 34.98 24.40
C LEU J 132 -16.69 33.98 25.48
N THR J 133 -17.34 32.88 25.09
CA THR J 133 -17.21 31.66 25.87
C THR J 133 -15.74 31.25 25.81
N PRO J 134 -15.17 30.68 26.89
CA PRO J 134 -13.78 31.00 27.26
C PRO J 134 -12.77 31.07 26.12
N GLU J 135 -12.31 32.30 25.83
CA GLU J 135 -11.36 32.62 24.75
C GLU J 135 -11.62 31.83 23.47
N VAL J 136 -12.89 31.76 23.09
CA VAL J 136 -13.38 31.08 21.89
C VAL J 136 -12.73 29.70 21.83
N VAL J 137 -12.80 28.98 22.95
CA VAL J 137 -12.09 27.73 23.16
C VAL J 137 -10.62 27.92 22.83
N LEU J 138 -9.89 28.66 23.67
CA LEU J 138 -8.45 28.84 23.63
C LEU J 138 -7.95 29.52 22.34
N ASP J 139 -8.85 29.90 21.44
CA ASP J 139 -8.42 30.43 20.15
C ASP J 139 -7.82 31.83 20.28
N LYS J 140 -8.38 32.66 21.17
CA LYS J 140 -7.95 34.05 21.27
C LYS J 140 -6.52 34.17 21.78
N LEU J 141 -6.14 33.34 22.76
CA LEU J 141 -4.81 33.39 23.36
C LEU J 141 -4.00 32.14 23.02
N ARG J 142 -4.10 31.69 21.78
CA ARG J 142 -3.39 30.48 21.35
C ARG J 142 -1.97 30.79 20.87
N THR J 143 -1.86 31.63 19.84
CA THR J 143 -0.54 31.94 19.29
C THR J 143 0.30 32.81 20.24
N PHE J 144 -0.32 33.42 21.23
CA PHE J 144 0.41 34.26 22.18
C PHE J 144 1.29 33.39 23.08
N ASN J 145 2.59 33.61 23.03
CA ASN J 145 3.54 32.86 23.85
C ASN J 145 4.24 33.71 24.89
N GLY J 146 4.13 35.03 24.81
CA GLY J 146 4.76 35.91 25.76
C GLY J 146 4.99 37.27 25.14
N VAL J 147 5.68 38.13 25.90
CA VAL J 147 5.99 39.49 25.48
C VAL J 147 7.46 39.75 25.77
N MET J 148 8.06 40.64 24.96
CA MET J 148 9.44 41.05 25.21
C MET J 148 9.51 41.85 26.50
N GLU J 149 10.59 41.63 27.26
CA GLU J 149 10.72 42.28 28.55
C GLU J 149 10.85 43.79 28.41
N GLY J 150 11.72 44.25 27.49
CA GLY J 150 11.92 45.68 27.35
C GLY J 150 10.62 46.42 27.08
N THR J 151 9.79 45.86 26.20
CA THR J 151 8.49 46.46 25.91
C THR J 151 7.71 46.75 27.18
N GLU J 152 7.58 45.75 28.05
CA GLU J 152 6.81 45.99 29.28
C GLU J 152 7.54 46.98 30.16
N SER J 153 8.88 46.92 30.19
CA SER J 153 9.62 47.94 30.93
C SER J 153 9.23 49.33 30.46
N PHE J 154 8.98 49.47 29.15
CA PHE J 154 8.55 50.75 28.60
C PHE J 154 7.32 51.27 29.32
N ILE J 155 6.28 50.44 29.44
CA ILE J 155 5.07 50.95 30.06
C ILE J 155 5.32 51.21 31.54
N LYS J 156 6.28 50.49 32.14
CA LYS J 156 6.67 50.81 33.51
C LYS J 156 7.15 52.25 33.60
N SER J 157 7.99 52.67 32.64
CA SER J 157 8.38 54.07 32.57
C SER J 157 7.16 54.95 32.36
N MET J 158 6.22 54.50 31.53
CA MET J 158 4.97 55.24 31.37
C MET J 158 4.25 55.38 32.70
N ILE J 159 4.28 54.33 33.53
CA ILE J 159 3.71 54.44 34.87
C ILE J 159 4.42 55.54 35.64
N LYS J 160 5.76 55.58 35.56
CA LYS J 160 6.52 56.62 36.21
C LYS J 160 6.17 58.00 35.66
N GLU J 161 5.73 58.06 34.40
CA GLU J 161 5.34 59.32 33.79
C GLU J 161 3.91 59.72 34.17
N LYS J 162 3.14 58.80 34.77
CA LYS J 162 1.84 59.09 35.36
C LYS J 162 1.90 59.31 36.86
N LEU J 163 2.55 58.41 37.59
CA LEU J 163 2.61 58.51 39.04
C LEU J 163 3.86 57.80 39.55
N GLY J 164 4.23 58.10 40.78
CA GLY J 164 5.41 57.52 41.39
C GLY J 164 5.26 56.12 41.93
N VAL J 165 4.05 55.55 41.85
CA VAL J 165 3.85 54.19 42.35
C VAL J 165 4.52 53.19 41.41
N ILE J 166 5.23 52.24 41.98
CA ILE J 166 5.94 51.23 41.20
C ILE J 166 4.95 50.18 40.71
N PRO J 167 4.91 49.88 39.41
CA PRO J 167 4.06 48.79 38.94
C PRO J 167 4.72 47.43 39.12
N LYS J 168 4.03 46.52 39.79
CA LYS J 168 4.55 45.20 40.11
C LYS J 168 3.84 44.10 39.30
N VAL J 169 3.53 44.40 38.04
CA VAL J 169 2.85 43.42 37.20
C VAL J 169 3.76 42.22 36.98
N PRO J 170 3.28 40.99 37.16
CA PRO J 170 4.13 39.82 36.94
C PRO J 170 4.36 39.58 35.45
N SER J 171 5.37 38.75 35.17
CA SER J 171 5.64 38.36 33.80
C SER J 171 4.47 37.55 33.26
N PRO J 172 3.85 37.95 32.15
CA PRO J 172 2.64 37.28 31.66
C PRO J 172 2.98 36.00 30.91
N THR J 173 2.65 34.87 31.51
CA THR J 173 2.73 33.59 30.83
C THR J 173 1.39 33.30 30.16
N GLN J 174 1.22 32.09 29.64
CA GLN J 174 -0.07 31.74 29.05
C GLN J 174 -1.11 31.47 30.13
N GLU J 175 -0.74 30.72 31.17
CA GLU J 175 -1.72 30.21 32.11
C GLU J 175 -2.37 31.34 32.92
N ASP J 176 -1.57 32.24 33.48
CA ASP J 176 -2.12 33.32 34.29
C ASP J 176 -2.97 34.26 33.45
N VAL J 177 -2.52 34.56 32.23
CA VAL J 177 -3.32 35.40 31.34
C VAL J 177 -4.66 34.76 31.07
N LEU J 178 -4.65 33.46 30.74
CA LEU J 178 -5.91 32.76 30.51
C LEU J 178 -6.81 32.83 31.74
N ARG J 179 -6.26 32.55 32.92
CA ARG J 179 -7.08 32.53 34.13
C ARG J 179 -7.74 33.88 34.36
N GLU J 180 -6.95 34.96 34.33
CA GLU J 180 -7.49 36.28 34.62
C GLU J 180 -8.51 36.71 33.56
N VAL J 181 -8.19 36.50 32.28
CA VAL J 181 -9.11 36.95 31.24
C VAL J 181 -10.41 36.14 31.27
N ILE J 182 -10.34 34.85 31.61
CA ILE J 182 -11.56 34.05 31.73
C ILE J 182 -12.39 34.53 32.91
N ARG J 183 -11.75 34.83 34.04
CA ARG J 183 -12.48 35.36 35.18
C ARG J 183 -13.20 36.64 34.80
N LEU J 184 -12.50 37.55 34.11
CA LEU J 184 -13.10 38.81 33.70
C LEU J 184 -14.29 38.58 32.77
N SER J 185 -14.10 37.75 31.74
CA SER J 185 -15.14 37.53 30.75
C SER J 185 -16.36 36.88 31.38
N VAL J 186 -16.16 35.87 32.23
CA VAL J 186 -17.29 35.17 32.84
C VAL J 186 -18.04 36.10 33.80
N LEU J 187 -17.31 36.87 34.61
CA LEU J 187 -17.97 37.80 35.52
C LEU J 187 -18.77 38.84 34.76
N ALA J 188 -18.24 39.33 33.64
CA ALA J 188 -18.99 40.29 32.83
C ALA J 188 -20.23 39.64 32.22
N ARG J 189 -20.08 38.42 31.70
CA ARG J 189 -21.19 37.78 30.98
C ARG J 189 -22.34 37.44 31.92
N HIS J 190 -22.03 36.84 33.07
CA HIS J 190 -23.06 36.37 34.00
C HIS J 190 -22.86 37.07 35.35
N ARG J 191 -23.80 37.94 35.71
CA ARG J 191 -23.77 38.66 36.97
C ARG J 191 -25.13 39.33 37.14
N PRO J 192 -25.69 39.36 38.36
CA PRO J 192 -27.05 39.90 38.53
C PRO J 192 -27.21 41.34 38.08
N ASP J 193 -26.16 42.15 38.16
CA ASP J 193 -26.20 43.54 37.71
C ASP J 193 -25.55 43.72 36.35
N SER J 194 -25.78 42.76 35.45
CA SER J 194 -25.16 42.79 34.13
C SER J 194 -25.57 44.04 33.36
N GLY J 195 -26.81 44.50 33.53
CA GLY J 195 -27.24 45.71 32.86
C GLY J 195 -26.47 46.94 33.33
N LYS J 196 -26.31 47.08 34.64
CA LYS J 196 -25.54 48.21 35.18
C LYS J 196 -24.09 48.15 34.73
N LEU J 197 -23.49 46.96 34.75
CA LEU J 197 -22.11 46.81 34.29
C LEU J 197 -21.98 47.16 32.82
N ARG J 198 -22.94 46.73 32.00
CA ARG J 198 -22.89 47.08 30.58
C ARG J 198 -23.02 48.59 30.38
N MET J 199 -23.92 49.23 31.13
CA MET J 199 -24.08 50.67 30.99
C MET J 199 -22.80 51.40 31.38
N VAL J 200 -22.18 50.99 32.48
CA VAL J 200 -20.97 51.69 32.93
C VAL J 200 -19.79 51.41 31.99
N VAL J 201 -19.69 50.18 31.47
CA VAL J 201 -18.58 49.87 30.58
C VAL J 201 -18.75 50.62 29.27
N GLY J 202 -20.00 50.79 28.80
CA GLY J 202 -20.22 51.62 27.63
C GLY J 202 -19.92 53.09 27.88
N ALA J 203 -20.25 53.58 29.08
CA ALA J 203 -19.94 54.96 29.42
C ALA J 203 -18.43 55.20 29.43
N LEU J 204 -17.67 54.24 29.95
CA LEU J 204 -16.21 54.34 29.88
C LEU J 204 -15.68 54.07 28.47
N LEU J 205 -16.42 53.33 27.65
CA LEU J 205 -15.97 52.97 26.31
C LEU J 205 -16.11 54.14 25.35
N ILE J 206 -17.13 54.99 25.54
CA ILE J 206 -17.34 56.12 24.64
C ILE J 206 -16.09 56.98 24.50
N PRO J 207 -15.39 57.39 25.56
CA PRO J 207 -14.12 58.11 25.37
C PRO J 207 -13.07 57.29 24.63
N LEU J 208 -13.05 55.97 24.82
CA LEU J 208 -12.06 55.14 24.14
C LEU J 208 -12.27 55.12 22.64
N VAL J 209 -13.53 54.98 22.20
CA VAL J 209 -13.82 55.01 20.78
C VAL J 209 -13.96 56.43 20.23
N CYS J 210 -13.87 57.44 21.09
CA CYS J 210 -13.78 58.81 20.62
C CYS J 210 -12.51 59.07 19.81
N ASP J 211 -11.52 58.18 19.91
CA ASP J 211 -10.25 58.31 19.19
C ASP J 211 -10.38 58.12 17.69
N TYR J 212 -11.56 57.75 17.19
CA TYR J 212 -11.76 57.56 15.77
C TYR J 212 -12.18 58.88 15.13
N LYS J 213 -12.50 58.84 13.84
CA LYS J 213 -12.95 60.00 13.07
C LYS J 213 -11.90 61.11 13.09
N GLY J 214 -10.72 60.78 12.55
CA GLY J 214 -9.68 61.76 12.37
C GLY J 214 -8.45 61.55 13.25
N ALA J 215 -8.67 61.21 14.52
CA ALA J 215 -7.55 60.99 15.43
C ALA J 215 -6.87 59.65 15.21
N ALA J 216 -7.51 58.72 14.50
CA ALA J 216 -6.92 57.43 14.20
C ALA J 216 -6.24 57.39 12.84
N ALA J 217 -6.67 58.22 11.89
CA ALA J 217 -6.03 58.25 10.58
C ALA J 217 -4.59 58.72 10.68
N ALA J 218 -4.32 59.73 11.50
CA ALA J 218 -2.96 60.22 11.67
C ALA J 218 -2.06 59.16 12.28
N ALA J 219 -2.56 58.43 13.26
CA ALA J 219 -1.78 57.38 13.91
C ALA J 219 -1.75 56.12 13.04
N GLY N 2 30.88 -16.95 9.40
CA GLY N 2 31.70 -18.08 9.78
C GLY N 2 32.75 -18.43 8.75
N TRP N 3 32.39 -19.28 7.79
CA TRP N 3 33.28 -19.71 6.72
C TRP N 3 33.08 -18.90 5.44
N ILE N 4 32.50 -17.70 5.55
CA ILE N 4 32.37 -16.82 4.39
C ILE N 4 33.35 -15.66 4.45
N ARG N 5 33.90 -15.34 5.63
CA ARG N 5 34.79 -14.20 5.76
C ARG N 5 36.05 -14.37 4.92
N ASN N 6 36.74 -15.50 5.09
CA ASN N 6 38.03 -15.69 4.42
C ASN N 6 37.89 -15.69 2.91
N ILE N 7 36.99 -16.51 2.39
CA ILE N 7 36.76 -16.56 0.95
C ILE N 7 36.15 -15.25 0.46
N GLY N 8 35.27 -14.64 1.25
CA GLY N 8 34.76 -13.31 0.90
C GLY N 8 35.85 -12.26 0.92
N ARG N 9 36.76 -12.35 1.89
CA ARG N 9 37.90 -11.44 1.93
C ARG N 9 38.73 -11.56 0.65
N TYR N 10 39.04 -12.79 0.25
CA TYR N 10 39.80 -12.99 -0.98
C TYR N 10 39.03 -12.51 -2.20
N LEU N 11 37.72 -12.69 -2.19
CA LEU N 11 36.90 -12.21 -3.29
C LEU N 11 36.96 -10.69 -3.40
N SER N 12 36.95 -10.00 -2.26
CA SER N 12 37.13 -8.55 -2.27
C SER N 12 38.54 -8.15 -2.66
N TYR N 13 39.52 -9.05 -2.49
CA TYR N 13 40.87 -8.78 -2.99
C TYR N 13 40.90 -8.62 -4.51
N LEU N 14 39.94 -9.19 -5.23
CA LEU N 14 39.93 -9.06 -6.68
C LEU N 14 39.71 -7.62 -7.10
N VAL N 15 38.69 -6.96 -6.56
CA VAL N 15 38.38 -5.57 -6.88
C VAL N 15 38.26 -4.79 -5.58
N ASP N 16 39.10 -3.78 -5.41
CA ASP N 16 39.14 -2.95 -4.20
C ASP N 16 40.01 -1.73 -4.51
N ASP N 17 40.29 -0.93 -3.49
CA ASP N 17 41.12 0.25 -3.67
C ASP N 17 42.52 -0.14 -4.09
N THR N 18 43.11 0.68 -4.97
CA THR N 18 44.35 0.34 -5.69
C THR N 18 44.06 -0.97 -6.43
N PHE N 19 45.03 -1.88 -6.56
CA PHE N 19 44.83 -3.16 -7.23
C PHE N 19 44.30 -2.94 -8.65
N GLU N 20 45.16 -2.34 -9.48
CA GLU N 20 44.74 -1.90 -10.80
C GLU N 20 44.54 -3.06 -11.76
N GLU N 21 43.62 -3.95 -11.40
CA GLU N 21 43.20 -5.05 -12.29
C GLU N 21 41.87 -5.55 -11.78
N TYR N 22 40.82 -5.39 -12.59
CA TYR N 22 39.46 -5.70 -12.18
C TYR N 22 38.96 -6.95 -12.89
N ALA N 23 38.14 -7.72 -12.17
CA ALA N 23 37.53 -8.92 -12.74
C ALA N 23 36.14 -9.07 -12.11
N TYR N 24 35.13 -8.52 -12.80
CA TYR N 24 33.75 -8.60 -12.35
C TYR N 24 32.96 -9.71 -13.01
N ASP N 25 33.45 -10.25 -14.14
CA ASP N 25 32.75 -11.36 -14.78
C ASP N 25 32.71 -12.58 -13.86
N VAL N 26 33.82 -12.86 -13.17
CA VAL N 26 33.86 -14.00 -12.26
C VAL N 26 32.93 -13.79 -11.07
N VAL N 27 32.88 -12.56 -10.55
CA VAL N 27 31.99 -12.25 -9.43
C VAL N 27 30.54 -12.41 -9.86
N ASP N 28 30.19 -11.92 -11.04
CA ASP N 28 28.83 -12.07 -11.55
C ASP N 28 28.48 -13.54 -11.77
N GLY N 29 29.44 -14.32 -12.28
CA GLY N 29 29.19 -15.74 -12.48
C GLY N 29 28.96 -16.48 -11.18
N ILE N 30 29.77 -16.19 -10.16
CA ILE N 30 29.61 -16.87 -8.88
C ILE N 30 28.46 -16.33 -8.06
N ALA N 31 27.92 -15.16 -8.40
CA ALA N 31 26.79 -14.62 -7.66
C ALA N 31 25.49 -15.27 -8.09
N LYS N 32 25.15 -15.15 -9.38
CA LYS N 32 23.90 -15.68 -9.91
C LYS N 32 24.11 -17.07 -10.51
N ALA N 33 24.60 -17.98 -9.67
CA ALA N 33 24.84 -19.37 -10.07
C ALA N 33 23.50 -20.11 -10.00
N ARG N 34 22.67 -19.88 -11.04
CA ARG N 34 21.34 -20.48 -11.07
C ARG N 34 21.38 -21.99 -11.19
N THR N 35 22.45 -22.56 -11.74
CA THR N 35 22.63 -23.99 -11.83
C THR N 35 23.68 -24.44 -10.82
N GLN N 36 23.88 -25.76 -10.75
CA GLN N 36 24.82 -26.33 -9.79
C GLN N 36 26.25 -25.83 -10.04
N GLU N 37 26.54 -25.33 -11.24
CA GLU N 37 27.91 -24.95 -11.56
C GLU N 37 28.04 -23.52 -12.08
N GLU N 38 29.24 -23.22 -12.59
CA GLU N 38 29.76 -21.88 -12.90
C GLU N 38 30.13 -21.16 -11.61
N LEU N 39 29.65 -21.68 -10.48
CA LEU N 39 30.04 -21.14 -9.18
C LEU N 39 31.49 -21.53 -8.87
N LEU N 40 31.75 -22.83 -8.79
CA LEU N 40 33.12 -23.30 -8.62
C LEU N 40 33.99 -22.86 -9.79
N GLU N 41 33.40 -22.68 -10.98
CA GLU N 41 34.18 -22.20 -12.12
C GLU N 41 34.71 -20.79 -11.86
N GLY N 42 33.85 -19.88 -11.43
CA GLY N 42 34.31 -18.54 -11.13
C GLY N 42 35.25 -18.50 -9.93
N VAL N 43 35.00 -19.34 -8.92
CA VAL N 43 35.89 -19.38 -7.77
C VAL N 43 37.27 -19.88 -8.20
N TYR N 44 37.32 -20.88 -9.07
CA TYR N 44 38.59 -21.36 -9.60
C TYR N 44 39.28 -20.29 -10.44
N LYS N 45 38.50 -19.51 -11.20
CA LYS N 45 39.10 -18.43 -11.97
C LYS N 45 39.73 -17.40 -11.04
N ALA N 46 39.05 -17.08 -9.93
CA ALA N 46 39.66 -16.20 -8.94
C ALA N 46 40.94 -16.81 -8.37
N LEU N 47 40.91 -18.11 -8.07
CA LEU N 47 42.10 -18.78 -7.56
C LEU N 47 43.23 -18.80 -8.59
N ARG N 48 42.88 -18.74 -9.88
CA ARG N 48 43.90 -18.67 -10.92
C ARG N 48 44.50 -17.27 -11.03
N LEU N 49 43.67 -16.24 -10.82
CA LEU N 49 44.21 -14.90 -10.70
C LEU N 49 44.91 -14.64 -9.38
N ALA N 50 44.80 -15.57 -8.41
CA ALA N 50 45.47 -15.39 -7.13
C ALA N 50 46.97 -15.11 -7.23
N PRO N 51 47.75 -15.85 -8.04
CA PRO N 51 49.17 -15.44 -8.20
C PRO N 51 49.33 -14.05 -8.78
N LYS N 52 48.45 -13.63 -9.67
CA LYS N 52 48.50 -12.27 -10.19
C LYS N 52 48.31 -11.25 -9.07
N LEU N 53 47.32 -11.49 -8.20
CA LEU N 53 47.10 -10.60 -7.06
C LEU N 53 48.30 -10.62 -6.12
N LYS N 54 48.89 -11.79 -5.88
CA LYS N 54 50.06 -11.87 -5.02
C LYS N 54 51.21 -11.05 -5.58
N LYS N 55 51.48 -11.20 -6.88
CA LYS N 55 52.57 -10.46 -7.50
C LYS N 55 52.30 -8.96 -7.44
N LYS N 56 51.07 -8.54 -7.76
CA LYS N 56 50.74 -7.12 -7.72
C LYS N 56 50.90 -6.55 -6.32
N ALA N 57 50.45 -7.29 -5.31
CA ALA N 57 50.57 -6.81 -3.93
C ALA N 57 52.03 -6.70 -3.52
N GLU N 58 52.81 -7.77 -3.70
CA GLU N 58 54.20 -7.74 -3.27
C GLU N 58 55.02 -6.76 -4.10
N SER N 59 54.53 -6.34 -5.26
CA SER N 59 55.28 -5.39 -6.08
C SER N 59 54.93 -3.94 -5.75
N LYS N 60 53.66 -3.56 -5.87
CA LYS N 60 53.34 -2.13 -5.92
C LYS N 60 53.26 -1.49 -4.53
N GLY N 61 52.24 -1.84 -3.75
CA GLY N 61 52.05 -1.13 -2.50
C GLY N 61 51.45 -1.86 -1.32
N CYS N 62 51.15 -3.14 -1.44
CA CYS N 62 50.25 -3.80 -0.49
C CYS N 62 50.89 -5.02 0.13
N PRO N 63 50.45 -5.41 1.32
CA PRO N 63 50.90 -6.69 1.88
C PRO N 63 50.38 -7.84 1.06
N PRO N 64 51.05 -8.99 1.10
CA PRO N 64 50.63 -10.13 0.26
C PRO N 64 49.23 -10.59 0.62
N PRO N 65 48.45 -11.01 -0.37
CA PRO N 65 47.08 -11.46 -0.09
C PRO N 65 47.08 -12.84 0.55
N ARG N 66 45.96 -13.15 1.20
CA ARG N 66 45.78 -14.42 1.88
C ARG N 66 44.80 -15.29 1.11
N ILE N 67 45.25 -16.47 0.70
CA ILE N 67 44.37 -17.43 0.02
C ILE N 67 43.39 -18.01 1.03
N PRO N 68 42.13 -18.25 0.65
CA PRO N 68 41.19 -18.89 1.58
C PRO N 68 41.71 -20.24 2.07
N SER N 69 41.45 -20.52 3.34
CA SER N 69 41.94 -21.75 3.95
C SER N 69 41.28 -22.96 3.30
N PRO N 70 42.03 -24.08 3.18
CA PRO N 70 41.43 -25.28 2.59
C PRO N 70 40.20 -25.79 3.34
N GLU N 71 40.21 -25.68 4.67
CA GLU N 71 39.02 -26.08 5.43
C GLU N 71 37.82 -25.25 5.01
N ASP N 72 38.03 -23.97 4.71
CA ASP N 72 36.94 -23.13 4.20
C ASP N 72 36.44 -23.64 2.86
N ILE N 73 37.35 -24.03 1.96
CA ILE N 73 36.95 -24.50 0.64
C ILE N 73 36.12 -25.77 0.75
N GLU N 74 36.58 -26.71 1.58
CA GLU N 74 35.82 -27.95 1.73
C GLU N 74 34.54 -27.76 2.53
N ALA N 75 34.49 -26.78 3.44
CA ALA N 75 33.22 -26.44 4.07
C ALA N 75 32.22 -25.93 3.04
N LEU N 76 32.69 -25.09 2.13
CA LEU N 76 31.83 -24.62 1.04
C LEU N 76 31.39 -25.78 0.15
N GLU N 77 32.30 -26.71 -0.13
CA GLU N 77 31.96 -27.84 -0.98
C GLU N 77 30.93 -28.75 -0.32
N GLU N 78 31.07 -29.00 0.98
CA GLU N 78 30.06 -29.78 1.69
C GLU N 78 28.72 -29.05 1.73
N LYS N 79 28.75 -27.72 1.93
CA LYS N 79 27.50 -26.96 1.94
C LYS N 79 26.80 -27.04 0.60
N VAL N 80 27.55 -26.91 -0.51
CA VAL N 80 26.92 -26.97 -1.82
C VAL N 80 26.53 -28.39 -2.20
N GLU N 81 27.19 -29.40 -1.64
CA GLU N 81 26.76 -30.78 -1.85
C GLU N 81 25.46 -31.08 -1.12
N GLN N 82 25.33 -30.59 0.11
CA GLN N 82 24.15 -30.89 0.92
C GLN N 82 22.89 -30.31 0.30
N LEU N 83 22.96 -29.07 -0.19
CA LEU N 83 21.79 -28.43 -0.77
C LEU N 83 21.41 -29.10 -2.09
N SER N 84 20.11 -29.15 -2.35
CA SER N 84 19.57 -29.69 -3.60
C SER N 84 18.66 -28.70 -4.31
N ASN N 85 17.83 -27.96 -3.58
CA ASN N 85 16.94 -27.00 -4.20
C ASN N 85 17.73 -25.79 -4.71
N PRO N 86 17.27 -25.16 -5.78
CA PRO N 86 17.96 -23.95 -6.27
C PRO N 86 17.94 -22.80 -5.28
N LYS N 87 17.01 -22.79 -4.32
CA LYS N 87 16.95 -21.69 -3.36
C LYS N 87 18.24 -21.59 -2.55
N ASP N 88 18.65 -22.69 -1.94
CA ASP N 88 19.84 -22.67 -1.10
C ASP N 88 21.09 -22.41 -1.92
N LEU N 89 21.15 -22.97 -3.13
CA LEU N 89 22.30 -22.76 -3.99
C LEU N 89 22.45 -21.29 -4.38
N ARG N 90 21.33 -20.65 -4.78
CA ARG N 90 21.38 -19.24 -5.13
C ARG N 90 21.72 -18.38 -3.93
N LYS N 91 21.15 -18.70 -2.76
CA LYS N 91 21.44 -17.94 -1.55
C LYS N 91 22.92 -18.03 -1.20
N LEU N 92 23.47 -19.25 -1.25
CA LEU N 92 24.89 -19.43 -0.96
C LEU N 92 25.76 -18.69 -1.96
N ALA N 93 25.42 -18.76 -3.25
CA ALA N 93 26.22 -18.10 -4.26
C ALA N 93 26.22 -16.59 -4.07
N VAL N 94 25.04 -16.00 -3.82
CA VAL N 94 24.96 -14.56 -3.67
C VAL N 94 25.65 -14.11 -2.38
N SER N 95 25.46 -14.86 -1.29
CA SER N 95 26.16 -14.51 -0.05
C SER N 95 27.66 -14.64 -0.21
N LEU N 96 28.13 -15.59 -1.03
CA LEU N 96 29.55 -15.72 -1.29
C LEU N 96 30.08 -14.52 -2.07
N ALA N 97 29.41 -14.15 -3.15
CA ALA N 97 29.92 -13.10 -4.02
C ALA N 97 29.59 -11.70 -3.52
N LEU N 98 28.78 -11.56 -2.47
CA LEU N 98 28.40 -10.24 -1.99
C LEU N 98 29.56 -9.52 -1.30
N TRP N 99 30.47 -10.28 -0.70
CA TRP N 99 31.59 -9.68 0.03
C TRP N 99 32.62 -9.02 -0.89
N ALA N 100 32.52 -9.22 -2.20
CA ALA N 100 33.50 -8.66 -3.12
C ALA N 100 33.48 -7.14 -3.14
N PHE N 101 32.41 -6.51 -2.64
CA PHE N 101 32.29 -5.06 -2.62
C PHE N 101 32.10 -4.62 -1.17
N ALA N 102 33.21 -4.32 -0.50
CA ALA N 102 33.18 -3.84 0.87
C ALA N 102 34.40 -2.98 1.14
N SER N 103 34.29 -2.12 2.15
CA SER N 103 35.37 -1.20 2.51
C SER N 103 36.43 -1.96 3.30
N TRP N 104 37.44 -2.45 2.59
CA TRP N 104 38.54 -3.17 3.21
C TRP N 104 39.82 -2.33 3.12
N ASN N 105 40.51 -2.18 4.25
CA ASN N 105 41.77 -1.42 4.29
C ASN N 105 42.91 -2.41 4.08
N ASN N 106 43.09 -2.81 2.82
CA ASN N 106 44.13 -3.76 2.46
C ASN N 106 45.48 -3.08 2.26
N CYS N 107 45.54 -2.05 1.40
CA CYS N 107 46.77 -1.35 1.13
C CYS N 107 46.80 -0.07 1.95
N PRO N 108 47.72 0.08 2.92
CA PRO N 108 47.83 1.29 3.74
C PRO N 108 48.36 2.48 2.96
N GLY O 2 37.59 -34.33 3.59
CA GLY O 2 37.12 -35.71 3.60
C GLY O 2 37.76 -36.57 2.52
N TRP O 3 38.63 -37.48 2.95
CA TRP O 3 39.33 -38.44 2.09
C TRP O 3 39.95 -37.79 0.85
N ILE O 4 40.23 -36.48 0.92
CA ILE O 4 40.81 -35.75 -0.21
C ILE O 4 41.99 -34.88 0.21
N ARG O 5 42.41 -34.94 1.47
CA ARG O 5 43.46 -34.05 1.95
C ARG O 5 44.77 -34.30 1.21
N ASN O 6 45.08 -35.55 0.91
CA ASN O 6 46.32 -35.88 0.20
C ASN O 6 46.34 -35.24 -1.18
N ILE O 7 45.27 -35.42 -1.96
CA ILE O 7 45.23 -34.88 -3.32
C ILE O 7 45.26 -33.36 -3.30
N GLY O 8 44.48 -32.75 -2.41
CA GLY O 8 44.47 -31.29 -2.33
C GLY O 8 45.83 -30.72 -1.95
N ARG O 9 46.47 -31.32 -0.94
CA ARG O 9 47.78 -30.85 -0.52
C ARG O 9 48.81 -31.03 -1.62
N TYR O 10 48.76 -32.18 -2.32
CA TYR O 10 49.70 -32.41 -3.41
C TYR O 10 49.52 -31.43 -4.54
N LEU O 11 48.26 -31.16 -4.94
CA LEU O 11 48.01 -30.19 -6.00
C LEU O 11 48.45 -28.80 -5.58
N SER O 12 48.19 -28.43 -4.33
CA SER O 12 48.63 -27.12 -3.82
C SER O 12 50.14 -27.00 -3.92
N TYR O 13 50.87 -27.99 -3.37
CA TYR O 13 52.32 -27.96 -3.45
C TYR O 13 52.80 -27.98 -4.89
N LEU O 14 52.01 -28.53 -5.81
CA LEU O 14 52.33 -28.46 -7.22
C LEU O 14 52.15 -27.06 -7.78
N VAL O 15 51.20 -26.28 -7.25
CA VAL O 15 50.81 -25.02 -7.84
C VAL O 15 51.27 -23.81 -7.02
N ASP O 16 51.49 -23.98 -5.73
CA ASP O 16 51.73 -22.83 -4.86
C ASP O 16 53.17 -22.35 -4.99
N ASP O 17 53.55 -21.41 -4.13
CA ASP O 17 54.90 -20.84 -4.14
C ASP O 17 55.85 -21.79 -3.39
N THR O 18 57.08 -21.32 -3.16
CA THR O 18 58.13 -22.05 -2.46
C THR O 18 58.47 -23.38 -3.13
N PHE O 19 58.20 -23.51 -4.43
CA PHE O 19 58.55 -24.71 -5.16
C PHE O 19 59.15 -24.45 -6.53
N GLU O 20 59.19 -23.19 -6.98
CA GLU O 20 59.84 -22.75 -8.23
C GLU O 20 59.54 -23.65 -9.42
N GLU O 21 58.36 -24.28 -9.44
CA GLU O 21 57.95 -25.11 -10.56
C GLU O 21 56.79 -24.46 -11.31
N TYR O 22 55.71 -24.11 -10.61
CA TYR O 22 54.64 -23.27 -11.13
C TYR O 22 53.99 -23.89 -12.37
N ALA O 23 53.34 -25.04 -12.15
CA ALA O 23 52.59 -25.72 -13.21
C ALA O 23 51.13 -25.28 -13.12
N TYR O 24 50.79 -24.26 -13.91
CA TYR O 24 49.41 -23.80 -14.00
C TYR O 24 48.67 -24.38 -15.19
N ASP O 25 49.40 -24.76 -16.25
CA ASP O 25 48.78 -25.36 -17.43
C ASP O 25 48.04 -26.64 -17.06
N VAL O 26 48.64 -27.45 -16.19
CA VAL O 26 48.00 -28.68 -15.75
C VAL O 26 46.70 -28.38 -15.02
N VAL O 27 46.72 -27.37 -14.15
CA VAL O 27 45.51 -27.01 -13.41
C VAL O 27 44.42 -26.53 -14.34
N ASP O 28 44.79 -25.71 -15.33
CA ASP O 28 43.80 -25.25 -16.31
C ASP O 28 43.23 -26.42 -17.11
N GLY O 29 44.07 -27.39 -17.47
CA GLY O 29 43.56 -28.56 -18.16
C GLY O 29 42.61 -29.38 -17.30
N ILE O 30 42.94 -29.51 -16.00
CA ILE O 30 42.08 -30.26 -15.10
C ILE O 30 40.74 -29.56 -14.92
N ALA O 31 40.74 -28.24 -14.75
CA ALA O 31 39.54 -27.53 -14.35
C ALA O 31 38.45 -27.62 -15.41
N LYS O 32 38.72 -27.03 -16.57
CA LYS O 32 37.72 -26.93 -17.63
C LYS O 32 37.80 -28.18 -18.50
N ALA O 33 37.02 -29.19 -18.12
CA ALA O 33 37.03 -30.50 -18.77
C ALA O 33 35.59 -30.90 -19.06
N ARG O 34 35.11 -30.59 -20.27
CA ARG O 34 33.76 -30.98 -20.65
C ARG O 34 33.66 -32.49 -20.82
N THR O 35 34.69 -33.13 -21.36
CA THR O 35 34.72 -34.57 -21.56
C THR O 35 35.76 -35.20 -20.63
N GLN O 36 35.75 -36.53 -20.59
CA GLN O 36 36.63 -37.26 -19.70
C GLN O 36 38.07 -37.35 -20.22
N GLU O 37 38.28 -37.23 -21.53
CA GLU O 37 39.62 -37.34 -22.08
C GLU O 37 40.55 -36.29 -21.49
N GLU O 38 40.16 -35.02 -21.57
CA GLU O 38 41.05 -33.96 -21.11
C GLU O 38 41.15 -33.94 -19.59
N LEU O 39 40.10 -34.35 -18.88
CA LEU O 39 40.20 -34.46 -17.43
C LEU O 39 41.23 -35.52 -17.03
N LEU O 40 41.20 -36.67 -17.69
CA LEU O 40 42.17 -37.72 -17.40
C LEU O 40 43.58 -37.29 -17.79
N GLU O 41 43.73 -36.61 -18.93
CA GLU O 41 45.05 -36.10 -19.30
C GLU O 41 45.56 -35.08 -18.28
N GLY O 42 44.67 -34.22 -17.78
CA GLY O 42 45.08 -33.26 -16.78
C GLY O 42 45.50 -33.90 -15.47
N VAL O 43 44.75 -34.90 -15.01
CA VAL O 43 45.14 -35.56 -13.77
C VAL O 43 46.43 -36.35 -13.97
N TYR O 44 46.64 -36.92 -15.16
CA TYR O 44 47.91 -37.56 -15.46
C TYR O 44 49.04 -36.54 -15.38
N LYS O 45 48.85 -35.37 -15.99
CA LYS O 45 49.90 -34.35 -15.95
C LYS O 45 50.15 -33.86 -14.52
N ALA O 46 49.11 -33.86 -13.69
CA ALA O 46 49.28 -33.47 -12.29
C ALA O 46 50.14 -34.48 -11.54
N LEU O 47 49.79 -35.77 -11.66
CA LEU O 47 50.59 -36.80 -10.99
C LEU O 47 51.93 -37.06 -11.66
N ARG O 48 52.17 -36.53 -12.86
CA ARG O 48 53.43 -36.78 -13.54
C ARG O 48 54.61 -36.21 -12.78
N LEU O 49 54.47 -35.00 -12.25
CA LEU O 49 55.58 -34.39 -11.51
C LEU O 49 55.50 -34.72 -10.02
N ALA O 50 55.31 -36.01 -9.73
CA ALA O 50 55.45 -36.53 -8.38
C ALA O 50 56.92 -36.83 -8.08
N PRO O 51 57.65 -37.53 -8.95
CA PRO O 51 59.09 -37.75 -8.66
C PRO O 51 59.88 -36.45 -8.56
N LYS O 52 59.53 -35.44 -9.36
CA LYS O 52 60.23 -34.16 -9.28
C LYS O 52 60.05 -33.54 -7.90
N LEU O 53 58.82 -33.51 -7.40
CA LEU O 53 58.57 -32.96 -6.08
C LEU O 53 59.24 -33.80 -5.00
N LYS O 54 59.23 -35.12 -5.16
CA LYS O 54 59.84 -35.98 -4.14
C LYS O 54 61.35 -35.79 -4.07
N LYS O 55 62.03 -35.75 -5.22
CA LYS O 55 63.48 -35.64 -5.24
C LYS O 55 63.95 -34.22 -4.93
N LYS O 56 63.19 -33.20 -5.37
CA LYS O 56 63.62 -31.83 -5.16
C LYS O 56 63.24 -31.30 -3.78
N ALA O 57 62.43 -32.03 -3.04
CA ALA O 57 62.08 -31.61 -1.68
C ALA O 57 63.31 -31.58 -0.78
N GLU O 58 64.19 -32.59 -0.90
CA GLU O 58 65.41 -32.61 -0.11
C GLU O 58 66.48 -31.67 -0.64
N SER O 59 66.30 -31.12 -1.84
CA SER O 59 67.26 -30.17 -2.38
C SER O 59 67.23 -28.82 -1.67
N LYS O 60 66.23 -28.57 -0.85
CA LYS O 60 66.11 -27.31 -0.11
C LYS O 60 65.89 -27.49 1.38
N GLY O 61 65.37 -28.63 1.83
CA GLY O 61 65.06 -28.82 3.24
C GLY O 61 63.56 -28.79 3.48
N CYS O 62 62.80 -29.22 2.47
CA CYS O 62 61.35 -29.25 2.34
C CYS O 62 60.80 -30.63 2.68
N PRO O 63 59.71 -30.70 3.44
CA PRO O 63 59.10 -31.99 3.71
C PRO O 63 58.55 -32.60 2.44
N PRO O 64 58.56 -33.93 2.32
CA PRO O 64 58.05 -34.56 1.11
C PRO O 64 56.55 -34.33 0.97
N PRO O 65 56.06 -34.21 -0.26
CA PRO O 65 54.62 -33.99 -0.46
C PRO O 65 53.82 -35.26 -0.17
N ARG O 66 52.50 -35.08 -0.02
CA ARG O 66 51.59 -36.17 0.23
C ARG O 66 51.12 -36.74 -1.10
N ILE O 67 51.69 -37.87 -1.49
CA ILE O 67 51.26 -38.56 -2.71
C ILE O 67 49.83 -39.06 -2.51
N PRO O 68 48.96 -38.96 -3.51
CA PRO O 68 47.59 -39.46 -3.35
C PRO O 68 47.56 -40.95 -2.99
N SER O 69 46.64 -41.30 -2.10
CA SER O 69 46.51 -42.66 -1.61
C SER O 69 45.87 -43.56 -2.66
N PRO O 70 46.21 -44.86 -2.67
CA PRO O 70 45.54 -45.78 -3.61
C PRO O 70 44.04 -45.82 -3.45
N GLU O 71 43.53 -45.73 -2.22
CA GLU O 71 42.08 -45.74 -2.00
C GLU O 71 41.42 -44.50 -2.60
N ASP O 72 42.07 -43.35 -2.49
CA ASP O 72 41.51 -42.12 -3.03
C ASP O 72 41.40 -42.19 -4.55
N ILE O 73 42.47 -42.61 -5.22
CA ILE O 73 42.44 -42.72 -6.67
C ILE O 73 41.49 -43.83 -7.12
N GLU O 74 41.38 -44.90 -6.34
CA GLU O 74 40.42 -45.95 -6.66
C GLU O 74 38.98 -45.42 -6.59
N ALA O 75 38.68 -44.65 -5.54
CA ALA O 75 37.35 -44.05 -5.43
C ALA O 75 37.09 -43.07 -6.56
N LEU O 76 38.09 -42.28 -6.94
CA LEU O 76 37.92 -41.34 -8.05
C LEU O 76 37.64 -42.09 -9.35
N GLU O 77 38.39 -43.17 -9.61
CA GLU O 77 38.17 -43.94 -10.82
C GLU O 77 36.81 -44.63 -10.80
N GLU O 78 36.36 -45.11 -9.64
CA GLU O 78 35.05 -45.73 -9.55
C GLU O 78 33.94 -44.71 -9.80
N LYS O 79 34.09 -43.50 -9.27
CA LYS O 79 33.04 -42.49 -9.40
C LYS O 79 33.13 -41.71 -10.70
N VAL O 80 34.18 -41.88 -11.49
CA VAL O 80 34.28 -41.19 -12.78
C VAL O 80 33.79 -42.04 -13.94
N GLU O 81 33.63 -43.36 -13.75
CA GLU O 81 33.24 -44.23 -14.85
C GLU O 81 31.81 -43.95 -15.30
N GLN O 82 30.88 -43.80 -14.36
CA GLN O 82 29.47 -43.61 -14.68
C GLN O 82 29.16 -42.14 -14.96
N LEU O 83 29.88 -41.59 -15.93
CA LEU O 83 29.79 -40.18 -16.30
C LEU O 83 29.25 -40.08 -17.73
N SER O 84 28.02 -39.57 -17.86
CA SER O 84 27.41 -39.32 -19.16
C SER O 84 27.07 -37.86 -19.38
N ASN O 85 26.42 -37.23 -18.41
CA ASN O 85 26.06 -35.82 -18.53
C ASN O 85 27.28 -34.94 -18.25
N PRO O 86 27.57 -33.97 -19.12
CA PRO O 86 28.75 -33.12 -18.89
C PRO O 86 28.69 -32.27 -17.63
N LYS O 87 27.49 -32.04 -17.08
CA LYS O 87 27.35 -31.13 -15.95
C LYS O 87 28.17 -31.59 -14.75
N ASP O 88 27.86 -32.76 -14.22
CA ASP O 88 28.58 -33.26 -13.04
C ASP O 88 30.03 -33.58 -13.34
N LEU O 89 30.38 -33.91 -14.59
CA LEU O 89 31.78 -34.12 -14.93
C LEU O 89 32.58 -32.82 -14.80
N ARG O 90 32.04 -31.73 -15.38
CA ARG O 90 32.65 -30.43 -15.20
C ARG O 90 32.67 -30.04 -13.73
N LYS O 91 31.61 -30.37 -13.00
CA LYS O 91 31.56 -30.11 -11.56
C LYS O 91 32.74 -30.77 -10.85
N LEU O 92 32.95 -32.06 -11.10
CA LEU O 92 34.01 -32.80 -10.44
C LEU O 92 35.38 -32.25 -10.83
N ALA O 93 35.59 -31.96 -12.11
CA ALA O 93 36.88 -31.44 -12.56
C ALA O 93 37.17 -30.07 -11.93
N VAL O 94 36.17 -29.19 -11.93
CA VAL O 94 36.39 -27.86 -11.38
C VAL O 94 36.56 -27.92 -9.87
N SER O 95 35.95 -28.90 -9.20
CA SER O 95 36.17 -29.04 -7.77
C SER O 95 37.57 -29.58 -7.49
N LEU O 96 38.06 -30.49 -8.33
CA LEU O 96 39.46 -30.91 -8.28
C LEU O 96 40.37 -29.69 -8.33
N ALA O 97 40.14 -28.82 -9.32
CA ALA O 97 40.93 -27.60 -9.42
C ALA O 97 40.65 -26.64 -8.25
N LEU O 98 39.48 -26.78 -7.62
CA LEU O 98 39.14 -25.89 -6.51
C LEU O 98 39.96 -26.20 -5.27
N TRP O 99 40.08 -27.48 -4.94
CA TRP O 99 41.04 -27.79 -3.88
C TRP O 99 42.47 -27.87 -4.38
N ALA O 100 42.70 -27.72 -5.69
CA ALA O 100 44.07 -27.58 -6.18
C ALA O 100 44.71 -26.30 -5.63
N PHE O 101 43.94 -25.22 -5.55
CA PHE O 101 44.41 -23.97 -4.95
C PHE O 101 43.95 -23.89 -3.51
N ALA O 102 44.87 -23.60 -2.60
CA ALA O 102 44.55 -23.49 -1.18
C ALA O 102 45.67 -22.71 -0.50
N SER O 103 45.61 -22.64 0.82
CA SER O 103 46.58 -21.92 1.65
C SER O 103 47.14 -22.85 2.72
N TRP O 104 47.58 -24.03 2.30
CA TRP O 104 48.16 -25.01 3.21
C TRP O 104 49.43 -24.46 3.85
N ASN O 105 49.96 -25.24 4.80
CA ASN O 105 51.24 -24.90 5.41
C ASN O 105 52.34 -25.17 4.38
N ASN O 106 52.66 -24.15 3.59
CA ASN O 106 53.51 -24.33 2.43
C ASN O 106 54.96 -24.59 2.83
N CYS O 107 55.31 -25.88 2.94
CA CYS O 107 56.67 -26.33 3.18
C CYS O 107 57.24 -25.71 4.44
N PRO O 108 56.76 -26.10 5.63
CA PRO O 108 57.22 -25.50 6.88
C PRO O 108 58.65 -25.92 7.23
N GLY P 2 35.87 -53.02 -11.49
CA GLY P 2 36.64 -52.69 -12.67
C GLY P 2 37.94 -53.47 -12.76
N TRP P 3 38.30 -54.15 -11.66
CA TRP P 3 39.51 -54.98 -11.56
C TRP P 3 40.75 -54.28 -12.08
N ILE P 4 40.76 -52.94 -12.02
CA ILE P 4 41.93 -52.17 -12.43
C ILE P 4 42.94 -52.05 -11.29
N ARG P 5 42.54 -52.37 -10.06
CA ARG P 5 43.44 -52.24 -8.91
C ARG P 5 44.66 -53.14 -9.07
N ASN P 6 44.47 -54.39 -9.52
CA ASN P 6 45.58 -55.32 -9.62
C ASN P 6 46.60 -54.88 -10.67
N ILE P 7 46.12 -54.51 -11.86
CA ILE P 7 47.05 -54.07 -12.91
C ILE P 7 47.72 -52.76 -12.53
N GLY P 8 46.98 -51.86 -11.86
CA GLY P 8 47.60 -50.64 -11.39
C GLY P 8 48.70 -50.88 -10.37
N ARG P 9 48.46 -51.79 -9.43
CA ARG P 9 49.48 -52.14 -8.45
C ARG P 9 50.68 -52.80 -9.12
N TYR P 10 50.43 -53.65 -10.11
CA TYR P 10 51.52 -54.31 -10.82
C TYR P 10 52.38 -53.30 -11.57
N LEU P 11 51.74 -52.33 -12.22
CA LEU P 11 52.48 -51.32 -12.99
C LEU P 11 53.16 -50.31 -12.08
N SER P 12 52.63 -50.08 -10.87
CA SER P 12 53.21 -49.08 -9.98
C SER P 12 54.62 -49.47 -9.55
N TYR P 13 54.86 -50.76 -9.30
CA TYR P 13 56.16 -51.20 -8.83
C TYR P 13 57.27 -50.94 -9.84
N LEU P 14 56.91 -50.78 -11.12
CA LEU P 14 57.90 -50.47 -12.16
C LEU P 14 58.39 -49.03 -12.09
N VAL P 15 57.62 -48.14 -11.47
CA VAL P 15 57.92 -46.71 -11.51
C VAL P 15 58.19 -46.17 -10.12
N ASP P 16 57.60 -46.79 -9.11
CA ASP P 16 57.68 -46.26 -7.75
C ASP P 16 59.11 -46.32 -7.22
N ASP P 17 59.30 -45.73 -6.03
CA ASP P 17 60.62 -45.57 -5.44
C ASP P 17 61.19 -46.94 -5.03
N THR P 18 62.41 -46.90 -4.48
CA THR P 18 63.15 -48.10 -4.08
C THR P 18 63.34 -49.06 -5.24
N PHE P 19 63.48 -48.52 -6.44
CA PHE P 19 63.72 -49.32 -7.64
C PHE P 19 64.56 -48.51 -8.61
N GLU P 20 65.71 -49.06 -8.99
CA GLU P 20 66.60 -48.36 -9.92
C GLU P 20 66.00 -48.20 -11.30
N GLU P 21 65.06 -49.08 -11.67
CA GLU P 21 64.44 -49.04 -13.00
C GLU P 21 63.45 -47.88 -13.03
N TYR P 22 63.98 -46.69 -13.31
CA TYR P 22 63.17 -45.48 -13.42
C TYR P 22 62.77 -45.24 -14.88
N ALA P 23 62.11 -46.24 -15.46
CA ALA P 23 61.64 -46.18 -16.84
C ALA P 23 60.33 -45.41 -16.86
N TYR P 24 60.40 -44.12 -17.19
CA TYR P 24 59.23 -43.26 -17.16
C TYR P 24 58.56 -43.11 -18.53
N ASP P 25 59.22 -43.52 -19.61
CA ASP P 25 58.63 -43.37 -20.93
C ASP P 25 57.49 -44.34 -21.17
N VAL P 26 57.48 -45.47 -20.45
CA VAL P 26 56.49 -46.51 -20.70
C VAL P 26 55.08 -46.00 -20.40
N VAL P 27 54.90 -45.29 -19.29
CA VAL P 27 53.56 -44.84 -18.92
C VAL P 27 53.06 -43.76 -19.88
N ASP P 28 53.94 -42.86 -20.31
CA ASP P 28 53.54 -41.86 -21.29
C ASP P 28 53.18 -42.49 -22.62
N GLY P 29 53.95 -43.50 -23.05
CA GLY P 29 53.60 -44.21 -24.27
C GLY P 29 52.28 -44.95 -24.15
N ILE P 30 52.00 -45.49 -22.97
CA ILE P 30 50.76 -46.23 -22.76
C ILE P 30 49.55 -45.29 -22.79
N ALA P 31 49.66 -44.15 -22.11
CA ALA P 31 48.50 -43.28 -21.90
C ALA P 31 47.96 -42.76 -23.23
N LYS P 32 48.75 -41.94 -23.93
CA LYS P 32 48.29 -41.30 -25.16
C LYS P 32 48.45 -42.29 -26.30
N ALA P 33 47.52 -43.24 -26.35
CA ALA P 33 47.49 -44.29 -27.36
C ALA P 33 46.08 -44.33 -27.96
N ARG P 34 45.84 -43.49 -28.96
CA ARG P 34 44.55 -43.49 -29.63
C ARG P 34 44.36 -44.71 -30.51
N THR P 35 45.43 -45.42 -30.84
CA THR P 35 45.39 -46.60 -31.69
C THR P 35 45.87 -47.81 -30.89
N GLN P 36 45.39 -48.99 -31.30
CA GLN P 36 45.69 -50.21 -30.53
C GLN P 36 47.14 -50.65 -30.69
N GLU P 37 47.79 -50.28 -31.79
CA GLU P 37 49.13 -50.81 -32.08
C GLU P 37 50.15 -50.35 -31.05
N GLU P 38 50.22 -49.04 -30.80
CA GLU P 38 51.21 -48.53 -29.86
C GLU P 38 50.89 -48.92 -28.43
N LEU P 39 49.60 -49.01 -28.08
CA LEU P 39 49.21 -49.48 -26.76
C LEU P 39 49.64 -50.94 -26.56
N LEU P 40 49.44 -51.77 -27.58
CA LEU P 40 49.87 -53.16 -27.50
C LEU P 40 51.38 -53.26 -27.38
N GLU P 41 52.12 -52.46 -28.16
CA GLU P 41 53.57 -52.45 -28.04
C GLU P 41 54.01 -52.05 -26.65
N GLY P 42 53.37 -51.02 -26.08
CA GLY P 42 53.73 -50.58 -24.75
C GLY P 42 53.46 -51.63 -23.68
N VAL P 43 52.30 -52.27 -23.74
CA VAL P 43 51.99 -53.28 -22.74
C VAL P 43 52.90 -54.49 -22.91
N TYR P 44 53.24 -54.85 -24.16
CA TYR P 44 54.17 -55.96 -24.37
C TYR P 44 55.54 -55.65 -23.81
N LYS P 45 56.06 -54.43 -24.02
CA LYS P 45 57.37 -54.11 -23.47
C LYS P 45 57.33 -54.01 -21.95
N ALA P 46 56.21 -53.53 -21.39
CA ALA P 46 56.07 -53.51 -19.93
C ALA P 46 56.08 -54.92 -19.36
N LEU P 47 55.40 -55.85 -20.03
CA LEU P 47 55.39 -57.24 -19.57
C LEU P 47 56.77 -57.88 -19.74
N ARG P 48 57.48 -57.54 -20.81
CA ARG P 48 58.80 -58.10 -21.03
C ARG P 48 59.84 -57.52 -20.07
N LEU P 49 59.58 -56.34 -19.52
CA LEU P 49 60.47 -55.77 -18.52
C LEU P 49 60.21 -56.34 -17.12
N ALA P 50 59.18 -57.17 -16.97
CA ALA P 50 58.85 -57.73 -15.65
C ALA P 50 59.97 -58.53 -15.01
N PRO P 51 60.72 -59.40 -15.71
CA PRO P 51 61.78 -60.16 -15.02
C PRO P 51 62.81 -59.28 -14.33
N LYS P 52 63.18 -58.15 -14.95
CA LYS P 52 64.11 -57.23 -14.29
C LYS P 52 63.49 -56.68 -13.00
N LEU P 53 62.21 -56.33 -13.05
CA LEU P 53 61.53 -55.83 -11.86
C LEU P 53 61.53 -56.87 -10.75
N LYS P 54 61.23 -58.12 -11.09
CA LYS P 54 61.13 -59.15 -10.07
C LYS P 54 62.49 -59.51 -9.49
N LYS P 55 63.54 -59.52 -10.34
CA LYS P 55 64.87 -59.82 -9.81
C LYS P 55 65.37 -58.67 -8.94
N LYS P 56 65.09 -57.42 -9.32
CA LYS P 56 65.44 -56.30 -8.45
C LYS P 56 64.68 -56.37 -7.13
N ALA P 57 63.40 -56.73 -7.17
CA ALA P 57 62.61 -56.82 -5.95
C ALA P 57 63.14 -57.91 -5.02
N GLU P 58 63.48 -59.08 -5.57
CA GLU P 58 63.99 -60.15 -4.72
C GLU P 58 65.39 -59.85 -4.22
N SER P 59 66.19 -59.10 -5.00
CA SER P 59 67.49 -58.66 -4.50
C SER P 59 67.34 -57.66 -3.36
N LYS P 60 66.36 -56.77 -3.45
CA LYS P 60 66.14 -55.79 -2.38
C LYS P 60 65.71 -56.47 -1.09
N GLY P 61 64.85 -57.48 -1.18
CA GLY P 61 64.35 -58.21 -0.03
C GLY P 61 62.84 -58.18 0.11
N CYS P 62 62.22 -57.08 -0.32
CA CYS P 62 60.76 -57.00 -0.29
C CYS P 62 60.16 -57.96 -1.31
N PRO P 63 58.96 -58.49 -1.04
CA PRO P 63 58.36 -59.47 -1.94
C PRO P 63 58.10 -58.86 -3.31
N PRO P 64 58.30 -59.63 -4.38
CA PRO P 64 58.09 -59.11 -5.72
C PRO P 64 56.62 -59.08 -6.08
N PRO P 65 56.24 -58.36 -7.14
CA PRO P 65 54.85 -58.40 -7.58
C PRO P 65 54.46 -59.79 -8.05
N ARG P 66 53.17 -60.09 -7.93
CA ARG P 66 52.67 -61.41 -8.30
C ARG P 66 52.86 -61.66 -9.79
N ILE P 67 52.77 -62.93 -10.17
CA ILE P 67 52.96 -63.31 -11.58
C ILE P 67 51.89 -62.64 -12.43
N PRO P 68 52.22 -62.10 -13.60
CA PRO P 68 51.20 -61.46 -14.43
C PRO P 68 50.13 -62.44 -14.89
N SER P 69 48.92 -62.27 -14.37
CA SER P 69 47.83 -63.16 -14.70
C SER P 69 47.37 -62.92 -16.14
N PRO P 70 46.82 -63.94 -16.80
CA PRO P 70 46.40 -63.77 -18.20
C PRO P 70 45.02 -63.17 -18.39
N GLU P 71 44.07 -63.45 -17.48
CA GLU P 71 42.69 -63.06 -17.73
C GLU P 71 42.52 -61.54 -17.70
N ASP P 72 43.20 -60.86 -16.78
CA ASP P 72 43.04 -59.41 -16.68
C ASP P 72 43.58 -58.70 -17.92
N ILE P 73 44.78 -59.07 -18.37
CA ILE P 73 45.34 -58.46 -19.58
C ILE P 73 44.52 -58.85 -20.80
N GLU P 74 44.01 -60.08 -20.84
CA GLU P 74 43.12 -60.48 -21.92
C GLU P 74 41.92 -59.55 -22.00
N ALA P 75 41.15 -59.47 -20.90
CA ALA P 75 40.02 -58.57 -20.88
C ALA P 75 40.44 -57.14 -21.21
N LEU P 76 41.70 -56.78 -20.90
CA LEU P 76 42.23 -55.50 -21.35
C LEU P 76 42.14 -55.36 -22.87
N GLU P 77 42.67 -56.34 -23.63
CA GLU P 77 42.59 -56.11 -25.08
C GLU P 77 41.14 -56.25 -25.58
N GLU P 78 40.44 -57.32 -25.18
CA GLU P 78 39.07 -57.44 -25.68
C GLU P 78 38.12 -56.39 -25.12
N LYS P 79 38.57 -55.44 -24.29
CA LYS P 79 37.76 -54.25 -24.10
C LYS P 79 38.35 -53.01 -24.77
N VAL P 80 39.65 -52.98 -25.07
CA VAL P 80 40.21 -51.78 -25.69
C VAL P 80 40.02 -51.79 -27.21
N GLU P 81 40.13 -52.95 -27.86
CA GLU P 81 40.01 -52.97 -29.32
C GLU P 81 38.58 -53.17 -29.79
N GLN P 82 37.70 -53.72 -28.95
CA GLN P 82 36.32 -53.95 -29.36
C GLN P 82 35.55 -52.64 -29.49
N LEU P 83 35.88 -51.64 -28.67
CA LEU P 83 35.18 -50.36 -28.70
C LEU P 83 35.83 -49.45 -29.74
N SER P 84 35.06 -49.09 -30.76
CA SER P 84 35.63 -48.38 -31.90
C SER P 84 35.96 -46.92 -31.57
N ASN P 85 35.08 -46.24 -30.86
CA ASN P 85 35.27 -44.82 -30.61
C ASN P 85 36.51 -44.60 -29.75
N PRO P 86 37.32 -43.58 -30.08
CA PRO P 86 38.58 -43.38 -29.35
C PRO P 86 38.40 -42.93 -27.91
N LYS P 87 37.21 -42.46 -27.53
CA LYS P 87 37.02 -41.85 -26.21
C LYS P 87 37.31 -42.83 -25.09
N ASP P 88 36.56 -43.93 -25.05
CA ASP P 88 36.66 -44.86 -23.93
C ASP P 88 38.00 -45.58 -23.92
N LEU P 89 38.51 -45.97 -25.09
CA LEU P 89 39.81 -46.63 -25.12
C LEU P 89 40.92 -45.69 -24.65
N ARG P 90 40.87 -44.43 -25.11
CA ARG P 90 41.88 -43.46 -24.69
C ARG P 90 41.81 -43.20 -23.20
N LYS P 91 40.59 -43.04 -22.66
CA LYS P 91 40.45 -42.75 -21.24
C LYS P 91 40.90 -43.94 -20.39
N LEU P 92 40.57 -45.17 -20.80
CA LEU P 92 41.01 -46.31 -20.02
C LEU P 92 42.54 -46.47 -20.09
N ALA P 93 43.12 -46.23 -21.26
CA ALA P 93 44.57 -46.34 -21.39
C ALA P 93 45.27 -45.32 -20.51
N VAL P 94 44.84 -44.05 -20.56
CA VAL P 94 45.50 -43.03 -19.74
C VAL P 94 45.23 -43.28 -18.25
N SER P 95 44.05 -43.80 -17.91
CA SER P 95 43.76 -44.10 -16.51
C SER P 95 44.67 -45.20 -15.97
N LEU P 96 44.80 -46.29 -16.72
CA LEU P 96 45.67 -47.38 -16.28
C LEU P 96 47.14 -46.97 -16.33
N ALA P 97 47.50 -45.99 -17.16
CA ALA P 97 48.87 -45.48 -17.15
C ALA P 97 49.13 -44.65 -15.90
N LEU P 98 48.19 -43.78 -15.52
CA LEU P 98 48.37 -42.95 -14.33
C LEU P 98 48.12 -43.72 -13.04
N TRP P 99 47.54 -44.93 -13.12
CA TRP P 99 47.39 -45.75 -11.93
C TRP P 99 48.73 -46.06 -11.26
N ALA P 100 49.80 -46.14 -12.05
CA ALA P 100 51.12 -46.44 -11.50
C ALA P 100 51.69 -45.32 -10.64
N PHE P 101 51.08 -44.13 -10.67
CA PHE P 101 51.64 -42.97 -9.99
C PHE P 101 51.01 -42.80 -8.60
N ALA P 102 51.14 -43.85 -7.80
CA ALA P 102 50.68 -43.84 -6.41
C ALA P 102 51.77 -44.43 -5.53
N SER P 103 51.98 -43.82 -4.37
CA SER P 103 53.02 -44.24 -3.44
C SER P 103 52.38 -44.77 -2.17
N TRP P 104 52.74 -45.99 -1.80
CA TRP P 104 52.29 -46.60 -0.55
C TRP P 104 53.37 -47.56 -0.08
N ASN P 105 53.02 -48.45 0.84
CA ASN P 105 53.98 -49.41 1.40
C ASN P 105 54.28 -50.46 0.34
N ASN P 106 55.25 -50.12 -0.52
CA ASN P 106 55.62 -51.00 -1.63
C ASN P 106 56.78 -51.92 -1.26
N CYS P 107 57.93 -51.33 -0.91
CA CYS P 107 59.14 -52.08 -0.61
C CYS P 107 59.70 -51.56 0.71
N PRO P 108 59.18 -52.04 1.85
CA PRO P 108 59.64 -51.63 3.18
C PRO P 108 61.12 -51.95 3.43
N MET Q 1 16.63 -4.45 -51.16
CA MET Q 1 16.72 -5.91 -51.18
C MET Q 1 17.23 -6.45 -49.84
N TYR Q 2 16.81 -7.67 -49.50
CA TYR Q 2 17.21 -8.32 -48.26
C TYR Q 2 17.74 -9.71 -48.61
N VAL Q 3 19.03 -9.79 -48.92
CA VAL Q 3 19.64 -11.05 -49.30
C VAL Q 3 19.97 -11.85 -48.05
N ARG Q 4 19.72 -13.16 -48.10
CA ARG Q 4 19.97 -14.06 -46.99
C ARG Q 4 20.91 -15.18 -47.43
N ILE Q 5 21.89 -15.48 -46.58
CA ILE Q 5 22.86 -16.54 -46.82
C ILE Q 5 22.75 -17.54 -45.68
N SER Q 6 22.99 -18.81 -46.00
CA SER Q 6 23.00 -19.86 -45.00
C SER Q 6 23.71 -21.08 -45.58
N GLY Q 7 23.85 -22.11 -44.76
CA GLY Q 7 24.44 -23.36 -45.21
C GLY Q 7 25.32 -23.94 -44.14
N ARG Q 8 26.15 -24.90 -44.55
CA ARG Q 8 27.04 -25.62 -43.66
C ARG Q 8 28.47 -25.31 -44.07
N ILE Q 9 29.29 -24.94 -43.08
CA ILE Q 9 30.65 -24.48 -43.30
C ILE Q 9 31.58 -25.23 -42.36
N ARG Q 10 32.72 -25.68 -42.86
CA ARG Q 10 33.70 -26.43 -42.08
C ARG Q 10 34.84 -25.51 -41.66
N LEU Q 11 35.08 -25.42 -40.36
CA LEU Q 11 36.24 -24.71 -39.81
C LEU Q 11 37.12 -25.73 -39.10
N ASN Q 12 38.36 -25.87 -39.57
CA ASN Q 12 39.29 -26.84 -39.03
C ASN Q 12 40.50 -26.11 -38.48
N ALA Q 13 40.84 -26.38 -37.22
CA ALA Q 13 41.98 -25.78 -36.54
C ALA Q 13 41.86 -24.25 -36.53
N HIS Q 14 40.86 -23.79 -35.80
CA HIS Q 14 40.58 -22.37 -35.65
C HIS Q 14 40.67 -21.98 -34.18
N SER Q 15 41.31 -20.84 -33.91
CA SER Q 15 41.39 -20.27 -32.58
C SER Q 15 40.55 -18.99 -32.51
N LEU Q 16 39.37 -19.02 -33.13
CA LEU Q 16 38.60 -17.81 -33.36
C LEU Q 16 37.70 -17.48 -32.17
N ASN Q 17 37.67 -16.18 -31.84
CA ASN Q 17 36.75 -15.62 -30.85
C ASN Q 17 36.93 -16.30 -29.49
N ALA Q 18 38.10 -16.07 -28.90
CA ALA Q 18 38.35 -16.52 -27.54
C ALA Q 18 37.56 -15.66 -26.55
N GLN Q 19 37.67 -16.00 -25.26
CA GLN Q 19 36.99 -15.28 -24.21
C GLN Q 19 37.95 -14.56 -23.27
N GLY Q 20 39.25 -14.74 -23.43
CA GLY Q 20 40.25 -14.10 -22.58
C GLY Q 20 40.56 -14.85 -21.30
N GLY Q 21 39.55 -15.44 -20.67
CA GLY Q 21 39.71 -16.19 -19.45
C GLY Q 21 39.56 -15.39 -18.18
N GLY Q 22 39.46 -14.07 -18.28
CA GLY Q 22 39.30 -13.21 -17.12
C GLY Q 22 40.60 -12.78 -16.46
N GLY Q 23 41.73 -12.88 -17.16
CA GLY Q 23 43.00 -12.53 -16.57
C GLY Q 23 43.85 -13.74 -16.23
N THR Q 24 43.83 -14.75 -17.11
CA THR Q 24 44.59 -15.97 -16.92
C THR Q 24 45.45 -16.22 -18.14
N ASN Q 25 46.61 -16.85 -17.93
CA ASN Q 25 47.47 -17.20 -19.05
C ASN Q 25 46.79 -18.20 -19.98
N TYR Q 26 45.96 -19.08 -19.43
CA TYR Q 26 45.20 -20.03 -20.22
C TYR Q 26 43.97 -19.32 -20.77
N ILE Q 27 43.97 -19.04 -22.06
CA ILE Q 27 42.93 -18.22 -22.66
C ILE Q 27 41.72 -19.09 -22.97
N GLU Q 28 40.56 -18.69 -22.45
CA GLU Q 28 39.33 -19.41 -22.68
C GLU Q 28 38.75 -19.06 -24.04
N ILE Q 29 38.22 -20.07 -24.73
CA ILE Q 29 37.56 -19.87 -26.01
C ILE Q 29 36.06 -19.73 -25.78
N THR Q 30 35.36 -19.17 -26.76
CA THR Q 30 33.92 -18.97 -26.65
C THR Q 30 33.22 -20.32 -26.62
N LYS Q 31 32.67 -20.67 -25.47
CA LYS Q 31 31.95 -21.93 -25.29
C LYS Q 31 30.46 -21.62 -25.16
N THR Q 32 29.65 -22.22 -26.03
CA THR Q 32 28.21 -22.05 -26.01
C THR Q 32 27.54 -23.41 -25.88
N LYS Q 33 26.46 -23.46 -25.09
CA LYS Q 33 25.72 -24.69 -24.88
C LYS Q 33 24.61 -24.80 -25.90
N VAL Q 34 24.52 -25.96 -26.56
CA VAL Q 34 23.52 -26.22 -27.58
C VAL Q 34 22.83 -27.54 -27.27
N THR Q 35 21.68 -27.74 -27.91
CA THR Q 35 20.81 -28.89 -27.66
C THR Q 35 20.78 -29.77 -28.89
N VAL Q 36 20.94 -31.08 -28.67
CA VAL Q 36 20.91 -32.08 -29.73
C VAL Q 36 19.86 -33.11 -29.39
N ARG Q 37 19.07 -33.52 -30.40
CA ARG Q 37 17.98 -34.46 -30.16
C ARG Q 37 18.50 -35.77 -29.60
N THR Q 38 19.56 -36.32 -30.20
CA THR Q 38 20.21 -37.55 -29.74
C THR Q 38 19.18 -38.66 -29.54
N GLU Q 39 18.56 -39.08 -30.66
CA GLU Q 39 17.50 -40.08 -30.73
C GLU Q 39 16.52 -40.00 -29.55
N ASN Q 40 16.55 -40.99 -28.67
CA ASN Q 40 15.53 -41.09 -27.62
C ASN Q 40 15.63 -39.94 -26.62
N GLY Q 41 16.83 -39.61 -26.17
CA GLY Q 41 16.99 -38.59 -25.15
C GLY Q 41 17.79 -37.39 -25.58
N TRP Q 42 17.26 -36.20 -25.34
CA TRP Q 42 17.96 -34.97 -25.71
C TRP Q 42 19.20 -34.77 -24.86
N THR Q 43 20.17 -34.04 -25.41
CA THR Q 43 21.42 -33.76 -24.72
C THR Q 43 21.77 -32.28 -24.87
N VAL Q 44 22.48 -31.76 -23.88
CA VAL Q 44 23.00 -30.40 -23.92
C VAL Q 44 24.51 -30.49 -23.87
N VAL Q 45 25.18 -29.94 -24.89
CA VAL Q 45 26.63 -30.02 -25.01
C VAL Q 45 27.20 -28.62 -25.14
N GLU Q 46 28.26 -28.34 -24.40
CA GLU Q 46 28.96 -27.06 -24.47
C GLU Q 46 30.11 -27.19 -25.46
N VAL Q 47 30.03 -26.46 -26.55
CA VAL Q 47 30.97 -26.61 -27.67
C VAL Q 47 31.54 -25.24 -28.02
N PRO Q 48 32.73 -25.21 -28.62
CA PRO Q 48 33.30 -23.92 -29.06
C PRO Q 48 32.42 -23.27 -30.12
N ALA Q 49 32.44 -21.93 -30.12
CA ALA Q 49 31.53 -21.17 -30.96
C ALA Q 49 32.19 -19.87 -31.39
N ILE Q 50 31.58 -19.25 -32.40
CA ILE Q 50 31.92 -17.89 -32.82
C ILE Q 50 30.66 -17.06 -32.71
N THR Q 51 30.72 -15.98 -31.93
CA THR Q 51 29.55 -15.17 -31.67
C THR Q 51 29.15 -14.37 -32.91
N GLY Q 52 27.85 -14.11 -33.02
CA GLY Q 52 27.36 -13.29 -34.12
C GLY Q 52 27.74 -11.83 -34.01
N ASN Q 53 28.05 -11.35 -32.80
CA ASN Q 53 28.52 -9.97 -32.66
C ASN Q 53 29.85 -9.79 -33.37
N MET Q 54 30.78 -10.71 -33.17
CA MET Q 54 32.07 -10.60 -33.84
C MET Q 54 31.95 -10.91 -35.33
N LEU Q 55 30.98 -11.75 -35.70
CA LEU Q 55 30.70 -11.95 -37.12
C LEU Q 55 30.21 -10.66 -37.77
N LYS Q 56 29.35 -9.92 -37.07
CA LYS Q 56 28.93 -8.60 -37.55
C LYS Q 56 30.11 -7.65 -37.64
N HIS Q 57 31.00 -7.70 -36.65
CA HIS Q 57 32.19 -6.84 -36.69
C HIS Q 57 33.05 -7.15 -37.91
N TRP Q 58 33.24 -8.43 -38.21
CA TRP Q 58 34.06 -8.80 -39.37
C TRP Q 58 33.36 -8.48 -40.69
N HIS Q 59 32.03 -8.59 -40.73
CA HIS Q 59 31.30 -8.13 -41.90
C HIS Q 59 31.47 -6.63 -42.09
N PHE Q 60 31.45 -5.88 -40.99
CA PHE Q 60 31.75 -4.44 -41.04
C PHE Q 60 33.15 -4.20 -41.58
N VAL Q 61 34.12 -4.98 -41.12
CA VAL Q 61 35.51 -4.81 -41.56
C VAL Q 61 35.60 -5.06 -43.06
N GLY Q 62 34.97 -6.13 -43.53
CA GLY Q 62 34.98 -6.42 -44.96
C GLY Q 62 34.29 -5.35 -45.78
N PHE Q 63 33.15 -4.84 -45.29
CA PHE Q 63 32.42 -3.81 -46.01
C PHE Q 63 33.26 -2.53 -46.13
N VAL Q 64 33.89 -2.12 -45.04
CA VAL Q 64 34.70 -0.91 -45.08
C VAL Q 64 36.02 -1.12 -45.81
N ASP Q 65 36.49 -2.37 -45.92
CA ASP Q 65 37.68 -2.64 -46.70
C ASP Q 65 37.38 -2.62 -48.20
N TYR Q 66 36.19 -3.08 -48.59
CA TYR Q 66 35.78 -3.05 -49.99
C TYR Q 66 35.10 -1.75 -50.40
N PHE Q 67 34.80 -0.88 -49.44
CA PHE Q 67 34.16 0.40 -49.76
C PHE Q 67 35.15 1.47 -50.16
N LYS Q 68 36.40 1.38 -49.70
CA LYS Q 68 37.41 2.36 -50.05
C LYS Q 68 37.77 2.33 -51.53
N THR Q 69 37.58 1.18 -52.19
CA THR Q 69 37.86 1.10 -53.62
C THR Q 69 36.89 1.93 -54.44
N THR Q 70 35.66 2.08 -53.96
CA THR Q 70 34.68 2.88 -54.67
C THR Q 70 35.07 4.35 -54.66
N PRO Q 71 34.78 5.08 -55.73
CA PRO Q 71 35.10 6.52 -55.74
C PRO Q 71 34.34 7.33 -54.70
N TYR Q 72 33.24 6.79 -54.16
CA TYR Q 72 32.42 7.48 -53.18
C TYR Q 72 32.75 7.05 -51.75
N GLY Q 73 34.02 6.76 -51.48
CA GLY Q 73 34.46 6.33 -50.16
C GLY Q 73 34.67 7.44 -49.15
N VAL Q 74 34.43 8.70 -49.55
CA VAL Q 74 34.59 9.81 -48.61
C VAL Q 74 33.55 9.73 -47.51
N ASN Q 75 32.33 9.30 -47.84
CA ASN Q 75 31.28 9.16 -46.84
C ASN Q 75 31.64 8.13 -45.78
N LEU Q 76 32.53 7.19 -46.10
CA LEU Q 76 33.01 6.24 -45.11
C LEU Q 76 33.82 6.96 -44.03
N THR Q 77 33.55 6.62 -42.77
CA THR Q 77 34.31 7.19 -41.67
C THR Q 77 35.75 6.68 -41.70
N GLU Q 78 36.71 7.57 -41.44
CA GLU Q 78 38.10 7.17 -41.39
C GLU Q 78 38.37 6.23 -40.23
N ARG Q 79 37.53 6.25 -39.18
CA ARG Q 79 37.67 5.27 -38.10
C ARG Q 79 37.27 3.88 -38.57
N ALA Q 80 36.42 3.79 -39.59
CA ALA Q 80 36.09 2.49 -40.15
C ALA Q 80 37.24 1.92 -40.98
N LEU Q 81 38.01 2.80 -41.63
CA LEU Q 81 39.13 2.34 -42.45
C LEU Q 81 40.17 1.61 -41.61
N ARG Q 82 40.23 1.90 -40.32
CA ARG Q 82 41.14 1.24 -39.40
C ARG Q 82 40.45 0.15 -38.58
N TYR Q 83 39.24 -0.25 -38.99
CA TYR Q 83 38.51 -1.37 -38.38
C TYR Q 83 38.21 -1.09 -36.90
N ASN Q 84 37.45 -0.03 -36.66
CA ASN Q 84 37.03 0.36 -35.32
C ASN Q 84 35.53 0.11 -35.17
N GLY Q 85 35.15 -0.66 -34.16
CA GLY Q 85 33.75 -0.88 -33.87
C GLY Q 85 33.08 0.20 -33.06
N THR Q 86 33.84 1.19 -32.60
CA THR Q 86 33.26 2.27 -31.81
C THR Q 86 32.36 3.14 -32.69
N ARG Q 87 31.22 3.54 -32.12
CA ARG Q 87 30.32 4.47 -32.80
C ARG Q 87 29.54 5.24 -31.74
N PHE Q 88 29.97 6.47 -31.49
CA PHE Q 88 29.35 7.36 -30.50
C PHE Q 88 29.31 6.71 -29.11
N GLY Q 89 30.36 5.99 -28.76
CA GLY Q 89 30.39 5.21 -27.54
C GLY Q 89 30.28 6.00 -26.25
N GLN Q 90 31.32 6.77 -25.92
CA GLN Q 90 31.40 7.47 -24.64
C GLN Q 90 31.54 8.97 -24.91
N GLY Q 91 30.49 9.72 -24.63
CA GLY Q 91 30.55 11.16 -24.71
C GLY Q 91 30.85 11.70 -26.09
N GLU Q 92 30.64 10.92 -27.14
CA GLU Q 92 30.93 11.34 -28.51
C GLU Q 92 29.70 12.01 -29.07
N THR Q 93 29.58 13.32 -28.85
CA THR Q 93 28.48 14.10 -29.39
C THR Q 93 28.70 14.51 -30.84
N THR Q 94 29.88 14.27 -31.39
CA THR Q 94 30.21 14.58 -32.77
C THR Q 94 30.81 13.37 -33.44
N ALA Q 95 30.92 13.44 -34.76
CA ALA Q 95 31.52 12.37 -35.55
C ALA Q 95 32.66 12.96 -36.40
N THR Q 96 33.68 12.14 -36.62
CA THR Q 96 34.84 12.55 -37.38
C THR Q 96 34.72 12.04 -38.81
N LYS Q 97 34.73 12.96 -39.77
CA LYS Q 97 34.68 12.60 -41.17
C LYS Q 97 36.07 12.19 -41.68
N ALA Q 98 36.08 11.42 -42.76
CA ALA Q 98 37.34 10.95 -43.33
C ALA Q 98 38.23 12.10 -43.78
N ASN Q 99 37.63 13.22 -44.21
CA ASN Q 99 38.39 14.38 -44.64
C ASN Q 99 38.61 15.39 -43.52
N GLY Q 100 38.63 14.93 -42.27
CA GLY Q 100 38.86 15.83 -41.15
C GLY Q 100 37.76 16.84 -40.92
N ALA Q 101 36.50 16.42 -41.00
CA ALA Q 101 35.36 17.30 -40.79
C ALA Q 101 34.52 16.80 -39.64
N THR Q 102 33.88 17.73 -38.94
CA THR Q 102 33.03 17.42 -37.79
C THR Q 102 31.58 17.33 -38.25
N VAL Q 103 30.92 16.23 -37.87
CA VAL Q 103 29.53 15.97 -38.24
C VAL Q 103 28.71 15.96 -36.96
N GLN Q 104 27.60 16.70 -36.97
CA GLN Q 104 26.72 16.75 -35.82
C GLN Q 104 25.92 15.44 -35.71
N LEU Q 105 25.28 15.26 -34.55
CA LEU Q 105 24.52 14.06 -34.27
C LEU Q 105 23.01 14.29 -34.38
N ASN Q 106 22.59 15.35 -35.06
CA ASN Q 106 21.19 15.62 -35.32
C ASN Q 106 20.88 15.33 -36.78
N ASP Q 107 19.58 15.25 -37.08
CA ASP Q 107 19.10 14.99 -38.45
C ASP Q 107 19.67 13.67 -38.98
N GLU Q 108 19.21 12.59 -38.35
CA GLU Q 108 19.65 11.22 -38.62
C GLU Q 108 19.85 10.92 -40.10
N ALA Q 109 19.00 11.51 -40.95
CA ALA Q 109 19.19 11.36 -42.39
C ALA Q 109 20.55 11.88 -42.82
N THR Q 110 20.94 13.06 -42.32
CA THR Q 110 22.27 13.57 -42.61
C THR Q 110 23.35 12.70 -41.99
N ILE Q 111 23.08 12.09 -40.83
CA ILE Q 111 24.06 11.23 -40.19
C ILE Q 111 24.36 10.02 -41.07
N ILE Q 112 23.31 9.37 -41.60
CA ILE Q 112 23.53 8.21 -42.45
C ILE Q 112 24.02 8.60 -43.83
N LYS Q 113 23.73 9.84 -44.27
CA LYS Q 113 24.28 10.31 -45.54
C LYS Q 113 25.78 10.53 -45.44
N GLU Q 114 26.22 11.16 -44.36
CA GLU Q 114 27.64 11.48 -44.19
C GLU Q 114 28.45 10.33 -43.60
N LEU Q 115 27.80 9.28 -43.09
CA LEU Q 115 28.50 8.16 -42.49
C LEU Q 115 27.97 6.87 -43.09
N ALA Q 116 28.83 6.14 -43.79
CA ALA Q 116 28.45 4.83 -44.31
C ALA Q 116 28.23 3.83 -43.18
N ASP Q 117 29.00 3.95 -42.10
CA ASP Q 117 28.82 3.06 -40.95
C ASP Q 117 27.43 3.21 -40.37
N ALA Q 118 26.94 4.44 -40.26
CA ALA Q 118 25.59 4.68 -39.79
C ALA Q 118 24.57 4.02 -40.71
N ASP Q 119 24.81 4.09 -42.02
CA ASP Q 119 23.86 3.52 -42.99
C ASP Q 119 23.83 2.00 -42.90
N VAL Q 120 24.98 1.37 -42.74
CA VAL Q 120 25.05 -0.09 -42.89
C VAL Q 120 24.88 -0.82 -41.55
N HIS Q 121 25.43 -0.30 -40.46
CA HIS Q 121 25.44 -0.99 -39.18
C HIS Q 121 24.67 -0.26 -38.09
N GLY Q 122 23.94 0.79 -38.44
CA GLY Q 122 23.22 1.54 -37.42
C GLY Q 122 24.15 2.34 -36.53
N PHE Q 123 23.58 2.91 -35.48
CA PHE Q 123 24.37 3.64 -34.51
C PHE Q 123 23.66 3.68 -33.17
N LEU Q 124 24.43 3.98 -32.13
CA LEU Q 124 23.89 4.32 -30.82
C LEU Q 124 24.64 5.53 -30.31
N ALA Q 125 23.91 6.63 -30.09
CA ALA Q 125 24.46 7.88 -29.58
C ALA Q 125 23.77 8.16 -28.25
N PRO Q 126 24.34 7.70 -27.14
CA PRO Q 126 23.71 7.95 -25.84
C PRO Q 126 23.60 9.43 -25.48
N LYS Q 127 24.57 10.25 -25.89
CA LYS Q 127 24.54 11.66 -25.55
C LYS Q 127 23.34 12.35 -26.21
N THR Q 128 23.17 12.17 -27.51
CA THR Q 128 22.04 12.73 -28.23
C THR Q 128 20.87 11.76 -28.32
N GLY Q 129 21.02 10.54 -27.81
CA GLY Q 129 19.94 9.57 -27.82
C GLY Q 129 19.49 9.17 -29.21
N ARG Q 130 20.45 8.89 -30.09
CA ARG Q 130 20.14 8.50 -31.46
C ARG Q 130 20.26 6.99 -31.59
N ARG Q 131 19.25 6.37 -32.21
CA ARG Q 131 19.19 4.93 -32.32
C ARG Q 131 19.00 4.52 -33.78
N ARG Q 132 19.73 3.50 -34.20
CA ARG Q 132 19.54 2.93 -35.54
C ARG Q 132 20.02 1.49 -35.52
N VAL Q 133 19.10 0.55 -35.81
CA VAL Q 133 19.45 -0.86 -35.79
C VAL Q 133 20.39 -1.17 -36.95
N SER Q 134 21.19 -2.23 -36.78
CA SER Q 134 22.10 -2.65 -37.82
C SER Q 134 21.35 -3.42 -38.91
N LEU Q 135 21.52 -2.99 -40.16
CA LEU Q 135 20.85 -3.67 -41.26
C LEU Q 135 21.37 -5.09 -41.42
N VAL Q 136 22.67 -5.28 -41.26
CA VAL Q 136 23.26 -6.62 -41.27
C VAL Q 136 23.02 -7.27 -39.91
N LYS Q 137 22.54 -8.52 -39.93
CA LYS Q 137 22.29 -9.26 -38.70
C LYS Q 137 22.97 -10.61 -38.81
N ALA Q 138 23.88 -10.90 -37.89
CA ALA Q 138 24.70 -12.10 -37.95
C ALA Q 138 24.21 -13.10 -36.91
N SER Q 139 24.10 -14.36 -37.32
CA SER Q 139 23.75 -15.44 -36.40
C SER Q 139 25.01 -16.06 -35.81
N PHE Q 140 24.80 -16.83 -34.74
CA PHE Q 140 25.91 -17.49 -34.07
C PHE Q 140 26.47 -18.63 -34.92
N ILE Q 141 27.76 -18.90 -34.74
CA ILE Q 141 28.46 -19.97 -35.45
C ILE Q 141 28.70 -21.10 -34.47
N LEU Q 142 27.98 -22.20 -34.65
CA LEU Q 142 28.04 -23.38 -33.79
C LEU Q 142 28.19 -24.65 -34.61
N PRO Q 143 28.82 -25.68 -34.05
CA PRO Q 143 28.89 -26.97 -34.75
C PRO Q 143 27.52 -27.59 -34.91
N THR Q 144 27.26 -28.11 -36.11
CA THR Q 144 25.93 -28.60 -36.47
C THR Q 144 25.60 -29.91 -35.75
N GLU Q 145 24.30 -30.21 -35.70
CA GLU Q 145 23.82 -31.29 -34.84
C GLU Q 145 24.41 -32.65 -35.22
N ASP Q 146 24.47 -32.94 -36.53
CA ASP Q 146 25.03 -34.23 -36.94
C ASP Q 146 26.49 -34.35 -36.56
N PHE Q 147 27.21 -33.24 -36.49
CA PHE Q 147 28.60 -33.28 -36.06
C PHE Q 147 28.72 -33.81 -34.64
N ILE Q 148 27.96 -33.23 -33.70
CA ILE Q 148 27.97 -33.72 -32.32
C ILE Q 148 27.46 -35.14 -32.25
N LYS Q 149 26.43 -35.47 -33.04
CA LYS Q 149 25.87 -36.81 -33.01
C LYS Q 149 26.91 -37.85 -33.45
N GLU Q 150 27.68 -37.54 -34.48
CA GLU Q 150 28.66 -38.49 -35.00
C GLU Q 150 29.90 -38.56 -34.11
N VAL Q 151 30.34 -37.43 -33.55
CA VAL Q 151 31.51 -37.42 -32.69
C VAL Q 151 31.15 -37.68 -31.24
N GLU Q 152 29.87 -37.95 -30.94
CA GLU Q 152 29.42 -38.21 -29.57
C GLU Q 152 29.75 -37.05 -28.64
N GLY Q 153 29.59 -35.83 -29.15
CA GLY Q 153 29.87 -34.64 -28.35
C GLY Q 153 31.29 -34.13 -28.50
N GLU Q 154 32.26 -34.95 -28.07
CA GLU Q 154 33.67 -34.60 -28.11
C GLU Q 154 33.98 -33.32 -27.34
N ARG Q 155 35.23 -32.87 -27.41
CA ARG Q 155 35.67 -31.66 -26.72
C ARG Q 155 36.10 -30.56 -27.67
N LEU Q 156 36.78 -30.91 -28.77
CA LEU Q 156 37.24 -29.95 -29.77
C LEU Q 156 38.14 -28.88 -29.13
N ILE Q 157 38.91 -29.28 -28.12
CA ILE Q 157 39.84 -28.38 -27.43
C ILE Q 157 41.15 -29.11 -27.27
N THR Q 158 42.24 -28.50 -27.75
CA THR Q 158 43.57 -29.07 -27.62
C THR Q 158 44.47 -28.28 -26.68
N ALA Q 159 44.27 -26.96 -26.59
CA ALA Q 159 44.99 -26.10 -25.64
C ALA Q 159 46.50 -26.12 -25.88
N ILE Q 160 46.89 -25.66 -27.07
CA ILE Q 160 48.31 -25.52 -27.38
C ILE Q 160 48.88 -24.30 -26.66
N LYS Q 161 50.06 -24.47 -26.08
CA LYS Q 161 50.74 -23.42 -25.34
C LYS Q 161 51.65 -22.61 -26.26
N HIS Q 162 51.82 -21.33 -25.90
CA HIS Q 162 52.73 -20.45 -26.61
C HIS Q 162 53.52 -19.63 -25.60
N ASN Q 163 54.79 -19.39 -25.91
CA ASN Q 163 55.67 -18.65 -25.02
C ASN Q 163 56.36 -17.54 -25.80
N ARG Q 164 57.33 -16.90 -25.15
CA ARG Q 164 58.14 -15.84 -25.73
C ARG Q 164 59.61 -16.22 -25.64
N VAL Q 165 60.45 -15.45 -26.33
CA VAL Q 165 61.90 -15.59 -26.24
C VAL Q 165 62.50 -14.20 -26.14
N ASP Q 166 63.51 -14.05 -25.28
CA ASP Q 166 64.21 -12.79 -25.11
C ASP Q 166 65.70 -13.04 -25.03
N VAL Q 167 66.48 -12.07 -25.51
CA VAL Q 167 67.94 -12.14 -25.42
C VAL Q 167 68.43 -10.90 -24.70
N ASP Q 168 67.66 -9.81 -24.79
CA ASP Q 168 67.92 -8.53 -24.13
C ASP Q 168 69.40 -8.15 -24.12
N GLU Q 169 70.05 -8.38 -25.27
CA GLU Q 169 71.46 -8.05 -25.48
C GLU Q 169 72.38 -8.72 -24.43
N LYS Q 170 71.91 -9.80 -23.82
CA LYS Q 170 72.69 -10.50 -22.80
C LYS Q 170 72.74 -12.00 -22.97
N GLY Q 171 71.95 -12.57 -23.88
CA GLY Q 171 71.94 -14.01 -24.09
C GLY Q 171 71.05 -14.79 -23.15
N ALA Q 172 70.39 -14.13 -22.21
CA ALA Q 172 69.57 -14.80 -21.20
C ALA Q 172 68.12 -14.31 -21.30
N ILE Q 173 67.30 -14.78 -20.36
CA ILE Q 173 65.91 -14.36 -20.25
C ILE Q 173 65.74 -13.31 -19.17
N GLY Q 174 66.32 -13.53 -18.01
CA GLY Q 174 66.24 -12.59 -16.90
C GLY Q 174 65.18 -12.98 -15.89
N SER Q 175 65.41 -12.59 -14.64
CA SER Q 175 64.47 -12.88 -13.56
C SER Q 175 63.45 -11.75 -13.43
N SER Q 176 62.59 -11.83 -12.42
CA SER Q 176 61.52 -10.85 -12.26
C SER Q 176 62.03 -9.47 -11.89
N LYS Q 177 63.28 -9.33 -11.45
CA LYS Q 177 63.81 -8.04 -11.07
C LYS Q 177 64.10 -7.14 -12.27
N GLU Q 178 64.11 -7.67 -13.49
CA GLU Q 178 64.38 -6.87 -14.68
C GLU Q 178 63.20 -6.77 -15.63
N GLY Q 179 62.20 -7.65 -15.53
CA GLY Q 179 61.03 -7.55 -16.38
C GLY Q 179 60.61 -8.85 -17.02
N THR Q 180 61.56 -9.77 -17.21
CA THR Q 180 61.33 -11.08 -17.83
C THR Q 180 60.84 -10.91 -19.26
N ALA Q 181 59.62 -10.39 -19.42
CA ALA Q 181 58.99 -10.18 -20.72
C ALA Q 181 58.86 -11.48 -21.51
N GLN Q 182 58.76 -12.59 -20.79
CA GLN Q 182 58.58 -13.92 -21.38
C GLN Q 182 57.32 -14.51 -20.77
N MET Q 183 56.27 -14.64 -21.58
CA MET Q 183 54.95 -15.03 -21.11
C MET Q 183 54.54 -16.35 -21.74
N LEU Q 184 54.05 -17.27 -20.92
CA LEU Q 184 53.52 -18.56 -21.37
C LEU Q 184 52.00 -18.49 -21.34
N PHE Q 185 51.38 -18.42 -22.51
CA PHE Q 185 49.93 -18.41 -22.64
C PHE Q 185 49.49 -19.59 -23.50
N SER Q 186 48.49 -20.32 -23.01
CA SER Q 186 47.94 -21.49 -23.71
C SER Q 186 46.54 -21.12 -24.18
N ARG Q 187 46.35 -21.07 -25.50
CA ARG Q 187 45.08 -20.68 -26.09
C ARG Q 187 44.36 -21.92 -26.63
N GLU Q 188 43.07 -22.02 -26.32
CA GLU Q 188 42.28 -23.16 -26.75
C GLU Q 188 42.13 -23.16 -28.27
N TYR Q 189 42.29 -24.34 -28.86
CA TYR Q 189 42.27 -24.48 -30.32
C TYR Q 189 41.14 -25.44 -30.67
N ALA Q 190 40.25 -25.00 -31.55
CA ALA Q 190 38.99 -25.71 -31.79
C ALA Q 190 38.86 -26.11 -33.26
N THR Q 191 37.76 -26.79 -33.56
CA THR Q 191 37.46 -27.25 -34.91
C THR Q 191 35.98 -27.61 -34.97
N GLY Q 192 35.54 -28.13 -36.10
CA GLY Q 192 34.20 -28.64 -36.25
C GLY Q 192 33.55 -28.18 -37.55
N LEU Q 193 32.42 -28.82 -37.85
CA LEU Q 193 31.58 -28.45 -38.99
C LEU Q 193 30.54 -27.45 -38.47
N TYR Q 194 30.75 -26.18 -38.78
CA TYR Q 194 29.95 -25.10 -38.25
C TYR Q 194 28.84 -24.72 -39.22
N GLY Q 195 28.14 -23.62 -38.91
CA GLY Q 195 27.11 -23.11 -39.79
C GLY Q 195 27.15 -21.60 -39.89
N PHE Q 196 27.27 -21.09 -41.12
CA PHE Q 196 27.34 -19.66 -41.38
C PHE Q 196 26.02 -19.18 -41.93
N SER Q 197 25.47 -18.13 -41.33
CA SER Q 197 24.20 -17.56 -41.79
C SER Q 197 24.11 -16.13 -41.29
N ILE Q 198 24.18 -15.17 -42.20
CA ILE Q 198 23.99 -13.76 -41.88
C ILE Q 198 23.03 -13.16 -42.89
N VAL Q 199 22.14 -12.30 -42.42
CA VAL Q 199 21.17 -11.65 -43.29
C VAL Q 199 21.61 -10.21 -43.52
N LEU Q 200 21.40 -9.72 -44.74
CA LEU Q 200 21.74 -8.36 -45.13
C LEU Q 200 20.44 -7.65 -45.47
N ASP Q 201 19.81 -7.05 -44.47
CA ASP Q 201 18.59 -6.28 -44.70
C ASP Q 201 18.95 -4.96 -45.37
N LEU Q 202 19.41 -5.04 -46.61
CA LEU Q 202 19.98 -3.90 -47.31
C LEU Q 202 18.92 -3.01 -47.96
N GLY Q 203 17.63 -3.36 -47.85
CA GLY Q 203 16.59 -2.52 -48.40
C GLY Q 203 16.45 -1.19 -47.70
N LEU Q 204 17.06 -1.01 -46.54
CA LEU Q 204 17.03 0.25 -45.81
C LEU Q 204 18.32 1.05 -45.95
N VAL Q 205 19.20 0.66 -46.88
CA VAL Q 205 20.44 1.40 -47.10
C VAL Q 205 20.11 2.76 -47.66
N GLY Q 206 20.42 3.81 -46.90
CA GLY Q 206 20.06 5.16 -47.27
C GLY Q 206 18.67 5.59 -46.88
N ILE Q 207 17.90 4.72 -46.22
CA ILE Q 207 16.54 5.02 -45.77
C ILE Q 207 16.58 5.18 -44.26
N PRO Q 208 16.47 6.40 -43.73
CA PRO Q 208 16.40 6.57 -42.27
C PRO Q 208 15.10 6.00 -41.73
N GLN Q 209 15.17 5.50 -40.50
CA GLN Q 209 13.97 4.96 -39.86
C GLN Q 209 13.03 6.06 -39.39
N GLY Q 210 13.53 7.30 -39.24
CA GLY Q 210 12.67 8.39 -38.80
C GLY Q 210 11.54 8.66 -39.77
N LEU Q 211 11.85 8.73 -41.06
CA LEU Q 211 10.86 8.92 -42.12
C LEU Q 211 11.17 7.94 -43.26
N PRO Q 212 10.90 6.65 -43.04
CA PRO Q 212 11.29 5.64 -44.05
C PRO Q 212 10.61 5.84 -45.40
N VAL Q 213 9.37 6.31 -45.43
CA VAL Q 213 8.62 6.42 -46.68
C VAL Q 213 7.92 7.78 -46.72
N LYS Q 214 7.58 8.18 -47.94
CA LYS Q 214 6.85 9.42 -48.18
C LYS Q 214 5.66 9.13 -49.10
N PHE Q 215 4.61 9.95 -48.96
CA PHE Q 215 3.37 9.76 -49.71
C PHE Q 215 3.01 11.10 -50.37
N GLU Q 216 3.51 11.32 -51.59
CA GLU Q 216 3.17 12.53 -52.32
C GLU Q 216 1.81 12.42 -53.02
N GLU Q 217 1.45 11.24 -53.52
CA GLU Q 217 0.14 10.98 -54.08
C GLU Q 217 -0.46 9.72 -53.48
N ASN Q 218 -0.16 9.49 -52.20
CA ASN Q 218 -0.69 8.36 -51.43
C ASN Q 218 -0.22 7.01 -52.00
N GLN Q 219 1.10 6.87 -52.10
CA GLN Q 219 1.71 5.59 -52.44
C GLN Q 219 2.94 5.40 -51.58
N PRO Q 220 3.27 4.15 -51.25
CA PRO Q 220 4.50 3.89 -50.48
C PRO Q 220 5.72 3.85 -51.41
N ARG Q 221 6.78 4.53 -50.99
CA ARG Q 221 8.03 4.52 -51.74
C ARG Q 221 9.18 4.80 -50.76
N PRO Q 222 10.32 4.12 -50.91
CA PRO Q 222 11.42 4.35 -49.98
C PRO Q 222 11.93 5.78 -50.06
N ASN Q 223 12.34 6.31 -48.91
CA ASN Q 223 12.92 7.65 -48.83
C ASN Q 223 14.43 7.51 -49.02
N ILE Q 224 14.91 7.86 -50.21
CA ILE Q 224 16.31 7.74 -50.56
C ILE Q 224 16.93 9.13 -50.36
N VAL Q 225 17.50 9.35 -49.17
CA VAL Q 225 18.06 10.65 -48.84
C VAL Q 225 19.36 10.95 -49.59
N ILE Q 226 19.92 9.95 -50.28
CA ILE Q 226 21.16 10.11 -51.01
C ILE Q 226 20.87 9.95 -52.49
N ASP Q 227 21.84 10.34 -53.31
CA ASP Q 227 21.74 10.12 -54.74
C ASP Q 227 21.87 8.63 -55.08
N PRO Q 228 21.25 8.17 -56.18
CA PRO Q 228 21.11 6.73 -56.39
C PRO Q 228 22.41 5.95 -56.54
N ASN Q 229 23.42 6.50 -57.20
CA ASN Q 229 24.63 5.71 -57.44
C ASN Q 229 25.42 5.49 -56.14
N GLU Q 230 25.33 6.44 -55.20
CA GLU Q 230 25.92 6.21 -53.88
C GLU Q 230 25.27 5.02 -53.20
N ARG Q 231 23.93 4.93 -53.26
CA ARG Q 231 23.23 3.79 -52.67
C ARG Q 231 23.60 2.50 -53.38
N LYS Q 232 23.73 2.53 -54.71
CA LYS Q 232 24.12 1.33 -55.45
C LYS Q 232 25.52 0.88 -55.06
N ALA Q 233 26.45 1.83 -54.90
CA ALA Q 233 27.80 1.48 -54.48
C ALA Q 233 27.81 0.92 -53.07
N ARG Q 234 26.99 1.48 -52.18
CA ARG Q 234 26.90 0.95 -50.82
C ARG Q 234 26.36 -0.48 -50.82
N ILE Q 235 25.34 -0.74 -51.64
CA ILE Q 235 24.79 -2.08 -51.76
C ILE Q 235 25.85 -3.03 -52.30
N GLU Q 236 26.59 -2.59 -53.32
CA GLU Q 236 27.63 -3.43 -53.91
C GLU Q 236 28.71 -3.76 -52.89
N SER Q 237 29.13 -2.77 -52.09
CA SER Q 237 30.14 -3.01 -51.08
C SER Q 237 29.63 -3.94 -49.99
N ALA Q 238 28.37 -3.76 -49.57
CA ALA Q 238 27.81 -4.64 -48.56
C ALA Q 238 27.72 -6.08 -49.05
N LEU Q 239 27.32 -6.27 -50.32
CA LEU Q 239 27.30 -7.61 -50.88
C LEU Q 239 28.70 -8.20 -51.00
N LYS Q 240 29.67 -7.38 -51.42
CA LYS Q 240 31.05 -7.84 -51.50
C LYS Q 240 31.59 -8.22 -50.14
N ALA Q 241 31.08 -7.60 -49.07
CA ALA Q 241 31.50 -7.96 -47.72
C ALA Q 241 31.16 -9.41 -47.39
N LEU Q 242 30.22 -10.02 -48.12
CA LEU Q 242 29.97 -11.45 -47.94
C LEU Q 242 31.15 -12.30 -48.39
N ILE Q 243 31.93 -11.80 -49.35
CA ILE Q 243 33.02 -12.60 -49.91
C ILE Q 243 34.06 -12.97 -48.86
N PRO Q 244 34.61 -12.03 -48.07
CA PRO Q 244 35.59 -12.44 -47.05
C PRO Q 244 34.99 -13.29 -45.94
N MET Q 245 33.68 -13.16 -45.69
CA MET Q 245 33.03 -13.98 -44.66
C MET Q 245 33.00 -15.45 -45.04
N LEU Q 246 33.27 -15.79 -46.30
CA LEU Q 246 33.34 -17.18 -46.72
C LEU Q 246 34.71 -17.60 -47.23
N SER Q 247 35.51 -16.67 -47.78
CA SER Q 247 36.91 -16.97 -48.04
C SER Q 247 37.70 -17.02 -46.73
N GLY Q 248 37.33 -16.17 -45.78
CA GLY Q 248 37.84 -16.21 -44.43
C GLY Q 248 38.73 -15.05 -44.03
N TYR Q 249 38.11 -14.07 -43.38
CA TYR Q 249 38.81 -13.02 -42.64
C TYR Q 249 38.32 -12.93 -41.20
N ILE Q 250 37.32 -13.72 -40.83
CA ILE Q 250 36.74 -13.65 -39.50
C ILE Q 250 37.61 -14.43 -38.53
N GLY Q 251 37.40 -14.16 -37.25
CA GLY Q 251 38.09 -14.92 -36.23
C GLY Q 251 39.18 -14.11 -35.52
N ALA Q 252 39.40 -14.46 -34.26
CA ALA Q 252 40.35 -13.73 -33.43
C ALA Q 252 41.77 -14.16 -33.74
N ASN Q 253 42.69 -13.19 -33.66
CA ASN Q 253 44.11 -13.39 -33.96
C ASN Q 253 44.27 -14.03 -35.34
N LEU Q 254 43.63 -13.39 -36.33
CA LEU Q 254 43.68 -13.90 -37.70
C LEU Q 254 45.11 -13.97 -38.22
N ALA Q 255 45.98 -13.08 -37.72
CA ALA Q 255 47.38 -13.10 -38.15
C ALA Q 255 48.07 -14.40 -37.76
N ARG Q 256 47.77 -14.93 -36.56
CA ARG Q 256 48.39 -16.16 -36.10
C ARG Q 256 47.55 -17.40 -36.32
N SER Q 257 46.24 -17.25 -36.55
CA SER Q 257 45.39 -18.42 -36.75
C SER Q 257 45.09 -18.70 -38.22
N PHE Q 258 44.42 -17.77 -38.90
CA PHE Q 258 43.96 -17.93 -40.28
C PHE Q 258 43.47 -19.34 -40.55
N PRO Q 259 42.35 -19.77 -39.97
CA PRO Q 259 41.90 -21.15 -40.16
C PRO Q 259 41.58 -21.43 -41.62
N VAL Q 260 41.79 -22.68 -42.02
CA VAL Q 260 41.40 -23.09 -43.37
C VAL Q 260 39.89 -22.96 -43.50
N PHE Q 261 39.46 -22.10 -44.42
CA PHE Q 261 38.10 -21.59 -44.44
C PHE Q 261 37.43 -21.95 -45.76
N LYS Q 262 36.38 -22.77 -45.68
CA LYS Q 262 35.53 -23.03 -46.82
C LYS Q 262 34.17 -23.50 -46.31
N VAL Q 263 33.15 -23.33 -47.13
CA VAL Q 263 31.80 -23.77 -46.83
C VAL Q 263 31.56 -25.11 -47.53
N GLU Q 264 31.09 -26.09 -46.77
CA GLU Q 264 30.79 -27.39 -47.37
C GLU Q 264 29.63 -27.28 -48.36
N GLU Q 265 28.59 -26.53 -48.00
CA GLU Q 265 27.53 -26.21 -48.95
C GLU Q 265 26.82 -24.94 -48.50
N LEU Q 266 26.17 -24.29 -49.46
CA LEU Q 266 25.69 -22.93 -49.27
C LEU Q 266 24.37 -22.71 -50.01
N VAL Q 267 23.54 -21.84 -49.44
CA VAL Q 267 22.28 -21.41 -50.05
C VAL Q 267 22.18 -19.89 -49.91
N ALA Q 268 21.79 -19.23 -50.99
CA ALA Q 268 21.62 -17.78 -51.00
C ALA Q 268 20.30 -17.44 -51.67
N ILE Q 269 19.60 -16.45 -51.12
CA ILE Q 269 18.34 -15.98 -51.67
C ILE Q 269 18.33 -14.46 -51.70
N ALA Q 270 18.05 -13.90 -52.88
CA ALA Q 270 18.11 -12.45 -53.06
C ALA Q 270 16.96 -11.77 -52.34
N SER Q 271 15.73 -12.05 -52.76
CA SER Q 271 14.52 -11.66 -52.04
C SER Q 271 14.46 -10.14 -51.84
N GLU Q 272 14.28 -9.45 -52.97
CA GLU Q 272 14.15 -7.99 -52.93
C GLU Q 272 13.08 -7.54 -51.95
N GLY Q 273 11.95 -8.26 -51.90
CA GLY Q 273 10.90 -7.98 -50.95
C GLY Q 273 11.15 -8.64 -49.61
N PRO Q 274 10.45 -8.17 -48.57
CA PRO Q 274 10.60 -8.80 -47.25
C PRO Q 274 10.22 -10.27 -47.29
N ILE Q 275 11.00 -11.09 -46.59
CA ILE Q 275 10.80 -12.54 -46.58
C ILE Q 275 11.10 -13.07 -45.18
N PRO Q 276 10.76 -14.32 -44.87
CA PRO Q 276 11.22 -14.92 -43.62
C PRO Q 276 12.73 -15.12 -43.62
N ALA Q 277 13.29 -15.19 -42.41
CA ALA Q 277 14.72 -15.44 -42.27
C ALA Q 277 15.08 -16.82 -42.79
N LEU Q 278 16.18 -16.91 -43.52
CA LEU Q 278 16.66 -18.20 -44.00
C LEU Q 278 17.28 -18.97 -42.85
N VAL Q 279 16.95 -20.27 -42.75
CA VAL Q 279 17.32 -21.05 -41.58
C VAL Q 279 18.82 -21.26 -41.55
N HIS Q 280 19.42 -21.04 -40.37
CA HIS Q 280 20.86 -21.22 -40.20
C HIS Q 280 21.19 -22.71 -40.13
N GLY Q 281 22.33 -23.08 -40.71
CA GLY Q 281 22.73 -24.47 -40.74
C GLY Q 281 23.21 -24.99 -39.40
N PHE Q 282 22.34 -25.78 -38.74
CA PHE Q 282 22.67 -26.45 -37.49
C PHE Q 282 22.08 -27.85 -37.43
N TYR Q 283 21.22 -28.23 -38.37
CA TYR Q 283 20.22 -29.27 -38.20
C TYR Q 283 20.37 -30.33 -39.28
N GLU Q 284 19.39 -31.23 -39.36
CA GLU Q 284 19.37 -32.30 -40.35
C GLU Q 284 18.22 -32.19 -41.33
N ASP Q 285 17.03 -31.77 -40.87
CA ASP Q 285 15.85 -31.70 -41.72
C ASP Q 285 15.65 -30.31 -42.33
N TYR Q 286 16.66 -29.45 -42.28
CA TYR Q 286 16.52 -28.12 -42.84
C TYR Q 286 16.43 -28.16 -44.37
N ILE Q 287 16.87 -29.25 -45.00
CA ILE Q 287 16.73 -29.39 -46.45
C ILE Q 287 15.26 -29.36 -46.84
N GLU Q 288 14.43 -30.12 -46.13
CA GLU Q 288 13.01 -30.16 -46.43
C GLU Q 288 12.35 -28.81 -46.19
N ALA Q 289 12.72 -28.15 -45.08
CA ALA Q 289 12.15 -26.84 -44.77
C ALA Q 289 12.52 -25.81 -45.83
N ASN Q 290 13.79 -25.78 -46.24
CA ASN Q 290 14.23 -24.85 -47.27
C ASN Q 290 13.55 -25.15 -48.60
N ARG Q 291 13.45 -26.43 -48.96
CA ARG Q 291 12.79 -26.80 -50.20
C ARG Q 291 11.34 -26.33 -50.21
N SER Q 292 10.62 -26.58 -49.11
CA SER Q 292 9.22 -26.15 -49.03
C SER Q 292 9.12 -24.63 -49.09
N ILE Q 293 9.99 -23.92 -48.37
CA ILE Q 293 9.94 -22.46 -48.34
C ILE Q 293 10.15 -21.90 -49.74
N ILE Q 294 11.17 -22.41 -50.44
CA ILE Q 294 11.48 -21.88 -51.76
C ILE Q 294 10.38 -22.26 -52.75
N LYS Q 295 9.84 -23.47 -52.65
CA LYS Q 295 8.83 -23.92 -53.61
C LYS Q 295 7.47 -23.29 -53.38
N ASN Q 296 7.19 -22.77 -52.18
CA ASN Q 296 5.90 -22.17 -51.90
C ASN Q 296 5.94 -20.65 -51.71
N ALA Q 297 7.14 -20.05 -51.67
CA ALA Q 297 7.20 -18.60 -51.60
C ALA Q 297 6.80 -17.95 -52.91
N ARG Q 298 7.08 -18.60 -54.04
CA ARG Q 298 6.67 -18.08 -55.33
C ARG Q 298 5.16 -18.04 -55.48
N ALA Q 299 4.43 -18.87 -54.72
CA ALA Q 299 2.98 -18.79 -54.70
C ALA Q 299 2.48 -17.51 -54.05
N LEU Q 300 3.32 -16.84 -53.25
CA LEU Q 300 2.97 -15.59 -52.60
C LEU Q 300 3.37 -14.37 -53.41
N GLY Q 301 3.86 -14.57 -54.64
CA GLY Q 301 4.27 -13.46 -55.46
C GLY Q 301 5.66 -12.92 -55.16
N PHE Q 302 6.54 -13.76 -54.62
CA PHE Q 302 7.90 -13.36 -54.30
C PHE Q 302 8.83 -13.80 -55.42
N ASN Q 303 9.49 -12.84 -56.06
CA ASN Q 303 10.43 -13.13 -57.15
C ASN Q 303 11.83 -13.32 -56.57
N ILE Q 304 12.00 -14.45 -55.87
CA ILE Q 304 13.24 -14.78 -55.20
C ILE Q 304 14.06 -15.69 -56.09
N GLU Q 305 15.29 -15.29 -56.40
CA GLU Q 305 16.24 -16.11 -57.12
C GLU Q 305 17.17 -16.78 -56.11
N VAL Q 306 17.34 -18.10 -56.24
CA VAL Q 306 18.06 -18.91 -55.27
C VAL Q 306 19.34 -19.42 -55.91
N PHE Q 307 20.47 -19.21 -55.23
CA PHE Q 307 21.76 -19.72 -55.64
C PHE Q 307 22.17 -20.85 -54.71
N THR Q 308 22.52 -22.00 -55.28
CA THR Q 308 22.76 -23.22 -54.52
C THR Q 308 24.17 -23.72 -54.80
N TYR Q 309 24.89 -24.09 -53.75
CA TYR Q 309 26.26 -24.57 -53.85
C TYR Q 309 26.38 -25.88 -53.09
N ASN Q 310 26.71 -26.95 -53.81
CA ASN Q 310 26.90 -28.29 -53.24
C ASN Q 310 25.65 -28.83 -52.55
N VAL Q 311 24.48 -28.46 -53.06
CA VAL Q 311 23.21 -29.04 -52.62
C VAL Q 311 22.41 -29.40 -53.87
N ASP Q 312 21.89 -30.63 -53.91
CA ASP Q 312 21.07 -31.04 -55.05
C ASP Q 312 19.77 -30.23 -55.10
N LEU Q 313 19.12 -30.07 -53.95
CA LEU Q 313 17.84 -29.34 -53.85
C LEU Q 313 16.80 -29.90 -54.81
N GLY Q 314 16.80 -31.23 -54.98
CA GLY Q 314 15.85 -31.86 -55.86
C GLY Q 314 16.10 -31.50 -57.31
N GLU Q 315 15.03 -31.59 -58.11
CA GLU Q 315 15.09 -31.27 -59.53
C GLU Q 315 13.96 -30.41 -60.03
N ASP Q 316 12.93 -30.14 -59.23
CA ASP Q 316 11.80 -29.33 -59.68
C ASP Q 316 11.84 -27.89 -59.17
N ILE Q 317 12.55 -27.61 -58.08
CA ILE Q 317 12.81 -26.22 -57.69
C ILE Q 317 13.96 -25.68 -58.52
N GLU Q 318 13.71 -24.56 -59.20
CA GLU Q 318 14.75 -23.93 -60.00
C GLU Q 318 15.75 -23.23 -59.11
N ALA Q 319 17.04 -23.33 -59.47
CA ALA Q 319 18.10 -22.70 -58.71
C ALA Q 319 19.30 -22.52 -59.63
N THR Q 320 20.22 -21.65 -59.20
CA THR Q 320 21.44 -21.37 -59.93
C THR Q 320 22.59 -22.14 -59.30
N LYS Q 321 23.17 -23.08 -60.05
CA LYS Q 321 24.29 -23.87 -59.56
C LYS Q 321 25.54 -23.00 -59.52
N VAL Q 322 26.07 -22.78 -58.32
CA VAL Q 322 27.20 -21.89 -58.12
C VAL Q 322 28.32 -22.64 -57.42
N SER Q 323 29.53 -22.06 -57.49
CA SER Q 323 30.69 -22.68 -56.86
C SER Q 323 31.59 -21.67 -56.15
N SER Q 324 31.17 -20.42 -56.02
CA SER Q 324 31.97 -19.41 -55.33
C SER Q 324 31.02 -18.39 -54.70
N VAL Q 325 31.54 -17.23 -54.31
CA VAL Q 325 30.72 -16.23 -53.63
C VAL Q 325 30.78 -14.89 -54.36
N GLU Q 326 31.89 -14.62 -55.04
CA GLU Q 326 31.97 -13.38 -55.80
C GLU Q 326 31.13 -13.45 -57.08
N GLU Q 327 30.92 -14.66 -57.61
CA GLU Q 327 29.92 -14.82 -58.66
C GLU Q 327 28.53 -14.49 -58.13
N LEU Q 328 28.24 -14.88 -56.89
CA LEU Q 328 26.99 -14.49 -56.26
C LEU Q 328 26.88 -12.98 -56.15
N VAL Q 329 27.98 -12.32 -55.75
CA VAL Q 329 27.97 -10.87 -55.64
C VAL Q 329 27.72 -10.23 -57.01
N ALA Q 330 28.39 -10.76 -58.05
CA ALA Q 330 28.24 -10.22 -59.39
C ALA Q 330 26.81 -10.35 -59.89
N ASN Q 331 26.20 -11.52 -59.71
CA ASN Q 331 24.83 -11.69 -60.19
C ASN Q 331 23.81 -10.99 -59.29
N LEU Q 332 24.18 -10.66 -58.04
CA LEU Q 332 23.31 -9.85 -57.20
C LEU Q 332 23.37 -8.38 -57.61
N VAL Q 333 24.55 -7.90 -58.01
CA VAL Q 333 24.70 -6.48 -58.34
C VAL Q 333 24.40 -6.17 -59.81
N LYS Q 334 24.38 -7.17 -60.69
CA LYS Q 334 24.05 -6.90 -62.08
C LYS Q 334 22.57 -6.58 -62.29
N MET Q 335 21.72 -6.84 -61.30
CA MET Q 335 20.30 -6.53 -61.39
C MET Q 335 19.91 -5.28 -60.62
N VAL Q 336 20.69 -4.89 -59.61
CA VAL Q 336 20.38 -3.70 -58.83
C VAL Q 336 21.31 -2.55 -59.23
N MET R 1 50.28 -3.99 -51.63
CA MET R 1 49.62 -5.06 -52.36
C MET R 1 49.31 -6.26 -51.47
N TYR R 2 48.36 -7.09 -51.88
CA TYR R 2 47.94 -8.25 -51.13
C TYR R 2 48.26 -9.52 -51.90
N VAL R 3 48.96 -10.44 -51.24
CA VAL R 3 49.31 -11.71 -51.86
C VAL R 3 48.95 -12.85 -50.91
N ARG R 4 48.61 -14.00 -51.48
CA ARG R 4 48.19 -15.17 -50.70
C ARG R 4 48.87 -16.39 -51.31
N ILE R 5 49.68 -17.07 -50.52
CA ILE R 5 50.45 -18.22 -50.98
C ILE R 5 49.97 -19.43 -50.20
N SER R 6 49.34 -20.37 -50.90
CA SER R 6 48.93 -21.63 -50.30
C SER R 6 49.80 -22.76 -50.86
N GLY R 7 50.10 -23.74 -50.01
CA GLY R 7 50.99 -24.79 -50.42
C GLY R 7 50.86 -26.08 -49.63
N ARG R 8 50.97 -27.20 -50.34
CA ARG R 8 51.03 -28.53 -49.74
C ARG R 8 52.47 -29.01 -49.80
N ILE R 9 53.05 -29.28 -48.64
CA ILE R 9 54.44 -29.69 -48.50
C ILE R 9 54.50 -31.00 -47.73
N ARG R 10 55.34 -31.92 -48.20
CA ARG R 10 55.48 -33.24 -47.59
C ARG R 10 56.59 -33.19 -46.55
N LEU R 11 56.26 -33.58 -45.31
CA LEU R 11 57.17 -33.54 -44.19
C LEU R 11 57.36 -34.94 -43.61
N ASN R 12 58.54 -35.18 -43.05
CA ASN R 12 58.87 -36.46 -42.43
C ASN R 12 59.73 -36.23 -41.21
N ALA R 13 59.29 -36.76 -40.07
CA ALA R 13 60.07 -36.73 -38.82
C ALA R 13 60.44 -35.31 -38.42
N HIS R 14 59.42 -34.52 -38.11
CA HIS R 14 59.61 -33.14 -37.69
C HIS R 14 59.23 -32.99 -36.22
N SER R 15 60.13 -32.43 -35.43
CA SER R 15 59.86 -32.11 -34.02
C SER R 15 59.50 -30.63 -33.88
N LEU R 16 58.33 -30.26 -34.40
CA LEU R 16 57.94 -28.87 -34.52
C LEU R 16 56.77 -28.59 -33.60
N ASN R 17 56.90 -27.56 -32.75
CA ASN R 17 55.90 -27.19 -31.75
C ASN R 17 55.61 -28.36 -30.80
N ALA R 18 56.63 -28.71 -30.03
CA ALA R 18 56.54 -29.76 -29.01
C ALA R 18 56.87 -29.16 -27.65
N GLN R 19 55.99 -29.36 -26.68
CA GLN R 19 56.15 -28.78 -25.35
C GLN R 19 56.11 -29.80 -24.23
N GLY R 20 55.28 -30.83 -24.33
CA GLY R 20 55.13 -31.79 -23.26
C GLY R 20 54.30 -31.24 -22.11
N GLY R 21 54.03 -32.13 -21.15
CA GLY R 21 53.28 -31.74 -19.97
C GLY R 21 54.15 -31.33 -18.81
N GLY R 22 54.35 -30.02 -18.63
CA GLY R 22 55.21 -29.53 -17.58
C GLY R 22 56.67 -29.89 -17.77
N GLY R 23 57.27 -30.54 -16.78
CA GLY R 23 58.67 -30.91 -16.84
C GLY R 23 58.91 -32.37 -17.09
N THR R 24 57.95 -33.04 -17.74
CA THR R 24 58.08 -34.46 -18.02
C THR R 24 59.02 -34.69 -19.19
N ASN R 25 59.65 -35.87 -19.19
CA ASN R 25 60.60 -36.22 -20.26
C ASN R 25 59.90 -36.35 -21.60
N TYR R 26 58.75 -37.02 -21.63
CA TYR R 26 58.00 -37.14 -22.88
C TYR R 26 57.45 -35.78 -23.29
N ILE R 27 57.62 -35.46 -24.57
CA ILE R 27 57.22 -34.15 -25.09
C ILE R 27 56.28 -34.37 -26.26
N GLU R 28 55.04 -33.90 -26.13
CA GLU R 28 54.04 -34.09 -27.16
C GLU R 28 54.04 -32.91 -28.13
N ILE R 29 53.56 -33.16 -29.35
CA ILE R 29 53.83 -32.30 -30.49
C ILE R 29 52.59 -31.50 -30.88
N THR R 30 51.73 -31.22 -29.90
CA THR R 30 50.50 -30.44 -30.11
C THR R 30 49.59 -31.11 -31.13
N LYS R 31 49.23 -32.36 -30.87
CA LYS R 31 48.28 -33.07 -31.72
C LYS R 31 46.90 -32.48 -31.50
N THR R 32 46.39 -31.78 -32.52
CA THR R 32 45.11 -31.09 -32.41
C THR R 32 43.99 -31.90 -33.04
N LYS R 33 42.76 -31.56 -32.67
CA LYS R 33 41.59 -32.23 -33.20
C LYS R 33 41.22 -31.64 -34.55
N VAL R 34 41.03 -32.52 -35.55
CA VAL R 34 40.63 -32.09 -36.88
C VAL R 34 39.45 -32.95 -37.32
N THR R 35 38.69 -32.41 -38.27
CA THR R 35 37.47 -33.04 -38.75
C THR R 35 37.68 -33.55 -40.18
N VAL R 36 37.25 -34.79 -40.43
CA VAL R 36 37.34 -35.39 -41.76
C VAL R 36 35.98 -35.97 -42.13
N ARG R 37 35.77 -36.10 -43.43
CA ARG R 37 34.48 -36.57 -43.97
C ARG R 37 34.42 -38.09 -44.02
N THR R 38 35.36 -38.71 -44.71
CA THR R 38 35.44 -40.18 -44.88
C THR R 38 34.11 -40.64 -45.48
N GLU R 39 33.59 -41.80 -45.07
CA GLU R 39 32.33 -42.31 -45.58
C GLU R 39 31.30 -42.61 -44.49
N ASN R 40 31.72 -42.78 -43.25
CA ASN R 40 30.81 -43.06 -42.15
C ASN R 40 30.31 -41.81 -41.45
N GLY R 41 30.71 -40.63 -41.93
CA GLY R 41 30.32 -39.37 -41.32
C GLY R 41 31.52 -38.57 -40.86
N TRP R 42 31.22 -37.32 -40.51
CA TRP R 42 32.26 -36.40 -40.05
C TRP R 42 32.83 -36.89 -38.72
N THR R 43 34.12 -37.24 -38.72
CA THR R 43 34.79 -37.75 -37.54
C THR R 43 35.94 -36.84 -37.15
N VAL R 44 36.16 -36.72 -35.83
CA VAL R 44 37.23 -35.92 -35.28
C VAL R 44 38.38 -36.84 -34.88
N VAL R 45 39.57 -36.52 -35.37
CA VAL R 45 40.77 -37.30 -35.08
C VAL R 45 41.84 -36.37 -34.54
N GLU R 46 42.61 -36.86 -33.57
CA GLU R 46 43.72 -36.11 -32.98
C GLU R 46 44.96 -36.36 -33.82
N VAL R 47 45.33 -35.38 -34.64
CA VAL R 47 46.45 -35.52 -35.57
C VAL R 47 47.46 -34.44 -35.24
N PRO R 48 48.76 -34.72 -35.31
CA PRO R 48 49.75 -33.67 -35.01
C PRO R 48 49.69 -32.54 -36.03
N ALA R 49 49.99 -31.34 -35.54
CA ALA R 49 49.89 -30.13 -36.35
C ALA R 49 50.92 -29.11 -35.87
N ILE R 50 51.13 -28.09 -36.70
CA ILE R 50 52.07 -27.01 -36.43
C ILE R 50 51.28 -25.72 -36.37
N THR R 51 51.42 -24.99 -35.27
CA THR R 51 50.61 -23.81 -35.04
C THR R 51 51.02 -22.67 -35.98
N GLY R 52 50.07 -21.75 -36.21
CA GLY R 52 50.34 -20.59 -37.03
C GLY R 52 51.24 -19.57 -36.37
N ASN R 53 51.32 -19.60 -35.03
CA ASN R 53 52.30 -18.77 -34.34
C ASN R 53 53.72 -19.14 -34.76
N MET R 54 53.99 -20.44 -34.88
CA MET R 54 55.28 -20.90 -35.36
C MET R 54 55.56 -20.37 -36.76
N LEU R 55 54.57 -20.49 -37.65
CA LEU R 55 54.75 -20.07 -39.04
C LEU R 55 55.00 -18.56 -39.13
N LYS R 56 54.24 -17.78 -38.37
CA LYS R 56 54.43 -16.33 -38.42
C LYS R 56 55.73 -15.90 -37.77
N HIS R 57 56.16 -16.57 -36.70
CA HIS R 57 57.45 -16.25 -36.10
C HIS R 57 58.59 -16.55 -37.07
N TRP R 58 58.49 -17.65 -37.82
CA TRP R 58 59.54 -17.94 -38.79
C TRP R 58 59.48 -17.01 -39.98
N HIS R 59 58.27 -16.54 -40.35
CA HIS R 59 58.17 -15.50 -41.36
C HIS R 59 58.85 -14.22 -40.87
N PHE R 60 58.67 -13.90 -39.59
CA PHE R 60 59.42 -12.81 -38.96
C PHE R 60 60.93 -13.03 -39.08
N VAL R 61 61.40 -14.25 -38.80
CA VAL R 61 62.83 -14.53 -38.86
C VAL R 61 63.34 -14.31 -40.28
N GLY R 62 62.60 -14.81 -41.28
CA GLY R 62 63.00 -14.59 -42.65
C GLY R 62 63.00 -13.12 -43.04
N PHE R 63 61.99 -12.38 -42.59
CA PHE R 63 61.91 -10.96 -42.89
C PHE R 63 63.08 -10.20 -42.30
N VAL R 64 63.45 -10.49 -41.05
CA VAL R 64 64.56 -9.79 -40.43
C VAL R 64 65.90 -10.26 -40.97
N ASP R 65 65.97 -11.48 -41.52
CA ASP R 65 67.21 -11.92 -42.17
C ASP R 65 67.39 -11.23 -43.52
N TYR R 66 66.31 -11.06 -44.27
CA TYR R 66 66.38 -10.44 -45.59
C TYR R 66 66.22 -8.92 -45.55
N PHE R 67 65.98 -8.34 -44.36
CA PHE R 67 65.86 -6.90 -44.25
C PHE R 67 67.18 -6.22 -43.93
N LYS R 68 68.11 -6.94 -43.28
CA LYS R 68 69.42 -6.37 -42.99
C LYS R 68 70.20 -6.07 -44.27
N THR R 69 70.11 -6.96 -45.26
CA THR R 69 70.81 -6.74 -46.52
C THR R 69 70.28 -5.55 -47.29
N THR R 70 69.03 -5.15 -47.04
CA THR R 70 68.48 -3.98 -47.69
C THR R 70 69.22 -2.73 -47.22
N PRO R 71 69.37 -1.72 -48.09
CA PRO R 71 70.05 -0.49 -47.65
C PRO R 71 69.35 0.21 -46.50
N TYR R 72 68.03 0.05 -46.37
CA TYR R 72 67.26 0.71 -45.33
C TYR R 72 66.94 -0.21 -44.16
N GLY R 73 67.82 -1.18 -43.88
CA GLY R 73 67.63 -2.10 -42.78
C GLY R 73 67.98 -1.55 -41.42
N VAL R 74 68.49 -0.31 -41.36
CA VAL R 74 68.80 0.32 -40.08
C VAL R 74 67.52 0.51 -39.26
N ASN R 75 66.44 0.91 -39.92
CA ASN R 75 65.17 1.14 -39.24
C ASN R 75 64.51 -0.17 -38.85
N LEU R 76 65.16 -0.93 -37.96
CA LEU R 76 64.62 -2.19 -37.48
C LEU R 76 64.84 -2.27 -35.97
N THR R 77 63.91 -2.93 -35.29
CA THR R 77 63.97 -3.02 -33.84
C THR R 77 65.16 -3.87 -33.40
N GLU R 78 65.69 -3.56 -32.22
CA GLU R 78 66.74 -4.39 -31.64
C GLU R 78 66.27 -5.80 -31.37
N ARG R 79 64.99 -5.95 -31.00
CA ARG R 79 64.45 -7.29 -30.78
C ARG R 79 64.42 -8.10 -32.07
N ALA R 80 64.21 -7.44 -33.21
CA ALA R 80 64.23 -8.15 -34.49
C ALA R 80 65.61 -8.72 -34.78
N LEU R 81 66.66 -7.96 -34.45
CA LEU R 81 68.01 -8.44 -34.71
C LEU R 81 68.35 -9.68 -33.89
N ARG R 82 67.90 -9.72 -32.63
CA ARG R 82 68.17 -10.85 -31.74
C ARG R 82 67.18 -11.98 -31.91
N TYR R 83 66.48 -12.06 -33.05
CA TYR R 83 65.50 -13.10 -33.33
C TYR R 83 64.38 -13.12 -32.30
N ASN R 84 64.07 -11.94 -31.72
CA ASN R 84 63.04 -11.81 -30.71
C ASN R 84 61.81 -11.20 -31.36
N GLY R 85 60.72 -11.97 -31.39
CA GLY R 85 59.47 -11.48 -31.94
C GLY R 85 58.65 -10.69 -30.94
N THR R 86 58.91 -10.91 -29.65
CA THR R 86 58.17 -10.23 -28.59
C THR R 86 58.40 -8.73 -28.64
N ARG R 87 57.35 -7.98 -28.95
CA ARG R 87 57.42 -6.52 -29.08
C ARG R 87 56.65 -5.89 -27.93
N PHE R 88 57.34 -5.08 -27.13
CA PHE R 88 56.72 -4.32 -26.03
C PHE R 88 56.00 -5.25 -25.06
N GLY R 89 56.81 -6.07 -24.40
CA GLY R 89 56.33 -7.06 -23.45
C GLY R 89 55.85 -6.45 -22.15
N GLN R 90 56.04 -7.21 -21.07
CA GLN R 90 55.57 -6.81 -19.74
C GLN R 90 56.21 -5.51 -19.29
N GLY R 91 55.40 -4.47 -19.15
CA GLY R 91 55.88 -3.19 -18.60
C GLY R 91 56.58 -2.25 -19.55
N GLU R 92 56.89 -2.70 -20.76
CA GLU R 92 57.61 -1.88 -21.72
C GLU R 92 56.83 -0.64 -22.12
N THR R 93 57.39 0.54 -21.85
CA THR R 93 56.78 1.80 -22.26
C THR R 93 57.52 2.40 -23.46
N THR R 94 58.84 2.45 -23.39
CA THR R 94 59.66 2.93 -24.50
C THR R 94 59.99 1.76 -25.43
N ALA R 95 60.86 2.00 -26.40
CA ALA R 95 61.23 0.98 -27.37
C ALA R 95 62.74 0.98 -27.55
N THR R 96 63.29 -0.17 -27.92
CA THR R 96 64.70 -0.32 -28.21
C THR R 96 64.91 -0.34 -29.72
N LYS R 97 66.05 0.18 -30.15
CA LYS R 97 66.36 0.33 -31.56
C LYS R 97 67.73 -0.27 -31.86
N ALA R 98 67.92 -0.67 -33.11
CA ALA R 98 69.19 -1.26 -33.52
C ALA R 98 70.33 -0.25 -33.38
N ASN R 99 70.09 1.01 -33.76
CA ASN R 99 71.13 2.02 -33.64
C ASN R 99 71.48 2.33 -32.20
N GLY R 100 70.55 2.12 -31.27
CA GLY R 100 70.77 2.35 -29.85
C GLY R 100 69.87 3.41 -29.26
N ALA R 101 69.48 4.40 -30.06
CA ALA R 101 68.65 5.49 -29.57
C ALA R 101 67.21 5.02 -29.40
N THR R 102 66.67 5.18 -28.19
CA THR R 102 65.31 4.77 -27.91
C THR R 102 64.32 5.73 -28.56
N VAL R 103 63.11 5.23 -28.80
CA VAL R 103 62.03 6.01 -29.39
C VAL R 103 60.80 5.90 -28.51
N GLN R 104 60.14 7.04 -28.28
CA GLN R 104 58.96 7.08 -27.45
C GLN R 104 57.72 6.67 -28.24
N LEU R 105 56.81 5.98 -27.57
CA LEU R 105 55.58 5.50 -28.21
C LEU R 105 54.44 6.50 -28.01
N ASN R 106 54.69 7.73 -28.48
CA ASN R 106 53.68 8.78 -28.37
C ASN R 106 52.54 8.56 -29.35
N ASP R 107 52.82 7.94 -30.49
CA ASP R 107 51.80 7.66 -31.50
C ASP R 107 52.28 6.50 -32.35
N GLU R 108 51.58 6.25 -33.46
CA GLU R 108 51.94 5.18 -34.39
C GLU R 108 52.78 5.67 -35.56
N ALA R 109 52.78 6.97 -35.85
CA ALA R 109 53.52 7.47 -36.99
C ALA R 109 55.02 7.18 -36.84
N THR R 110 55.56 7.47 -35.66
CA THR R 110 56.99 7.22 -35.43
C THR R 110 57.28 5.73 -35.34
N ILE R 111 56.37 4.95 -34.76
CA ILE R 111 56.59 3.52 -34.62
C ILE R 111 56.48 2.81 -35.97
N ILE R 112 55.88 3.45 -36.96
CA ILE R 112 55.83 2.88 -38.30
C ILE R 112 57.00 3.38 -39.15
N LYS R 113 57.33 4.67 -39.05
CA LYS R 113 58.41 5.24 -39.85
C LYS R 113 59.79 4.84 -39.35
N GLU R 114 59.91 4.39 -38.10
CA GLU R 114 61.19 4.00 -37.53
C GLU R 114 61.32 2.51 -37.26
N LEU R 115 60.22 1.84 -36.93
CA LEU R 115 60.24 0.43 -36.57
C LEU R 115 59.54 -0.35 -37.69
N ALA R 116 60.33 -0.88 -38.62
CA ALA R 116 59.76 -1.67 -39.71
C ALA R 116 59.11 -2.94 -39.19
N ASP R 117 59.66 -3.51 -38.12
CA ASP R 117 59.05 -4.67 -37.49
C ASP R 117 57.63 -4.38 -37.03
N ALA R 118 57.43 -3.25 -36.35
CA ALA R 118 56.10 -2.88 -35.89
C ALA R 118 55.12 -2.76 -37.05
N ASP R 119 55.59 -2.27 -38.20
CA ASP R 119 54.73 -2.14 -39.37
C ASP R 119 54.39 -3.50 -39.95
N VAL R 120 55.40 -4.35 -40.16
CA VAL R 120 55.17 -5.59 -40.90
C VAL R 120 54.42 -6.62 -40.06
N HIS R 121 54.76 -6.74 -38.77
CA HIS R 121 54.25 -7.83 -37.95
C HIS R 121 53.43 -7.33 -36.76
N GLY R 122 53.00 -6.07 -36.78
CA GLY R 122 52.20 -5.53 -35.70
C GLY R 122 52.99 -5.42 -34.41
N PHE R 123 52.28 -5.05 -33.35
CA PHE R 123 52.87 -4.90 -32.03
C PHE R 123 51.76 -4.72 -31.02
N LEU R 124 52.14 -4.72 -29.74
CA LEU R 124 51.20 -4.47 -28.65
C LEU R 124 51.98 -3.91 -27.48
N ALA R 125 51.64 -2.69 -27.07
CA ALA R 125 52.27 -2.08 -25.90
C ALA R 125 51.23 -1.94 -24.79
N PRO R 126 51.26 -2.81 -23.78
CA PRO R 126 50.24 -2.77 -22.72
C PRO R 126 50.17 -1.43 -22.00
N LYS R 127 51.32 -0.80 -21.76
CA LYS R 127 51.35 0.44 -21.00
C LYS R 127 50.77 1.60 -21.79
N THR R 128 51.40 1.93 -22.93
CA THR R 128 50.93 3.04 -23.74
C THR R 128 49.64 2.74 -24.48
N GLY R 129 49.23 1.48 -24.56
CA GLY R 129 47.99 1.12 -25.21
C GLY R 129 48.04 1.08 -26.72
N ARG R 130 49.22 1.20 -27.33
CA ARG R 130 49.32 1.19 -28.78
C ARG R 130 49.04 -0.22 -29.30
N ARG R 131 48.12 -0.32 -30.27
CA ARG R 131 47.67 -1.60 -30.78
C ARG R 131 47.70 -1.59 -32.31
N ARG R 132 48.19 -2.69 -32.89
CA ARG R 132 48.24 -2.82 -34.34
C ARG R 132 48.20 -4.30 -34.70
N VAL R 133 47.33 -4.65 -35.64
CA VAL R 133 47.22 -6.03 -36.10
C VAL R 133 48.31 -6.33 -37.12
N SER R 134 48.90 -7.51 -37.03
CA SER R 134 49.95 -7.90 -37.96
C SER R 134 49.39 -8.09 -39.36
N LEU R 135 50.23 -7.82 -40.36
CA LEU R 135 49.87 -7.98 -41.76
C LEU R 135 50.22 -9.36 -42.30
N VAL R 136 50.79 -10.24 -41.47
CA VAL R 136 51.16 -11.58 -41.87
C VAL R 136 50.15 -12.54 -41.26
N LYS R 137 49.14 -12.93 -42.03
CA LYS R 137 48.15 -13.89 -41.58
C LYS R 137 48.68 -15.29 -41.83
N ALA R 138 49.09 -15.97 -40.77
CA ALA R 138 49.70 -17.29 -40.88
C ALA R 138 48.65 -18.35 -40.58
N SER R 139 48.44 -19.25 -41.53
CA SER R 139 47.53 -20.37 -41.33
C SER R 139 48.23 -21.47 -40.55
N PHE R 140 47.53 -22.57 -40.34
CA PHE R 140 48.08 -23.70 -39.61
C PHE R 140 48.68 -24.72 -40.56
N ILE R 141 49.12 -25.84 -40.00
CA ILE R 141 49.83 -26.89 -40.72
C ILE R 141 49.16 -28.20 -40.36
N LEU R 142 48.33 -28.72 -41.27
CA LEU R 142 47.54 -29.91 -41.02
C LEU R 142 47.72 -30.91 -42.15
N PRO R 143 47.59 -32.20 -41.87
CA PRO R 143 47.61 -33.20 -42.94
C PRO R 143 46.33 -33.14 -43.77
N THR R 144 46.43 -33.68 -44.99
CA THR R 144 45.29 -33.72 -45.88
C THR R 144 44.21 -34.65 -45.32
N GLU R 145 42.95 -34.29 -45.54
CA GLU R 145 41.85 -35.14 -45.10
C GLU R 145 41.90 -36.50 -45.77
N ASP R 146 42.19 -36.52 -47.07
CA ASP R 146 42.37 -37.80 -47.77
C ASP R 146 43.55 -38.58 -47.18
N PHE R 147 44.65 -37.88 -46.90
CA PHE R 147 45.82 -38.52 -46.31
C PHE R 147 45.48 -39.11 -44.94
N ILE R 148 44.74 -38.35 -44.12
CA ILE R 148 44.37 -38.84 -42.80
C ILE R 148 43.45 -40.05 -42.91
N LYS R 149 42.47 -39.99 -43.80
CA LYS R 149 41.51 -41.08 -43.93
C LYS R 149 42.13 -42.32 -44.57
N GLU R 150 43.21 -42.18 -45.33
CA GLU R 150 43.86 -43.33 -45.94
C GLU R 150 45.04 -43.85 -45.15
N VAL R 151 45.55 -43.08 -44.17
CA VAL R 151 46.65 -43.54 -43.34
C VAL R 151 46.17 -44.30 -42.10
N GLU R 152 44.86 -44.52 -41.97
CA GLU R 152 44.22 -45.16 -40.82
C GLU R 152 44.56 -44.48 -39.50
N GLY R 153 45.08 -43.25 -39.54
CA GLY R 153 45.34 -42.48 -38.34
C GLY R 153 46.61 -42.85 -37.62
N GLU R 154 46.58 -43.97 -36.88
CA GLU R 154 47.68 -44.50 -36.08
C GLU R 154 48.43 -43.40 -35.33
N ARG R 155 47.71 -42.35 -34.94
CA ARG R 155 48.21 -41.22 -34.16
C ARG R 155 49.22 -40.38 -34.92
N LEU R 156 49.64 -40.86 -36.09
CA LEU R 156 50.63 -40.19 -36.95
C LEU R 156 51.84 -39.70 -36.13
N ILE R 157 52.17 -40.42 -35.06
CA ILE R 157 53.21 -39.99 -34.13
C ILE R 157 53.96 -41.22 -33.63
N THR R 158 55.29 -41.11 -33.58
CA THR R 158 56.14 -42.13 -32.98
C THR R 158 57.09 -41.48 -31.98
N ALA R 159 57.43 -42.23 -30.93
CA ALA R 159 58.28 -41.73 -29.85
C ALA R 159 59.72 -42.18 -30.10
N ILE R 160 60.65 -41.23 -30.07
CA ILE R 160 62.07 -41.50 -30.25
C ILE R 160 62.83 -40.92 -29.06
N LYS R 161 63.61 -41.76 -28.39
CA LYS R 161 64.34 -41.33 -27.21
C LYS R 161 65.67 -40.72 -27.60
N HIS R 162 66.08 -39.69 -26.86
CA HIS R 162 67.35 -39.01 -27.07
C HIS R 162 68.13 -39.02 -25.77
N ASN R 163 69.40 -39.42 -25.85
CA ASN R 163 70.27 -39.49 -24.69
C ASN R 163 70.97 -38.14 -24.49
N ARG R 164 71.93 -38.08 -23.58
CA ARG R 164 72.70 -36.86 -23.34
C ARG R 164 74.18 -37.18 -23.17
N THR R 180 77.02 -35.65 -12.78
CA THR R 180 76.41 -36.63 -13.68
C THR R 180 76.04 -36.00 -15.02
N ALA R 181 74.98 -35.19 -15.02
CA ALA R 181 74.49 -34.51 -16.22
C ALA R 181 74.21 -35.51 -17.34
N GLN R 182 73.62 -36.65 -16.99
CA GLN R 182 73.27 -37.71 -17.93
C GLN R 182 71.78 -37.99 -17.76
N MET R 183 70.97 -37.58 -18.74
CA MET R 183 69.53 -37.75 -18.68
C MET R 183 69.00 -38.22 -20.02
N LEU R 184 67.84 -38.87 -20.00
CA LEU R 184 67.18 -39.38 -21.19
C LEU R 184 65.86 -38.66 -21.38
N PHE R 185 65.64 -38.15 -22.59
CA PHE R 185 64.38 -37.51 -22.94
C PHE R 185 63.93 -38.00 -24.31
N SER R 186 62.62 -38.04 -24.50
CA SER R 186 62.02 -38.56 -25.73
C SER R 186 61.19 -37.48 -26.40
N ARG R 187 61.03 -37.61 -27.71
CA ARG R 187 60.32 -36.63 -28.52
C ARG R 187 59.35 -37.35 -29.45
N GLU R 188 58.30 -36.63 -29.85
CA GLU R 188 57.28 -37.16 -30.73
C GLU R 188 57.54 -36.69 -32.16
N TYR R 189 57.48 -37.63 -33.10
CA TYR R 189 57.85 -37.38 -34.49
C TYR R 189 56.69 -37.75 -35.39
N ALA R 190 56.45 -36.92 -36.40
CA ALA R 190 55.29 -37.08 -37.27
C ALA R 190 55.70 -36.84 -38.72
N THR R 191 54.74 -36.97 -39.63
CA THR R 191 54.97 -36.84 -41.06
C THR R 191 53.65 -36.53 -41.74
N GLY R 192 53.68 -36.45 -43.07
CA GLY R 192 52.49 -36.31 -43.87
C GLY R 192 52.57 -35.15 -44.84
N LEU R 193 51.54 -35.05 -45.68
CA LEU R 193 51.42 -33.95 -46.63
C LEU R 193 50.68 -32.82 -45.93
N TYR R 194 51.43 -31.95 -45.27
CA TYR R 194 50.84 -30.83 -44.56
C TYR R 194 50.55 -29.70 -45.54
N GLY R 195 49.83 -28.68 -45.05
CA GLY R 195 49.47 -27.56 -45.89
C GLY R 195 49.51 -26.26 -45.11
N PHE R 196 49.65 -25.16 -45.86
CA PHE R 196 49.70 -23.83 -45.28
C PHE R 196 49.08 -22.84 -46.25
N SER R 197 48.69 -21.69 -45.73
CA SER R 197 48.21 -20.58 -46.55
C SER R 197 48.61 -19.28 -45.85
N ILE R 198 49.74 -18.73 -46.27
CA ILE R 198 50.28 -17.50 -45.69
C ILE R 198 49.76 -16.32 -46.48
N VAL R 199 49.23 -15.31 -45.79
CA VAL R 199 48.63 -14.15 -46.41
C VAL R 199 49.47 -12.94 -46.03
N LEU R 200 49.95 -12.22 -47.03
CA LEU R 200 50.66 -10.96 -46.83
C LEU R 200 49.74 -9.85 -47.31
N ASP R 201 49.05 -9.22 -46.36
CA ASP R 201 48.20 -8.07 -46.65
C ASP R 201 49.02 -6.77 -46.50
N LEU R 202 50.03 -6.66 -47.33
CA LEU R 202 51.01 -5.58 -47.23
C LEU R 202 50.62 -4.38 -48.09
N GLY R 203 49.38 -3.92 -47.93
CA GLY R 203 48.91 -2.77 -48.66
C GLY R 203 48.87 -1.51 -47.82
N LEU R 204 49.15 -1.66 -46.53
CA LEU R 204 49.15 -0.52 -45.60
C LEU R 204 50.49 -0.38 -44.88
N VAL R 205 51.56 -0.95 -45.43
CA VAL R 205 52.88 -0.74 -44.88
C VAL R 205 53.27 0.73 -45.03
N GLY R 206 53.93 1.27 -44.02
CA GLY R 206 54.21 2.69 -44.01
C GLY R 206 52.99 3.55 -43.72
N ILE R 207 51.88 2.93 -43.29
CA ILE R 207 50.64 3.65 -43.05
C ILE R 207 50.20 3.37 -41.61
N PRO R 208 50.24 4.37 -40.72
CA PRO R 208 49.73 4.14 -39.36
C PRO R 208 48.23 3.86 -39.38
N GLN R 209 47.80 3.01 -38.44
CA GLN R 209 46.37 2.68 -38.36
C GLN R 209 45.54 3.89 -37.98
N GLY R 210 46.09 4.81 -37.17
CA GLY R 210 45.32 5.96 -36.75
C GLY R 210 44.89 6.87 -37.88
N LEU R 211 45.78 7.06 -38.86
CA LEU R 211 45.51 7.92 -40.01
C LEU R 211 45.80 7.14 -41.29
N PRO R 212 44.88 6.25 -41.68
CA PRO R 212 45.11 5.47 -42.91
C PRO R 212 45.07 6.33 -44.16
N VAL R 213 44.04 7.17 -44.29
CA VAL R 213 43.90 8.09 -45.42
C VAL R 213 43.71 9.49 -44.87
N LYS R 214 44.58 10.42 -45.29
CA LYS R 214 44.50 11.78 -44.79
C LYS R 214 43.38 12.57 -45.46
N PHE R 215 43.08 12.29 -46.73
CA PHE R 215 42.08 13.01 -47.50
C PHE R 215 42.38 14.51 -47.54
N GLU R 216 43.58 14.83 -48.02
CA GLU R 216 44.02 16.21 -48.03
C GLU R 216 43.27 17.05 -49.07
N GLU R 217 42.79 16.43 -50.15
CA GLU R 217 42.09 17.16 -51.20
C GLU R 217 40.86 16.40 -51.67
N ASN R 218 40.22 15.66 -50.76
CA ASN R 218 38.99 14.91 -51.03
C ASN R 218 39.22 13.83 -52.08
N GLN R 219 40.18 12.96 -51.79
CA GLN R 219 40.49 11.82 -52.64
C GLN R 219 41.26 10.77 -51.84
N PRO R 220 40.81 9.52 -51.84
CA PRO R 220 41.51 8.49 -51.05
C PRO R 220 42.86 8.15 -51.65
N ARG R 221 43.88 8.09 -50.80
CA ARG R 221 45.22 7.73 -51.22
C ARG R 221 45.99 7.24 -50.00
N PRO R 222 46.91 6.29 -50.18
CA PRO R 222 47.67 5.78 -49.02
C PRO R 222 48.54 6.86 -48.40
N ASN R 223 48.68 6.79 -47.07
CA ASN R 223 49.52 7.73 -46.32
C ASN R 223 50.82 7.02 -45.96
N ILE R 224 51.75 7.00 -46.92
CA ILE R 224 53.04 6.35 -46.72
C ILE R 224 53.90 7.30 -45.90
N VAL R 225 54.08 6.99 -44.61
CA VAL R 225 54.89 7.83 -43.74
C VAL R 225 56.35 7.82 -44.14
N ILE R 226 56.79 6.78 -44.84
CA ILE R 226 58.17 6.66 -45.27
C ILE R 226 58.26 6.97 -46.75
N ASP R 227 59.48 7.14 -47.25
CA ASP R 227 59.67 7.35 -48.68
C ASP R 227 59.35 6.05 -49.42
N PRO R 228 58.98 6.15 -50.71
CA PRO R 228 58.61 4.93 -51.46
C PRO R 228 59.71 3.89 -51.51
N ASN R 229 60.97 4.30 -51.47
CA ASN R 229 62.07 3.32 -51.53
C ASN R 229 62.04 2.39 -50.32
N GLU R 230 61.83 2.94 -49.12
CA GLU R 230 61.78 2.09 -47.93
C GLU R 230 60.57 1.17 -47.96
N ARG R 231 59.43 1.66 -48.45
CA ARG R 231 58.26 0.80 -48.58
C ARG R 231 58.53 -0.35 -49.55
N LYS R 232 59.15 -0.04 -50.69
CA LYS R 232 59.47 -1.09 -51.66
C LYS R 232 60.46 -2.10 -51.08
N ALA R 233 61.47 -1.61 -50.35
CA ALA R 233 62.43 -2.52 -49.74
C ALA R 233 61.76 -3.42 -48.70
N ARG R 234 60.86 -2.86 -47.91
CA ARG R 234 60.14 -3.65 -46.92
C ARG R 234 59.27 -4.71 -47.59
N ILE R 235 58.60 -4.34 -48.69
CA ILE R 235 57.84 -5.33 -49.45
C ILE R 235 58.75 -6.43 -49.97
N GLU R 236 59.90 -6.05 -50.53
CA GLU R 236 60.81 -7.05 -51.07
C GLU R 236 61.27 -8.02 -49.98
N SER R 237 61.64 -7.49 -48.82
CA SER R 237 62.10 -8.34 -47.73
C SER R 237 60.99 -9.25 -47.23
N ALA R 238 59.78 -8.70 -47.04
CA ALA R 238 58.69 -9.49 -46.49
C ALA R 238 58.28 -10.60 -47.46
N LEU R 239 58.22 -10.30 -48.75
CA LEU R 239 57.89 -11.33 -49.73
C LEU R 239 58.99 -12.37 -49.87
N LYS R 240 60.26 -11.93 -49.85
CA LYS R 240 61.36 -12.90 -49.91
C LYS R 240 61.42 -13.76 -48.65
N ALA R 241 60.82 -13.30 -47.55
CA ALA R 241 60.75 -14.12 -46.35
C ALA R 241 59.96 -15.41 -46.57
N LEU R 242 59.20 -15.50 -47.64
CA LEU R 242 58.53 -16.76 -47.99
C LEU R 242 59.52 -17.83 -48.44
N ILE R 243 60.72 -17.44 -48.85
CA ILE R 243 61.71 -18.42 -49.31
C ILE R 243 62.15 -19.37 -48.21
N PRO R 244 62.49 -18.92 -47.00
CA PRO R 244 62.81 -19.88 -45.94
C PRO R 244 61.65 -20.77 -45.55
N MET R 245 60.41 -20.40 -45.89
CA MET R 245 59.26 -21.22 -45.54
C MET R 245 59.24 -22.54 -46.29
N LEU R 246 59.99 -22.65 -47.39
CA LEU R 246 60.03 -23.85 -48.21
C LEU R 246 61.45 -24.39 -48.33
N SER R 247 62.29 -24.12 -47.34
CA SER R 247 63.70 -24.49 -47.42
C SER R 247 64.12 -25.33 -46.23
N GLY R 248 63.53 -25.10 -45.07
CA GLY R 248 63.91 -25.81 -43.87
C GLY R 248 63.83 -24.95 -42.62
N TYR R 249 63.58 -23.66 -42.79
CA TYR R 249 63.48 -22.73 -41.66
C TYR R 249 62.05 -22.60 -41.17
N ILE R 250 61.41 -23.73 -40.88
CA ILE R 250 60.07 -23.78 -40.34
C ILE R 250 60.06 -24.68 -39.11
N GLY R 251 59.49 -24.19 -38.02
CA GLY R 251 59.40 -24.95 -36.80
C GLY R 251 60.65 -24.83 -35.92
N ALA R 252 60.61 -25.53 -34.81
CA ALA R 252 61.67 -25.53 -33.82
C ALA R 252 62.58 -26.73 -34.02
N ASN R 253 63.48 -26.94 -33.07
CA ASN R 253 64.40 -28.08 -33.06
C ASN R 253 65.22 -28.17 -34.34
N LEU R 254 65.36 -27.07 -35.07
CA LEU R 254 66.04 -27.11 -36.37
C LEU R 254 67.49 -27.52 -36.22
N ALA R 255 68.08 -27.27 -35.04
CA ALA R 255 69.45 -27.69 -34.79
C ALA R 255 69.60 -29.20 -34.78
N ARG R 256 68.53 -29.93 -34.50
CA ARG R 256 68.62 -31.39 -34.41
C ARG R 256 67.64 -32.08 -35.36
N SER R 257 66.55 -31.40 -35.72
CA SER R 257 65.52 -32.02 -36.55
C SER R 257 65.64 -31.62 -38.02
N PHE R 258 65.53 -30.33 -38.33
CA PHE R 258 65.54 -29.81 -39.69
C PHE R 258 64.64 -30.64 -40.60
N PRO R 259 63.32 -30.50 -40.50
CA PRO R 259 62.42 -31.38 -41.24
C PRO R 259 62.60 -31.29 -42.75
N VAL R 260 62.32 -32.39 -43.43
CA VAL R 260 62.44 -32.44 -44.89
C VAL R 260 61.28 -31.67 -45.50
N PHE R 261 61.59 -30.78 -46.43
CA PHE R 261 60.59 -29.99 -47.13
C PHE R 261 60.66 -30.23 -48.62
N LYS R 262 59.49 -30.41 -49.24
CA LYS R 262 59.36 -30.45 -50.68
C LYS R 262 57.97 -29.96 -51.03
N VAL R 263 57.90 -28.97 -51.93
CA VAL R 263 56.63 -28.34 -52.26
C VAL R 263 55.86 -29.26 -53.21
N GLU R 264 54.99 -30.09 -52.65
CA GLU R 264 54.17 -30.97 -53.48
C GLU R 264 53.21 -30.18 -54.36
N GLU R 265 52.59 -29.14 -53.79
CA GLU R 265 51.66 -28.30 -54.53
C GLU R 265 51.83 -26.86 -54.07
N LEU R 266 51.63 -25.92 -55.01
CA LEU R 266 51.78 -24.51 -54.66
C LEU R 266 50.88 -23.66 -55.54
N VAL R 267 50.16 -22.73 -54.91
CA VAL R 267 49.38 -21.72 -55.61
C VAL R 267 49.66 -20.37 -54.96
N ALA R 268 49.73 -19.32 -55.77
CA ALA R 268 50.01 -17.98 -55.26
C ALA R 268 49.18 -16.98 -56.05
N ILE R 269 48.35 -16.21 -55.35
CA ILE R 269 47.49 -15.21 -55.96
C ILE R 269 47.88 -13.84 -55.43
N ALA R 270 48.20 -12.92 -56.34
CA ALA R 270 48.64 -11.59 -55.95
C ALA R 270 47.78 -10.54 -56.64
N SER R 271 47.62 -9.40 -55.98
CA SER R 271 46.84 -8.30 -56.52
C SER R 271 47.26 -7.01 -55.82
N GLU R 272 46.92 -5.89 -56.44
CA GLU R 272 47.15 -4.57 -55.86
C GLU R 272 45.93 -4.05 -55.09
N GLY R 273 44.84 -4.82 -55.05
CA GLY R 273 43.64 -4.37 -54.39
C GLY R 273 43.11 -5.39 -53.39
N PRO R 274 42.06 -5.03 -52.66
CA PRO R 274 41.49 -5.93 -51.65
C PRO R 274 40.83 -7.14 -52.32
N ILE R 275 41.36 -8.33 -52.01
CA ILE R 275 40.87 -9.56 -52.62
C ILE R 275 40.65 -10.62 -51.55
N PRO R 276 39.78 -11.60 -51.78
CA PRO R 276 39.54 -12.64 -50.77
C PRO R 276 40.65 -13.67 -50.74
N ALA R 277 40.54 -14.56 -49.76
CA ALA R 277 41.47 -15.68 -49.62
C ALA R 277 41.05 -16.79 -50.59
N LEU R 278 41.64 -17.98 -50.42
CA LEU R 278 41.35 -19.10 -51.29
C LEU R 278 41.11 -20.36 -50.46
N VAL R 279 40.33 -21.27 -51.02
CA VAL R 279 40.02 -22.53 -50.34
C VAL R 279 41.26 -23.40 -50.27
N HIS R 280 41.51 -23.98 -49.11
CA HIS R 280 42.68 -24.81 -48.89
C HIS R 280 42.45 -26.22 -49.40
N GLY R 281 43.49 -27.05 -49.30
CA GLY R 281 43.46 -28.41 -49.81
C GLY R 281 43.31 -29.49 -48.76
N PHE R 282 42.69 -29.15 -47.63
CA PHE R 282 42.51 -30.09 -46.53
C PHE R 282 41.19 -30.85 -46.62
N TYR R 283 40.67 -31.06 -47.82
CA TYR R 283 39.32 -31.57 -48.00
C TYR R 283 39.32 -32.62 -49.11
N GLU R 284 38.18 -33.28 -49.28
CA GLU R 284 38.06 -34.29 -50.32
C GLU R 284 38.10 -33.66 -51.70
N ASP R 285 37.42 -32.53 -51.89
CA ASP R 285 37.32 -31.86 -53.19
C ASP R 285 37.62 -30.39 -53.00
N TYR R 286 38.78 -29.93 -53.49
CA TYR R 286 39.16 -28.53 -53.38
C TYR R 286 39.66 -27.92 -54.67
N ILE R 287 40.15 -28.72 -55.62
CA ILE R 287 40.79 -28.17 -56.81
C ILE R 287 39.77 -27.45 -57.69
N GLU R 288 38.60 -28.06 -57.89
CA GLU R 288 37.57 -27.40 -58.69
C GLU R 288 37.05 -26.15 -57.98
N ALA R 289 36.98 -26.18 -56.65
CA ALA R 289 36.59 -24.99 -55.91
C ALA R 289 37.60 -23.87 -56.10
N ASN R 290 38.89 -24.21 -56.09
CA ASN R 290 39.93 -23.21 -56.34
C ASN R 290 39.80 -22.65 -57.75
N ARG R 291 39.58 -23.52 -58.74
CA ARG R 291 39.36 -23.05 -60.11
C ARG R 291 38.20 -22.07 -60.16
N SER R 292 37.08 -22.44 -59.54
CA SER R 292 35.88 -21.60 -59.61
C SER R 292 36.11 -20.27 -58.94
N ILE R 293 36.72 -20.26 -57.76
CA ILE R 293 36.91 -19.00 -57.05
C ILE R 293 37.90 -18.11 -57.81
N ILE R 294 38.96 -18.70 -58.36
CA ILE R 294 39.93 -17.89 -59.11
C ILE R 294 39.28 -17.29 -60.35
N LYS R 295 38.54 -18.10 -61.11
CA LYS R 295 37.92 -17.59 -62.34
C LYS R 295 36.85 -16.56 -62.04
N ASN R 296 36.08 -16.76 -60.96
CA ASN R 296 35.04 -15.80 -60.63
C ASN R 296 35.63 -14.49 -60.10
N ALA R 297 36.71 -14.57 -59.32
CA ALA R 297 37.38 -13.35 -58.87
C ALA R 297 37.98 -12.59 -60.05
N ARG R 298 38.55 -13.31 -61.02
CA ARG R 298 39.07 -12.65 -62.21
C ARG R 298 37.95 -12.00 -63.02
N ALA R 299 36.81 -12.69 -63.15
CA ALA R 299 35.70 -12.15 -63.91
C ALA R 299 35.02 -10.98 -63.20
N LEU R 300 35.14 -10.90 -61.87
CA LEU R 300 34.52 -9.79 -61.15
C LEU R 300 35.16 -8.46 -61.50
N GLY R 301 36.46 -8.46 -61.82
CA GLY R 301 37.15 -7.23 -62.14
C GLY R 301 38.32 -6.94 -61.22
N PHE R 302 38.90 -7.99 -60.65
CA PHE R 302 40.05 -7.86 -59.76
C PHE R 302 41.31 -8.21 -60.54
N ASN R 303 42.35 -7.38 -60.40
CA ASN R 303 43.62 -7.60 -61.08
C ASN R 303 44.36 -8.73 -60.37
N ILE R 304 43.90 -9.95 -60.63
CA ILE R 304 44.44 -11.14 -60.00
C ILE R 304 45.50 -11.75 -60.90
N GLU R 305 46.68 -11.99 -60.34
CA GLU R 305 47.72 -12.76 -61.01
C GLU R 305 47.95 -14.06 -60.24
N VAL R 306 47.82 -15.18 -60.94
CA VAL R 306 47.80 -16.51 -60.33
C VAL R 306 48.98 -17.31 -60.84
N PHE R 307 49.74 -17.91 -59.93
CA PHE R 307 50.91 -18.69 -60.27
C PHE R 307 50.81 -20.07 -59.63
N THR R 308 51.18 -21.09 -60.39
CA THR R 308 50.91 -22.47 -60.03
C THR R 308 52.19 -23.29 -60.06
N TYR R 309 52.22 -24.34 -59.24
CA TYR R 309 53.37 -25.22 -59.16
C TYR R 309 52.86 -26.61 -58.80
N ASN R 310 52.96 -27.55 -59.75
CA ASN R 310 52.56 -28.94 -59.56
C ASN R 310 51.09 -29.05 -59.18
N VAL R 311 50.24 -28.23 -59.80
CA VAL R 311 48.80 -28.33 -59.67
C VAL R 311 48.17 -28.21 -61.05
N ASP R 312 47.14 -29.01 -61.30
CA ASP R 312 46.46 -29.02 -62.59
C ASP R 312 45.39 -27.94 -62.64
N LEU R 313 45.34 -27.25 -63.76
CA LEU R 313 44.38 -26.17 -63.98
C LEU R 313 43.42 -26.54 -65.10
N GLY R 314 42.45 -25.67 -65.35
CA GLY R 314 41.43 -25.93 -66.35
C GLY R 314 41.46 -24.96 -67.51
N GLU R 315 40.30 -24.69 -68.09
CA GLU R 315 40.19 -23.82 -69.25
C GLU R 315 39.81 -22.40 -68.83
N ASP R 316 40.13 -21.45 -69.71
CA ASP R 316 39.82 -20.04 -69.50
C ASP R 316 40.48 -19.48 -68.24
N ILE R 317 41.58 -20.10 -67.81
CA ILE R 317 42.32 -19.66 -66.65
C ILE R 317 43.82 -19.79 -66.94
N GLU R 318 44.58 -18.77 -66.56
CA GLU R 318 46.02 -18.80 -66.75
C GLU R 318 46.66 -19.81 -65.81
N ALA R 319 47.74 -20.44 -66.29
CA ALA R 319 48.45 -21.44 -65.50
C ALA R 319 49.91 -21.39 -65.92
N THR R 320 50.73 -20.71 -65.11
CA THR R 320 52.16 -20.57 -65.38
C THR R 320 52.94 -21.58 -64.53
N LYS R 321 53.73 -22.42 -65.19
CA LYS R 321 54.55 -23.42 -64.50
C LYS R 321 55.78 -22.71 -63.94
N VAL R 322 55.57 -22.03 -62.81
CA VAL R 322 56.63 -21.26 -62.17
C VAL R 322 57.56 -22.20 -61.42
N SER R 323 58.73 -21.70 -61.03
CA SER R 323 59.70 -22.46 -60.27
C SER R 323 59.55 -22.26 -58.77
N SER R 324 59.52 -21.01 -58.32
CA SER R 324 59.29 -20.69 -56.91
C SER R 324 58.62 -19.32 -56.84
N VAL R 325 58.72 -18.70 -55.67
CA VAL R 325 58.07 -17.41 -55.42
C VAL R 325 59.01 -16.22 -55.59
N GLU R 326 60.33 -16.43 -55.44
CA GLU R 326 61.25 -15.31 -55.47
C GLU R 326 61.26 -14.61 -56.83
N GLU R 327 61.23 -15.39 -57.92
CA GLU R 327 61.22 -14.78 -59.24
C GLU R 327 59.92 -14.03 -59.50
N LEU R 328 58.80 -14.59 -59.02
CA LEU R 328 57.52 -13.90 -59.18
C LEU R 328 57.52 -12.58 -58.43
N VAL R 329 58.07 -12.58 -57.22
CA VAL R 329 58.18 -11.34 -56.44
C VAL R 329 59.09 -10.35 -57.16
N ALA R 330 60.19 -10.84 -57.74
CA ALA R 330 61.11 -9.97 -58.46
C ALA R 330 60.43 -9.29 -59.64
N ASN R 331 59.69 -10.07 -60.45
CA ASN R 331 59.03 -9.44 -61.59
C ASN R 331 57.85 -8.57 -61.16
N LEU R 332 57.20 -8.90 -60.04
CA LEU R 332 56.16 -8.03 -59.50
C LEU R 332 56.73 -6.68 -59.11
N VAL R 333 57.90 -6.68 -58.46
CA VAL R 333 58.57 -5.42 -58.13
C VAL R 333 59.01 -4.71 -59.40
N LYS R 334 59.44 -5.47 -60.41
CA LYS R 334 59.87 -4.88 -61.67
C LYS R 334 58.73 -4.15 -62.37
N MET R 335 57.54 -4.73 -62.36
CA MET R 335 56.42 -4.17 -63.11
C MET R 335 55.68 -3.06 -62.34
N VAL R 336 56.02 -2.84 -61.08
CA VAL R 336 55.44 -1.71 -60.35
C VAL R 336 56.43 -0.54 -60.36
N MET S 1 79.71 -17.06 -43.61
CA MET S 1 79.15 -17.67 -44.80
C MET S 1 78.13 -18.75 -44.45
N TYR S 2 77.17 -18.97 -45.35
CA TYR S 2 76.11 -19.95 -45.16
C TYR S 2 76.24 -21.03 -46.23
N VAL S 3 76.23 -22.29 -45.80
CA VAL S 3 76.36 -23.41 -46.72
C VAL S 3 75.33 -24.48 -46.37
N ARG S 4 74.81 -25.15 -47.40
CA ARG S 4 73.86 -26.23 -47.25
C ARG S 4 74.30 -27.40 -48.11
N ILE S 5 74.29 -28.60 -47.52
CA ILE S 5 74.74 -29.82 -48.17
C ILE S 5 73.60 -30.83 -48.09
N SER S 6 73.34 -31.52 -49.20
CA SER S 6 72.36 -32.60 -49.23
C SER S 6 72.92 -33.73 -50.06
N GLY S 7 72.87 -34.95 -49.52
CA GLY S 7 73.46 -36.08 -50.22
C GLY S 7 72.79 -37.38 -49.84
N ARG S 8 73.30 -38.46 -50.42
CA ARG S 8 72.81 -39.81 -50.20
C ARG S 8 73.98 -40.78 -50.14
N ILE S 9 73.93 -41.68 -49.17
CA ILE S 9 74.97 -42.66 -48.93
C ILE S 9 74.33 -44.02 -48.72
N ARG S 10 75.16 -45.02 -48.41
CA ARG S 10 74.69 -46.38 -48.13
C ARG S 10 75.21 -46.82 -46.77
N LEU S 11 74.29 -47.05 -45.83
CA LEU S 11 74.61 -47.52 -44.50
C LEU S 11 74.23 -48.99 -44.38
N ASN S 12 75.14 -49.81 -43.88
CA ASN S 12 74.89 -51.23 -43.70
C ASN S 12 75.41 -51.65 -42.33
N ALA S 13 74.53 -52.23 -41.52
CA ALA S 13 74.86 -52.71 -40.17
C ALA S 13 75.43 -51.59 -39.31
N HIS S 14 74.59 -50.58 -39.08
CA HIS S 14 74.96 -49.44 -38.25
C HIS S 14 74.67 -49.73 -36.78
N SER S 15 75.62 -49.39 -35.93
CA SER S 15 75.51 -49.61 -34.48
C SER S 15 75.42 -48.27 -33.78
N LEU S 16 74.40 -48.11 -32.94
CA LEU S 16 74.14 -46.87 -32.23
C LEU S 16 74.10 -47.15 -30.72
N ASN S 17 73.80 -46.10 -29.95
CA ASN S 17 73.69 -46.21 -28.50
C ASN S 17 72.25 -46.37 -28.07
N THR S 30 68.40 -45.75 -33.77
CA THR S 30 67.01 -45.55 -33.42
C THR S 30 66.09 -45.97 -34.57
N LYS S 31 64.79 -46.00 -34.30
CA LYS S 31 63.78 -46.38 -35.29
C LYS S 31 62.82 -45.23 -35.48
N THR S 32 62.59 -44.86 -36.74
CA THR S 32 61.63 -43.81 -37.07
C THR S 32 60.65 -44.30 -38.12
N LYS S 33 59.87 -43.39 -38.69
CA LYS S 33 58.86 -43.75 -39.69
C LYS S 33 59.27 -43.20 -41.06
N VAL S 34 58.88 -43.91 -42.11
CA VAL S 34 59.07 -43.46 -43.48
C VAL S 34 57.74 -43.58 -44.21
N THR S 35 57.44 -42.60 -45.05
CA THR S 35 56.15 -42.51 -45.72
C THR S 35 56.29 -42.96 -47.17
N VAL S 36 55.37 -43.83 -47.61
CA VAL S 36 55.39 -44.33 -48.97
C VAL S 36 55.02 -43.22 -49.94
N ARG S 37 55.79 -43.10 -51.02
CA ARG S 37 55.58 -42.07 -52.02
C ARG S 37 54.62 -42.57 -53.10
N THR S 38 54.56 -41.82 -54.21
CA THR S 38 53.71 -42.14 -55.37
C THR S 38 52.24 -42.14 -54.99
N GLU S 39 51.40 -42.77 -55.82
CA GLU S 39 49.96 -42.76 -55.62
C GLU S 39 49.39 -44.10 -55.16
N ASN S 40 50.19 -45.16 -55.16
CA ASN S 40 49.69 -46.46 -54.71
C ASN S 40 49.29 -46.41 -53.24
N GLY S 41 50.10 -45.74 -52.41
CA GLY S 41 49.80 -45.61 -51.00
C GLY S 41 50.66 -44.57 -50.32
N TRP S 42 50.12 -43.91 -49.30
CA TRP S 42 50.85 -42.89 -48.55
C TRP S 42 50.97 -43.28 -47.08
N THR S 43 50.94 -44.57 -46.78
CA THR S 43 51.10 -45.05 -45.42
C THR S 43 52.56 -44.94 -44.99
N VAL S 44 52.80 -45.19 -43.71
CA VAL S 44 54.14 -45.11 -43.14
C VAL S 44 54.50 -46.46 -42.55
N VAL S 45 55.80 -46.77 -42.55
CA VAL S 45 56.31 -47.99 -41.93
C VAL S 45 57.54 -47.65 -41.11
N GLU S 46 57.82 -48.51 -40.13
CA GLU S 46 58.93 -48.30 -39.22
C GLU S 46 60.24 -48.79 -39.85
N VAL S 47 61.25 -47.92 -39.83
CA VAL S 47 62.56 -48.24 -40.37
C VAL S 47 63.63 -47.79 -39.39
N PRO S 48 64.68 -48.58 -39.15
CA PRO S 48 65.78 -48.13 -38.27
C PRO S 48 66.72 -47.15 -38.97
N ALA S 49 66.28 -45.90 -39.07
CA ALA S 49 67.08 -44.84 -39.68
C ALA S 49 67.95 -44.19 -38.61
N ILE S 50 68.56 -43.05 -38.95
CA ILE S 50 69.48 -42.35 -38.07
C ILE S 50 68.85 -41.01 -37.70
N THR S 51 68.78 -40.73 -36.40
CA THR S 51 68.22 -39.46 -35.95
C THR S 51 69.19 -38.32 -36.24
N GLY S 52 68.63 -37.09 -36.28
CA GLY S 52 69.44 -35.93 -36.54
C GLY S 52 70.36 -35.57 -35.40
N ASN S 53 70.02 -35.99 -34.18
CA ASN S 53 70.90 -35.77 -33.04
C ASN S 53 72.21 -36.51 -33.22
N MET S 54 72.16 -37.72 -33.79
CA MET S 54 73.38 -38.44 -34.10
C MET S 54 74.24 -37.69 -35.10
N LEU S 55 73.61 -37.11 -36.13
CA LEU S 55 74.37 -36.34 -37.12
C LEU S 55 74.99 -35.11 -36.48
N LYS S 56 74.25 -34.42 -35.62
CA LYS S 56 74.79 -33.24 -34.95
C LYS S 56 75.93 -33.60 -34.02
N HIS S 57 75.83 -34.73 -33.31
CA HIS S 57 76.91 -35.16 -32.44
C HIS S 57 78.14 -35.54 -33.26
N TRP S 58 77.94 -36.18 -34.42
CA TRP S 58 79.07 -36.47 -35.30
C TRP S 58 79.74 -35.18 -35.78
N HIS S 59 78.94 -34.19 -36.14
CA HIS S 59 79.50 -32.90 -36.54
C HIS S 59 80.28 -32.26 -35.39
N PHE S 60 79.73 -32.35 -34.17
CA PHE S 60 80.40 -31.76 -33.01
C PHE S 60 81.74 -32.44 -32.73
N VAL S 61 81.77 -33.77 -32.78
CA VAL S 61 83.01 -34.48 -32.49
C VAL S 61 84.04 -34.24 -33.58
N GLY S 62 83.60 -34.20 -34.84
CA GLY S 62 84.51 -33.82 -35.90
C GLY S 62 85.06 -32.42 -35.74
N PHE S 63 84.19 -31.48 -35.34
CA PHE S 63 84.60 -30.10 -35.12
C PHE S 63 85.66 -30.01 -34.02
N VAL S 64 85.42 -30.69 -32.89
CA VAL S 64 86.39 -30.59 -31.79
C VAL S 64 87.68 -31.31 -32.16
N ASP S 65 87.60 -32.42 -32.89
CA ASP S 65 88.82 -33.13 -33.30
C ASP S 65 89.65 -32.28 -34.25
N TYR S 66 89.01 -31.59 -35.19
CA TYR S 66 89.73 -30.79 -36.16
C TYR S 66 90.03 -29.38 -35.68
N PHE S 67 89.49 -28.97 -34.53
CA PHE S 67 89.75 -27.65 -33.97
C PHE S 67 90.74 -27.66 -32.82
N LYS S 68 90.78 -28.74 -32.04
CA LYS S 68 91.77 -28.84 -30.97
C LYS S 68 93.18 -29.00 -31.50
N THR S 69 93.34 -29.52 -32.73
CA THR S 69 94.67 -29.67 -33.31
C THR S 69 95.24 -28.34 -33.76
N THR S 70 94.38 -27.37 -34.07
CA THR S 70 94.85 -26.06 -34.49
C THR S 70 95.54 -25.35 -33.32
N PRO S 71 96.61 -24.61 -33.57
CA PRO S 71 97.28 -23.89 -32.47
C PRO S 71 96.39 -22.85 -31.81
N TYR S 72 95.40 -22.32 -32.52
CA TYR S 72 94.49 -21.32 -31.98
C TYR S 72 93.28 -21.94 -31.29
N GLY S 73 93.15 -23.27 -31.32
CA GLY S 73 92.00 -23.94 -30.74
C GLY S 73 92.20 -24.33 -29.29
N VAL S 74 92.38 -23.33 -28.41
CA VAL S 74 92.55 -23.56 -26.98
C VAL S 74 91.41 -22.99 -26.17
N ASN S 75 90.31 -22.62 -26.81
CA ASN S 75 89.16 -22.03 -26.14
C ASN S 75 87.98 -22.99 -26.10
N LEU S 76 88.25 -24.28 -25.95
CA LEU S 76 87.23 -25.30 -25.84
C LEU S 76 86.94 -25.60 -24.37
N THR S 77 86.10 -26.59 -24.13
CA THR S 77 85.72 -26.99 -22.78
C THR S 77 86.23 -28.40 -22.49
N GLU S 78 86.46 -28.68 -21.21
CA GLU S 78 86.95 -30.00 -20.82
C GLU S 78 85.96 -31.08 -21.20
N ARG S 79 84.65 -30.80 -21.09
CA ARG S 79 83.64 -31.77 -21.49
C ARG S 79 83.64 -32.02 -22.99
N ALA S 80 84.14 -31.07 -23.79
CA ALA S 80 84.16 -31.26 -25.25
C ALA S 80 85.24 -32.25 -25.68
N LEU S 81 86.34 -32.34 -24.92
CA LEU S 81 87.42 -33.26 -25.28
C LEU S 81 86.94 -34.71 -25.24
N ARG S 82 86.16 -35.07 -24.22
CA ARG S 82 85.66 -36.42 -24.08
C ARG S 82 84.34 -36.64 -24.81
N TYR S 83 84.01 -35.76 -25.76
CA TYR S 83 82.79 -35.89 -26.57
C TYR S 83 81.54 -35.93 -25.69
N ASN S 84 81.54 -35.14 -24.63
CA ASN S 84 80.41 -35.06 -23.70
C ASN S 84 79.83 -33.65 -23.82
N GLY S 85 78.93 -33.47 -24.79
CA GLY S 85 78.33 -32.18 -25.03
C GLY S 85 77.06 -31.93 -24.25
N THR S 86 77.17 -31.82 -22.93
CA THR S 86 75.99 -31.53 -22.12
C THR S 86 75.53 -30.09 -22.29
N ARG S 87 76.45 -29.17 -22.57
CA ARG S 87 76.15 -27.75 -22.81
C ARG S 87 75.38 -27.15 -21.62
N PHE S 88 76.09 -27.09 -20.49
CA PHE S 88 75.59 -26.50 -19.26
C PHE S 88 74.32 -27.22 -18.78
N GLY S 89 74.50 -28.49 -18.44
CA GLY S 89 73.41 -29.32 -17.99
C GLY S 89 72.91 -28.99 -16.59
N GLN S 90 72.34 -29.99 -15.92
CA GLN S 90 71.78 -29.77 -14.59
C GLN S 90 72.88 -29.46 -13.58
N GLY S 91 72.65 -28.44 -12.76
CA GLY S 91 73.61 -28.06 -11.74
C GLY S 91 74.94 -27.57 -12.28
N GLU S 92 74.92 -26.85 -13.40
CA GLU S 92 76.12 -26.30 -14.02
C GLU S 92 75.91 -24.81 -14.26
N THR S 93 76.23 -23.99 -13.26
CA THR S 93 76.13 -22.55 -13.40
C THR S 93 77.34 -21.94 -14.09
N THR S 94 78.43 -22.70 -14.25
CA THR S 94 79.62 -22.21 -14.91
C THR S 94 80.13 -23.22 -15.92
N ALA S 95 81.31 -22.97 -16.48
CA ALA S 95 81.92 -23.88 -17.45
C ALA S 95 83.38 -24.09 -17.13
N THR S 96 83.90 -25.24 -17.53
CA THR S 96 85.30 -25.60 -17.33
C THR S 96 86.01 -25.52 -18.67
N LYS S 97 86.90 -24.55 -18.81
CA LYS S 97 87.63 -24.37 -20.06
C LYS S 97 88.68 -25.47 -20.23
N ALA S 98 89.14 -25.63 -21.48
CA ALA S 98 90.13 -26.67 -21.77
C ALA S 98 91.44 -26.43 -21.04
N ASN S 99 91.89 -25.16 -20.99
CA ASN S 99 93.13 -24.85 -20.30
C ASN S 99 93.02 -25.11 -18.80
N GLY S 100 91.88 -24.77 -18.20
CA GLY S 100 91.67 -24.99 -16.79
C GLY S 100 91.04 -23.81 -16.07
N ALA S 101 91.04 -22.66 -16.72
CA ALA S 101 90.46 -21.45 -16.13
C ALA S 101 88.94 -21.53 -16.17
N THR S 102 88.31 -21.59 -15.00
CA THR S 102 86.86 -21.69 -14.92
C THR S 102 86.23 -20.36 -15.33
N VAL S 103 85.56 -20.36 -16.47
CA VAL S 103 84.90 -19.15 -16.96
C VAL S 103 83.53 -19.03 -16.32
N GLN S 104 83.15 -17.81 -15.93
CA GLN S 104 81.87 -17.54 -15.30
C GLN S 104 80.87 -17.08 -16.33
N LEU S 105 79.68 -17.68 -16.32
CA LEU S 105 78.64 -17.37 -17.30
C LEU S 105 77.83 -16.18 -16.81
N ASN S 106 78.38 -14.99 -17.06
CA ASN S 106 77.74 -13.74 -16.69
C ASN S 106 77.12 -13.01 -17.87
N ASP S 107 77.78 -13.01 -19.02
CA ASP S 107 77.26 -12.37 -20.22
C ASP S 107 77.48 -13.27 -21.42
N GLU S 108 76.65 -13.09 -22.44
CA GLU S 108 76.77 -13.91 -23.65
C GLU S 108 78.08 -13.64 -24.37
N ALA S 109 78.53 -12.37 -24.40
CA ALA S 109 79.76 -12.03 -25.10
C ALA S 109 80.96 -12.75 -24.52
N THR S 110 81.00 -12.88 -23.19
CA THR S 110 82.09 -13.63 -22.56
C THR S 110 82.07 -15.09 -23.00
N ILE S 111 80.88 -15.69 -23.09
CA ILE S 111 80.79 -17.07 -23.55
C ILE S 111 81.26 -17.19 -24.99
N ILE S 112 80.86 -16.24 -25.84
CA ILE S 112 81.28 -16.27 -27.24
C ILE S 112 82.80 -16.18 -27.33
N LYS S 113 83.41 -15.27 -26.57
CA LYS S 113 84.85 -15.09 -26.61
C LYS S 113 85.60 -16.30 -26.08
N GLU S 114 85.10 -16.90 -24.99
CA GLU S 114 85.84 -17.94 -24.29
C GLU S 114 85.51 -19.35 -24.78
N LEU S 115 84.42 -19.53 -25.53
CA LEU S 115 83.99 -20.85 -25.96
C LEU S 115 83.81 -20.87 -27.48
N ALA S 116 84.03 -22.05 -28.06
CA ALA S 116 83.89 -22.26 -29.50
C ALA S 116 82.83 -23.30 -29.85
N ASP S 117 82.79 -24.42 -29.11
CA ASP S 117 81.73 -25.40 -29.34
C ASP S 117 80.36 -24.81 -29.03
N ALA S 118 80.26 -24.04 -27.95
CA ALA S 118 79.02 -23.33 -27.66
C ALA S 118 78.69 -22.27 -28.71
N ASP S 119 79.70 -21.82 -29.47
CA ASP S 119 79.43 -20.89 -30.55
C ASP S 119 78.88 -21.62 -31.78
N VAL S 120 79.51 -22.72 -32.16
CA VAL S 120 79.12 -23.42 -33.37
C VAL S 120 77.79 -24.15 -33.18
N HIS S 121 77.55 -24.70 -31.99
CA HIS S 121 76.38 -25.54 -31.75
C HIS S 121 75.43 -24.95 -30.71
N GLY S 122 75.57 -23.67 -30.40
CA GLY S 122 74.69 -23.04 -29.43
C GLY S 122 74.98 -23.52 -28.01
N PHE S 123 74.20 -22.99 -27.08
CA PHE S 123 74.34 -23.34 -25.67
C PHE S 123 73.06 -22.98 -24.95
N LEU S 124 72.94 -23.50 -23.73
CA LEU S 124 71.80 -23.17 -22.87
C LEU S 124 72.17 -23.49 -21.43
N ALA S 125 72.20 -22.46 -20.58
CA ALA S 125 72.46 -22.62 -19.16
C ALA S 125 71.22 -22.21 -18.39
N PRO S 126 70.35 -23.15 -18.01
CA PRO S 126 69.09 -22.76 -17.33
C PRO S 126 69.30 -22.02 -16.02
N LYS S 127 70.34 -22.35 -15.26
CA LYS S 127 70.57 -21.69 -13.98
C LYS S 127 70.83 -20.20 -14.17
N THR S 128 71.76 -19.85 -15.07
CA THR S 128 72.01 -18.45 -15.38
C THR S 128 71.04 -17.89 -16.41
N GLY S 129 70.29 -18.75 -17.10
CA GLY S 129 69.35 -18.32 -18.10
C GLY S 129 69.93 -18.10 -19.48
N ARG S 130 71.24 -18.25 -19.64
CA ARG S 130 71.87 -18.00 -20.93
C ARG S 130 71.38 -18.99 -21.98
N ARG S 131 71.24 -18.50 -23.21
CA ARG S 131 70.75 -19.32 -24.31
C ARG S 131 71.32 -18.81 -25.62
N ARG S 132 71.51 -19.71 -26.57
CA ARG S 132 72.00 -19.36 -27.90
C ARG S 132 71.45 -20.36 -28.90
N VAL S 133 70.88 -19.86 -29.99
CA VAL S 133 70.38 -20.74 -31.04
C VAL S 133 71.55 -21.29 -31.83
N SER S 134 71.57 -22.60 -32.01
CA SER S 134 72.65 -23.26 -32.74
C SER S 134 72.60 -22.87 -34.21
N LEU S 135 73.74 -22.53 -34.78
CA LEU S 135 73.84 -22.21 -36.19
C LEU S 135 74.04 -23.44 -37.07
N VAL S 136 74.11 -24.63 -36.48
CA VAL S 136 74.23 -25.88 -37.21
C VAL S 136 72.86 -26.55 -37.21
N LYS S 137 72.28 -26.71 -38.40
CA LYS S 137 70.99 -27.38 -38.55
C LYS S 137 71.23 -28.79 -39.08
N ALA S 138 70.93 -29.79 -38.26
CA ALA S 138 71.15 -31.19 -38.59
C ALA S 138 69.81 -31.85 -38.92
N SER S 139 69.76 -32.50 -40.08
CA SER S 139 68.57 -33.21 -40.51
C SER S 139 68.76 -34.71 -40.28
N PHE S 140 67.81 -35.51 -40.77
CA PHE S 140 67.78 -36.93 -40.50
C PHE S 140 68.36 -37.72 -41.66
N ILE S 141 69.04 -38.82 -41.34
CA ILE S 141 69.53 -39.75 -42.35
C ILE S 141 68.39 -40.74 -42.59
N LEU S 142 67.47 -40.36 -43.50
CA LEU S 142 66.27 -41.14 -43.76
C LEU S 142 66.43 -41.95 -45.05
N PRO S 143 65.81 -43.14 -45.11
CA PRO S 143 65.89 -43.94 -46.32
C PRO S 143 65.15 -43.29 -47.48
N THR S 144 65.66 -43.53 -48.68
CA THR S 144 65.00 -43.05 -49.89
C THR S 144 63.71 -43.82 -50.13
N GLU S 145 62.73 -43.14 -50.74
CA GLU S 145 61.43 -43.75 -50.98
C GLU S 145 61.54 -44.99 -51.87
N ASP S 146 62.51 -45.01 -52.80
CA ASP S 146 62.65 -46.16 -53.68
C ASP S 146 63.06 -47.41 -52.90
N PHE S 147 63.86 -47.25 -51.84
CA PHE S 147 64.25 -48.38 -51.02
C PHE S 147 63.03 -49.08 -50.42
N ILE S 148 62.16 -48.30 -49.78
CA ILE S 148 60.96 -48.89 -49.17
C ILE S 148 59.93 -49.27 -50.22
N LYS S 149 60.04 -48.73 -51.44
CA LYS S 149 59.08 -49.07 -52.49
C LYS S 149 59.42 -50.40 -53.15
N GLU S 150 60.70 -50.66 -53.39
CA GLU S 150 61.14 -51.88 -54.05
C GLU S 150 61.69 -52.92 -53.09
N VAL S 151 61.68 -52.65 -51.78
CA VAL S 151 62.12 -53.60 -50.78
C VAL S 151 61.01 -53.93 -49.78
N GLU S 152 60.28 -52.92 -49.31
CA GLU S 152 59.22 -53.08 -48.32
C GLU S 152 59.73 -53.75 -47.06
N GLY S 192 70.87 -50.12 -47.99
CA GLY S 192 69.90 -49.21 -48.59
C GLY S 192 70.44 -47.82 -48.83
N LEU S 193 69.70 -47.02 -49.60
CA LEU S 193 70.10 -45.66 -49.92
C LEU S 193 69.48 -44.71 -48.90
N TYR S 194 70.33 -44.06 -48.11
CA TYR S 194 69.89 -43.17 -47.04
C TYR S 194 70.29 -41.74 -47.36
N GLY S 195 69.33 -40.83 -47.29
CA GLY S 195 69.56 -39.43 -47.60
C GLY S 195 69.76 -38.59 -46.35
N PHE S 196 70.74 -37.71 -46.41
CA PHE S 196 71.10 -36.84 -45.30
C PHE S 196 71.29 -35.41 -45.81
N SER S 197 71.23 -34.46 -44.89
CA SER S 197 71.50 -33.07 -45.22
C SER S 197 71.98 -32.34 -43.97
N ILE S 198 72.67 -31.24 -44.19
CA ILE S 198 73.25 -30.44 -43.11
C ILE S 198 73.27 -28.99 -43.56
N VAL S 199 73.15 -28.08 -42.58
CA VAL S 199 73.17 -26.64 -42.84
C VAL S 199 74.15 -26.02 -41.86
N LEU S 200 75.14 -25.29 -42.39
CA LEU S 200 76.11 -24.56 -41.58
C LEU S 200 75.86 -23.08 -41.77
N ASP S 201 75.37 -22.42 -40.72
CA ASP S 201 75.21 -20.96 -40.70
C ASP S 201 76.43 -20.31 -40.07
N LEU S 202 77.56 -20.47 -40.75
CA LEU S 202 78.84 -20.00 -40.22
C LEU S 202 78.97 -18.48 -40.23
N GLY S 203 78.05 -17.76 -40.87
CA GLY S 203 78.08 -16.31 -40.81
C GLY S 203 77.80 -15.74 -39.45
N LEU S 204 77.18 -16.52 -38.56
CA LEU S 204 76.90 -16.09 -37.20
C LEU S 204 77.96 -16.54 -36.20
N VAL S 205 79.05 -17.16 -36.68
CA VAL S 205 80.12 -17.59 -35.79
C VAL S 205 80.81 -16.37 -35.20
N GLY S 206 80.93 -16.35 -33.88
CA GLY S 206 81.53 -15.22 -33.19
C GLY S 206 80.63 -14.01 -33.07
N ILE S 207 79.37 -14.11 -33.48
CA ILE S 207 78.41 -13.03 -33.43
C ILE S 207 77.44 -13.31 -32.28
N PRO S 208 77.45 -12.53 -31.21
CA PRO S 208 76.50 -12.76 -30.12
C PRO S 208 75.07 -12.57 -30.60
N GLN S 209 74.17 -13.40 -30.05
CA GLN S 209 72.77 -13.31 -30.43
C GLN S 209 72.12 -12.02 -29.93
N GLY S 210 72.70 -11.39 -28.91
CA GLY S 210 72.10 -10.19 -28.35
C GLY S 210 72.07 -9.04 -29.33
N LEU S 211 73.19 -8.81 -30.02
CA LEU S 211 73.27 -7.73 -30.98
C LEU S 211 74.28 -8.06 -32.08
N PRO S 212 73.82 -8.18 -33.33
CA PRO S 212 74.76 -8.51 -34.42
C PRO S 212 75.48 -7.30 -35.00
N VAL S 213 74.93 -6.10 -34.88
CA VAL S 213 75.54 -4.88 -35.41
C VAL S 213 75.58 -3.83 -34.31
N LYS S 214 76.77 -3.26 -34.09
CA LYS S 214 76.91 -2.21 -33.09
C LYS S 214 76.35 -0.87 -33.54
N PHE S 215 76.42 -0.58 -34.85
CA PHE S 215 75.94 0.68 -35.42
C PHE S 215 76.62 1.89 -34.78
N GLU S 216 77.94 1.97 -35.01
CA GLU S 216 78.70 3.11 -34.51
C GLU S 216 78.47 4.35 -35.37
N GLU S 217 78.82 4.27 -36.65
CA GLU S 217 78.64 5.35 -37.60
C GLU S 217 77.50 5.07 -38.56
N ASN S 218 76.45 4.40 -38.06
CA ASN S 218 75.27 4.04 -38.84
C ASN S 218 75.65 3.18 -40.04
N GLN S 219 76.35 2.09 -39.78
CA GLN S 219 76.70 1.12 -40.80
C GLN S 219 76.39 -0.28 -40.31
N PRO S 220 76.01 -1.19 -41.21
CA PRO S 220 75.68 -2.58 -40.82
C PRO S 220 76.88 -3.53 -40.83
N ARG S 221 77.71 -3.45 -39.79
CA ARG S 221 78.84 -4.36 -39.77
C ARG S 221 78.65 -5.40 -38.67
N PRO S 222 79.11 -6.64 -38.89
CA PRO S 222 78.90 -7.69 -37.88
C PRO S 222 79.64 -7.38 -36.59
N ASN S 223 79.01 -7.77 -35.46
CA ASN S 223 79.60 -7.53 -34.14
C ASN S 223 80.50 -8.70 -33.77
N ILE S 224 81.67 -8.72 -34.39
CA ILE S 224 82.68 -9.72 -34.09
C ILE S 224 83.36 -9.37 -32.77
N VAL S 225 83.45 -10.36 -31.88
CA VAL S 225 84.06 -10.16 -30.57
C VAL S 225 85.36 -10.92 -30.41
N ILE S 226 85.69 -11.83 -31.32
CA ILE S 226 86.93 -12.58 -31.27
C ILE S 226 87.86 -12.08 -32.35
N ASP S 227 89.11 -12.52 -32.30
CA ASP S 227 90.10 -12.10 -33.28
C ASP S 227 89.72 -12.63 -34.66
N PRO S 228 89.98 -11.86 -35.73
CA PRO S 228 89.64 -12.35 -37.07
C PRO S 228 90.34 -13.65 -37.43
N ASN S 229 91.58 -13.83 -36.97
CA ASN S 229 92.28 -15.09 -37.21
C ASN S 229 91.57 -16.25 -36.52
N GLU S 230 91.14 -16.03 -35.28
CA GLU S 230 90.40 -17.07 -34.56
C GLU S 230 89.08 -17.39 -35.26
N ARG S 231 88.39 -16.36 -35.75
CA ARG S 231 87.14 -16.58 -36.47
C ARG S 231 87.38 -17.39 -37.74
N LYS S 232 88.42 -17.04 -38.50
CA LYS S 232 88.72 -17.78 -39.72
C LYS S 232 89.10 -19.22 -39.41
N ALA S 233 89.87 -19.44 -38.35
CA ALA S 233 90.22 -20.81 -37.96
C ALA S 233 88.98 -21.60 -37.57
N ARG S 234 88.06 -20.97 -36.84
CA ARG S 234 86.83 -21.64 -36.45
C ARG S 234 85.98 -22.00 -37.67
N ILE S 235 85.90 -21.08 -38.65
CA ILE S 235 85.15 -21.36 -39.88
C ILE S 235 85.79 -22.52 -40.63
N GLU S 236 87.12 -22.51 -40.74
CA GLU S 236 87.82 -23.58 -41.44
C GLU S 236 87.61 -24.92 -40.76
N SER S 237 87.69 -24.95 -39.43
CA SER S 237 87.46 -26.19 -38.69
C SER S 237 86.03 -26.68 -38.86
N ALA S 238 85.06 -25.77 -38.82
CA ALA S 238 83.66 -26.15 -39.02
C ALA S 238 83.44 -26.73 -40.41
N LEU S 239 84.05 -26.12 -41.43
CA LEU S 239 83.94 -26.66 -42.79
C LEU S 239 84.61 -28.03 -42.90
N LYS S 240 85.79 -28.18 -42.28
CA LYS S 240 86.48 -29.47 -42.31
C LYS S 240 85.76 -30.54 -41.51
N ALA S 241 84.89 -30.15 -40.58
CA ALA S 241 84.16 -31.11 -39.76
C ALA S 241 83.13 -31.93 -40.54
N LEU S 242 83.04 -31.74 -41.86
CA LEU S 242 82.12 -32.55 -42.67
C LEU S 242 82.73 -33.89 -43.07
N ILE S 243 84.00 -34.13 -42.76
CA ILE S 243 84.67 -35.39 -43.08
C ILE S 243 84.09 -36.58 -42.34
N PRO S 244 83.91 -36.52 -41.01
CA PRO S 244 83.55 -37.76 -40.28
C PRO S 244 82.27 -38.44 -40.75
N MET S 245 81.23 -37.68 -41.06
CA MET S 245 80.00 -38.30 -41.56
C MET S 245 80.05 -38.59 -43.05
N LEU S 246 81.01 -38.02 -43.77
CA LEU S 246 81.21 -38.33 -45.18
C LEU S 246 82.32 -39.36 -45.40
N SER S 247 82.90 -39.89 -44.32
CA SER S 247 83.97 -40.88 -44.45
C SER S 247 83.82 -41.99 -43.43
N PRO S 259 83.32 -45.92 -41.64
CA PRO S 259 84.24 -46.73 -42.43
C PRO S 259 83.51 -47.65 -43.41
N VAL S 260 82.32 -48.10 -43.03
CA VAL S 260 81.54 -48.99 -43.89
C VAL S 260 80.80 -48.21 -44.97
N PHE S 261 80.22 -47.07 -44.62
CA PHE S 261 79.43 -46.30 -45.57
C PHE S 261 80.34 -45.60 -46.59
N LYS S 262 79.82 -45.46 -47.81
CA LYS S 262 80.51 -44.78 -48.89
C LYS S 262 79.59 -43.71 -49.47
N VAL S 263 80.20 -42.66 -50.02
CA VAL S 263 79.44 -41.55 -50.58
C VAL S 263 78.94 -41.93 -51.96
N GLU S 264 77.64 -41.76 -52.17
CA GLU S 264 77.01 -42.05 -53.46
C GLU S 264 76.60 -40.80 -54.23
N GLU S 265 76.02 -39.81 -53.55
CA GLU S 265 75.60 -38.59 -54.22
C GLU S 265 75.72 -37.43 -53.25
N LEU S 266 76.10 -36.25 -53.77
CA LEU S 266 76.18 -35.07 -52.91
C LEU S 266 76.00 -33.82 -53.75
N VAL S 267 75.39 -32.80 -53.15
CA VAL S 267 75.22 -31.51 -53.79
C VAL S 267 75.15 -30.44 -52.71
N ALA S 268 75.92 -29.37 -52.90
CA ALA S 268 76.04 -28.33 -51.88
C ALA S 268 76.00 -26.96 -52.53
N ILE S 269 75.48 -25.99 -51.80
CA ILE S 269 75.52 -24.59 -52.20
C ILE S 269 76.08 -23.75 -51.05
N ALA S 270 76.94 -22.80 -51.40
CA ALA S 270 77.62 -21.97 -50.41
C ALA S 270 77.59 -20.52 -50.87
N SER S 271 77.35 -19.61 -49.92
CA SER S 271 77.30 -18.19 -50.22
C SER S 271 77.58 -17.43 -48.92
N GLU S 272 77.29 -16.13 -48.92
CA GLU S 272 77.48 -15.28 -47.75
C GLU S 272 76.18 -14.87 -47.10
N GLY S 273 75.20 -14.40 -47.88
CA GLY S 273 73.93 -13.98 -47.33
C GLY S 273 73.03 -15.15 -47.04
N PRO S 274 71.89 -14.85 -46.40
CA PRO S 274 70.92 -15.91 -46.08
C PRO S 274 70.30 -16.48 -47.34
N ILE S 275 70.41 -17.80 -47.51
CA ILE S 275 69.96 -18.48 -48.71
C ILE S 275 69.13 -19.70 -48.34
N PRO S 276 68.20 -20.13 -49.19
CA PRO S 276 67.39 -21.31 -48.87
C PRO S 276 68.22 -22.59 -48.85
N ALA S 277 67.76 -23.54 -48.03
CA ALA S 277 68.38 -24.85 -47.97
C ALA S 277 67.84 -25.75 -49.09
N LEU S 278 68.64 -26.73 -49.48
CA LEU S 278 68.28 -27.60 -50.57
C LEU S 278 67.18 -28.58 -50.14
N VAL S 279 66.53 -29.18 -51.14
CA VAL S 279 65.59 -30.25 -50.88
C VAL S 279 66.34 -31.47 -50.41
N HIS S 280 65.83 -32.12 -49.37
CA HIS S 280 66.50 -33.27 -48.77
C HIS S 280 66.50 -34.45 -49.74
N GLY S 281 67.61 -35.20 -49.74
CA GLY S 281 67.72 -36.37 -50.58
C GLY S 281 66.86 -37.53 -50.10
N PHE S 282 65.56 -37.27 -50.00
CA PHE S 282 64.58 -38.24 -49.53
C PHE S 282 63.60 -38.67 -50.61
N TYR S 283 63.54 -37.94 -51.72
CA TYR S 283 62.47 -38.04 -52.69
C TYR S 283 62.97 -38.67 -53.99
N GLU S 284 62.07 -38.73 -54.97
CA GLU S 284 62.40 -39.27 -56.29
C GLU S 284 62.72 -38.18 -57.31
N ASP S 285 61.83 -37.19 -57.46
CA ASP S 285 62.02 -36.10 -58.42
C ASP S 285 62.57 -34.84 -57.75
N TYR S 286 63.42 -35.00 -56.74
CA TYR S 286 64.02 -33.85 -56.06
C TYR S 286 64.98 -33.09 -56.96
N ILE S 287 65.41 -33.70 -58.07
CA ILE S 287 66.30 -33.02 -59.01
C ILE S 287 65.63 -31.78 -59.58
N GLU S 288 64.31 -31.85 -59.84
CA GLU S 288 63.59 -30.68 -60.32
C GLU S 288 63.59 -29.57 -59.27
N ALA S 289 63.42 -29.92 -58.00
CA ALA S 289 63.49 -28.93 -56.93
C ALA S 289 64.87 -28.31 -56.83
N ASN S 290 65.92 -29.12 -56.98
CA ASN S 290 67.27 -28.59 -56.95
C ASN S 290 67.52 -27.64 -58.12
N ARG S 291 67.04 -28.00 -59.31
CA ARG S 291 67.12 -27.09 -60.45
C ARG S 291 66.39 -25.78 -60.18
N SER S 292 65.18 -25.87 -59.62
CA SER S 292 64.42 -24.66 -59.31
C SER S 292 65.18 -23.78 -58.33
N ILE S 293 65.72 -24.37 -57.27
CA ILE S 293 66.44 -23.61 -56.26
C ILE S 293 67.68 -22.96 -56.86
N ILE S 294 68.44 -23.72 -57.66
CA ILE S 294 69.68 -23.17 -58.23
C ILE S 294 69.38 -22.03 -59.18
N LYS S 295 68.40 -22.23 -60.07
CA LYS S 295 68.05 -21.18 -61.03
C LYS S 295 67.54 -19.94 -60.32
N ASN S 296 66.69 -20.13 -59.30
CA ASN S 296 66.13 -18.99 -58.58
C ASN S 296 67.21 -18.23 -57.82
N ALA S 297 68.15 -18.95 -57.19
CA ALA S 297 69.25 -18.30 -56.50
C ALA S 297 70.14 -17.53 -57.47
N ARG S 298 70.37 -18.10 -58.66
CA ARG S 298 71.15 -17.39 -59.67
C ARG S 298 70.42 -16.13 -60.14
N ALA S 299 69.11 -16.20 -60.32
CA ALA S 299 68.36 -15.08 -60.86
C ALA S 299 67.99 -14.03 -59.82
N LEU S 300 68.11 -14.34 -58.53
CA LEU S 300 67.73 -13.36 -57.52
C LEU S 300 68.72 -12.20 -57.46
N GLY S 301 70.02 -12.48 -57.66
CA GLY S 301 70.99 -11.41 -57.77
C GLY S 301 72.31 -11.63 -57.07
N PHE S 302 72.32 -12.37 -55.96
CA PHE S 302 73.57 -12.60 -55.25
C PHE S 302 74.30 -13.82 -55.80
N ASN S 303 75.61 -13.84 -55.57
CA ASN S 303 76.41 -14.97 -56.02
C ASN S 303 76.13 -16.21 -55.18
N ILE S 304 76.41 -17.37 -55.77
CA ILE S 304 76.20 -18.66 -55.11
C ILE S 304 77.10 -19.68 -55.78
N GLU S 305 77.77 -20.48 -54.95
CA GLU S 305 78.68 -21.51 -55.44
C GLU S 305 78.04 -22.88 -55.27
N VAL S 306 78.01 -23.65 -56.37
CA VAL S 306 77.35 -24.95 -56.40
C VAL S 306 78.40 -26.02 -56.63
N PHE S 307 78.38 -27.05 -55.79
CA PHE S 307 79.33 -28.15 -55.85
C PHE S 307 78.56 -29.46 -55.99
N THR S 308 79.00 -30.32 -56.91
CA THR S 308 78.33 -31.58 -57.21
C THR S 308 79.31 -32.74 -57.06
N TYR S 309 78.83 -33.84 -56.48
CA TYR S 309 79.63 -35.03 -56.22
C TYR S 309 78.84 -36.24 -56.71
N ASN S 310 79.30 -36.85 -57.80
CA ASN S 310 78.66 -38.02 -58.40
C ASN S 310 77.18 -37.76 -58.70
N VAL S 311 76.89 -36.60 -59.28
CA VAL S 311 75.54 -36.26 -59.69
C VAL S 311 75.61 -35.29 -60.86
N ASP S 312 74.73 -35.49 -61.84
CA ASP S 312 74.59 -34.58 -62.97
C ASP S 312 73.44 -33.64 -62.64
N LEU S 313 73.77 -32.46 -62.11
CA LEU S 313 72.75 -31.55 -61.62
C LEU S 313 71.92 -30.98 -62.77
N GLY S 314 72.58 -30.30 -63.71
CA GLY S 314 71.87 -29.68 -64.80
C GLY S 314 72.81 -29.15 -65.86
N GLU S 315 72.27 -28.28 -66.71
CA GLU S 315 73.01 -27.71 -67.82
C GLU S 315 72.89 -26.18 -67.79
N ASP S 316 73.59 -25.55 -68.73
CA ASP S 316 73.55 -24.10 -68.97
C ASP S 316 73.72 -23.28 -67.69
N ILE S 317 74.49 -23.82 -66.74
CA ILE S 317 74.85 -23.11 -65.52
C ILE S 317 76.33 -23.35 -65.25
N GLU S 318 76.81 -22.78 -64.14
CA GLU S 318 78.18 -22.96 -63.69
C GLU S 318 78.18 -23.68 -62.35
N ALA S 319 79.01 -24.72 -62.24
CA ALA S 319 79.11 -25.50 -61.02
C ALA S 319 80.46 -26.21 -61.01
N THR S 320 80.86 -26.67 -59.83
CA THR S 320 82.14 -27.35 -59.65
C THR S 320 81.87 -28.83 -59.38
N LYS S 321 82.38 -29.68 -60.26
CA LYS S 321 82.25 -31.13 -60.10
C LYS S 321 83.45 -31.62 -59.29
N VAL S 322 83.23 -31.89 -58.02
CA VAL S 322 84.29 -32.32 -57.12
C VAL S 322 84.43 -33.84 -57.20
N SER S 323 85.66 -34.32 -57.33
CA SER S 323 85.93 -35.75 -57.43
C SER S 323 86.27 -36.38 -56.08
N SER S 324 86.43 -35.59 -55.02
CA SER S 324 86.74 -36.11 -53.71
C SER S 324 86.17 -35.18 -52.65
N VAL S 325 85.96 -35.73 -51.46
CA VAL S 325 85.45 -34.93 -50.35
C VAL S 325 86.48 -33.88 -49.92
N GLU S 326 87.77 -34.22 -50.00
CA GLU S 326 88.81 -33.25 -49.66
C GLU S 326 88.80 -32.06 -50.61
N GLU S 327 88.48 -32.30 -51.89
CA GLU S 327 88.34 -31.18 -52.83
C GLU S 327 87.21 -30.26 -52.43
N LEU S 328 86.08 -30.82 -52.02
CA LEU S 328 84.96 -30.00 -51.55
C LEU S 328 85.34 -29.22 -50.30
N VAL S 329 86.04 -29.86 -49.36
CA VAL S 329 86.46 -29.17 -48.15
C VAL S 329 87.40 -28.01 -48.50
N ALA S 330 88.33 -28.25 -49.42
CA ALA S 330 89.25 -27.18 -49.83
C ALA S 330 88.49 -26.05 -50.50
N ASN S 331 87.49 -26.37 -51.33
CA ASN S 331 86.72 -25.33 -52.00
C ASN S 331 85.96 -24.47 -50.99
N LEU S 332 85.32 -25.11 -50.00
CA LEU S 332 84.64 -24.34 -48.96
C LEU S 332 85.62 -23.50 -48.15
N VAL S 333 86.80 -24.05 -47.85
CA VAL S 333 87.79 -23.29 -47.08
C VAL S 333 88.25 -22.08 -47.87
N LYS S 334 88.54 -22.25 -49.15
CA LYS S 334 89.08 -21.15 -49.96
C LYS S 334 88.02 -20.15 -50.40
N MET S 335 86.73 -20.53 -50.38
CA MET S 335 85.70 -19.59 -50.78
C MET S 335 85.41 -18.53 -49.72
N VAL S 336 85.84 -18.76 -48.48
CA VAL S 336 85.61 -17.80 -47.41
C VAL S 336 86.95 -17.20 -46.95
NI NI T . -6.94 48.84 20.48
NI NI U . -6.60 52.66 20.70
#